data_7XKP
#
_entry.id   7XKP
#
loop_
_entity.id
_entity.type
_entity.pdbx_description
1 polymer 'ATP synthase subunit alpha'
2 polymer 'ATP synthase subunit beta'
3 polymer 'ATP synthase gamma chain'
4 non-polymer 'MAGNESIUM ION'
5 non-polymer "ADENOSINE-5'-DIPHOSPHATE"
#
loop_
_entity_poly.entity_id
_entity_poly.type
_entity_poly.pdbx_seq_one_letter_code
_entity_poly.pdbx_strand_id
1 'polypeptide(L)'
;MSIRAEEISALIKQQIENYESQIQVSDVGTVIQVGDGIARAHGLDNVMSGELVEFANGVMGMALNLEENNVGIVILGPYT
GIKEGDEVRRTGRIMEVPVGEALIGRVVNPLGQPVDGLGPVETTETRPIESPAPGVMDRRSVHEPLQTGIKAIDALVPIG
RGQRELIIGDRQTGKTSVAIDTIINQKDQNMISIYVAIGQKESTVRTVVETLRKHGALDYTIVVTASASQPAPLLFLAPY
AGVAMGEYFMYKGKHVLVVYDDLSKQAAAYRELSLLLRRPPGREAYPGDIFYLHSRLLERAAKLSDAKGGGSLTALPFVE
TQAGDISAYIPTNVISITDGQIFLQSDLFFSGVRPAINAGLSVSRVGGAAQIKAMKKVAGTLRLDLAAYRELEAFAQFGS
DLDKATQAKLARGARTVEVLKQDLHQPIPVEKQVLIIYALTRGFLDDIPVEDVRRFEKEFYLFLDQNGQHLLEHIRTTKD
LPNEDDLNKAIEAFKKTFVVSQ
;
A,B,C
2 'polypeptide(L)'
;MHHHHHHHHHHMTRGRVIQVMGPVVDVKFENGHLPAIYNALKIQHKARNENEVDIDLTLEVALHLGDDTVRTIAMASTDG
LIRGMEVIDTGAPISVPVGEVTLGRVFNVLGEPIDLEGDIPADARRDPIHRPAPKFEELATEVEILETGIKVVDLLAPYI
KGGKIGLFGGAGVGKTVLIQELIHNIAQEHGGISVFAGVGERTREGNDLYHEMKDSGVISKTAMVFGQMNEPPGARMRVA
LTGLTMAEYFRDEQGQDVLLFIDNIFRFTQAGSEVSALLGRMPSAVGYQPTLATEMGQLQERITSTAKGSITSIQAIYVP
ADDYTDPAPATTFSHLDATTNLERKLAEMGIYPAVDPLASTSRALAPEIVGEEHYQVARKVQQTLQRYKELQDIIAILGM
DELSDEDKLVVHRARRIQFFLSQNFHVAEQFTGQPGSYVPVKETVRGFKEILEGKYDHLPEDAFRLVGRIEEVVEKAKAM
GVEV
;
D,E,F
3 'polypeptide(L)'
;MASLRDIKTRINATKKTSQITKAMEMVSTSKLNRAEQNAKSFVPYMEKIQEVVANVALGAGGASHPMLVSRPVKKTGYLV
ITSDRGLAGAYNSNVLRLVYQTIQKRHASPDEYAIIVIGRVGLSFFRKRNMPVILDITRLPDQPSFADIKEIARKTVGLF
ADGTFDELYMYYNHYVSAIQQEVTERKLLPLTDLAENKQRTVYEFEPSQEEILDVLLPQYAESLIYGALLDAKASEHAAR
MTAMKNATDNANELIRTLTLSYNRARQAAITQEITEIVAGANALQ
;
G
#
loop_
_chem_comp.id
_chem_comp.type
_chem_comp.name
_chem_comp.formula
ADP non-polymer ADENOSINE-5'-DIPHOSPHATE 'C10 H15 N5 O10 P2'
MG non-polymer 'MAGNESIUM ION' 'Mg 2'
#
# COMPACT_ATOMS: atom_id res chain seq x y z
N GLN A 24 -50.51 -13.14 -26.82
CA GLN A 24 -50.03 -11.76 -26.97
C GLN A 24 -50.04 -11.08 -25.60
N VAL A 25 -49.05 -11.43 -24.79
CA VAL A 25 -48.88 -10.87 -23.45
C VAL A 25 -47.87 -9.73 -23.57
N SER A 26 -48.38 -8.53 -23.80
CA SER A 26 -47.54 -7.37 -24.05
C SER A 26 -47.48 -6.41 -22.86
N ASP A 27 -48.62 -6.09 -22.27
CA ASP A 27 -48.69 -5.15 -21.16
C ASP A 27 -48.77 -5.82 -19.80
N VAL A 28 -48.66 -7.15 -19.75
CA VAL A 28 -48.82 -7.91 -18.52
C VAL A 28 -47.59 -8.79 -18.34
N GLY A 29 -47.28 -9.08 -17.08
CA GLY A 29 -46.15 -9.93 -16.76
C GLY A 29 -46.37 -10.69 -15.47
N THR A 30 -45.60 -11.76 -15.31
CA THR A 30 -45.65 -12.60 -14.13
C THR A 30 -44.28 -12.68 -13.50
N VAL A 31 -44.23 -12.63 -12.18
CA VAL A 31 -42.96 -12.62 -11.45
C VAL A 31 -42.35 -14.01 -11.47
N ILE A 32 -41.03 -14.07 -11.62
CA ILE A 32 -40.29 -15.32 -11.59
C ILE A 32 -39.44 -15.44 -10.33
N GLN A 33 -38.65 -14.41 -10.03
CA GLN A 33 -37.75 -14.41 -8.90
C GLN A 33 -37.97 -13.16 -8.06
N VAL A 34 -37.90 -13.31 -6.74
CA VAL A 34 -38.03 -12.20 -5.80
C VAL A 34 -36.91 -12.29 -4.79
N GLY A 35 -36.37 -11.14 -4.40
CA GLY A 35 -35.37 -11.12 -3.34
C GLY A 35 -34.53 -9.87 -3.30
N ASP A 36 -34.28 -9.36 -2.10
CA ASP A 36 -33.41 -8.21 -1.87
C ASP A 36 -33.85 -7.00 -2.69
N GLY A 37 -35.16 -6.80 -2.80
CA GLY A 37 -35.69 -5.65 -3.51
C GLY A 37 -35.60 -5.71 -5.02
N ILE A 38 -35.30 -6.87 -5.58
CA ILE A 38 -35.18 -7.05 -7.02
C ILE A 38 -36.15 -8.15 -7.45
N ALA A 39 -36.88 -7.91 -8.52
CA ALA A 39 -37.82 -8.88 -9.07
C ALA A 39 -37.60 -9.02 -10.57
N ARG A 40 -37.72 -10.25 -11.05
CA ARG A 40 -37.62 -10.54 -12.47
C ARG A 40 -38.96 -11.07 -12.97
N ALA A 41 -39.42 -10.54 -14.09
CA ALA A 41 -40.76 -10.85 -14.58
C ALA A 41 -40.69 -11.33 -16.02
N HIS A 42 -41.48 -12.35 -16.33
CA HIS A 42 -41.65 -12.81 -17.70
C HIS A 42 -42.69 -11.96 -18.42
N GLY A 43 -42.52 -11.82 -19.72
CA GLY A 43 -43.45 -11.03 -20.50
C GLY A 43 -43.07 -9.56 -20.57
N LEU A 44 -44.08 -8.69 -20.62
CA LEU A 44 -43.87 -7.25 -20.75
C LEU A 44 -43.03 -6.92 -21.99
N ASP A 45 -43.58 -7.28 -23.15
CA ASP A 45 -42.82 -7.16 -24.40
C ASP A 45 -42.61 -5.70 -24.77
N ASN A 46 -43.60 -4.84 -24.52
CA ASN A 46 -43.55 -3.45 -24.97
C ASN A 46 -43.15 -2.47 -23.87
N VAL A 47 -42.61 -2.97 -22.76
CA VAL A 47 -42.18 -2.07 -21.69
C VAL A 47 -40.96 -1.28 -22.14
N MET A 48 -40.86 -0.05 -21.68
CA MET A 48 -39.73 0.82 -22.01
C MET A 48 -38.64 0.71 -20.95
N SER A 49 -37.42 1.05 -21.36
CA SER A 49 -36.32 1.10 -20.41
C SER A 49 -36.47 2.31 -19.51
N GLY A 50 -36.37 2.09 -18.20
CA GLY A 50 -36.58 3.17 -17.24
C GLY A 50 -38.02 3.50 -16.98
N GLU A 51 -38.96 2.63 -17.36
CA GLU A 51 -40.38 2.89 -17.20
C GLU A 51 -40.82 2.61 -15.77
N LEU A 52 -41.94 3.24 -15.39
CA LEU A 52 -42.55 3.02 -14.09
C LEU A 52 -43.56 1.88 -14.19
N VAL A 53 -43.45 0.92 -13.29
CA VAL A 53 -44.21 -0.33 -13.35
C VAL A 53 -44.89 -0.56 -12.01
N GLU A 54 -46.15 -1.01 -12.05
CA GLU A 54 -46.95 -1.24 -10.85
C GLU A 54 -47.17 -2.74 -10.67
N PHE A 55 -46.93 -3.22 -9.45
CA PHE A 55 -47.13 -4.63 -9.13
C PHE A 55 -48.59 -4.90 -8.82
N ALA A 56 -48.88 -6.15 -8.43
CA ALA A 56 -50.26 -6.56 -8.19
C ALA A 56 -50.83 -5.90 -6.94
N ASN A 57 -50.05 -5.83 -5.87
CA ASN A 57 -50.53 -5.33 -4.59
C ASN A 57 -50.39 -3.82 -4.45
N GLY A 58 -49.98 -3.13 -5.51
CA GLY A 58 -49.88 -1.69 -5.49
C GLY A 58 -48.50 -1.12 -5.26
N VAL A 59 -47.48 -1.97 -5.13
CA VAL A 59 -46.12 -1.49 -4.94
C VAL A 59 -45.52 -1.15 -6.30
N MET A 60 -44.96 0.05 -6.41
CA MET A 60 -44.40 0.50 -7.67
C MET A 60 -43.06 -0.16 -7.93
N GLY A 61 -42.68 -0.19 -9.21
CA GLY A 61 -41.40 -0.74 -9.61
C GLY A 61 -40.89 -0.02 -10.84
N MET A 62 -39.59 -0.17 -11.08
CA MET A 62 -38.93 0.50 -12.21
C MET A 62 -38.13 -0.55 -12.98
N ALA A 63 -38.31 -0.56 -14.30
CA ALA A 63 -37.64 -1.52 -15.17
C ALA A 63 -36.27 -1.00 -15.57
N LEU A 64 -35.24 -1.78 -15.30
CA LEU A 64 -33.87 -1.37 -15.58
C LEU A 64 -33.14 -2.31 -16.53
N ASN A 65 -33.32 -3.62 -16.37
CA ASN A 65 -32.64 -4.61 -17.21
C ASN A 65 -33.66 -5.23 -18.16
N LEU A 66 -33.65 -4.77 -19.41
CA LEU A 66 -34.50 -5.35 -20.45
C LEU A 66 -33.74 -6.48 -21.10
N GLU A 67 -33.76 -7.65 -20.47
CA GLU A 67 -33.08 -8.81 -21.02
C GLU A 67 -33.92 -9.46 -22.11
N GLU A 68 -33.39 -10.51 -22.72
CA GLU A 68 -34.03 -11.10 -23.89
C GLU A 68 -35.38 -11.72 -23.53
N ASN A 69 -35.47 -12.40 -22.40
CA ASN A 69 -36.69 -13.12 -22.03
C ASN A 69 -37.26 -12.72 -20.69
N ASN A 70 -36.66 -11.77 -19.99
CA ASN A 70 -37.18 -11.32 -18.70
C ASN A 70 -36.76 -9.88 -18.47
N VAL A 71 -37.43 -9.23 -17.52
CA VAL A 71 -37.19 -7.82 -17.20
C VAL A 71 -36.73 -7.74 -15.76
N GLY A 72 -35.62 -7.04 -15.54
CA GLY A 72 -35.15 -6.78 -14.18
C GLY A 72 -35.79 -5.55 -13.60
N ILE A 73 -36.55 -5.72 -12.52
CA ILE A 73 -37.34 -4.65 -11.94
C ILE A 73 -36.85 -4.38 -10.53
N VAL A 74 -36.55 -3.12 -10.24
CA VAL A 74 -36.24 -2.68 -8.89
C VAL A 74 -37.54 -2.24 -8.23
N ILE A 75 -37.69 -2.54 -6.95
CA ILE A 75 -38.93 -2.34 -6.22
C ILE A 75 -38.81 -1.08 -5.37
N LEU A 76 -39.81 -0.20 -5.49
CA LEU A 76 -39.81 1.10 -4.81
C LEU A 76 -40.62 1.09 -3.53
N GLY A 77 -40.62 -0.03 -2.81
CA GLY A 77 -41.36 -0.14 -1.58
C GLY A 77 -41.12 -1.46 -0.87
N PRO A 78 -41.95 -1.76 0.12
CA PRO A 78 -41.81 -3.03 0.84
C PRO A 78 -42.07 -4.22 -0.05
N TYR A 79 -41.05 -5.02 -0.29
CA TYR A 79 -41.13 -6.17 -1.20
C TYR A 79 -41.52 -7.46 -0.50
N THR A 80 -41.79 -7.42 0.80
CA THR A 80 -42.12 -8.66 1.52
C THR A 80 -43.45 -9.25 1.08
N GLY A 81 -44.33 -8.46 0.47
CA GLY A 81 -45.62 -8.93 0.03
C GLY A 81 -45.68 -9.45 -1.38
N ILE A 82 -44.54 -9.57 -2.06
CA ILE A 82 -44.49 -10.01 -3.45
C ILE A 82 -44.00 -11.44 -3.51
N LYS A 83 -44.76 -12.30 -4.17
CA LYS A 83 -44.42 -13.71 -4.32
C LYS A 83 -44.33 -14.05 -5.80
N GLU A 84 -43.66 -15.17 -6.08
CA GLU A 84 -43.58 -15.66 -7.45
C GLU A 84 -44.97 -16.01 -7.98
N GLY A 85 -45.27 -15.57 -9.19
CA GLY A 85 -46.57 -15.78 -9.80
C GLY A 85 -47.47 -14.57 -9.78
N ASP A 86 -47.08 -13.50 -9.11
CA ASP A 86 -47.92 -12.31 -9.04
C ASP A 86 -47.96 -11.60 -10.39
N GLU A 87 -49.06 -10.89 -10.64
CA GLU A 87 -49.24 -10.19 -11.89
C GLU A 87 -48.54 -8.84 -11.85
N VAL A 88 -47.96 -8.45 -12.98
CA VAL A 88 -47.23 -7.20 -13.11
C VAL A 88 -47.88 -6.39 -14.23
N ARG A 89 -48.21 -5.13 -13.92
CA ARG A 89 -48.92 -4.27 -14.86
C ARG A 89 -48.00 -3.16 -15.37
N ARG A 90 -48.03 -2.93 -16.67
CA ARG A 90 -47.26 -1.87 -17.29
C ARG A 90 -48.06 -0.58 -17.31
N THR A 91 -47.43 0.53 -16.90
CA THR A 91 -48.11 1.81 -16.79
C THR A 91 -47.90 2.72 -17.99
N GLY A 92 -46.78 2.58 -18.72
CA GLY A 92 -46.55 3.38 -19.90
C GLY A 92 -45.99 4.76 -19.65
N ARG A 93 -45.62 5.09 -18.42
CA ARG A 93 -45.10 6.40 -18.07
C ARG A 93 -43.64 6.29 -17.67
N ILE A 94 -42.78 7.09 -18.32
CA ILE A 94 -41.40 7.21 -17.90
C ILE A 94 -41.36 7.81 -16.50
N MET A 95 -40.43 7.36 -15.68
CA MET A 95 -40.27 7.85 -14.32
C MET A 95 -40.25 9.37 -14.28
N GLU A 96 -41.20 9.96 -13.55
CA GLU A 96 -41.36 11.40 -13.49
C GLU A 96 -41.81 11.80 -12.10
N VAL A 97 -41.67 13.08 -11.79
CA VAL A 97 -42.03 13.60 -10.47
C VAL A 97 -42.92 14.82 -10.64
N PRO A 98 -43.82 15.09 -9.71
CA PRO A 98 -44.62 16.32 -9.79
C PRO A 98 -43.76 17.55 -9.54
N VAL A 99 -44.11 18.65 -10.21
CA VAL A 99 -43.43 19.93 -10.06
C VAL A 99 -44.47 21.03 -9.94
N GLY A 100 -44.05 22.15 -9.37
CA GLY A 100 -44.93 23.29 -9.22
C GLY A 100 -44.68 24.07 -7.94
N GLU A 101 -45.42 25.17 -7.76
CA GLU A 101 -45.28 25.96 -6.55
C GLU A 101 -45.93 25.31 -5.35
N ALA A 102 -46.81 24.33 -5.56
CA ALA A 102 -47.49 23.67 -4.45
C ALA A 102 -46.55 22.85 -3.59
N LEU A 103 -45.35 22.53 -4.09
CA LEU A 103 -44.39 21.76 -3.32
C LEU A 103 -43.61 22.60 -2.33
N ILE A 104 -43.71 23.93 -2.41
CA ILE A 104 -42.97 24.79 -1.50
C ILE A 104 -43.53 24.65 -0.09
N GLY A 105 -42.67 24.37 0.87
CA GLY A 105 -43.10 24.16 2.23
C GLY A 105 -43.55 22.75 2.56
N ARG A 106 -43.13 21.76 1.77
CA ARG A 106 -43.57 20.39 1.94
C ARG A 106 -42.37 19.47 2.07
N VAL A 107 -42.57 18.34 2.75
CA VAL A 107 -41.59 17.28 2.84
C VAL A 107 -42.11 16.11 2.03
N VAL A 108 -41.37 15.71 1.00
CA VAL A 108 -41.87 14.83 -0.04
C VAL A 108 -40.82 13.76 -0.34
N ASN A 109 -41.27 12.52 -0.54
CA ASN A 109 -40.39 11.45 -0.94
C ASN A 109 -40.05 11.57 -2.43
N PRO A 110 -39.02 10.85 -2.90
CA PRO A 110 -38.62 11.01 -4.30
C PRO A 110 -39.70 10.67 -5.31
N LEU A 111 -40.74 9.93 -4.93
CA LEU A 111 -41.81 9.61 -5.86
C LEU A 111 -42.87 10.71 -5.96
N GLY A 112 -42.80 11.74 -5.13
CA GLY A 112 -43.76 12.82 -5.16
C GLY A 112 -44.86 12.73 -4.13
N GLN A 113 -44.86 11.70 -3.29
CA GLN A 113 -45.89 11.52 -2.28
C GLN A 113 -45.47 12.21 -0.98
N PRO A 114 -46.30 13.08 -0.41
CA PRO A 114 -45.92 13.75 0.84
C PRO A 114 -45.73 12.74 1.97
N VAL A 115 -44.74 12.99 2.81
CA VAL A 115 -44.46 12.15 3.96
C VAL A 115 -44.97 12.75 5.26
N ASP A 116 -45.17 14.07 5.31
CA ASP A 116 -45.82 14.70 6.45
C ASP A 116 -47.34 14.56 6.34
N GLY A 117 -48.01 14.81 7.46
CA GLY A 117 -49.45 14.61 7.51
C GLY A 117 -50.25 15.84 7.12
N LEU A 118 -49.60 16.80 6.45
CA LEU A 118 -50.24 18.05 6.11
C LEU A 118 -51.23 17.93 4.97
N GLY A 119 -51.26 16.81 4.25
CA GLY A 119 -52.24 16.61 3.20
C GLY A 119 -51.63 16.49 1.83
N PRO A 120 -52.47 16.37 0.80
CA PRO A 120 -51.98 16.18 -0.56
C PRO A 120 -51.37 17.46 -1.13
N VAL A 121 -50.85 17.33 -2.34
CA VAL A 121 -50.29 18.44 -3.11
C VAL A 121 -51.07 18.59 -4.40
N GLU A 122 -51.28 19.83 -4.83
CA GLU A 122 -52.12 20.14 -5.98
C GLU A 122 -51.31 20.51 -7.21
N THR A 123 -50.18 19.84 -7.44
CA THR A 123 -49.38 20.10 -8.62
C THR A 123 -50.17 19.75 -9.89
N THR A 124 -49.94 20.53 -10.94
CA THR A 124 -50.70 20.39 -12.17
C THR A 124 -49.95 19.63 -13.27
N GLU A 125 -48.64 19.81 -13.38
CA GLU A 125 -47.86 19.21 -14.44
C GLU A 125 -46.61 18.55 -13.87
N THR A 126 -46.09 17.58 -14.62
CA THR A 126 -44.94 16.78 -14.21
C THR A 126 -43.90 16.77 -15.32
N ARG A 127 -42.66 16.50 -14.94
CA ARG A 127 -41.56 16.39 -15.88
C ARG A 127 -40.70 15.18 -15.53
N PRO A 128 -40.06 14.56 -16.51
CA PRO A 128 -39.27 13.36 -16.23
C PRO A 128 -38.03 13.67 -15.41
N ILE A 129 -37.58 12.65 -14.66
CA ILE A 129 -36.39 12.81 -13.82
C ILE A 129 -35.14 12.94 -14.68
N GLU A 130 -35.09 12.23 -15.80
CA GLU A 130 -33.95 12.27 -16.70
C GLU A 130 -34.24 13.24 -17.83
N SER A 131 -33.41 14.26 -17.97
CA SER A 131 -33.59 15.27 -18.99
C SER A 131 -32.22 15.71 -19.50
N PRO A 132 -32.13 16.15 -20.75
CA PRO A 132 -30.85 16.66 -21.25
C PRO A 132 -30.41 17.91 -20.51
N ALA A 133 -29.11 18.04 -20.33
CA ALA A 133 -28.55 19.22 -19.69
C ALA A 133 -28.57 20.40 -20.67
N PRO A 134 -28.55 21.62 -20.17
CA PRO A 134 -28.45 22.79 -21.06
C PRO A 134 -27.17 22.73 -21.89
N GLY A 135 -27.29 23.14 -23.15
CA GLY A 135 -26.16 23.09 -24.05
C GLY A 135 -25.09 24.11 -23.70
N VAL A 136 -23.91 23.90 -24.28
CA VAL A 136 -22.79 24.80 -24.04
C VAL A 136 -23.06 26.19 -24.58
N MET A 137 -23.92 26.31 -25.61
CA MET A 137 -24.24 27.61 -26.18
C MET A 137 -25.39 28.31 -25.48
N ASP A 138 -26.04 27.66 -24.54
CA ASP A 138 -27.14 28.25 -23.79
C ASP A 138 -26.72 28.82 -22.45
N ARG A 139 -25.43 28.79 -22.13
CA ARG A 139 -24.93 29.19 -20.82
C ARG A 139 -24.30 30.57 -20.87
N ARG A 140 -24.09 31.15 -19.69
CA ARG A 140 -23.40 32.41 -19.54
C ARG A 140 -22.44 32.30 -18.37
N SER A 141 -21.36 33.08 -18.41
CA SER A 141 -20.35 33.03 -17.36
C SER A 141 -20.96 33.42 -16.02
N VAL A 142 -20.50 32.75 -14.96
CA VAL A 142 -21.00 33.02 -13.62
C VAL A 142 -20.48 34.38 -13.16
N HIS A 143 -21.40 35.27 -12.79
CA HIS A 143 -21.02 36.61 -12.35
C HIS A 143 -21.83 37.12 -11.18
N GLU A 144 -22.73 36.31 -10.61
CA GLU A 144 -23.57 36.77 -9.51
C GLU A 144 -23.19 36.05 -8.22
N PRO A 145 -22.83 36.79 -7.18
CA PRO A 145 -22.47 36.13 -5.92
C PRO A 145 -23.67 35.48 -5.24
N LEU A 146 -23.39 34.42 -4.51
CA LEU A 146 -24.37 33.73 -3.67
C LEU A 146 -23.91 33.83 -2.23
N GLN A 147 -24.53 34.71 -1.45
CA GLN A 147 -24.09 34.98 -0.09
C GLN A 147 -24.58 33.86 0.82
N THR A 148 -23.63 33.07 1.35
CA THR A 148 -23.97 32.01 2.28
C THR A 148 -24.07 32.49 3.72
N GLY A 149 -23.62 33.71 4.02
CA GLY A 149 -23.67 34.22 5.36
C GLY A 149 -22.55 33.76 6.26
N ILE A 150 -21.58 33.02 5.73
CA ILE A 150 -20.44 32.54 6.49
C ILE A 150 -19.20 33.30 6.03
N LYS A 151 -18.49 33.90 6.98
CA LYS A 151 -17.37 34.77 6.63
C LYS A 151 -16.28 34.02 5.90
N ALA A 152 -15.91 32.84 6.40
CA ALA A 152 -14.82 32.09 5.78
C ALA A 152 -15.14 31.72 4.34
N ILE A 153 -16.35 31.22 4.10
CA ILE A 153 -16.73 30.83 2.73
C ILE A 153 -16.81 32.06 1.84
N ASP A 154 -17.47 33.13 2.32
CA ASP A 154 -17.66 34.31 1.49
C ASP A 154 -16.36 35.06 1.23
N ALA A 155 -15.32 34.84 2.04
CA ALA A 155 -14.05 35.52 1.84
C ALA A 155 -13.04 34.69 1.07
N LEU A 156 -12.89 33.41 1.39
CA LEU A 156 -11.82 32.61 0.83
C LEU A 156 -12.27 31.71 -0.31
N VAL A 157 -13.48 31.15 -0.24
CA VAL A 157 -13.98 30.27 -1.29
C VAL A 157 -15.36 30.75 -1.73
N PRO A 158 -15.45 31.87 -2.44
CA PRO A 158 -16.76 32.40 -2.82
C PRO A 158 -17.49 31.46 -3.78
N ILE A 159 -18.82 31.51 -3.70
CA ILE A 159 -19.70 30.68 -4.52
C ILE A 159 -20.56 31.59 -5.37
N GLY A 160 -20.61 31.33 -6.68
CA GLY A 160 -21.41 32.10 -7.58
C GLY A 160 -22.66 31.37 -8.02
N ARG A 161 -23.65 32.13 -8.47
CA ARG A 161 -24.91 31.56 -8.92
C ARG A 161 -24.70 30.83 -10.24
N GLY A 162 -25.08 29.56 -10.27
CA GLY A 162 -24.81 28.69 -11.39
C GLY A 162 -23.61 27.77 -11.19
N GLN A 163 -22.70 28.14 -10.30
CA GLN A 163 -21.61 27.26 -9.92
C GLN A 163 -22.10 26.15 -9.01
N ARG A 164 -21.51 24.96 -9.15
CA ARG A 164 -21.72 23.88 -8.21
C ARG A 164 -20.42 23.62 -7.47
N GLU A 165 -20.50 23.59 -6.14
CA GLU A 165 -19.35 23.51 -5.25
C GLU A 165 -19.50 22.31 -4.33
N LEU A 166 -18.39 21.61 -4.09
CA LEU A 166 -18.40 20.41 -3.27
C LEU A 166 -18.00 20.75 -1.84
N ILE A 167 -18.77 20.25 -0.88
CA ILE A 167 -18.42 20.33 0.53
C ILE A 167 -18.10 18.91 0.98
N ILE A 168 -16.83 18.67 1.31
CA ILE A 168 -16.33 17.33 1.58
C ILE A 168 -15.66 17.33 2.95
N GLY A 169 -15.97 16.31 3.74
CA GLY A 169 -15.35 16.16 5.04
C GLY A 169 -15.91 14.96 5.75
N ASP A 170 -15.26 14.60 6.86
CA ASP A 170 -15.72 13.49 7.67
C ASP A 170 -17.00 13.87 8.40
N ARG A 171 -17.59 12.88 9.08
CA ARG A 171 -18.73 13.17 9.93
C ARG A 171 -18.27 13.96 11.16
N GLN A 172 -19.24 14.49 11.90
CA GLN A 172 -18.97 15.35 13.04
C GLN A 172 -18.17 16.58 12.61
N THR A 173 -18.59 17.19 11.50
CA THR A 173 -17.97 18.41 11.02
C THR A 173 -18.98 19.50 10.68
N GLY A 174 -20.27 19.27 10.92
CA GLY A 174 -21.28 20.28 10.71
C GLY A 174 -21.54 20.67 9.26
N LYS A 175 -21.43 19.71 8.34
CA LYS A 175 -21.83 19.98 6.96
C LYS A 175 -23.31 20.33 6.88
N THR A 176 -24.14 19.61 7.63
CA THR A 176 -25.55 19.96 7.72
C THR A 176 -25.74 21.36 8.31
N SER A 177 -24.91 21.74 9.27
CA SER A 177 -25.01 23.09 9.82
C SER A 177 -24.69 24.14 8.76
N VAL A 178 -23.66 23.90 7.96
CA VAL A 178 -23.33 24.83 6.88
C VAL A 178 -24.49 24.93 5.89
N ALA A 179 -25.07 23.79 5.52
CA ALA A 179 -26.19 23.80 4.57
C ALA A 179 -27.38 24.55 5.15
N ILE A 180 -27.69 24.34 6.43
CA ILE A 180 -28.82 25.02 7.05
C ILE A 180 -28.59 26.52 7.10
N ASP A 181 -27.36 26.93 7.47
CA ASP A 181 -27.07 28.36 7.53
C ASP A 181 -27.19 29.01 6.15
N THR A 182 -26.65 28.36 5.11
CA THR A 182 -26.71 28.97 3.80
C THR A 182 -28.12 28.95 3.22
N ILE A 183 -28.96 27.99 3.63
CA ILE A 183 -30.35 28.01 3.23
C ILE A 183 -31.10 29.14 3.93
N ILE A 184 -30.85 29.32 5.23
CA ILE A 184 -31.54 30.36 5.99
C ILE A 184 -31.16 31.73 5.48
N ASN A 185 -29.89 31.91 5.09
CA ASN A 185 -29.41 33.22 4.68
C ASN A 185 -30.09 33.75 3.41
N GLN A 186 -30.80 32.90 2.67
CA GLN A 186 -31.46 33.30 1.43
C GLN A 186 -32.86 33.86 1.66
N LYS A 187 -33.17 34.31 2.87
CA LYS A 187 -34.54 34.72 3.17
C LYS A 187 -34.98 35.90 2.34
N ASP A 188 -34.11 36.90 2.18
CA ASP A 188 -34.46 38.13 1.47
C ASP A 188 -33.72 38.27 0.14
N GLN A 189 -33.00 37.24 -0.29
CA GLN A 189 -32.22 37.29 -1.52
C GLN A 189 -32.97 36.76 -2.73
N ASN A 190 -34.24 36.41 -2.57
CA ASN A 190 -35.11 35.98 -3.68
C ASN A 190 -34.54 34.76 -4.39
N MET A 191 -34.45 33.66 -3.64
CA MET A 191 -33.95 32.41 -4.18
C MET A 191 -34.76 31.25 -3.61
N ILE A 192 -35.03 30.26 -4.43
CA ILE A 192 -35.74 29.05 -4.02
C ILE A 192 -34.72 27.99 -3.67
N SER A 193 -34.88 27.37 -2.50
CA SER A 193 -33.94 26.38 -2.00
C SER A 193 -34.58 25.00 -2.01
N ILE A 194 -33.78 23.99 -2.29
CA ILE A 194 -34.22 22.60 -2.23
C ILE A 194 -33.19 21.81 -1.43
N TYR A 195 -33.65 21.08 -0.43
CA TYR A 195 -32.79 20.26 0.41
C TYR A 195 -33.13 18.80 0.20
N VAL A 196 -32.14 18.00 -0.22
CA VAL A 196 -32.31 16.59 -0.50
C VAL A 196 -31.48 15.82 0.51
N ALA A 197 -32.14 14.93 1.25
CA ALA A 197 -31.48 14.11 2.27
C ALA A 197 -31.46 12.66 1.81
N ILE A 198 -30.26 12.13 1.60
CA ILE A 198 -30.08 10.75 1.15
C ILE A 198 -29.39 9.98 2.25
N GLY A 199 -30.01 8.89 2.69
CA GLY A 199 -29.40 8.04 3.70
C GLY A 199 -29.28 8.65 5.08
N GLN A 200 -29.91 9.79 5.32
CA GLN A 200 -29.87 10.41 6.64
C GLN A 200 -30.89 9.75 7.56
N LYS A 201 -30.77 10.06 8.85
CA LYS A 201 -31.73 9.56 9.83
C LYS A 201 -32.98 10.42 9.85
N GLU A 202 -34.13 9.76 9.96
CA GLU A 202 -35.39 10.48 9.93
C GLU A 202 -35.52 11.45 11.10
N SER A 203 -34.95 11.11 12.26
CA SER A 203 -34.97 12.03 13.39
C SER A 203 -34.20 13.30 13.07
N THR A 204 -33.02 13.16 12.45
CA THR A 204 -32.24 14.33 12.06
C THR A 204 -32.97 15.15 11.01
N VAL A 205 -33.62 14.49 10.06
CA VAL A 205 -34.40 15.22 9.05
C VAL A 205 -35.53 15.99 9.70
N ARG A 206 -36.22 15.38 10.66
CA ARG A 206 -37.32 16.06 11.36
C ARG A 206 -36.81 17.26 12.14
N THR A 207 -35.67 17.13 12.82
CA THR A 207 -35.11 18.26 13.56
C THR A 207 -34.69 19.38 12.61
N VAL A 208 -34.12 19.02 11.45
CA VAL A 208 -33.74 20.03 10.47
C VAL A 208 -34.97 20.76 9.95
N VAL A 209 -36.04 20.03 9.66
CA VAL A 209 -37.28 20.66 9.19
C VAL A 209 -37.83 21.60 10.26
N GLU A 210 -37.79 21.18 11.51
CA GLU A 210 -38.28 22.03 12.59
C GLU A 210 -37.43 23.29 12.73
N THR A 211 -36.11 23.16 12.59
CA THR A 211 -35.25 24.34 12.63
C THR A 211 -35.58 25.30 11.50
N LEU A 212 -35.79 24.77 10.29
CA LEU A 212 -36.14 25.63 9.17
C LEU A 212 -37.49 26.31 9.40
N ARG A 213 -38.46 25.58 9.94
CA ARG A 213 -39.75 26.17 10.25
C ARG A 213 -39.61 27.28 11.28
N LYS A 214 -38.81 27.05 12.32
CA LYS A 214 -38.62 28.06 13.37
C LYS A 214 -37.97 29.31 12.80
N HIS A 215 -36.96 29.15 11.94
CA HIS A 215 -36.28 30.32 11.38
C HIS A 215 -37.01 30.93 10.20
N GLY A 216 -38.08 30.30 9.72
CA GLY A 216 -38.91 30.91 8.71
C GLY A 216 -38.52 30.63 7.28
N ALA A 217 -37.70 29.60 7.04
CA ALA A 217 -37.24 29.28 5.70
C ALA A 217 -38.20 28.35 4.94
N LEU A 218 -39.23 27.83 5.60
CA LEU A 218 -40.11 26.87 4.94
C LEU A 218 -41.03 27.50 3.92
N ASP A 219 -41.12 28.83 3.86
CA ASP A 219 -41.98 29.46 2.87
C ASP A 219 -41.32 29.63 1.51
N TYR A 220 -40.04 29.25 1.37
CA TYR A 220 -39.39 29.29 0.08
C TYR A 220 -38.48 28.09 -0.16
N THR A 221 -38.71 26.97 0.53
CA THR A 221 -37.84 25.81 0.40
C THR A 221 -38.67 24.54 0.28
N ILE A 222 -38.05 23.52 -0.31
CA ILE A 222 -38.66 22.20 -0.48
C ILE A 222 -37.69 21.16 0.09
N VAL A 223 -38.24 20.16 0.77
CA VAL A 223 -37.44 19.12 1.40
C VAL A 223 -37.79 17.79 0.76
N VAL A 224 -36.78 17.09 0.26
CA VAL A 224 -36.93 15.74 -0.30
C VAL A 224 -36.13 14.79 0.56
N THR A 225 -36.79 13.75 1.06
CA THR A 225 -36.18 12.84 2.02
C THR A 225 -36.21 11.41 1.53
N ALA A 226 -35.11 10.69 1.77
CA ALA A 226 -35.00 9.26 1.50
C ALA A 226 -34.04 8.71 2.55
N SER A 227 -34.60 8.18 3.64
CA SER A 227 -33.81 7.80 4.79
C SER A 227 -33.14 6.45 4.59
N ALA A 228 -32.43 5.99 5.62
CA ALA A 228 -31.65 4.76 5.51
C ALA A 228 -32.54 3.55 5.36
N SER A 229 -33.67 3.51 6.06
CA SER A 229 -34.56 2.37 5.99
C SER A 229 -35.25 2.24 4.64
N GLN A 230 -35.24 3.27 3.82
CA GLN A 230 -35.90 3.24 2.53
C GLN A 230 -35.16 2.30 1.57
N PRO A 231 -35.86 1.78 0.56
CA PRO A 231 -35.19 0.92 -0.42
C PRO A 231 -34.12 1.65 -1.20
N ALA A 232 -33.14 0.89 -1.66
CA ALA A 232 -32.02 1.47 -2.41
C ALA A 232 -32.43 2.29 -3.64
N PRO A 233 -33.41 1.88 -4.46
CA PRO A 233 -33.78 2.73 -5.60
C PRO A 233 -34.28 4.10 -5.21
N LEU A 234 -34.94 4.25 -4.06
CA LEU A 234 -35.39 5.57 -3.64
C LEU A 234 -34.19 6.48 -3.35
N LEU A 235 -33.18 5.96 -2.65
CA LEU A 235 -31.96 6.73 -2.43
C LEU A 235 -31.28 7.05 -3.75
N PHE A 236 -31.30 6.10 -4.69
CA PHE A 236 -30.68 6.34 -5.99
C PHE A 236 -31.41 7.44 -6.76
N LEU A 237 -32.73 7.51 -6.64
CA LEU A 237 -33.53 8.43 -7.42
C LEU A 237 -33.71 9.80 -6.79
N ALA A 238 -33.49 9.94 -5.49
CA ALA A 238 -33.76 11.20 -4.81
C ALA A 238 -33.07 12.42 -5.42
N PRO A 239 -31.76 12.41 -5.71
CA PRO A 239 -31.14 13.61 -6.28
C PRO A 239 -31.74 14.03 -7.61
N TYR A 240 -32.12 13.06 -8.45
CA TYR A 240 -32.75 13.39 -9.71
C TYR A 240 -34.14 13.99 -9.51
N ALA A 241 -34.89 13.51 -8.53
CA ALA A 241 -36.17 14.14 -8.22
C ALA A 241 -35.96 15.57 -7.77
N GLY A 242 -34.96 15.81 -6.93
CA GLY A 242 -34.68 17.18 -6.50
C GLY A 242 -34.31 18.08 -7.66
N VAL A 243 -33.44 17.60 -8.56
CA VAL A 243 -33.02 18.42 -9.69
C VAL A 243 -34.18 18.68 -10.64
N ALA A 244 -35.04 17.68 -10.85
CA ALA A 244 -36.20 17.87 -11.71
C ALA A 244 -37.15 18.90 -11.12
N MET A 245 -37.35 18.86 -9.80
CA MET A 245 -38.17 19.88 -9.16
C MET A 245 -37.55 21.27 -9.31
N GLY A 246 -36.23 21.36 -9.17
CA GLY A 246 -35.56 22.64 -9.29
C GLY A 246 -35.61 23.22 -10.70
N GLU A 247 -35.51 22.35 -11.72
CA GLU A 247 -35.45 22.83 -13.09
C GLU A 247 -36.74 23.55 -13.49
N TYR A 248 -37.87 23.17 -12.90
CA TYR A 248 -39.14 23.83 -13.21
C TYR A 248 -39.05 25.32 -12.91
N PHE A 249 -38.52 25.68 -11.74
CA PHE A 249 -38.30 27.09 -11.43
C PHE A 249 -37.13 27.68 -12.20
N MET A 250 -36.09 26.88 -12.45
CA MET A 250 -34.90 27.39 -13.13
C MET A 250 -35.23 27.88 -14.54
N TYR A 251 -36.07 27.13 -15.25
CA TYR A 251 -36.39 27.49 -16.63
C TYR A 251 -37.46 28.57 -16.73
N LYS A 252 -38.04 29.00 -15.61
CA LYS A 252 -38.98 30.12 -15.60
C LYS A 252 -38.29 31.45 -15.37
N GLY A 253 -36.97 31.47 -15.26
CA GLY A 253 -36.23 32.69 -15.02
C GLY A 253 -35.86 32.94 -13.57
N LYS A 254 -36.04 31.96 -12.69
CA LYS A 254 -35.75 32.11 -11.28
C LYS A 254 -34.37 31.54 -10.95
N HIS A 255 -33.98 31.69 -9.69
CA HIS A 255 -32.70 31.18 -9.20
C HIS A 255 -32.97 30.15 -8.13
N VAL A 256 -32.31 28.99 -8.26
CA VAL A 256 -32.57 27.84 -7.39
C VAL A 256 -31.26 27.37 -6.78
N LEU A 257 -31.32 26.96 -5.52
CA LEU A 257 -30.19 26.37 -4.82
C LEU A 257 -30.57 24.95 -4.40
N VAL A 258 -29.73 23.98 -4.77
CA VAL A 258 -30.00 22.57 -4.53
C VAL A 258 -28.86 22.01 -3.69
N VAL A 259 -29.21 21.29 -2.63
CA VAL A 259 -28.25 20.69 -1.72
C VAL A 259 -28.49 19.19 -1.67
N TYR A 260 -27.46 18.41 -1.97
CA TYR A 260 -27.49 16.95 -1.82
C TYR A 260 -26.74 16.62 -0.54
N ASP A 261 -27.46 16.11 0.45
CA ASP A 261 -26.87 15.94 1.78
C ASP A 261 -25.79 14.87 1.81
N ASP A 262 -25.83 13.89 0.91
CA ASP A 262 -24.75 12.91 0.80
C ASP A 262 -24.86 12.20 -0.54
N LEU A 263 -23.86 12.36 -1.40
CA LEU A 263 -23.81 11.66 -2.66
C LEU A 263 -23.15 10.28 -2.55
N SER A 264 -22.31 10.08 -1.54
CA SER A 264 -21.66 8.78 -1.35
C SER A 264 -22.69 7.69 -1.09
N LYS A 265 -23.72 8.00 -0.31
CA LYS A 265 -24.75 7.00 -0.02
C LYS A 265 -25.59 6.71 -1.26
N GLN A 266 -25.84 7.72 -2.09
CA GLN A 266 -26.53 7.49 -3.35
C GLN A 266 -25.71 6.58 -4.26
N ALA A 267 -24.40 6.82 -4.31
CA ALA A 267 -23.52 5.94 -5.08
C ALA A 267 -23.53 4.52 -4.53
N ALA A 268 -23.53 4.37 -3.21
CA ALA A 268 -23.57 3.05 -2.60
C ALA A 268 -24.87 2.33 -2.95
N ALA A 269 -26.00 3.05 -2.92
CA ALA A 269 -27.27 2.45 -3.30
C ALA A 269 -27.27 2.00 -4.76
N TYR A 270 -26.70 2.83 -5.65
CA TYR A 270 -26.61 2.43 -7.04
C TYR A 270 -25.73 1.20 -7.21
N ARG A 271 -24.62 1.13 -6.47
CA ARG A 271 -23.76 -0.05 -6.51
C ARG A 271 -24.52 -1.29 -6.06
N GLU A 272 -25.30 -1.16 -4.98
CA GLU A 272 -26.10 -2.28 -4.50
C GLU A 272 -27.08 -2.76 -5.56
N LEU A 273 -27.79 -1.83 -6.20
CA LEU A 273 -28.74 -2.20 -7.24
C LEU A 273 -28.04 -2.91 -8.40
N SER A 274 -26.92 -2.35 -8.86
CA SER A 274 -26.21 -2.93 -9.99
C SER A 274 -25.68 -4.32 -9.66
N LEU A 275 -25.14 -4.50 -8.44
CA LEU A 275 -24.63 -5.81 -8.06
C LEU A 275 -25.75 -6.83 -7.94
N LEU A 276 -26.92 -6.41 -7.42
CA LEU A 276 -28.04 -7.33 -7.35
C LEU A 276 -28.58 -7.67 -8.74
N LEU A 277 -28.43 -6.76 -9.69
CA LEU A 277 -28.83 -7.05 -11.07
C LEU A 277 -27.74 -7.80 -11.85
N ARG A 278 -26.66 -8.19 -11.19
CA ARG A 278 -25.58 -8.98 -11.80
C ARG A 278 -24.92 -8.25 -12.97
N ARG A 279 -24.76 -6.93 -12.83
CA ARG A 279 -23.97 -6.21 -13.80
C ARG A 279 -22.48 -6.31 -13.45
N PRO A 280 -21.60 -6.24 -14.43
CA PRO A 280 -20.16 -6.41 -14.18
C PRO A 280 -19.65 -5.34 -13.23
N PRO A 281 -18.86 -5.72 -12.23
CA PRO A 281 -18.32 -4.74 -11.28
C PRO A 281 -16.96 -4.21 -11.68
N GLY A 282 -16.76 -2.94 -11.35
CA GLY A 282 -15.49 -2.27 -11.56
C GLY A 282 -14.70 -2.11 -10.28
N ARG A 283 -13.93 -1.03 -10.20
CA ARG A 283 -13.14 -0.76 -9.02
C ARG A 283 -14.05 -0.54 -7.82
N GLU A 284 -13.70 -1.19 -6.69
CA GLU A 284 -14.52 -1.17 -5.47
C GLU A 284 -15.94 -1.64 -5.73
N ALA A 285 -16.10 -2.59 -6.65
CA ALA A 285 -17.37 -3.22 -6.97
C ALA A 285 -18.38 -2.24 -7.57
N TYR A 286 -17.97 -1.00 -7.80
CA TYR A 286 -18.87 -0.03 -8.42
C TYR A 286 -19.06 -0.38 -9.90
N PRO A 287 -20.24 -0.08 -10.46
CA PRO A 287 -20.45 -0.29 -11.89
C PRO A 287 -19.61 0.67 -12.71
N GLY A 288 -19.53 0.39 -14.01
CA GLY A 288 -18.71 1.20 -14.89
C GLY A 288 -19.22 2.62 -15.04
N ASP A 289 -20.53 2.81 -14.91
CA ASP A 289 -21.16 4.09 -15.18
C ASP A 289 -21.46 4.90 -13.93
N ILE A 290 -20.68 4.74 -12.87
CA ILE A 290 -20.89 5.55 -11.68
C ILE A 290 -20.47 7.00 -11.93
N PHE A 291 -19.34 7.18 -12.63
CA PHE A 291 -18.93 8.53 -13.03
C PHE A 291 -19.95 9.15 -13.97
N TYR A 292 -20.50 8.35 -14.89
CA TYR A 292 -21.54 8.84 -15.78
C TYR A 292 -22.77 9.26 -14.98
N LEU A 293 -23.15 8.47 -13.98
CA LEU A 293 -24.26 8.82 -13.10
C LEU A 293 -24.04 10.19 -12.46
N HIS A 294 -22.87 10.37 -11.83
CA HIS A 294 -22.65 11.61 -11.09
C HIS A 294 -22.51 12.81 -12.01
N SER A 295 -21.83 12.64 -13.16
CA SER A 295 -21.69 13.75 -14.10
C SER A 295 -23.04 14.12 -14.71
N ARG A 296 -23.86 13.12 -15.02
CA ARG A 296 -25.20 13.38 -15.51
C ARG A 296 -26.02 14.16 -14.50
N LEU A 297 -25.90 13.80 -13.21
CA LEU A 297 -26.62 14.53 -12.19
C LEU A 297 -26.13 15.96 -12.04
N LEU A 298 -24.80 16.16 -12.00
CA LEU A 298 -24.23 17.44 -11.64
C LEU A 298 -24.03 18.39 -12.82
N GLU A 299 -24.24 17.93 -14.05
CA GLU A 299 -24.08 18.83 -15.20
C GLU A 299 -25.35 19.61 -15.52
N ARG A 300 -26.42 19.40 -14.76
CA ARG A 300 -27.67 20.13 -14.99
C ARG A 300 -27.73 21.45 -14.22
N ALA A 301 -26.72 21.75 -13.42
CA ALA A 301 -26.64 23.03 -12.73
C ALA A 301 -25.84 24.00 -13.57
N ALA A 302 -26.47 25.09 -14.01
CA ALA A 302 -25.82 26.02 -14.92
C ALA A 302 -26.47 27.39 -14.78
N LYS A 303 -25.78 28.39 -15.33
CA LYS A 303 -26.30 29.75 -15.43
C LYS A 303 -26.77 29.95 -16.86
N LEU A 304 -28.09 30.07 -17.04
CA LEU A 304 -28.64 30.16 -18.38
C LEU A 304 -28.37 31.53 -18.99
N SER A 305 -28.38 31.57 -20.32
CA SER A 305 -28.15 32.80 -21.04
C SER A 305 -29.37 33.72 -20.94
N ASP A 306 -29.21 34.94 -21.46
CA ASP A 306 -30.31 35.90 -21.43
C ASP A 306 -31.45 35.47 -22.36
N ALA A 307 -31.12 34.83 -23.49
CA ALA A 307 -32.18 34.35 -24.38
C ALA A 307 -32.98 33.22 -23.76
N LYS A 308 -32.37 32.47 -22.84
CA LYS A 308 -33.03 31.33 -22.21
C LYS A 308 -33.85 31.72 -20.98
N GLY A 309 -33.84 32.99 -20.60
CA GLY A 309 -34.60 33.47 -19.47
C GLY A 309 -33.77 33.97 -18.31
N GLY A 310 -32.46 33.72 -18.31
CA GLY A 310 -31.60 34.22 -17.26
C GLY A 310 -31.65 33.47 -15.95
N GLY A 311 -32.34 32.32 -15.90
CA GLY A 311 -32.37 31.54 -14.70
C GLY A 311 -31.05 30.87 -14.39
N SER A 312 -30.95 30.33 -13.19
CA SER A 312 -29.72 29.67 -12.76
C SER A 312 -30.04 28.64 -11.69
N LEU A 313 -29.23 27.59 -11.65
CA LEU A 313 -29.33 26.55 -10.63
C LEU A 313 -27.93 26.26 -10.11
N THR A 314 -27.77 26.26 -8.80
CA THR A 314 -26.51 25.97 -8.15
C THR A 314 -26.67 24.75 -7.25
N ALA A 315 -25.62 23.94 -7.18
CA ALA A 315 -25.64 22.68 -6.44
C ALA A 315 -24.54 22.67 -5.40
N LEU A 316 -24.82 22.08 -4.25
CA LEU A 316 -23.86 21.93 -3.16
C LEU A 316 -23.83 20.47 -2.73
N PRO A 317 -23.27 19.58 -3.54
CA PRO A 317 -23.19 18.17 -3.15
C PRO A 317 -22.28 17.97 -1.94
N PHE A 318 -22.60 16.95 -1.17
CA PHE A 318 -21.82 16.58 0.00
C PHE A 318 -21.18 15.22 -0.23
N VAL A 319 -19.95 15.05 0.24
CA VAL A 319 -19.23 13.79 0.18
C VAL A 319 -18.66 13.51 1.56
N GLU A 320 -18.88 12.29 2.07
CA GLU A 320 -18.42 11.89 3.38
C GLU A 320 -17.18 11.02 3.24
N THR A 321 -16.12 11.37 3.96
CA THR A 321 -14.88 10.63 3.94
C THR A 321 -14.64 9.96 5.29
N GLN A 322 -13.76 8.97 5.28
CA GLN A 322 -13.35 8.25 6.48
C GLN A 322 -11.87 8.50 6.72
N ALA A 323 -11.55 9.08 7.87
CA ALA A 323 -10.17 9.48 8.21
C ALA A 323 -9.62 10.50 7.24
N GLY A 324 -10.50 11.22 6.56
CA GLY A 324 -10.09 12.31 5.68
C GLY A 324 -9.24 11.90 4.49
N ASP A 325 -9.62 10.83 3.79
CA ASP A 325 -8.89 10.37 2.62
C ASP A 325 -9.63 10.82 1.37
N ILE A 326 -9.08 11.82 0.69
CA ILE A 326 -9.69 12.35 -0.53
C ILE A 326 -9.28 11.49 -1.72
N SER A 327 -8.53 10.43 -1.47
CA SER A 327 -8.01 9.58 -2.54
C SER A 327 -8.96 8.44 -2.89
N ALA A 328 -10.14 8.36 -2.26
CA ALA A 328 -11.08 7.30 -2.58
C ALA A 328 -11.76 7.56 -3.92
N TYR A 329 -12.40 6.51 -4.44
CA TYR A 329 -12.89 6.55 -5.82
C TYR A 329 -13.99 7.60 -5.99
N ILE A 330 -15.01 7.56 -5.15
CA ILE A 330 -16.14 8.48 -5.25
C ILE A 330 -15.70 9.91 -4.98
N PRO A 331 -14.93 10.20 -3.92
CA PRO A 331 -14.43 11.57 -3.74
C PRO A 331 -13.59 12.05 -4.91
N THR A 332 -12.77 11.17 -5.49
CA THR A 332 -11.98 11.57 -6.65
C THR A 332 -12.89 11.95 -7.82
N ASN A 333 -13.90 11.14 -8.09
CA ASN A 333 -14.82 11.43 -9.19
C ASN A 333 -15.55 12.75 -8.96
N VAL A 334 -16.05 12.96 -7.75
CA VAL A 334 -16.81 14.18 -7.48
C VAL A 334 -15.91 15.41 -7.55
N ILE A 335 -14.67 15.29 -7.08
CA ILE A 335 -13.74 16.41 -7.17
C ILE A 335 -13.43 16.72 -8.63
N SER A 336 -13.24 15.68 -9.44
CA SER A 336 -13.01 15.91 -10.87
C SER A 336 -14.21 16.55 -11.54
N ILE A 337 -15.41 16.26 -11.06
CA ILE A 337 -16.61 16.77 -11.70
C ILE A 337 -16.88 18.23 -11.32
N THR A 338 -16.78 18.54 -10.03
CA THR A 338 -17.25 19.84 -9.55
C THR A 338 -16.28 20.96 -9.90
N ASP A 339 -16.70 22.19 -9.63
CA ASP A 339 -15.94 23.40 -9.91
C ASP A 339 -15.15 23.90 -8.71
N GLY A 340 -15.08 23.13 -7.64
CA GLY A 340 -14.36 23.55 -6.46
C GLY A 340 -14.70 22.63 -5.30
N GLN A 341 -14.05 22.92 -4.17
CA GLN A 341 -14.26 22.09 -2.99
C GLN A 341 -14.06 22.92 -1.74
N ILE A 342 -14.85 22.61 -0.71
CA ILE A 342 -14.70 23.17 0.62
C ILE A 342 -14.41 22.00 1.55
N PHE A 343 -13.28 22.07 2.26
CA PHE A 343 -12.80 20.96 3.07
C PHE A 343 -12.96 21.30 4.55
N LEU A 344 -13.64 20.42 5.28
CA LEU A 344 -13.81 20.55 6.72
C LEU A 344 -12.88 19.57 7.43
N GLN A 345 -12.29 20.02 8.53
CA GLN A 345 -11.25 19.25 9.22
C GLN A 345 -11.75 18.83 10.59
N SER A 346 -11.56 17.54 10.91
CA SER A 346 -12.05 17.01 12.17
C SER A 346 -11.33 17.61 13.37
N ASP A 347 -10.01 17.78 13.28
CA ASP A 347 -9.27 18.36 14.40
C ASP A 347 -9.67 19.83 14.61
N LEU A 348 -9.87 20.57 13.52
CA LEU A 348 -10.32 21.95 13.64
C LEU A 348 -11.70 22.01 14.27
N PHE A 349 -12.60 21.10 13.89
CA PHE A 349 -13.91 21.05 14.50
C PHE A 349 -13.82 20.74 15.99
N PHE A 350 -12.94 19.79 16.35
CA PHE A 350 -12.77 19.44 17.75
C PHE A 350 -12.13 20.57 18.56
N SER A 351 -11.34 21.42 17.91
CA SER A 351 -10.67 22.52 18.58
C SER A 351 -11.58 23.71 18.85
N GLY A 352 -12.90 23.54 18.72
CA GLY A 352 -13.84 24.60 19.00
C GLY A 352 -14.15 25.51 17.83
N VAL A 353 -13.47 25.36 16.69
CA VAL A 353 -13.75 26.16 15.52
C VAL A 353 -14.96 25.53 14.82
N ARG A 354 -16.13 26.13 15.03
CA ARG A 354 -17.37 25.55 14.52
C ARG A 354 -17.41 25.49 12.99
N PRO A 355 -17.09 26.54 12.24
CA PRO A 355 -17.06 26.39 10.77
C PRO A 355 -16.07 25.33 10.32
N ALA A 356 -14.91 25.23 10.97
CA ALA A 356 -13.93 24.19 10.72
C ALA A 356 -13.51 24.11 9.26
N ILE A 357 -13.38 25.26 8.59
CA ILE A 357 -13.07 25.31 7.17
C ILE A 357 -11.57 25.42 6.99
N ASN A 358 -10.98 24.44 6.30
CA ASN A 358 -9.56 24.46 5.99
C ASN A 358 -9.36 25.21 4.68
N ALA A 359 -8.79 26.41 4.77
CA ALA A 359 -8.57 27.23 3.58
C ALA A 359 -7.38 26.75 2.75
N GLY A 360 -6.48 25.96 3.33
CA GLY A 360 -5.35 25.48 2.57
C GLY A 360 -5.74 24.54 1.45
N LEU A 361 -6.65 23.59 1.73
CA LEU A 361 -7.07 22.62 0.74
C LEU A 361 -8.30 23.04 -0.04
N SER A 362 -9.05 24.02 0.46
CA SER A 362 -10.25 24.48 -0.26
C SER A 362 -9.86 25.34 -1.44
N VAL A 363 -10.71 25.34 -2.46
CA VAL A 363 -10.44 26.08 -3.69
C VAL A 363 -11.77 26.35 -4.39
N SER A 364 -11.85 27.50 -5.04
CA SER A 364 -13.01 27.89 -5.84
C SER A 364 -12.51 28.36 -7.20
N ARG A 365 -12.75 27.56 -8.24
CA ARG A 365 -12.26 27.89 -9.57
C ARG A 365 -13.00 29.08 -10.19
N VAL A 366 -14.14 29.49 -9.62
CA VAL A 366 -14.90 30.61 -10.12
C VAL A 366 -14.67 31.87 -9.28
N GLY A 367 -13.87 31.74 -8.22
CA GLY A 367 -13.71 32.86 -7.30
C GLY A 367 -13.15 34.09 -7.97
N GLY A 368 -13.44 35.25 -7.36
CA GLY A 368 -13.11 36.52 -7.96
C GLY A 368 -14.27 37.08 -8.77
N ALA A 369 -14.72 36.33 -9.77
CA ALA A 369 -15.89 36.74 -10.53
C ALA A 369 -17.16 36.65 -9.71
N ALA A 370 -17.16 35.83 -8.67
CA ALA A 370 -18.33 35.62 -7.83
C ALA A 370 -18.29 36.47 -6.55
N GLN A 371 -17.57 37.57 -6.56
CA GLN A 371 -17.46 38.44 -5.39
C GLN A 371 -17.75 39.88 -5.80
N ILE A 372 -18.22 40.66 -4.83
CA ILE A 372 -18.40 42.09 -5.07
C ILE A 372 -17.06 42.81 -4.91
N LYS A 373 -17.02 44.06 -5.37
CA LYS A 373 -15.77 44.82 -5.34
C LYS A 373 -15.29 45.03 -3.91
N ALA A 374 -16.21 45.30 -2.99
CA ALA A 374 -15.83 45.51 -1.60
C ALA A 374 -15.14 44.28 -1.01
N MET A 375 -15.64 43.10 -1.33
CA MET A 375 -15.04 41.88 -0.81
C MET A 375 -13.74 41.54 -1.53
N LYS A 376 -13.67 41.82 -2.83
CA LYS A 376 -12.43 41.58 -3.57
C LYS A 376 -11.30 42.46 -3.06
N LYS A 377 -11.62 43.69 -2.68
CA LYS A 377 -10.60 44.63 -2.21
C LYS A 377 -9.98 44.22 -0.88
N VAL A 378 -10.57 43.25 -0.18
CA VAL A 378 -10.14 42.96 1.18
C VAL A 378 -9.72 41.49 1.32
N ALA A 379 -10.21 40.63 0.43
CA ALA A 379 -9.99 39.20 0.62
C ALA A 379 -8.53 38.79 0.47
N GLY A 380 -7.77 39.47 -0.40
CA GLY A 380 -6.42 39.02 -0.69
C GLY A 380 -5.50 39.10 0.51
N THR A 381 -5.52 40.22 1.23
CA THR A 381 -4.67 40.37 2.40
C THR A 381 -5.05 39.38 3.49
N LEU A 382 -6.34 39.12 3.65
CA LEU A 382 -6.80 38.11 4.61
C LEU A 382 -6.26 36.74 4.23
N ARG A 383 -6.30 36.40 2.94
CA ARG A 383 -5.78 35.11 2.50
C ARG A 383 -4.28 35.01 2.78
N LEU A 384 -3.53 36.08 2.51
CA LEU A 384 -2.09 36.05 2.75
C LEU A 384 -1.79 35.88 4.23
N ASP A 385 -2.49 36.62 5.09
CA ASP A 385 -2.27 36.51 6.52
C ASP A 385 -2.61 35.11 7.04
N LEU A 386 -3.72 34.54 6.55
CA LEU A 386 -4.08 33.20 6.98
C LEU A 386 -3.06 32.17 6.51
N ALA A 387 -2.54 32.33 5.29
CA ALA A 387 -1.52 31.41 4.80
C ALA A 387 -0.26 31.48 5.67
N ALA A 388 0.18 32.70 6.01
CA ALA A 388 1.36 32.84 6.86
C ALA A 388 1.13 32.22 8.23
N TYR A 389 -0.05 32.45 8.82
CA TYR A 389 -0.33 31.89 10.13
C TYR A 389 -0.40 30.38 10.08
N ARG A 390 -0.96 29.82 9.01
CA ARG A 390 -0.99 28.36 8.88
C ARG A 390 0.41 27.80 8.70
N GLU A 391 1.29 28.53 8.02
CA GLU A 391 2.67 28.09 7.88
C GLU A 391 3.38 28.08 9.24
N LEU A 392 3.18 29.11 10.05
CA LEU A 392 3.93 29.27 11.28
C LEU A 392 3.15 28.83 12.52
N GLU A 393 2.01 28.15 12.36
CA GLU A 393 1.16 27.85 13.50
C GLU A 393 1.80 26.84 14.44
N ALA A 394 2.51 25.86 13.89
CA ALA A 394 3.03 24.77 14.71
C ALA A 394 4.05 25.23 15.73
N PHE A 395 4.64 26.40 15.54
CA PHE A 395 5.70 26.91 16.41
C PHE A 395 5.23 28.12 17.22
N ALA A 396 3.96 28.15 17.60
CA ALA A 396 3.41 29.31 18.29
C ALA A 396 3.87 29.41 19.74
N GLN A 397 4.18 28.28 20.37
CA GLN A 397 4.54 28.29 21.79
C GLN A 397 5.96 28.74 22.06
N PHE A 398 6.65 29.32 21.06
CA PHE A 398 7.98 29.88 21.25
C PHE A 398 7.88 31.40 21.17
N GLY A 399 7.96 32.05 22.33
CA GLY A 399 8.02 33.50 22.38
C GLY A 399 9.39 34.07 22.16
N SER A 400 10.39 33.22 21.93
CA SER A 400 11.77 33.64 21.69
C SER A 400 12.09 33.79 20.22
N ASP A 401 11.11 33.66 19.34
CA ASP A 401 11.34 33.77 17.90
C ASP A 401 11.67 35.22 17.53
N LEU A 402 11.88 35.44 16.24
CA LEU A 402 12.17 36.78 15.74
C LEU A 402 11.09 37.76 16.15
N ASP A 403 11.48 38.75 16.96
CA ASP A 403 10.50 39.66 17.54
C ASP A 403 9.78 40.51 16.50
N LYS A 404 10.33 40.62 15.29
CA LYS A 404 9.75 41.50 14.28
C LYS A 404 8.78 40.75 13.37
N ALA A 405 9.27 39.72 12.67
CA ALA A 405 8.44 39.06 11.66
C ALA A 405 7.50 38.03 12.27
N THR A 406 8.06 37.01 12.94
CA THR A 406 7.27 35.87 13.37
C THR A 406 6.24 36.27 14.41
N GLN A 407 6.60 37.12 15.37
CA GLN A 407 5.66 37.53 16.40
C GLN A 407 4.48 38.28 15.80
N ALA A 408 4.75 39.21 14.88
CA ALA A 408 3.67 39.97 14.25
C ALA A 408 2.76 39.06 13.43
N LYS A 409 3.36 38.12 12.70
CA LYS A 409 2.56 37.19 11.91
C LYS A 409 1.66 36.34 12.80
N LEU A 410 2.20 35.85 13.91
CA LEU A 410 1.40 35.05 14.83
C LEU A 410 0.28 35.88 15.45
N ALA A 411 0.58 37.12 15.83
CA ALA A 411 -0.42 37.98 16.43
C ALA A 411 -1.55 38.30 15.46
N ARG A 412 -1.20 38.54 14.19
CA ARG A 412 -2.24 38.78 13.18
C ARG A 412 -3.05 37.52 12.90
N GLY A 413 -2.37 36.37 12.83
CA GLY A 413 -3.07 35.14 12.50
C GLY A 413 -4.04 34.69 13.58
N ALA A 414 -3.67 34.87 14.85
CA ALA A 414 -4.58 34.51 15.93
C ALA A 414 -5.87 35.32 15.86
N ARG A 415 -5.74 36.63 15.63
CA ARG A 415 -6.93 37.47 15.51
C ARG A 415 -7.73 37.14 14.26
N THR A 416 -7.04 36.77 13.17
CA THR A 416 -7.75 36.35 11.97
C THR A 416 -8.59 35.10 12.23
N VAL A 417 -8.01 34.13 12.93
CA VAL A 417 -8.73 32.90 13.24
C VAL A 417 -9.91 33.20 14.15
N GLU A 418 -9.72 34.09 15.13
CA GLU A 418 -10.83 34.46 16.01
C GLU A 418 -11.94 35.16 15.24
N VAL A 419 -11.57 36.01 14.28
CA VAL A 419 -12.57 36.72 13.48
C VAL A 419 -13.36 35.73 12.62
N LEU A 420 -12.68 34.76 12.02
CA LEU A 420 -13.36 33.83 11.12
C LEU A 420 -14.33 32.90 11.84
N LYS A 421 -14.32 32.85 13.16
CA LYS A 421 -15.29 32.03 13.88
C LYS A 421 -16.68 32.63 13.78
N GLN A 422 -17.69 31.78 13.97
CA GLN A 422 -19.07 32.21 13.80
C GLN A 422 -19.98 31.36 14.68
N ASP A 423 -21.10 31.95 15.09
CA ASP A 423 -22.10 31.25 15.87
C ASP A 423 -23.04 30.46 14.97
N LEU A 424 -23.69 29.46 15.55
CA LEU A 424 -24.57 28.59 14.78
C LEU A 424 -25.89 29.30 14.46
N HIS A 425 -26.37 29.08 13.24
CA HIS A 425 -27.69 29.57 12.79
C HIS A 425 -27.79 31.09 12.85
N GLN A 426 -26.67 31.80 12.70
CA GLN A 426 -26.66 33.27 12.73
C GLN A 426 -25.84 33.79 11.56
N PRO A 427 -26.41 33.80 10.36
CA PRO A 427 -25.68 34.34 9.21
C PRO A 427 -25.47 35.84 9.33
N ILE A 428 -24.42 36.31 8.66
CA ILE A 428 -24.00 37.70 8.77
C ILE A 428 -24.15 38.39 7.42
N PRO A 429 -24.70 39.61 7.38
CA PRO A 429 -24.81 40.31 6.09
C PRO A 429 -23.45 40.62 5.48
N VAL A 430 -23.44 40.69 4.15
CA VAL A 430 -22.18 40.83 3.41
C VAL A 430 -21.51 42.15 3.72
N GLU A 431 -22.29 43.22 3.91
CA GLU A 431 -21.69 44.52 4.23
C GLU A 431 -20.98 44.49 5.57
N LYS A 432 -21.60 43.87 6.59
CA LYS A 432 -20.96 43.75 7.88
C LYS A 432 -19.74 42.86 7.81
N GLN A 433 -19.79 41.79 7.02
CA GLN A 433 -18.61 40.95 6.83
C GLN A 433 -17.48 41.76 6.22
N VAL A 434 -17.78 42.56 5.19
CA VAL A 434 -16.76 43.39 4.56
C VAL A 434 -16.15 44.35 5.56
N LEU A 435 -17.00 45.01 6.36
CA LEU A 435 -16.49 45.99 7.31
C LEU A 435 -15.60 45.35 8.37
N ILE A 436 -16.02 44.20 8.91
CA ILE A 436 -15.24 43.57 9.97
C ILE A 436 -13.92 43.02 9.42
N ILE A 437 -13.94 42.46 8.21
CA ILE A 437 -12.69 41.96 7.64
C ILE A 437 -11.76 43.12 7.29
N TYR A 438 -12.31 44.25 6.84
CA TYR A 438 -11.49 45.43 6.61
C TYR A 438 -10.84 45.91 7.90
N ALA A 439 -11.63 45.96 8.98
CA ALA A 439 -11.08 46.38 10.27
C ALA A 439 -9.97 45.45 10.73
N LEU A 440 -10.16 44.14 10.55
CA LEU A 440 -9.14 43.17 10.94
C LEU A 440 -7.88 43.36 10.09
N THR A 441 -8.04 43.54 8.78
CA THR A 441 -6.90 43.55 7.88
C THR A 441 -6.17 44.89 7.84
N ARG A 442 -6.77 45.95 8.38
CA ARG A 442 -6.11 47.24 8.42
C ARG A 442 -5.36 47.49 9.72
N GLY A 443 -5.31 46.50 10.62
CA GLY A 443 -4.54 46.62 11.83
C GLY A 443 -5.27 47.24 13.01
N PHE A 444 -6.53 47.62 12.85
CA PHE A 444 -7.27 48.24 13.95
C PHE A 444 -7.52 47.28 15.10
N LEU A 445 -7.39 45.97 14.88
CA LEU A 445 -7.62 44.98 15.92
C LEU A 445 -6.33 44.53 16.60
N ASP A 446 -5.19 45.12 16.23
CA ASP A 446 -3.90 44.61 16.73
C ASP A 446 -3.77 44.78 18.23
N ASP A 447 -4.44 45.76 18.82
CA ASP A 447 -4.36 45.98 20.26
C ASP A 447 -5.47 45.26 21.03
N ILE A 448 -6.54 44.86 20.36
CA ILE A 448 -7.64 44.16 21.05
C ILE A 448 -7.17 42.75 21.42
N PRO A 449 -7.45 42.27 22.63
CA PRO A 449 -7.03 40.92 23.01
C PRO A 449 -7.73 39.86 22.16
N VAL A 450 -7.00 38.75 21.96
CA VAL A 450 -7.51 37.64 21.17
C VAL A 450 -8.79 37.08 21.77
N GLU A 451 -8.87 37.04 23.10
CA GLU A 451 -10.07 36.54 23.76
C GLU A 451 -11.24 37.52 23.64
N ASP A 452 -10.97 38.81 23.47
CA ASP A 452 -12.01 39.82 23.35
C ASP A 452 -12.31 40.19 21.90
N VAL A 453 -11.67 39.53 20.93
CA VAL A 453 -11.97 39.81 19.53
C VAL A 453 -13.45 39.56 19.21
N ARG A 454 -14.01 38.46 19.74
CA ARG A 454 -15.40 38.14 19.45
C ARG A 454 -16.35 39.21 19.99
N ARG A 455 -16.11 39.66 21.22
CA ARG A 455 -16.92 40.72 21.79
C ARG A 455 -16.75 42.02 21.02
N PHE A 456 -15.51 42.30 20.60
CA PHE A 456 -15.28 43.46 19.75
C PHE A 456 -16.14 43.39 18.50
N GLU A 457 -16.21 42.21 17.88
CA GLU A 457 -17.03 42.05 16.67
C GLU A 457 -18.51 42.27 16.97
N LYS A 458 -18.99 41.71 18.08
CA LYS A 458 -20.42 41.83 18.41
C LYS A 458 -20.81 43.30 18.64
N GLU A 459 -20.08 43.99 19.52
CA GLU A 459 -20.37 45.40 19.72
C GLU A 459 -20.05 46.26 18.50
N PHE A 460 -19.15 45.83 17.62
CA PHE A 460 -18.95 46.57 16.38
C PHE A 460 -20.17 46.45 15.48
N TYR A 461 -20.77 45.26 15.40
CA TYR A 461 -22.01 45.11 14.65
C TYR A 461 -23.12 45.95 15.25
N LEU A 462 -23.21 45.99 16.59
CA LEU A 462 -24.23 46.81 17.22
C LEU A 462 -24.02 48.29 16.94
N PHE A 463 -22.78 48.75 17.06
CA PHE A 463 -22.45 50.15 16.75
C PHE A 463 -22.75 50.47 15.30
N LEU A 464 -22.45 49.53 14.39
CA LEU A 464 -22.76 49.74 12.98
C LEU A 464 -24.26 49.90 12.77
N ASP A 465 -25.05 48.92 13.19
CA ASP A 465 -26.49 49.02 12.98
C ASP A 465 -27.12 50.17 13.76
N GLN A 466 -26.40 50.75 14.72
CA GLN A 466 -26.89 51.93 15.40
C GLN A 466 -26.60 53.22 14.64
N ASN A 467 -25.33 53.46 14.27
CA ASN A 467 -24.99 54.76 13.69
C ASN A 467 -24.00 54.71 12.52
N GLY A 468 -24.02 53.66 11.71
CA GLY A 468 -23.22 53.60 10.50
C GLY A 468 -24.09 53.25 9.32
N GLN A 469 -25.34 53.72 9.38
CA GLN A 469 -26.31 53.39 8.35
C GLN A 469 -25.92 53.96 7.00
N HIS A 470 -25.26 55.12 6.97
CA HIS A 470 -24.82 55.67 5.70
C HIS A 470 -23.78 54.77 5.04
N LEU A 471 -22.80 54.27 5.82
CA LEU A 471 -21.82 53.35 5.27
C LEU A 471 -22.48 52.06 4.81
N LEU A 472 -23.39 51.51 5.62
CA LEU A 472 -24.06 50.27 5.24
C LEU A 472 -24.86 50.44 3.96
N GLU A 473 -25.59 51.54 3.84
CA GLU A 473 -26.39 51.79 2.64
C GLU A 473 -25.50 52.00 1.43
N HIS A 474 -24.39 52.71 1.59
CA HIS A 474 -23.47 52.91 0.47
C HIS A 474 -22.92 51.58 -0.02
N ILE A 475 -22.51 50.71 0.91
CA ILE A 475 -21.99 49.41 0.51
C ILE A 475 -23.08 48.61 -0.19
N ARG A 476 -24.29 48.60 0.36
CA ARG A 476 -25.37 47.80 -0.21
C ARG A 476 -25.75 48.28 -1.60
N THR A 477 -25.73 49.60 -1.83
CA THR A 477 -26.23 50.15 -3.09
C THR A 477 -25.15 50.38 -4.13
N THR A 478 -23.87 50.25 -3.77
CA THR A 478 -22.81 50.42 -4.75
C THR A 478 -21.88 49.23 -4.88
N LYS A 479 -21.96 48.23 -4.01
CA LYS A 479 -21.09 47.06 -4.02
C LYS A 479 -19.62 47.44 -3.95
N ASP A 480 -19.31 48.63 -3.42
CA ASP A 480 -17.94 49.12 -3.34
C ASP A 480 -17.72 49.75 -1.98
N LEU A 481 -16.45 49.80 -1.58
CA LEU A 481 -16.11 50.32 -0.27
C LEU A 481 -16.41 51.82 -0.18
N PRO A 482 -16.82 52.30 0.99
CA PRO A 482 -17.01 53.75 1.18
C PRO A 482 -15.70 54.49 1.32
N ASN A 483 -15.76 55.78 1.63
CA ASN A 483 -14.55 56.58 1.79
C ASN A 483 -13.67 56.03 2.91
N GLU A 484 -12.38 55.90 2.61
CA GLU A 484 -11.44 55.31 3.56
C GLU A 484 -11.35 56.15 4.83
N ASP A 485 -11.31 57.47 4.69
CA ASP A 485 -11.21 58.33 5.87
C ASP A 485 -12.46 58.21 6.73
N ASP A 486 -13.64 58.18 6.12
CA ASP A 486 -14.88 58.02 6.89
C ASP A 486 -14.90 56.68 7.62
N LEU A 487 -14.51 55.61 6.93
CA LEU A 487 -14.49 54.30 7.58
C LEU A 487 -13.50 54.26 8.74
N ASN A 488 -12.31 54.85 8.55
CA ASN A 488 -11.32 54.87 9.61
C ASN A 488 -11.81 55.69 10.80
N LYS A 489 -12.45 56.82 10.54
CA LYS A 489 -13.01 57.63 11.63
C LYS A 489 -14.08 56.87 12.39
N ALA A 490 -14.94 56.14 11.68
CA ALA A 490 -15.96 55.34 12.36
C ALA A 490 -15.32 54.26 13.23
N ILE A 491 -14.30 53.58 12.69
CA ILE A 491 -13.66 52.52 13.45
C ILE A 491 -12.98 53.09 14.70
N GLU A 492 -12.29 54.22 14.57
CA GLU A 492 -11.63 54.83 15.71
C GLU A 492 -12.66 55.30 16.75
N ALA A 493 -13.79 55.85 16.28
CA ALA A 493 -14.84 56.28 17.21
C ALA A 493 -15.39 55.09 17.99
N PHE A 494 -15.59 53.96 17.31
CA PHE A 494 -16.05 52.76 18.03
C PHE A 494 -14.99 52.29 19.02
N LYS A 495 -13.72 52.30 18.62
CA LYS A 495 -12.65 51.87 19.52
C LYS A 495 -12.57 52.76 20.75
N LYS A 496 -12.93 54.04 20.61
CA LYS A 496 -12.93 54.93 21.77
C LYS A 496 -13.92 54.47 22.84
N THR A 497 -15.11 54.03 22.43
CA THR A 497 -16.12 53.60 23.38
C THR A 497 -16.04 52.11 23.72
N PHE A 498 -15.21 51.35 23.02
CA PHE A 498 -15.05 49.94 23.35
C PHE A 498 -14.28 49.78 24.66
N VAL A 499 -14.67 48.76 25.43
CA VAL A 499 -14.05 48.48 26.73
C VAL A 499 -13.38 47.11 26.66
N VAL A 500 -12.16 47.04 27.17
CA VAL A 500 -11.35 45.82 27.14
C VAL A 500 -11.35 45.19 28.53
N SER A 501 -11.61 43.89 28.59
CA SER A 501 -11.60 43.18 29.85
C SER A 501 -10.18 43.12 30.43
N GLN B 24 -19.03 -29.11 -45.58
CA GLN B 24 -17.59 -29.41 -45.59
C GLN B 24 -16.97 -28.73 -44.38
N VAL B 25 -16.44 -29.52 -43.45
CA VAL B 25 -15.82 -28.99 -42.25
C VAL B 25 -14.45 -29.61 -41.97
N SER B 26 -13.96 -30.49 -42.85
CA SER B 26 -12.68 -31.15 -42.59
C SER B 26 -11.51 -30.15 -42.68
N ASP B 27 -11.57 -29.25 -43.66
CA ASP B 27 -10.51 -28.26 -43.83
C ASP B 27 -11.01 -26.83 -43.90
N VAL B 28 -12.32 -26.61 -43.80
CA VAL B 28 -12.91 -25.28 -43.87
C VAL B 28 -13.76 -25.06 -42.63
N GLY B 29 -13.68 -23.85 -42.07
CA GLY B 29 -14.43 -23.49 -40.89
C GLY B 29 -15.28 -22.25 -41.13
N THR B 30 -16.08 -21.93 -40.13
CA THR B 30 -16.96 -20.77 -40.18
C THR B 30 -16.86 -20.02 -38.86
N VAL B 31 -16.69 -18.70 -38.94
CA VAL B 31 -16.49 -17.88 -37.75
C VAL B 31 -17.80 -17.76 -36.99
N ILE B 32 -17.71 -17.86 -35.66
CA ILE B 32 -18.86 -17.68 -34.78
C ILE B 32 -18.82 -16.34 -34.07
N GLN B 33 -17.71 -16.03 -33.40
CA GLN B 33 -17.58 -14.81 -32.62
C GLN B 33 -16.34 -14.05 -33.04
N VAL B 34 -16.46 -12.73 -33.10
CA VAL B 34 -15.33 -11.84 -33.37
C VAL B 34 -15.34 -10.74 -32.34
N GLY B 35 -14.18 -10.45 -31.77
CA GLY B 35 -14.09 -9.36 -30.82
C GLY B 35 -12.72 -9.21 -30.17
N ASP B 36 -12.24 -7.97 -30.10
CA ASP B 36 -11.00 -7.63 -29.39
C ASP B 36 -9.80 -8.38 -29.94
N GLY B 37 -9.84 -8.75 -31.23
CA GLY B 37 -8.74 -9.44 -31.85
C GLY B 37 -8.70 -10.94 -31.66
N ILE B 38 -9.75 -11.52 -31.09
CA ILE B 38 -9.84 -12.97 -30.90
C ILE B 38 -11.10 -13.47 -31.56
N ALA B 39 -10.98 -14.54 -32.33
CA ALA B 39 -12.10 -15.13 -33.06
C ALA B 39 -12.34 -16.55 -32.54
N ARG B 40 -13.45 -17.12 -32.98
CA ARG B 40 -13.83 -18.48 -32.65
C ARG B 40 -14.61 -19.07 -33.80
N ALA B 41 -14.19 -20.24 -34.29
CA ALA B 41 -14.71 -20.79 -35.52
C ALA B 41 -15.25 -22.20 -35.30
N HIS B 42 -16.28 -22.54 -36.08
CA HIS B 42 -16.87 -23.87 -36.07
C HIS B 42 -16.36 -24.66 -37.26
N GLY B 43 -16.04 -25.93 -37.02
CA GLY B 43 -15.49 -26.77 -38.07
C GLY B 43 -14.01 -26.99 -37.90
N LEU B 44 -13.28 -27.15 -39.01
CA LEU B 44 -11.84 -27.35 -38.99
C LEU B 44 -11.47 -28.58 -38.16
N ASP B 45 -11.97 -29.73 -38.60
CA ASP B 45 -11.73 -30.97 -37.86
C ASP B 45 -10.28 -31.42 -37.96
N ASN B 46 -9.62 -31.17 -39.07
CA ASN B 46 -8.25 -31.64 -39.29
C ASN B 46 -7.20 -30.62 -38.92
N VAL B 47 -7.58 -29.46 -38.37
CA VAL B 47 -6.59 -28.46 -37.98
C VAL B 47 -5.79 -28.98 -36.80
N MET B 48 -4.51 -28.61 -36.75
CA MET B 48 -3.63 -29.01 -35.67
C MET B 48 -3.25 -27.81 -34.82
N SER B 49 -2.92 -28.06 -33.56
CA SER B 49 -2.58 -26.99 -32.64
C SER B 49 -1.35 -26.24 -33.13
N GLY B 50 -1.44 -24.91 -33.14
CA GLY B 50 -0.37 -24.07 -33.63
C GLY B 50 -0.34 -23.84 -35.12
N GLU B 51 -1.35 -24.29 -35.85
CA GLU B 51 -1.39 -24.13 -37.29
C GLU B 51 -1.79 -22.72 -37.67
N LEU B 52 -1.34 -22.30 -38.86
CA LEU B 52 -1.78 -21.03 -39.44
C LEU B 52 -3.07 -21.23 -40.23
N VAL B 53 -4.01 -20.33 -40.04
CA VAL B 53 -5.27 -20.34 -40.78
C VAL B 53 -5.44 -18.99 -41.45
N GLU B 54 -6.15 -19.00 -42.58
CA GLU B 54 -6.37 -17.81 -43.38
C GLU B 54 -7.86 -17.52 -43.50
N PHE B 55 -8.24 -16.29 -43.21
CA PHE B 55 -9.62 -15.87 -43.36
C PHE B 55 -9.89 -15.49 -44.81
N ALA B 56 -11.17 -15.33 -45.13
CA ALA B 56 -11.55 -14.90 -46.47
C ALA B 56 -11.03 -13.50 -46.76
N ASN B 57 -10.88 -12.67 -45.73
CA ASN B 57 -10.33 -11.33 -45.87
C ASN B 57 -8.85 -11.33 -46.21
N GLY B 58 -8.17 -12.47 -46.08
CA GLY B 58 -6.75 -12.54 -46.33
C GLY B 58 -5.87 -12.36 -45.11
N VAL B 59 -6.45 -12.05 -43.95
CA VAL B 59 -5.68 -11.87 -42.73
C VAL B 59 -5.38 -13.24 -42.13
N MET B 60 -4.11 -13.49 -41.83
CA MET B 60 -3.71 -14.75 -41.25
C MET B 60 -4.12 -14.84 -39.78
N GLY B 61 -4.17 -16.06 -39.27
CA GLY B 61 -4.52 -16.30 -37.88
C GLY B 61 -3.84 -17.55 -37.36
N MET B 62 -3.83 -17.67 -36.03
CA MET B 62 -3.21 -18.80 -35.35
C MET B 62 -4.25 -19.48 -34.47
N ALA B 63 -4.28 -20.81 -34.51
CA ALA B 63 -5.22 -21.60 -33.72
C ALA B 63 -4.55 -22.01 -32.42
N LEU B 64 -5.04 -21.49 -31.30
CA LEU B 64 -4.50 -21.83 -29.99
C LEU B 64 -5.23 -23.01 -29.36
N ASN B 65 -6.54 -22.87 -29.16
CA ASN B 65 -7.34 -23.86 -28.46
C ASN B 65 -8.13 -24.68 -29.47
N LEU B 66 -8.10 -26.00 -29.31
CA LEU B 66 -8.92 -26.91 -30.09
C LEU B 66 -9.94 -27.52 -29.13
N GLU B 67 -11.06 -26.83 -28.95
CA GLU B 67 -12.10 -27.30 -28.05
C GLU B 67 -12.91 -28.41 -28.72
N GLU B 68 -13.91 -28.91 -27.99
CA GLU B 68 -14.67 -30.07 -28.47
C GLU B 68 -15.46 -29.73 -29.73
N ASN B 69 -16.04 -28.54 -29.80
CA ASN B 69 -16.91 -28.19 -30.92
C ASN B 69 -16.51 -26.90 -31.63
N ASN B 70 -15.49 -26.19 -31.14
CA ASN B 70 -15.07 -24.95 -31.77
C ASN B 70 -13.56 -24.79 -31.61
N VAL B 71 -13.00 -23.91 -32.43
CA VAL B 71 -11.56 -23.65 -32.45
C VAL B 71 -11.33 -22.18 -32.15
N GLY B 72 -10.48 -21.89 -31.17
CA GLY B 72 -10.13 -20.53 -30.83
C GLY B 72 -8.99 -20.05 -31.70
N ILE B 73 -9.18 -18.92 -32.36
CA ILE B 73 -8.23 -18.39 -33.34
C ILE B 73 -7.84 -16.97 -32.93
N VAL B 74 -6.55 -16.68 -33.01
CA VAL B 74 -6.02 -15.36 -32.72
C VAL B 74 -5.67 -14.69 -34.03
N ILE B 75 -6.19 -13.49 -34.24
CA ILE B 75 -6.07 -12.80 -35.53
C ILE B 75 -4.76 -12.02 -35.56
N LEU B 76 -3.94 -12.30 -36.56
CA LEU B 76 -2.65 -11.63 -36.72
C LEU B 76 -2.77 -10.49 -37.74
N GLY B 77 -3.50 -9.46 -37.32
CA GLY B 77 -3.69 -8.29 -38.15
C GLY B 77 -4.97 -7.55 -37.83
N PRO B 78 -5.40 -6.69 -38.76
CA PRO B 78 -6.64 -5.92 -38.55
C PRO B 78 -7.85 -6.84 -38.54
N TYR B 79 -8.61 -6.79 -37.45
CA TYR B 79 -9.79 -7.63 -37.29
C TYR B 79 -11.08 -6.87 -37.57
N THR B 80 -11.00 -5.68 -38.16
CA THR B 80 -12.22 -4.94 -38.48
C THR B 80 -12.98 -5.58 -39.63
N GLY B 81 -12.27 -6.12 -40.62
CA GLY B 81 -12.88 -6.69 -41.79
C GLY B 81 -13.43 -8.09 -41.63
N ILE B 82 -13.29 -8.70 -40.45
CA ILE B 82 -13.76 -10.05 -40.19
C ILE B 82 -15.13 -9.96 -39.52
N LYS B 83 -16.08 -10.71 -40.04
CA LYS B 83 -17.45 -10.71 -39.54
C LYS B 83 -17.91 -12.15 -39.32
N GLU B 84 -18.90 -12.30 -38.44
CA GLU B 84 -19.47 -13.62 -38.19
C GLU B 84 -20.11 -14.17 -39.45
N GLY B 85 -19.85 -15.44 -39.73
CA GLY B 85 -20.29 -16.07 -40.95
C GLY B 85 -19.23 -16.22 -42.01
N ASP B 86 -18.08 -15.56 -41.84
CA ASP B 86 -16.98 -15.71 -42.78
C ASP B 86 -16.36 -17.09 -42.66
N GLU B 87 -15.68 -17.51 -43.72
CA GLU B 87 -15.06 -18.83 -43.76
C GLU B 87 -13.59 -18.75 -43.39
N VAL B 88 -13.10 -19.83 -42.80
CA VAL B 88 -11.69 -19.98 -42.42
C VAL B 88 -11.14 -21.19 -43.16
N ARG B 89 -9.94 -21.05 -43.69
CA ARG B 89 -9.34 -22.08 -44.53
C ARG B 89 -8.00 -22.51 -43.95
N ARG B 90 -7.77 -23.82 -43.94
CA ARG B 90 -6.53 -24.37 -43.42
C ARG B 90 -5.37 -24.06 -44.36
N THR B 91 -4.16 -24.02 -43.79
CA THR B 91 -2.95 -23.86 -44.56
C THR B 91 -2.01 -25.06 -44.46
N GLY B 92 -2.14 -25.90 -43.44
CA GLY B 92 -1.32 -27.08 -43.30
C GLY B 92 0.07 -26.85 -42.78
N ARG B 93 0.43 -25.62 -42.43
CA ARG B 93 1.76 -25.28 -41.94
C ARG B 93 1.66 -24.75 -40.53
N ILE B 94 2.48 -25.30 -39.64
CA ILE B 94 2.64 -24.73 -38.31
C ILE B 94 3.26 -23.35 -38.45
N MET B 95 2.93 -22.45 -37.51
CA MET B 95 3.36 -21.06 -37.53
C MET B 95 4.82 -20.93 -37.94
N GLU B 96 5.06 -20.17 -39.02
CA GLU B 96 6.38 -20.13 -39.65
C GLU B 96 6.64 -18.72 -40.16
N VAL B 97 7.91 -18.44 -40.41
CA VAL B 97 8.33 -17.18 -41.02
C VAL B 97 9.32 -17.45 -42.14
N PRO B 98 9.30 -16.69 -43.23
CA PRO B 98 10.33 -16.85 -44.26
C PRO B 98 11.68 -16.37 -43.75
N VAL B 99 12.73 -16.97 -44.29
CA VAL B 99 14.09 -16.64 -43.86
C VAL B 99 15.04 -16.96 -45.00
N GLY B 100 16.14 -16.22 -45.06
CA GLY B 100 17.14 -16.44 -46.09
C GLY B 100 18.03 -15.24 -46.24
N GLU B 101 18.96 -15.35 -47.19
CA GLU B 101 19.87 -14.25 -47.46
C GLU B 101 19.16 -13.06 -48.08
N ALA B 102 18.03 -13.28 -48.75
CA ALA B 102 17.28 -12.22 -49.40
C ALA B 102 16.62 -11.28 -48.41
N LEU B 103 16.61 -11.60 -47.12
CA LEU B 103 15.96 -10.80 -46.11
C LEU B 103 16.86 -9.68 -45.56
N ILE B 104 18.11 -9.62 -45.99
CA ILE B 104 19.05 -8.62 -45.47
C ILE B 104 18.81 -7.30 -46.17
N GLY B 105 18.80 -6.22 -45.39
CA GLY B 105 18.56 -4.89 -45.93
C GLY B 105 17.11 -4.52 -46.10
N ARG B 106 16.19 -5.32 -45.58
CA ARG B 106 14.76 -5.08 -45.73
C ARG B 106 14.13 -4.81 -44.36
N VAL B 107 12.96 -4.19 -44.40
CA VAL B 107 12.15 -3.94 -43.21
C VAL B 107 10.86 -4.73 -43.36
N VAL B 108 10.59 -5.62 -42.40
CA VAL B 108 9.47 -6.55 -42.50
C VAL B 108 8.71 -6.59 -41.18
N ASN B 109 7.48 -7.05 -41.24
CA ASN B 109 6.66 -7.28 -40.07
C ASN B 109 6.93 -8.67 -39.52
N PRO B 110 6.36 -9.02 -38.36
CA PRO B 110 6.62 -10.36 -37.80
C PRO B 110 6.20 -11.50 -38.70
N LEU B 111 5.32 -11.27 -39.67
CA LEU B 111 4.91 -12.30 -40.61
C LEU B 111 5.85 -12.41 -41.81
N GLY B 112 6.87 -11.56 -41.89
CA GLY B 112 7.80 -11.59 -43.00
C GLY B 112 7.37 -10.81 -44.23
N GLN B 113 6.24 -10.12 -44.18
CA GLN B 113 5.80 -9.32 -45.31
C GLN B 113 6.62 -8.02 -45.37
N PRO B 114 7.10 -7.62 -46.54
CA PRO B 114 7.86 -6.38 -46.63
C PRO B 114 7.01 -5.18 -46.26
N VAL B 115 7.65 -4.19 -45.63
CA VAL B 115 6.94 -3.01 -45.14
C VAL B 115 7.50 -1.76 -45.80
N ASP B 116 8.78 -1.80 -46.17
CA ASP B 116 9.43 -0.65 -46.77
C ASP B 116 9.08 -0.48 -48.24
N GLY B 117 8.45 -1.45 -48.87
CA GLY B 117 8.22 -1.42 -50.29
C GLY B 117 9.36 -2.11 -51.03
N LEU B 118 9.89 -1.46 -52.06
CA LEU B 118 11.05 -1.93 -52.81
C LEU B 118 10.83 -3.31 -53.41
N GLY B 119 9.58 -3.73 -53.57
CA GLY B 119 9.28 -5.03 -54.12
C GLY B 119 9.24 -6.11 -53.06
N PRO B 120 8.82 -7.31 -53.46
CA PRO B 120 8.68 -8.41 -52.48
C PRO B 120 10.01 -9.02 -52.09
N VAL B 121 9.96 -10.09 -51.30
CA VAL B 121 11.15 -10.78 -50.82
C VAL B 121 11.17 -12.17 -51.45
N GLU B 122 12.35 -12.58 -51.93
CA GLU B 122 12.50 -13.81 -52.68
C GLU B 122 13.06 -14.95 -51.82
N THR B 123 12.69 -15.00 -50.55
CA THR B 123 13.11 -16.10 -49.70
C THR B 123 12.50 -17.42 -50.18
N THR B 124 13.24 -18.50 -49.99
CA THR B 124 12.81 -19.82 -50.45
C THR B 124 12.80 -20.86 -49.33
N GLU B 125 12.92 -20.45 -48.07
CA GLU B 125 12.92 -21.38 -46.95
C GLU B 125 12.11 -20.78 -45.80
N THR B 126 11.67 -21.65 -44.90
CA THR B 126 10.88 -21.24 -43.76
C THR B 126 11.39 -21.94 -42.51
N ARG B 127 11.15 -21.31 -41.36
CA ARG B 127 11.50 -21.85 -40.06
C ARG B 127 10.32 -21.72 -39.11
N PRO B 128 10.14 -22.67 -38.20
CA PRO B 128 9.04 -22.57 -37.24
C PRO B 128 9.31 -21.51 -36.18
N ILE B 129 8.22 -20.89 -35.72
CA ILE B 129 8.33 -19.91 -34.64
C ILE B 129 8.72 -20.58 -33.34
N GLU B 130 8.07 -21.68 -33.01
CA GLU B 130 8.37 -22.42 -31.78
C GLU B 130 9.36 -23.54 -32.10
N SER B 131 10.61 -23.35 -31.68
CA SER B 131 11.65 -24.33 -31.93
C SER B 131 12.40 -24.61 -30.63
N PRO B 132 12.85 -25.84 -30.43
CA PRO B 132 13.60 -26.15 -29.21
C PRO B 132 14.96 -25.45 -29.18
N ALA B 133 15.39 -25.10 -27.97
CA ALA B 133 16.69 -24.50 -27.77
C ALA B 133 17.79 -25.57 -27.85
N PRO B 134 19.03 -25.16 -28.12
CA PRO B 134 20.13 -26.13 -28.10
C PRO B 134 20.27 -26.78 -26.73
N GLY B 135 20.62 -28.06 -26.74
CA GLY B 135 20.70 -28.83 -25.52
C GLY B 135 21.96 -28.55 -24.72
N VAL B 136 22.12 -29.30 -23.64
CA VAL B 136 23.28 -29.13 -22.76
C VAL B 136 24.57 -29.49 -23.51
N MET B 137 24.54 -30.59 -24.26
CA MET B 137 25.74 -31.06 -24.94
C MET B 137 26.03 -30.33 -26.25
N ASP B 138 25.12 -29.48 -26.70
CA ASP B 138 25.30 -28.75 -27.95
C ASP B 138 25.96 -27.39 -27.76
N ARG B 139 26.23 -26.99 -26.53
CA ARG B 139 26.72 -25.64 -26.25
C ARG B 139 28.21 -25.65 -25.92
N ARG B 140 28.80 -24.46 -25.98
CA ARG B 140 30.21 -24.27 -25.69
C ARG B 140 30.36 -22.99 -24.88
N SER B 141 31.45 -22.91 -24.11
CA SER B 141 31.71 -21.71 -23.32
C SER B 141 32.02 -20.53 -24.22
N VAL B 142 31.63 -19.34 -23.77
CA VAL B 142 31.82 -18.13 -24.55
C VAL B 142 33.27 -17.68 -24.43
N HIS B 143 33.92 -17.49 -25.58
CA HIS B 143 35.33 -17.10 -25.58
C HIS B 143 35.69 -16.05 -26.62
N GLU B 144 34.72 -15.49 -27.35
CA GLU B 144 35.01 -14.51 -28.39
C GLU B 144 34.36 -13.18 -28.03
N PRO B 145 35.10 -12.07 -28.09
CA PRO B 145 34.53 -10.78 -27.68
C PRO B 145 33.59 -10.19 -28.71
N LEU B 146 32.57 -9.51 -28.21
CA LEU B 146 31.66 -8.71 -29.03
C LEU B 146 32.00 -7.25 -28.79
N GLN B 147 32.59 -6.60 -29.79
CA GLN B 147 33.02 -5.22 -29.66
C GLN B 147 31.85 -4.29 -29.95
N THR B 148 31.40 -3.56 -28.93
CA THR B 148 30.30 -2.62 -29.07
C THR B 148 30.74 -1.24 -29.54
N GLY B 149 32.04 -0.95 -29.51
CA GLY B 149 32.51 0.36 -29.89
C GLY B 149 32.29 1.44 -28.85
N ILE B 150 31.85 1.08 -27.65
CA ILE B 150 31.63 2.02 -26.57
C ILE B 150 32.64 1.74 -25.48
N LYS B 151 33.39 2.77 -25.08
CA LYS B 151 34.51 2.58 -24.16
C LYS B 151 34.03 2.05 -22.82
N ALA B 152 32.96 2.65 -22.27
CA ALA B 152 32.50 2.25 -20.95
C ALA B 152 32.07 0.79 -20.92
N ILE B 153 31.29 0.37 -21.91
CA ILE B 153 30.82 -1.02 -21.95
C ILE B 153 31.98 -1.96 -22.18
N ASP B 154 32.82 -1.67 -23.17
CA ASP B 154 33.92 -2.57 -23.51
C ASP B 154 34.97 -2.63 -22.40
N ALA B 155 35.02 -1.65 -21.50
CA ALA B 155 35.99 -1.66 -20.43
C ALA B 155 35.46 -2.25 -19.14
N LEU B 156 34.20 -1.98 -18.79
CA LEU B 156 33.67 -2.41 -17.51
C LEU B 156 32.73 -3.60 -17.60
N VAL B 157 31.92 -3.69 -18.65
CA VAL B 157 30.96 -4.78 -18.79
C VAL B 157 31.18 -5.43 -20.16
N PRO B 158 32.22 -6.23 -20.34
CA PRO B 158 32.47 -6.83 -21.64
C PRO B 158 31.37 -7.82 -22.03
N ILE B 159 31.14 -7.93 -23.33
CA ILE B 159 30.11 -8.79 -23.90
C ILE B 159 30.78 -9.77 -24.85
N GLY B 160 30.49 -11.05 -24.67
CA GLY B 160 31.04 -12.08 -25.54
C GLY B 160 30.00 -12.63 -26.50
N ARG B 161 30.45 -13.23 -27.59
CA ARG B 161 29.53 -13.80 -28.56
C ARG B 161 28.86 -15.03 -27.97
N GLY B 162 27.53 -15.07 -28.03
CA GLY B 162 26.76 -16.11 -27.39
C GLY B 162 26.22 -15.74 -26.02
N GLN B 163 26.36 -14.49 -25.61
CA GLN B 163 25.93 -14.03 -24.30
C GLN B 163 24.61 -13.29 -24.39
N ARG B 164 23.78 -13.45 -23.35
CA ARG B 164 22.53 -12.70 -23.21
C ARG B 164 22.77 -11.61 -22.18
N GLU B 165 22.85 -10.36 -22.64
CA GLU B 165 23.13 -9.22 -21.79
C GLU B 165 21.93 -8.29 -21.78
N LEU B 166 21.45 -7.95 -20.59
CA LEU B 166 20.27 -7.10 -20.43
C LEU B 166 20.69 -5.65 -20.29
N ILE B 167 20.06 -4.77 -21.06
CA ILE B 167 20.24 -3.33 -20.93
C ILE B 167 18.97 -2.78 -20.31
N ILE B 168 19.08 -2.28 -19.08
CA ILE B 168 17.92 -1.89 -18.28
C ILE B 168 18.11 -0.45 -17.81
N GLY B 169 17.04 0.33 -17.89
CA GLY B 169 17.10 1.71 -17.47
C GLY B 169 15.74 2.36 -17.62
N ASP B 170 15.66 3.60 -17.18
CA ASP B 170 14.42 4.36 -17.26
C ASP B 170 14.19 4.82 -18.70
N ARG B 171 13.06 5.48 -18.90
CA ARG B 171 12.72 6.03 -20.20
C ARG B 171 13.69 7.17 -20.55
N GLN B 172 13.79 7.44 -21.85
CA GLN B 172 14.66 8.48 -22.42
C GLN B 172 16.03 8.50 -21.76
N THR B 173 16.74 7.37 -21.88
CA THR B 173 18.11 7.24 -21.38
C THR B 173 19.05 6.71 -22.46
N GLY B 174 18.65 6.77 -23.74
CA GLY B 174 19.56 6.44 -24.82
C GLY B 174 19.80 4.98 -25.05
N LYS B 175 18.89 4.09 -24.62
CA LYS B 175 19.08 2.67 -24.87
C LYS B 175 19.08 2.35 -26.36
N THR B 176 18.16 2.97 -27.10
CA THR B 176 18.14 2.77 -28.55
C THR B 176 19.39 3.34 -29.20
N SER B 177 19.93 4.44 -28.67
CA SER B 177 21.18 4.97 -29.19
C SER B 177 22.33 4.00 -28.96
N VAL B 178 22.38 3.37 -27.79
CA VAL B 178 23.40 2.37 -27.52
C VAL B 178 23.27 1.20 -28.49
N ALA B 179 22.03 0.74 -28.72
CA ALA B 179 21.81 -0.36 -29.66
C ALA B 179 22.25 0.02 -31.07
N ILE B 180 21.95 1.23 -31.51
CA ILE B 180 22.32 1.67 -32.84
C ILE B 180 23.84 1.75 -32.98
N ASP B 181 24.51 2.28 -31.97
CA ASP B 181 25.97 2.33 -32.01
C ASP B 181 26.58 0.94 -32.07
N THR B 182 26.04 0.02 -31.27
CA THR B 182 26.54 -1.35 -31.28
C THR B 182 26.35 -1.99 -32.65
N ILE B 183 25.19 -1.77 -33.27
CA ILE B 183 24.95 -2.33 -34.60
C ILE B 183 25.91 -1.72 -35.62
N ILE B 184 26.12 -0.39 -35.54
CA ILE B 184 26.99 0.27 -36.51
C ILE B 184 28.41 -0.22 -36.39
N ASN B 185 28.87 -0.50 -35.17
CA ASN B 185 30.25 -0.91 -34.96
C ASN B 185 30.60 -2.25 -35.58
N GLN B 186 29.61 -3.03 -36.01
CA GLN B 186 29.84 -4.34 -36.60
C GLN B 186 30.14 -4.29 -38.09
N LYS B 187 30.61 -3.15 -38.60
CA LYS B 187 30.74 -2.99 -40.05
C LYS B 187 31.75 -3.96 -40.65
N ASP B 188 32.96 -4.01 -40.10
CA ASP B 188 34.02 -4.82 -40.66
C ASP B 188 34.12 -6.21 -40.05
N GLN B 189 33.30 -6.50 -39.03
CA GLN B 189 33.35 -7.80 -38.36
C GLN B 189 32.35 -8.76 -38.99
N ASN B 190 32.66 -10.05 -38.90
CA ASN B 190 31.83 -11.09 -39.51
C ASN B 190 30.62 -11.34 -38.63
N MET B 191 29.73 -10.34 -38.59
CA MET B 191 28.55 -10.38 -37.75
C MET B 191 27.34 -9.92 -38.56
N ILE B 192 26.19 -10.52 -38.29
CA ILE B 192 24.93 -10.15 -38.91
C ILE B 192 24.01 -9.64 -37.81
N SER B 193 23.46 -8.44 -38.00
CA SER B 193 22.65 -7.78 -36.99
C SER B 193 21.18 -7.89 -37.34
N ILE B 194 20.34 -8.10 -36.33
CA ILE B 194 18.89 -8.10 -36.49
C ILE B 194 18.31 -7.17 -35.43
N TYR B 195 17.56 -6.17 -35.88
CA TYR B 195 16.97 -5.19 -34.99
C TYR B 195 15.46 -5.42 -34.95
N VAL B 196 14.93 -5.62 -33.75
CA VAL B 196 13.51 -5.88 -33.54
C VAL B 196 12.94 -4.74 -32.70
N ALA B 197 11.92 -4.07 -33.23
CA ALA B 197 11.27 -2.96 -32.55
C ALA B 197 9.86 -3.38 -32.14
N ILE B 198 9.58 -3.35 -30.85
CA ILE B 198 8.29 -3.74 -30.31
C ILE B 198 7.66 -2.51 -29.67
N GLY B 199 6.47 -2.15 -30.13
CA GLY B 199 5.73 -1.05 -29.54
C GLY B 199 6.37 0.30 -29.70
N GLN B 200 7.32 0.46 -30.61
CA GLN B 200 7.97 1.74 -30.84
C GLN B 200 7.17 2.58 -31.83
N LYS B 201 7.43 3.88 -31.80
CA LYS B 201 6.78 4.79 -32.73
C LYS B 201 7.32 4.57 -34.13
N GLU B 202 6.41 4.54 -35.11
CA GLU B 202 6.82 4.26 -36.49
C GLU B 202 7.73 5.34 -37.02
N SER B 203 7.53 6.60 -36.62
CA SER B 203 8.44 7.66 -37.01
C SER B 203 9.84 7.41 -36.45
N THR B 204 9.92 6.97 -35.20
CA THR B 204 11.22 6.64 -34.60
C THR B 204 11.89 5.50 -35.36
N VAL B 205 11.13 4.47 -35.72
CA VAL B 205 11.70 3.37 -36.49
C VAL B 205 12.19 3.85 -37.84
N ARG B 206 11.42 4.75 -38.47
CA ARG B 206 11.81 5.30 -39.76
C ARG B 206 13.13 6.06 -39.65
N THR B 207 13.26 6.90 -38.62
CA THR B 207 14.50 7.65 -38.43
C THR B 207 15.68 6.72 -38.15
N VAL B 208 15.45 5.67 -37.36
CA VAL B 208 16.51 4.71 -37.07
C VAL B 208 16.97 4.01 -38.34
N VAL B 209 16.02 3.58 -39.18
CA VAL B 209 16.36 2.92 -40.44
C VAL B 209 17.12 3.88 -41.34
N GLU B 210 16.71 5.14 -41.37
CA GLU B 210 17.41 6.13 -42.19
C GLU B 210 18.85 6.33 -41.70
N THR B 211 19.04 6.39 -40.38
CA THR B 211 20.40 6.53 -39.85
C THR B 211 21.25 5.32 -40.19
N LEU B 212 20.68 4.12 -40.07
CA LEU B 212 21.42 2.91 -40.44
C LEU B 212 21.80 2.92 -41.92
N ARG B 213 20.87 3.34 -42.78
CA ARG B 213 21.18 3.43 -44.20
C ARG B 213 22.28 4.45 -44.46
N LYS B 214 22.23 5.58 -43.77
CA LYS B 214 23.26 6.61 -43.96
C LYS B 214 24.63 6.09 -43.55
N HIS B 215 24.72 5.39 -42.43
CA HIS B 215 26.00 4.87 -41.98
C HIS B 215 26.41 3.58 -42.68
N GLY B 216 25.52 2.98 -43.49
CA GLY B 216 25.88 1.83 -44.27
C GLY B 216 25.66 0.50 -43.58
N ALA B 217 24.87 0.46 -42.51
CA ALA B 217 24.64 -0.78 -41.79
C ALA B 217 23.58 -1.66 -42.44
N LEU B 218 22.86 -1.16 -43.45
CA LEU B 218 21.84 -1.97 -44.10
C LEU B 218 22.42 -3.10 -44.93
N ASP B 219 23.73 -3.12 -45.17
CA ASP B 219 24.33 -4.21 -45.93
C ASP B 219 24.34 -5.51 -45.14
N TYR B 220 24.20 -5.45 -43.81
CA TYR B 220 24.29 -6.65 -43.01
C TYR B 220 23.26 -6.68 -41.87
N THR B 221 22.16 -5.94 -41.99
CA THR B 221 21.18 -5.88 -40.92
C THR B 221 19.78 -6.16 -41.46
N ILE B 222 18.93 -6.69 -40.59
CA ILE B 222 17.52 -6.94 -40.88
C ILE B 222 16.69 -6.26 -39.80
N VAL B 223 15.64 -5.56 -40.21
CA VAL B 223 14.79 -4.81 -39.29
C VAL B 223 13.41 -5.45 -39.27
N VAL B 224 12.94 -5.77 -38.06
CA VAL B 224 11.60 -6.29 -37.84
C VAL B 224 10.85 -5.29 -36.99
N THR B 225 9.69 -4.85 -37.47
CA THR B 225 8.96 -3.74 -36.86
C THR B 225 7.56 -4.18 -36.46
N ALA B 226 7.10 -3.65 -35.32
CA ALA B 226 5.72 -3.83 -34.88
C ALA B 226 5.36 -2.59 -34.06
N SER B 227 4.69 -1.64 -34.70
CA SER B 227 4.40 -0.36 -34.05
C SER B 227 3.35 -0.53 -32.96
N ALA B 228 3.14 0.55 -32.21
CA ALA B 228 2.15 0.53 -31.14
C ALA B 228 0.73 0.43 -31.68
N SER B 229 0.50 0.92 -32.90
CA SER B 229 -0.83 0.84 -33.49
C SER B 229 -1.19 -0.58 -33.92
N GLN B 230 -0.21 -1.47 -34.02
CA GLN B 230 -0.49 -2.84 -34.41
C GLN B 230 -1.23 -3.57 -33.29
N PRO B 231 -2.00 -4.59 -33.62
CA PRO B 231 -2.69 -5.37 -32.59
C PRO B 231 -1.70 -6.12 -31.71
N ALA B 232 -2.17 -6.47 -30.52
CA ALA B 232 -1.34 -7.15 -29.53
C ALA B 232 -0.68 -8.44 -30.03
N PRO B 233 -1.33 -9.30 -30.82
CA PRO B 233 -0.66 -10.53 -31.26
C PRO B 233 0.62 -10.29 -32.04
N LEU B 234 0.68 -9.27 -32.89
CA LEU B 234 1.89 -9.01 -33.65
C LEU B 234 3.03 -8.56 -32.73
N LEU B 235 2.73 -7.72 -31.75
CA LEU B 235 3.73 -7.33 -30.77
C LEU B 235 4.20 -8.54 -29.96
N PHE B 236 3.29 -9.46 -29.67
CA PHE B 236 3.65 -10.66 -28.93
C PHE B 236 4.51 -11.60 -29.77
N LEU B 237 4.33 -11.60 -31.09
CA LEU B 237 5.04 -12.53 -31.96
C LEU B 237 6.34 -11.99 -32.54
N ALA B 238 6.55 -10.68 -32.51
CA ALA B 238 7.73 -10.10 -33.16
C ALA B 238 9.06 -10.69 -32.67
N PRO B 239 9.34 -10.77 -31.35
CA PRO B 239 10.65 -11.29 -30.95
C PRO B 239 10.91 -12.73 -31.39
N TYR B 240 9.86 -13.56 -31.41
CA TYR B 240 10.04 -14.93 -31.88
C TYR B 240 10.37 -14.97 -33.35
N ALA B 241 9.74 -14.10 -34.15
CA ALA B 241 10.10 -14.00 -35.56
C ALA B 241 11.56 -13.58 -35.71
N GLY B 242 12.00 -12.61 -34.92
CA GLY B 242 13.39 -12.17 -35.01
C GLY B 242 14.37 -13.27 -34.67
N VAL B 243 14.11 -14.00 -33.59
CA VAL B 243 15.02 -15.06 -33.20
C VAL B 243 14.98 -16.22 -34.19
N ALA B 244 13.81 -16.47 -34.80
CA ALA B 244 13.73 -17.50 -35.82
C ALA B 244 14.54 -17.12 -37.05
N MET B 245 14.50 -15.84 -37.43
CA MET B 245 15.35 -15.39 -38.53
C MET B 245 16.82 -15.52 -38.18
N GLY B 246 17.18 -15.21 -36.93
CA GLY B 246 18.57 -15.32 -36.53
C GLY B 246 19.08 -16.76 -36.49
N GLU B 247 18.22 -17.70 -36.10
CA GLU B 247 18.65 -19.08 -35.95
C GLU B 247 19.08 -19.70 -37.27
N TYR B 248 18.47 -19.27 -38.37
CA TYR B 248 18.85 -19.80 -39.68
C TYR B 248 20.31 -19.49 -40.00
N PHE B 249 20.75 -18.28 -39.69
CA PHE B 249 22.16 -17.95 -39.88
C PHE B 249 23.02 -18.62 -38.82
N MET B 250 22.51 -18.72 -37.59
CA MET B 250 23.30 -19.32 -36.52
C MET B 250 23.66 -20.77 -36.83
N TYR B 251 22.70 -21.54 -37.34
CA TYR B 251 22.93 -22.96 -37.58
C TYR B 251 23.77 -23.24 -38.83
N LYS B 252 24.09 -22.22 -39.63
CA LYS B 252 24.96 -22.38 -40.77
C LYS B 252 26.42 -22.07 -40.44
N GLY B 253 26.73 -21.77 -39.18
CA GLY B 253 28.07 -21.44 -38.77
C GLY B 253 28.40 -19.97 -38.72
N LYS B 254 27.41 -19.09 -38.84
CA LYS B 254 27.63 -17.66 -38.80
C LYS B 254 27.31 -17.11 -37.41
N HIS B 255 27.54 -15.81 -37.24
CA HIS B 255 27.33 -15.13 -35.97
C HIS B 255 26.25 -14.07 -36.14
N VAL B 256 25.29 -14.05 -35.21
CA VAL B 256 24.13 -13.18 -35.30
C VAL B 256 24.02 -12.36 -34.03
N LEU B 257 23.69 -11.08 -34.19
CA LEU B 257 23.37 -10.20 -33.07
C LEU B 257 21.92 -9.78 -33.19
N VAL B 258 21.14 -10.02 -32.14
CA VAL B 258 19.71 -9.73 -32.12
C VAL B 258 19.43 -8.76 -30.99
N VAL B 259 18.62 -7.74 -31.27
CA VAL B 259 18.28 -6.71 -30.29
C VAL B 259 16.76 -6.66 -30.16
N TYR B 260 16.26 -6.98 -28.97
CA TYR B 260 14.84 -6.84 -28.65
C TYR B 260 14.65 -5.50 -27.95
N ASP B 261 13.75 -4.68 -28.46
CA ASP B 261 13.70 -3.28 -28.04
C ASP B 261 12.81 -3.03 -26.83
N ASP B 262 11.74 -3.81 -26.66
CA ASP B 262 10.94 -3.67 -25.43
C ASP B 262 10.30 -5.02 -25.09
N LEU B 263 11.01 -5.81 -24.28
CA LEU B 263 10.38 -6.99 -23.71
C LEU B 263 9.30 -6.60 -22.73
N SER B 264 9.40 -5.43 -22.11
CA SER B 264 8.32 -4.94 -21.26
C SER B 264 7.06 -4.71 -22.07
N LYS B 265 7.18 -4.11 -23.26
CA LYS B 265 6.02 -3.90 -24.11
C LYS B 265 5.47 -5.23 -24.64
N GLN B 266 6.36 -6.17 -24.96
CA GLN B 266 5.88 -7.49 -25.35
C GLN B 266 5.10 -8.15 -24.22
N ALA B 267 5.60 -8.03 -22.98
CA ALA B 267 4.91 -8.60 -21.84
C ALA B 267 3.56 -7.94 -21.63
N ALA B 268 3.48 -6.62 -21.82
CA ALA B 268 2.20 -5.93 -21.70
C ALA B 268 1.22 -6.43 -22.75
N ALA B 269 1.68 -6.62 -23.99
CA ALA B 269 0.81 -7.16 -25.03
C ALA B 269 0.32 -8.56 -24.68
N TYR B 270 1.23 -9.41 -24.17
CA TYR B 270 0.82 -10.76 -23.79
C TYR B 270 -0.16 -10.74 -22.63
N ARG B 271 0.03 -9.83 -21.67
CA ARG B 271 -0.92 -9.70 -20.57
C ARG B 271 -2.29 -9.28 -21.09
N GLU B 272 -2.32 -8.34 -22.04
CA GLU B 272 -3.58 -7.93 -22.63
C GLU B 272 -4.28 -9.10 -23.31
N LEU B 273 -3.53 -9.89 -24.09
CA LEU B 273 -4.12 -11.04 -24.76
C LEU B 273 -4.64 -12.07 -23.76
N SER B 274 -3.86 -12.35 -22.71
CA SER B 274 -4.27 -13.33 -21.72
C SER B 274 -5.54 -12.89 -20.99
N LEU B 275 -5.62 -11.61 -20.62
CA LEU B 275 -6.82 -11.12 -19.96
C LEU B 275 -8.01 -11.10 -20.90
N LEU B 276 -7.78 -10.86 -22.19
CA LEU B 276 -8.87 -10.97 -23.16
C LEU B 276 -9.34 -12.40 -23.30
N LEU B 277 -8.46 -13.37 -23.09
CA LEU B 277 -8.83 -14.78 -23.12
C LEU B 277 -9.40 -15.27 -21.79
N ARG B 278 -9.73 -14.36 -20.88
CA ARG B 278 -10.34 -14.67 -19.58
C ARG B 278 -9.44 -15.52 -18.68
N ARG B 279 -8.14 -15.55 -18.95
CA ARG B 279 -7.25 -16.28 -18.07
C ARG B 279 -7.00 -15.48 -16.79
N PRO B 280 -6.92 -16.15 -15.64
CA PRO B 280 -6.78 -15.43 -14.37
C PRO B 280 -5.42 -14.78 -14.26
N PRO B 281 -5.35 -13.55 -13.73
CA PRO B 281 -4.06 -12.87 -13.61
C PRO B 281 -3.35 -13.20 -12.31
N GLY B 282 -2.16 -12.64 -12.13
CA GLY B 282 -1.40 -12.85 -10.91
C GLY B 282 -0.76 -11.57 -10.41
N ARG B 283 0.55 -11.62 -10.17
CA ARG B 283 1.29 -10.44 -9.73
C ARG B 283 1.22 -9.35 -10.79
N GLU B 284 0.77 -8.15 -10.38
CA GLU B 284 0.64 -7.00 -11.27
C GLU B 284 -0.23 -7.32 -12.48
N ALA B 285 -1.24 -8.16 -12.28
CA ALA B 285 -2.19 -8.57 -13.31
C ALA B 285 -1.53 -9.35 -14.45
N TYR B 286 -0.26 -9.71 -14.32
CA TYR B 286 0.41 -10.50 -15.33
C TYR B 286 0.00 -11.97 -15.23
N PRO B 287 -0.02 -12.69 -16.36
CA PRO B 287 -0.37 -14.11 -16.31
C PRO B 287 0.70 -14.93 -15.62
N GLY B 288 0.37 -16.19 -15.36
CA GLY B 288 1.28 -17.06 -14.65
C GLY B 288 2.55 -17.37 -15.43
N ASP B 289 2.42 -17.56 -16.75
CA ASP B 289 3.53 -17.97 -17.60
C ASP B 289 4.28 -16.79 -18.21
N ILE B 290 4.25 -15.63 -17.58
CA ILE B 290 5.00 -14.50 -18.11
C ILE B 290 6.50 -14.76 -18.03
N PHE B 291 6.95 -15.54 -17.05
CA PHE B 291 8.36 -15.92 -16.98
C PHE B 291 8.70 -16.90 -18.09
N TYR B 292 7.84 -17.88 -18.33
CA TYR B 292 8.07 -18.84 -19.40
C TYR B 292 8.10 -18.15 -20.77
N LEU B 293 7.28 -17.11 -20.94
CA LEU B 293 7.26 -16.38 -22.20
C LEU B 293 8.64 -15.83 -22.54
N HIS B 294 9.31 -15.23 -21.57
CA HIS B 294 10.64 -14.67 -21.83
C HIS B 294 11.72 -15.75 -21.84
N SER B 295 11.59 -16.78 -21.01
CA SER B 295 12.61 -17.82 -20.97
C SER B 295 12.66 -18.60 -22.27
N ARG B 296 11.49 -18.96 -22.81
CA ARG B 296 11.42 -19.69 -24.07
C ARG B 296 12.12 -18.93 -25.19
N LEU B 297 12.08 -17.60 -25.15
CA LEU B 297 12.72 -16.79 -26.17
C LEU B 297 14.21 -16.63 -25.93
N LEU B 298 14.60 -16.27 -24.70
CA LEU B 298 15.99 -15.96 -24.40
C LEU B 298 16.86 -17.19 -24.27
N GLU B 299 16.28 -18.39 -24.15
CA GLU B 299 17.10 -19.59 -24.08
C GLU B 299 17.58 -20.06 -25.45
N ARG B 300 17.12 -19.44 -26.54
CA ARG B 300 17.53 -19.82 -27.87
C ARG B 300 18.82 -19.16 -28.32
N ALA B 301 19.31 -18.17 -27.56
CA ALA B 301 20.61 -17.57 -27.85
C ALA B 301 21.70 -18.35 -27.14
N ALA B 302 22.67 -18.84 -27.90
CA ALA B 302 23.71 -19.68 -27.34
C ALA B 302 24.92 -19.67 -28.25
N LYS B 303 26.01 -20.26 -27.77
CA LYS B 303 27.23 -20.45 -28.53
C LYS B 303 27.34 -21.94 -28.86
N LEU B 304 27.15 -22.28 -30.12
CA LEU B 304 27.15 -23.67 -30.53
C LEU B 304 28.55 -24.26 -30.45
N SER B 305 28.61 -25.57 -30.21
CA SER B 305 29.87 -26.27 -30.10
C SER B 305 30.47 -26.52 -31.48
N ASP B 306 31.73 -26.96 -31.49
CA ASP B 306 32.41 -27.25 -32.76
C ASP B 306 31.73 -28.39 -33.51
N ALA B 307 31.16 -29.34 -32.78
CA ALA B 307 30.42 -30.43 -33.43
C ALA B 307 29.19 -29.90 -34.15
N LYS B 308 28.47 -28.96 -33.52
CA LYS B 308 27.27 -28.39 -34.12
C LYS B 308 27.59 -27.35 -35.20
N GLY B 309 28.80 -26.81 -35.22
CA GLY B 309 29.17 -25.91 -36.29
C GLY B 309 29.91 -24.66 -35.85
N GLY B 310 29.85 -24.33 -34.57
CA GLY B 310 30.55 -23.18 -34.06
C GLY B 310 29.84 -21.86 -34.26
N GLY B 311 28.58 -21.86 -34.67
CA GLY B 311 27.83 -20.63 -34.79
C GLY B 311 27.40 -20.11 -33.43
N SER B 312 26.89 -18.88 -33.43
CA SER B 312 26.49 -18.26 -32.17
C SER B 312 25.44 -17.19 -32.44
N LEU B 313 24.56 -17.01 -31.47
CA LEU B 313 23.57 -15.94 -31.48
C LEU B 313 23.63 -15.24 -30.13
N THR B 314 23.76 -13.91 -30.16
CA THR B 314 23.82 -13.10 -28.95
C THR B 314 22.67 -12.11 -28.96
N ALA B 315 22.12 -11.85 -27.77
CA ALA B 315 20.93 -11.03 -27.62
C ALA B 315 21.17 -9.92 -26.63
N LEU B 316 20.56 -8.75 -26.90
CA LEU B 316 20.65 -7.59 -26.01
C LEU B 316 19.23 -7.10 -25.73
N PRO B 317 18.49 -7.81 -24.87
CA PRO B 317 17.14 -7.37 -24.55
C PRO B 317 17.11 -6.05 -23.80
N PHE B 318 16.04 -5.30 -24.01
CA PHE B 318 15.83 -4.01 -23.35
C PHE B 318 14.63 -4.10 -22.41
N VAL B 319 14.78 -3.54 -21.21
CA VAL B 319 13.70 -3.47 -20.24
C VAL B 319 13.65 -2.05 -19.69
N GLU B 320 12.45 -1.47 -19.65
CA GLU B 320 12.25 -0.13 -19.15
C GLU B 320 11.68 -0.17 -17.74
N THR B 321 12.31 0.56 -16.84
CA THR B 321 11.90 0.60 -15.44
C THR B 321 11.10 1.87 -15.15
N GLN B 322 10.45 1.87 -13.99
CA GLN B 322 9.70 3.02 -13.50
C GLN B 322 10.42 3.56 -12.27
N ALA B 323 10.99 4.77 -12.39
CA ALA B 323 11.71 5.43 -11.31
C ALA B 323 12.91 4.60 -10.83
N GLY B 324 13.54 3.88 -11.74
CA GLY B 324 14.75 3.14 -11.40
C GLY B 324 14.53 1.98 -10.47
N ASP B 325 13.35 1.39 -10.46
CA ASP B 325 13.04 0.28 -9.55
C ASP B 325 13.32 -1.04 -10.28
N ILE B 326 14.43 -1.69 -9.92
CA ILE B 326 14.77 -2.99 -10.50
C ILE B 326 14.18 -4.14 -9.70
N SER B 327 13.35 -3.86 -8.69
CA SER B 327 12.68 -4.89 -7.93
C SER B 327 11.32 -5.26 -8.48
N ALA B 328 10.95 -4.71 -9.64
CA ALA B 328 9.65 -4.99 -10.22
C ALA B 328 9.63 -6.39 -10.83
N TYR B 329 8.42 -6.85 -11.14
CA TYR B 329 8.20 -8.24 -11.54
C TYR B 329 8.95 -8.57 -12.84
N ILE B 330 8.73 -7.77 -13.88
CA ILE B 330 9.35 -8.00 -15.18
C ILE B 330 10.87 -7.82 -15.11
N PRO B 331 11.40 -6.75 -14.51
CA PRO B 331 12.86 -6.65 -14.38
C PRO B 331 13.48 -7.81 -13.63
N THR B 332 12.85 -8.27 -12.55
CA THR B 332 13.39 -9.42 -11.82
C THR B 332 13.35 -10.68 -12.67
N ASN B 333 12.25 -10.89 -13.40
CA ASN B 333 12.15 -12.06 -14.26
C ASN B 333 13.25 -12.05 -15.32
N VAL B 334 13.50 -10.91 -15.95
CA VAL B 334 14.52 -10.85 -16.99
C VAL B 334 15.91 -10.99 -16.40
N ILE B 335 16.15 -10.40 -15.22
CA ILE B 335 17.45 -10.53 -14.58
C ILE B 335 17.74 -11.99 -14.24
N SER B 336 16.71 -12.72 -13.81
CA SER B 336 16.91 -14.12 -13.46
C SER B 336 17.08 -15.03 -14.68
N ILE B 337 17.22 -14.49 -15.88
CA ILE B 337 17.39 -15.27 -17.10
C ILE B 337 18.70 -14.97 -17.79
N THR B 338 19.01 -13.68 -17.96
CA THR B 338 20.18 -13.28 -18.73
C THR B 338 21.47 -13.55 -17.95
N ASP B 339 22.59 -13.30 -18.62
CA ASP B 339 23.91 -13.50 -18.04
C ASP B 339 24.54 -12.21 -17.53
N GLY B 340 23.73 -11.30 -16.98
CA GLY B 340 24.24 -10.03 -16.52
C GLY B 340 23.38 -8.89 -17.02
N GLN B 341 23.59 -7.69 -16.48
CA GLN B 341 22.78 -6.55 -16.87
C GLN B 341 23.63 -5.29 -16.88
N ILE B 342 23.20 -4.32 -17.68
CA ILE B 342 23.82 -2.99 -17.74
C ILE B 342 22.75 -1.99 -17.34
N PHE B 343 23.01 -1.24 -16.27
CA PHE B 343 22.04 -0.29 -15.74
C PHE B 343 22.42 1.12 -16.15
N LEU B 344 21.47 1.84 -16.74
CA LEU B 344 21.68 3.20 -17.21
C LEU B 344 21.09 4.18 -16.20
N GLN B 345 21.91 5.12 -15.76
CA GLN B 345 21.54 6.01 -14.67
C GLN B 345 20.89 7.28 -15.21
N SER B 346 19.60 7.45 -14.91
CA SER B 346 18.85 8.57 -15.48
C SER B 346 19.34 9.92 -14.95
N ASP B 347 19.61 10.00 -13.64
CA ASP B 347 20.03 11.27 -13.06
C ASP B 347 21.39 11.70 -13.61
N LEU B 348 22.30 10.75 -13.80
CA LEU B 348 23.61 11.05 -14.36
C LEU B 348 23.58 11.07 -15.89
N PHE B 349 22.44 10.79 -16.50
CA PHE B 349 22.25 10.99 -17.94
C PHE B 349 22.15 12.49 -18.25
N PHE B 350 22.42 13.33 -17.25
CA PHE B 350 22.40 14.78 -17.45
C PHE B 350 23.38 15.21 -18.54
N SER B 351 24.47 14.47 -18.72
CA SER B 351 25.40 14.75 -19.80
C SER B 351 24.73 14.65 -21.17
N GLY B 352 23.68 13.84 -21.29
CA GLY B 352 22.89 13.80 -22.51
C GLY B 352 23.46 12.97 -23.63
N VAL B 353 24.71 13.25 -24.01
CA VAL B 353 25.28 12.61 -25.19
C VAL B 353 25.46 11.12 -24.96
N ARG B 354 25.97 10.73 -23.80
CA ARG B 354 26.18 9.33 -23.49
C ARG B 354 25.55 8.98 -22.15
N PRO B 355 24.85 7.85 -22.06
CA PRO B 355 24.31 7.43 -20.76
C PRO B 355 25.43 7.00 -19.83
N ALA B 356 25.17 7.14 -18.53
CA ALA B 356 26.13 6.77 -17.50
C ALA B 356 25.79 5.37 -17.01
N ILE B 357 26.74 4.45 -17.13
CA ILE B 357 26.54 3.07 -16.70
C ILE B 357 26.85 2.97 -15.22
N ASN B 358 25.83 2.65 -14.42
CA ASN B 358 26.00 2.50 -12.98
C ASN B 358 26.84 1.27 -12.70
N ALA B 359 28.10 1.47 -12.30
CA ALA B 359 29.00 0.34 -12.05
C ALA B 359 28.61 -0.45 -10.82
N GLY B 360 27.77 0.11 -9.95
CA GLY B 360 27.34 -0.62 -8.77
C GLY B 360 26.47 -1.82 -9.11
N LEU B 361 25.56 -1.66 -10.06
CA LEU B 361 24.62 -2.72 -10.43
C LEU B 361 25.01 -3.47 -11.68
N SER B 362 25.73 -2.83 -12.60
CA SER B 362 26.13 -3.48 -13.85
C SER B 362 27.14 -4.58 -13.58
N VAL B 363 26.99 -5.69 -14.29
CA VAL B 363 27.87 -6.84 -14.12
C VAL B 363 27.73 -7.73 -15.35
N SER B 364 28.82 -8.39 -15.72
CA SER B 364 28.84 -9.34 -16.82
C SER B 364 29.35 -10.68 -16.28
N ARG B 365 28.43 -11.61 -16.04
CA ARG B 365 28.81 -12.89 -15.44
C ARG B 365 29.68 -13.70 -16.38
N VAL B 366 29.34 -13.73 -17.67
CA VAL B 366 30.07 -14.55 -18.63
C VAL B 366 31.27 -13.80 -19.21
N GLY B 367 31.20 -12.47 -19.27
CA GLY B 367 32.30 -11.68 -19.81
C GLY B 367 33.57 -11.76 -18.99
N GLY B 368 34.60 -11.08 -19.45
CA GLY B 368 35.92 -11.19 -18.84
C GLY B 368 36.77 -12.25 -19.49
N ALA B 369 36.23 -13.46 -19.64
CA ALA B 369 36.93 -14.50 -20.37
C ALA B 369 36.98 -14.18 -21.86
N ALA B 370 35.94 -13.53 -22.39
CA ALA B 370 35.92 -13.18 -23.81
C ALA B 370 36.70 -11.91 -24.11
N GLN B 371 37.00 -11.10 -23.10
CA GLN B 371 37.73 -9.86 -23.32
C GLN B 371 39.15 -10.15 -23.82
N ILE B 372 39.64 -9.29 -24.71
CA ILE B 372 40.98 -9.49 -25.26
C ILE B 372 42.02 -9.30 -24.17
N LYS B 373 43.24 -9.78 -24.46
CA LYS B 373 44.28 -9.82 -23.45
C LYS B 373 44.69 -8.43 -22.98
N ALA B 374 44.82 -7.48 -23.92
CA ALA B 374 45.25 -6.14 -23.57
C ALA B 374 44.23 -5.45 -22.65
N MET B 375 42.95 -5.57 -22.97
CA MET B 375 41.93 -4.90 -22.17
C MET B 375 41.89 -5.45 -20.75
N LYS B 376 42.10 -6.76 -20.60
CA LYS B 376 42.16 -7.33 -19.26
C LYS B 376 43.33 -6.75 -18.47
N LYS B 377 44.45 -6.50 -19.14
CA LYS B 377 45.61 -5.91 -18.47
C LYS B 377 45.32 -4.46 -18.08
N VAL B 378 44.60 -3.73 -18.91
CA VAL B 378 44.51 -2.28 -18.74
C VAL B 378 43.34 -1.87 -17.85
N ALA B 379 42.17 -2.47 -18.01
CA ALA B 379 40.95 -1.98 -17.36
C ALA B 379 40.90 -2.28 -15.87
N GLY B 380 41.78 -3.13 -15.36
CA GLY B 380 41.70 -3.52 -13.96
C GLY B 380 41.88 -2.35 -13.01
N THR B 381 42.88 -1.50 -13.27
CA THR B 381 43.10 -0.35 -12.40
C THR B 381 42.08 0.76 -12.67
N LEU B 382 41.55 0.84 -13.89
CA LEU B 382 40.50 1.81 -14.18
C LEU B 382 39.25 1.51 -13.39
N ARG B 383 38.92 0.22 -13.23
CA ARG B 383 37.77 -0.15 -12.41
C ARG B 383 37.93 0.36 -10.99
N LEU B 384 39.12 0.13 -10.40
CA LEU B 384 39.37 0.58 -9.03
C LEU B 384 39.33 2.09 -8.93
N ASP B 385 39.90 2.79 -9.90
CA ASP B 385 39.88 4.25 -9.88
C ASP B 385 38.45 4.79 -9.91
N LEU B 386 37.62 4.24 -10.81
CA LEU B 386 36.24 4.71 -10.90
C LEU B 386 35.47 4.38 -9.62
N ALA B 387 35.67 3.19 -9.05
CA ALA B 387 34.98 2.84 -7.82
C ALA B 387 35.38 3.77 -6.68
N ALA B 388 36.68 4.05 -6.55
CA ALA B 388 37.14 4.95 -5.50
C ALA B 388 36.57 6.35 -5.69
N TYR B 389 36.55 6.85 -6.92
CA TYR B 389 35.98 8.18 -7.17
C TYR B 389 34.51 8.21 -6.81
N ARG B 390 33.75 7.18 -7.20
CA ARG B 390 32.32 7.20 -6.94
C ARG B 390 31.99 7.03 -5.47
N GLU B 391 32.83 6.31 -4.72
CA GLU B 391 32.60 6.21 -3.29
C GLU B 391 33.04 7.48 -2.56
N LEU B 392 34.08 8.17 -3.05
CA LEU B 392 34.55 9.38 -2.39
C LEU B 392 33.66 10.58 -2.68
N GLU B 393 33.01 10.62 -3.85
CA GLU B 393 32.23 11.79 -4.22
C GLU B 393 31.01 11.92 -3.30
N ALA B 394 30.22 12.96 -3.57
CA ALA B 394 29.02 13.31 -2.80
C ALA B 394 29.36 13.67 -1.35
N PHE B 395 30.51 14.31 -1.15
CA PHE B 395 30.85 14.88 0.15
C PHE B 395 30.48 16.35 0.28
N ALA B 396 29.95 16.96 -0.78
CA ALA B 396 29.51 18.35 -0.77
C ALA B 396 30.63 19.30 -0.33
N GLN B 397 31.79 19.16 -0.99
CA GLN B 397 32.94 20.05 -0.80
C GLN B 397 33.39 20.05 0.66
N PHE B 398 33.87 18.88 1.09
CA PHE B 398 34.44 18.74 2.42
C PHE B 398 35.69 19.61 2.54
N GLY B 399 35.94 20.10 3.75
CA GLY B 399 37.02 21.04 4.00
C GLY B 399 38.36 20.43 4.39
N SER B 400 38.40 19.14 4.73
CA SER B 400 39.66 18.54 5.18
C SER B 400 40.69 18.53 4.05
N ASP B 401 40.31 18.00 2.89
CA ASP B 401 41.15 18.00 1.68
C ASP B 401 42.52 17.36 1.95
N LEU B 402 42.50 16.16 2.53
CA LEU B 402 43.73 15.40 2.70
C LEU B 402 44.30 15.05 1.34
N ASP B 403 45.60 15.32 1.16
CA ASP B 403 46.22 15.23 -0.16
C ASP B 403 46.10 13.85 -0.77
N LYS B 404 46.78 12.86 -0.17
CA LYS B 404 46.86 11.54 -0.78
C LYS B 404 45.48 10.89 -0.88
N ALA B 405 44.66 11.04 0.16
CA ALA B 405 43.37 10.35 0.17
C ALA B 405 42.35 10.99 -0.77
N THR B 406 42.47 12.29 -1.01
CA THR B 406 41.40 13.00 -1.71
C THR B 406 41.82 13.59 -3.05
N GLN B 407 42.90 14.38 -3.09
CA GLN B 407 43.16 15.20 -4.27
C GLN B 407 43.50 14.34 -5.48
N ALA B 408 44.45 13.42 -5.33
CA ALA B 408 44.86 12.57 -6.45
C ALA B 408 43.70 11.69 -6.91
N LYS B 409 42.97 11.11 -5.96
CA LYS B 409 41.85 10.23 -6.32
C LYS B 409 40.75 11.00 -7.04
N LEU B 410 40.45 12.23 -6.60
CA LEU B 410 39.43 13.01 -7.26
C LEU B 410 39.87 13.43 -8.66
N ALA B 411 41.14 13.82 -8.82
CA ALA B 411 41.64 14.17 -10.15
C ALA B 411 41.59 12.97 -11.09
N ARG B 412 42.04 11.81 -10.60
CA ARG B 412 41.98 10.60 -11.41
C ARG B 412 40.55 10.24 -11.79
N GLY B 413 39.63 10.35 -10.84
CA GLY B 413 38.25 10.02 -11.13
C GLY B 413 37.61 10.96 -12.13
N ALA B 414 37.89 12.27 -12.00
CA ALA B 414 37.37 13.22 -12.97
C ALA B 414 37.93 12.94 -14.36
N ARG B 415 39.22 12.63 -14.45
CA ARG B 415 39.81 12.31 -15.75
C ARG B 415 39.23 11.03 -16.33
N THR B 416 38.99 10.02 -15.51
CA THR B 416 38.36 8.79 -15.99
C THR B 416 36.95 9.05 -16.49
N VAL B 417 36.18 9.86 -15.75
CA VAL B 417 34.82 10.18 -16.17
C VAL B 417 34.84 10.93 -17.51
N GLU B 418 35.77 11.87 -17.66
CA GLU B 418 35.90 12.58 -18.93
C GLU B 418 36.28 11.62 -20.06
N VAL B 419 37.17 10.68 -19.79
CA VAL B 419 37.59 9.73 -20.82
C VAL B 419 36.43 8.83 -21.25
N LEU B 420 35.62 8.39 -20.29
CA LEU B 420 34.53 7.47 -20.58
C LEU B 420 33.42 8.11 -21.41
N LYS B 421 33.42 9.43 -21.57
CA LYS B 421 32.44 10.07 -22.44
C LYS B 421 32.72 9.71 -23.89
N GLN B 422 31.69 9.87 -24.73
CA GLN B 422 31.78 9.48 -26.13
C GLN B 422 30.85 10.35 -26.94
N ASP B 423 31.09 10.39 -28.25
CA ASP B 423 30.22 11.14 -29.14
C ASP B 423 29.14 10.23 -29.72
N LEU B 424 28.02 10.84 -30.10
CA LEU B 424 26.91 10.08 -30.64
C LEU B 424 27.25 9.52 -32.02
N HIS B 425 26.96 8.23 -32.22
CA HIS B 425 27.19 7.56 -33.50
C HIS B 425 28.65 7.64 -33.92
N GLN B 426 29.56 7.53 -32.94
CA GLN B 426 31.01 7.57 -33.19
C GLN B 426 31.68 6.42 -32.45
N PRO B 427 31.53 5.20 -32.94
CA PRO B 427 32.24 4.08 -32.33
C PRO B 427 33.73 4.20 -32.51
N ILE B 428 34.48 3.65 -31.55
CA ILE B 428 35.92 3.77 -31.48
C ILE B 428 36.52 2.37 -31.60
N PRO B 429 37.55 2.17 -32.42
CA PRO B 429 38.17 0.84 -32.51
C PRO B 429 38.81 0.43 -31.20
N VAL B 430 38.84 -0.89 -30.98
CA VAL B 430 39.31 -1.44 -29.71
C VAL B 430 40.78 -1.11 -29.48
N GLU B 431 41.58 -1.06 -30.54
CA GLU B 431 42.99 -0.72 -30.36
C GLU B 431 43.15 0.69 -29.81
N LYS B 432 42.41 1.65 -30.35
CA LYS B 432 42.50 3.02 -29.85
C LYS B 432 41.88 3.14 -28.46
N GLN B 433 40.83 2.37 -28.18
CA GLN B 433 40.31 2.33 -26.81
C GLN B 433 41.39 1.88 -25.83
N VAL B 434 42.08 0.79 -26.17
CA VAL B 434 43.13 0.26 -25.31
C VAL B 434 44.24 1.30 -25.12
N LEU B 435 44.64 1.96 -26.21
CA LEU B 435 45.73 2.92 -26.11
C LEU B 435 45.34 4.13 -25.26
N ILE B 436 44.12 4.64 -25.41
CA ILE B 436 43.73 5.79 -24.61
C ILE B 436 43.55 5.41 -23.14
N ILE B 437 43.04 4.21 -22.88
CA ILE B 437 42.87 3.80 -21.48
C ILE B 437 44.22 3.48 -20.85
N TYR B 438 45.22 3.11 -21.66
CA TYR B 438 46.57 2.96 -21.11
C TYR B 438 47.23 4.31 -20.89
N ALA B 439 46.96 5.29 -21.75
CA ALA B 439 47.44 6.64 -21.50
C ALA B 439 46.86 7.18 -20.19
N LEU B 440 45.57 6.93 -19.96
CA LEU B 440 45.00 7.11 -18.64
C LEU B 440 45.53 6.01 -17.71
N THR B 441 45.37 6.23 -16.40
CA THR B 441 45.72 5.30 -15.33
C THR B 441 47.22 5.05 -15.21
N ARG B 442 48.04 5.67 -16.06
CA ARG B 442 49.48 5.62 -15.92
C ARG B 442 50.07 6.99 -15.61
N GLY B 443 49.24 7.96 -15.25
CA GLY B 443 49.71 9.28 -14.86
C GLY B 443 49.96 10.23 -16.00
N PHE B 444 49.74 9.83 -17.25
CA PHE B 444 50.03 10.70 -18.37
C PHE B 444 49.00 11.82 -18.55
N LEU B 445 47.92 11.81 -17.78
CA LEU B 445 46.88 12.83 -17.90
C LEU B 445 46.74 13.70 -16.66
N ASP B 446 47.48 13.41 -15.58
CA ASP B 446 47.26 14.13 -14.32
C ASP B 446 47.69 15.58 -14.39
N ASP B 447 48.43 15.99 -15.42
CA ASP B 447 48.80 17.38 -15.59
C ASP B 447 47.83 18.14 -16.49
N ILE B 448 47.23 17.47 -17.45
CA ILE B 448 46.30 18.12 -18.38
C ILE B 448 44.98 18.39 -17.67
N PRO B 449 44.42 19.59 -17.77
CA PRO B 449 43.16 19.88 -17.10
C PRO B 449 42.01 19.04 -17.67
N VAL B 450 41.01 18.82 -16.82
CA VAL B 450 39.92 17.92 -17.17
C VAL B 450 39.10 18.46 -18.34
N GLU B 451 39.04 19.78 -18.50
CA GLU B 451 38.23 20.36 -19.57
C GLU B 451 38.85 20.16 -20.95
N ASP B 452 40.09 19.68 -21.03
CA ASP B 452 40.75 19.44 -22.30
C ASP B 452 40.93 17.96 -22.60
N VAL B 453 40.33 17.08 -21.79
CA VAL B 453 40.54 15.65 -21.95
C VAL B 453 39.98 15.15 -23.27
N ARG B 454 38.78 15.61 -23.64
CA ARG B 454 38.16 15.17 -24.88
C ARG B 454 38.98 15.60 -26.09
N ARG B 455 39.43 16.85 -26.11
CA ARG B 455 40.26 17.33 -27.21
C ARG B 455 41.59 16.59 -27.25
N PHE B 456 42.17 16.30 -26.08
CA PHE B 456 43.39 15.50 -26.04
C PHE B 456 43.15 14.13 -26.64
N GLU B 457 42.02 13.50 -26.33
CA GLU B 457 41.72 12.18 -26.87
C GLU B 457 41.56 12.23 -28.38
N LYS B 458 40.88 13.25 -28.90
CA LYS B 458 40.69 13.36 -30.34
C LYS B 458 42.03 13.57 -31.06
N GLU B 459 42.84 14.50 -30.54
CA GLU B 459 44.15 14.74 -31.12
C GLU B 459 45.04 13.51 -31.02
N PHE B 460 44.91 12.76 -29.92
CA PHE B 460 45.72 11.55 -29.76
C PHE B 460 45.30 10.48 -30.75
N TYR B 461 43.99 10.36 -31.02
CA TYR B 461 43.55 9.43 -32.05
C TYR B 461 44.10 9.81 -33.42
N LEU B 462 44.08 11.11 -33.74
CA LEU B 462 44.65 11.56 -35.01
C LEU B 462 46.14 11.26 -35.08
N PHE B 463 46.87 11.55 -33.99
CA PHE B 463 48.30 11.29 -33.96
C PHE B 463 48.58 9.79 -34.08
N LEU B 464 47.77 8.97 -33.44
CA LEU B 464 47.95 7.52 -33.50
C LEU B 464 47.76 7.00 -34.92
N ASP B 465 46.61 7.32 -35.53
CA ASP B 465 46.39 6.79 -36.87
C ASP B 465 47.27 7.47 -37.92
N GLN B 466 47.97 8.55 -37.55
CA GLN B 466 48.96 9.12 -38.45
C GLN B 466 50.34 8.48 -38.29
N ASN B 467 50.75 8.13 -37.07
CA ASN B 467 52.13 7.69 -36.89
C ASN B 467 52.29 6.32 -36.25
N GLY B 468 51.47 5.98 -35.26
CA GLY B 468 51.64 4.75 -34.52
C GLY B 468 51.01 3.56 -35.20
N GLN B 469 51.23 3.46 -36.52
CA GLN B 469 50.70 2.33 -37.27
C GLN B 469 51.30 1.02 -36.77
N HIS B 470 52.55 1.03 -36.32
CA HIS B 470 53.16 -0.19 -35.79
C HIS B 470 52.44 -0.64 -34.52
N LEU B 471 52.14 0.30 -33.62
CA LEU B 471 51.40 -0.06 -32.40
C LEU B 471 50.01 -0.57 -32.74
N LEU B 472 49.31 0.12 -33.64
CA LEU B 472 47.96 -0.30 -34.01
C LEU B 472 47.98 -1.69 -34.64
N GLU B 473 48.94 -1.95 -35.52
CA GLU B 473 49.04 -3.26 -36.16
C GLU B 473 49.41 -4.34 -35.17
N HIS B 474 50.28 -4.03 -34.19
CA HIS B 474 50.60 -5.01 -33.17
C HIS B 474 49.35 -5.37 -32.37
N ILE B 475 48.57 -4.36 -31.97
CA ILE B 475 47.35 -4.64 -31.20
C ILE B 475 46.37 -5.45 -32.03
N ARG B 476 46.25 -5.14 -33.32
CA ARG B 476 45.29 -5.85 -34.16
C ARG B 476 45.73 -7.29 -34.42
N THR B 477 47.02 -7.50 -34.67
CA THR B 477 47.50 -8.85 -34.97
C THR B 477 47.52 -9.74 -33.75
N THR B 478 48.01 -9.24 -32.62
CA THR B 478 47.98 -9.99 -31.37
C THR B 478 47.31 -9.13 -30.29
N LYS B 479 46.50 -9.76 -29.47
CA LYS B 479 45.65 -9.05 -28.53
C LYS B 479 46.40 -8.59 -27.29
N ASP B 480 47.73 -8.56 -27.34
CA ASP B 480 48.55 -8.11 -26.22
C ASP B 480 49.09 -6.71 -26.50
N LEU B 481 49.48 -6.04 -25.41
CA LEU B 481 50.02 -4.70 -25.53
C LEU B 481 51.36 -4.70 -26.25
N PRO B 482 51.70 -3.61 -26.95
CA PRO B 482 53.01 -3.55 -27.61
C PRO B 482 54.13 -3.31 -26.60
N ASN B 483 55.34 -3.08 -27.08
CA ASN B 483 56.45 -2.82 -26.18
C ASN B 483 56.19 -1.57 -25.35
N GLU B 484 56.29 -1.71 -24.03
CA GLU B 484 55.88 -0.64 -23.13
C GLU B 484 56.75 0.60 -23.29
N ASP B 485 58.06 0.41 -23.51
CA ASP B 485 58.93 1.57 -23.70
C ASP B 485 58.57 2.33 -24.97
N ASP B 486 58.27 1.61 -26.06
CA ASP B 486 57.86 2.27 -27.30
C ASP B 486 56.54 3.01 -27.11
N LEU B 487 55.59 2.39 -26.41
CA LEU B 487 54.31 3.04 -26.16
C LEU B 487 54.49 4.30 -25.32
N ASN B 488 55.33 4.23 -24.30
CA ASN B 488 55.60 5.40 -23.47
C ASN B 488 56.28 6.50 -24.28
N LYS B 489 57.21 6.14 -25.16
CA LYS B 489 57.87 7.14 -26.00
C LYS B 489 56.87 7.82 -26.92
N ALA B 490 55.97 7.04 -27.53
CA ALA B 490 54.96 7.63 -28.41
C ALA B 490 54.04 8.57 -27.64
N ILE B 491 53.60 8.15 -26.44
CA ILE B 491 52.71 8.98 -25.65
C ILE B 491 53.41 10.27 -25.24
N GLU B 492 54.68 10.16 -24.83
CA GLU B 492 55.43 11.35 -24.45
C GLU B 492 55.64 12.29 -25.62
N ALA B 493 55.91 11.73 -26.81
CA ALA B 493 56.05 12.57 -28.00
C ALA B 493 54.77 13.31 -28.30
N PHE B 494 53.62 12.62 -28.22
CA PHE B 494 52.35 13.31 -28.46
C PHE B 494 52.09 14.37 -27.39
N LYS B 495 52.42 14.08 -26.14
CA LYS B 495 52.24 15.07 -25.08
C LYS B 495 53.09 16.30 -25.34
N LYS B 496 54.33 16.10 -25.81
CA LYS B 496 55.17 17.23 -26.19
C LYS B 496 54.55 18.03 -27.33
N THR B 497 54.00 17.35 -28.33
CA THR B 497 53.39 18.05 -29.45
C THR B 497 52.07 18.71 -29.09
N PHE B 498 51.44 18.30 -28.00
CA PHE B 498 50.12 18.81 -27.63
C PHE B 498 50.25 20.12 -26.86
N VAL B 499 49.32 21.03 -27.12
CA VAL B 499 49.28 22.34 -26.48
C VAL B 499 48.09 22.37 -25.52
N VAL B 500 48.34 22.84 -24.31
CA VAL B 500 47.31 22.87 -23.26
C VAL B 500 46.61 24.22 -23.29
N SER B 501 45.29 24.19 -23.30
CA SER B 501 44.49 25.42 -23.28
C SER B 501 44.66 26.16 -21.96
N GLN C 24 -26.52 -58.54 2.72
CA GLN C 24 -25.92 -57.24 2.96
C GLN C 24 -26.69 -56.18 2.18
N VAL C 25 -27.67 -55.56 2.83
CA VAL C 25 -28.36 -54.43 2.23
C VAL C 25 -27.48 -53.18 2.33
N SER C 26 -27.46 -52.38 1.26
CA SER C 26 -26.61 -51.21 1.21
C SER C 26 -27.23 -50.17 0.29
N ASP C 27 -27.01 -48.90 0.63
CA ASP C 27 -27.37 -47.78 -0.23
C ASP C 27 -26.08 -47.26 -0.86
N VAL C 28 -26.04 -47.21 -2.20
CA VAL C 28 -24.80 -46.97 -2.92
C VAL C 28 -24.99 -45.86 -3.93
N GLY C 29 -23.86 -45.28 -4.34
CA GLY C 29 -23.82 -44.33 -5.43
C GLY C 29 -22.67 -44.65 -6.36
N THR C 30 -22.54 -43.85 -7.41
CA THR C 30 -21.48 -44.03 -8.40
C THR C 30 -20.70 -42.73 -8.58
N VAL C 31 -19.38 -42.85 -8.67
CA VAL C 31 -18.51 -41.68 -8.72
C VAL C 31 -18.58 -41.05 -10.10
N ILE C 32 -18.55 -39.72 -10.13
CA ILE C 32 -18.60 -38.96 -11.37
C ILE C 32 -17.25 -38.31 -11.67
N GLN C 33 -16.69 -37.58 -10.70
CA GLN C 33 -15.43 -36.87 -10.87
C GLN C 33 -14.48 -37.22 -9.75
N VAL C 34 -13.19 -37.35 -10.09
CA VAL C 34 -12.13 -37.59 -9.12
C VAL C 34 -10.99 -36.63 -9.41
N GLY C 35 -10.40 -36.08 -8.36
CA GLY C 35 -9.24 -35.23 -8.53
C GLY C 35 -8.98 -34.29 -7.37
N ASP C 36 -7.70 -34.14 -7.00
CA ASP C 36 -7.27 -33.21 -5.96
C ASP C 36 -7.94 -33.50 -4.61
N GLY C 37 -8.24 -34.76 -4.35
CA GLY C 37 -8.86 -35.11 -3.09
C GLY C 37 -10.33 -34.76 -2.98
N ILE C 38 -11.02 -34.57 -4.11
CA ILE C 38 -12.43 -34.24 -4.13
C ILE C 38 -13.12 -35.19 -5.09
N ALA C 39 -14.26 -35.73 -4.66
CA ALA C 39 -15.04 -36.65 -5.48
C ALA C 39 -16.50 -36.24 -5.48
N ARG C 40 -17.17 -36.48 -6.61
CA ARG C 40 -18.59 -36.24 -6.75
C ARG C 40 -19.26 -37.53 -7.20
N ALA C 41 -20.42 -37.83 -6.62
CA ALA C 41 -21.08 -39.11 -6.87
C ALA C 41 -22.56 -38.89 -7.12
N HIS C 42 -23.14 -39.79 -7.91
CA HIS C 42 -24.57 -39.87 -8.11
C HIS C 42 -25.20 -40.73 -7.02
N GLY C 43 -26.53 -40.85 -7.07
CA GLY C 43 -27.22 -41.67 -6.10
C GLY C 43 -27.11 -41.11 -4.70
N LEU C 44 -27.05 -42.01 -3.72
CA LEU C 44 -26.99 -41.65 -2.30
C LEU C 44 -28.14 -40.72 -1.93
N ASP C 45 -29.35 -41.24 -2.13
CA ASP C 45 -30.55 -40.43 -1.94
C ASP C 45 -30.75 -40.04 -0.48
N ASN C 46 -30.46 -40.95 0.45
CA ASN C 46 -30.73 -40.73 1.86
C ASN C 46 -29.46 -40.44 2.66
N VAL C 47 -28.42 -39.88 2.02
CA VAL C 47 -27.20 -39.56 2.73
C VAL C 47 -27.42 -38.33 3.60
N MET C 48 -26.85 -38.36 4.80
CA MET C 48 -26.91 -37.23 5.71
C MET C 48 -25.78 -36.25 5.45
N SER C 49 -26.00 -35.00 5.86
CA SER C 49 -24.95 -33.99 5.74
C SER C 49 -23.87 -34.24 6.79
N GLY C 50 -22.62 -34.26 6.36
CA GLY C 50 -21.52 -34.53 7.26
C GLY C 50 -21.37 -36.00 7.62
N GLU C 51 -21.90 -36.89 6.80
CA GLU C 51 -21.88 -38.32 7.08
C GLU C 51 -20.62 -38.96 6.50
N LEU C 52 -20.29 -40.14 7.03
CA LEU C 52 -19.15 -40.92 6.55
C LEU C 52 -19.57 -41.85 5.42
N VAL C 53 -18.75 -41.90 4.38
CA VAL C 53 -18.93 -42.81 3.26
C VAL C 53 -17.61 -43.50 2.99
N GLU C 54 -17.69 -44.73 2.46
CA GLU C 54 -16.51 -45.51 2.15
C GLU C 54 -16.54 -45.93 0.68
N PHE C 55 -15.37 -45.89 0.04
CA PHE C 55 -15.24 -46.27 -1.35
C PHE C 55 -14.92 -47.76 -1.45
N ALA C 56 -14.71 -48.24 -2.67
CA ALA C 56 -14.38 -49.65 -2.87
C ALA C 56 -12.99 -49.97 -2.35
N ASN C 57 -12.10 -48.98 -2.31
CA ASN C 57 -10.73 -49.20 -1.83
C ASN C 57 -10.64 -49.32 -0.32
N GLY C 58 -11.72 -49.02 0.41
CA GLY C 58 -11.67 -49.01 1.85
C GLY C 58 -11.34 -47.66 2.47
N VAL C 59 -11.05 -46.66 1.65
CA VAL C 59 -10.79 -45.32 2.17
C VAL C 59 -12.11 -44.65 2.51
N MET C 60 -12.05 -43.70 3.44
CA MET C 60 -13.24 -43.04 3.94
C MET C 60 -13.39 -41.65 3.33
N GLY C 61 -14.64 -41.17 3.31
CA GLY C 61 -14.94 -39.85 2.81
C GLY C 61 -16.00 -39.18 3.67
N MET C 62 -16.16 -37.88 3.45
CA MET C 62 -17.14 -37.08 4.18
C MET C 62 -18.01 -36.33 3.18
N ALA C 63 -19.31 -36.38 3.38
CA ALA C 63 -20.27 -35.73 2.49
C ALA C 63 -20.53 -34.32 3.00
N LEU C 64 -20.01 -33.32 2.29
CA LEU C 64 -20.18 -31.92 2.66
C LEU C 64 -21.29 -31.25 1.87
N ASN C 65 -21.21 -31.28 0.55
CA ASN C 65 -22.18 -30.61 -0.31
C ASN C 65 -23.25 -31.61 -0.74
N LEU C 66 -24.50 -31.35 -0.34
CA LEU C 66 -25.64 -32.15 -0.77
C LEU C 66 -26.39 -31.35 -1.83
N GLU C 67 -25.93 -31.45 -3.06
CA GLU C 67 -26.55 -30.73 -4.16
C GLU C 67 -27.80 -31.46 -4.62
N GLU C 68 -28.48 -30.89 -5.63
CA GLU C 68 -29.77 -31.42 -6.05
C GLU C 68 -29.63 -32.80 -6.68
N ASN C 69 -28.59 -33.01 -7.49
CA ASN C 69 -28.43 -34.25 -8.22
C ASN C 69 -27.20 -35.05 -7.84
N ASN C 70 -26.16 -34.41 -7.31
CA ASN C 70 -24.94 -35.12 -6.95
C ASN C 70 -24.52 -34.72 -5.54
N VAL C 71 -23.61 -35.50 -4.97
CA VAL C 71 -23.10 -35.30 -3.62
C VAL C 71 -21.63 -34.99 -3.70
N GLY C 72 -21.21 -33.90 -3.05
CA GLY C 72 -19.82 -33.54 -2.99
C GLY C 72 -19.09 -34.24 -1.86
N ILE C 73 -18.28 -35.23 -2.19
CA ILE C 73 -17.62 -36.08 -1.19
C ILE C 73 -16.18 -35.62 -1.04
N VAL C 74 -15.74 -35.50 0.21
CA VAL C 74 -14.38 -35.07 0.55
C VAL C 74 -13.62 -36.29 1.03
N ILE C 75 -12.53 -36.61 0.35
CA ILE C 75 -11.79 -37.85 0.56
C ILE C 75 -10.82 -37.67 1.72
N LEU C 76 -10.75 -38.68 2.59
CA LEU C 76 -9.90 -38.65 3.79
C LEU C 76 -8.72 -39.61 3.67
N GLY C 77 -8.13 -39.72 2.48
CA GLY C 77 -7.01 -40.59 2.27
C GLY C 77 -6.44 -40.48 0.87
N PRO C 78 -5.54 -41.40 0.51
CA PRO C 78 -4.97 -41.39 -0.85
C PRO C 78 -6.03 -41.72 -1.87
N TYR C 79 -6.20 -40.81 -2.84
CA TYR C 79 -7.25 -40.93 -3.84
C TYR C 79 -6.75 -41.49 -5.16
N THR C 80 -5.49 -41.95 -5.24
CA THR C 80 -4.98 -42.48 -6.49
C THR C 80 -5.68 -43.79 -6.87
N GLY C 81 -6.20 -44.52 -5.90
CA GLY C 81 -6.88 -45.77 -6.18
C GLY C 81 -8.33 -45.63 -6.58
N ILE C 82 -8.89 -44.44 -6.51
CA ILE C 82 -10.29 -44.19 -6.83
C ILE C 82 -10.39 -43.76 -8.28
N LYS C 83 -11.26 -44.43 -9.04
CA LYS C 83 -11.48 -44.12 -10.44
C LYS C 83 -12.95 -43.86 -10.69
N GLU C 84 -13.24 -43.16 -11.77
CA GLU C 84 -14.62 -42.87 -12.14
C GLU C 84 -15.38 -44.16 -12.42
N GLY C 85 -16.61 -44.24 -11.91
CA GLY C 85 -17.42 -45.43 -12.05
C GLY C 85 -17.43 -46.33 -10.83
N ASP C 86 -16.55 -46.10 -9.87
CA ASP C 86 -16.54 -46.89 -8.65
C ASP C 86 -17.78 -46.59 -7.81
N GLU C 87 -18.06 -47.47 -6.86
CA GLU C 87 -19.22 -47.31 -6.00
C GLU C 87 -18.83 -46.62 -4.70
N VAL C 88 -19.79 -45.93 -4.10
CA VAL C 88 -19.64 -45.31 -2.79
C VAL C 88 -20.67 -45.94 -1.87
N ARG C 89 -20.23 -46.42 -0.71
CA ARG C 89 -21.08 -47.13 0.22
C ARG C 89 -21.41 -46.24 1.40
N ARG C 90 -22.69 -46.14 1.74
CA ARG C 90 -23.12 -45.36 2.89
C ARG C 90 -22.83 -46.11 4.18
N THR C 91 -22.41 -45.38 5.20
CA THR C 91 -22.10 -45.97 6.50
C THR C 91 -23.20 -45.78 7.54
N GLY C 92 -23.92 -44.67 7.49
CA GLY C 92 -25.03 -44.45 8.40
C GLY C 92 -24.71 -43.73 9.69
N ARG C 93 -23.55 -43.09 9.78
CA ARG C 93 -23.16 -42.40 11.00
C ARG C 93 -22.34 -41.17 10.67
N ILE C 94 -22.57 -40.10 11.44
CA ILE C 94 -21.82 -38.86 11.27
C ILE C 94 -20.36 -39.09 11.63
N MET C 95 -19.51 -38.13 11.21
CA MET C 95 -18.10 -38.15 11.56
C MET C 95 -17.91 -38.33 13.06
N GLU C 96 -17.10 -39.32 13.42
CA GLU C 96 -16.84 -39.64 14.82
C GLU C 96 -15.37 -40.02 14.98
N VAL C 97 -14.87 -39.85 16.20
CA VAL C 97 -13.49 -40.21 16.52
C VAL C 97 -13.48 -41.05 17.79
N PRO C 98 -12.54 -41.98 17.95
CA PRO C 98 -12.44 -42.72 19.20
C PRO C 98 -11.99 -41.84 20.35
N VAL C 99 -12.48 -42.16 21.54
CA VAL C 99 -12.10 -41.47 22.76
C VAL C 99 -11.87 -42.49 23.86
N GLY C 100 -11.15 -42.07 24.90
CA GLY C 100 -10.89 -42.93 26.03
C GLY C 100 -9.47 -42.84 26.56
N GLU C 101 -9.22 -43.47 27.71
CA GLU C 101 -7.90 -43.43 28.32
C GLU C 101 -6.86 -44.23 27.56
N ALA C 102 -7.29 -45.09 26.62
CA ALA C 102 -6.33 -45.87 25.85
C ALA C 102 -5.50 -45.00 24.91
N LEU C 103 -5.95 -43.78 24.63
CA LEU C 103 -5.23 -42.89 23.73
C LEU C 103 -4.08 -42.14 24.41
N ILE C 104 -4.02 -42.16 25.74
CA ILE C 104 -3.00 -41.39 26.43
C ILE C 104 -1.63 -42.00 26.20
N GLY C 105 -0.67 -41.18 25.78
CA GLY C 105 0.66 -41.64 25.49
C GLY C 105 0.87 -42.17 24.08
N ARG C 106 -0.06 -41.92 23.17
CA ARG C 106 0.00 -42.43 21.81
C ARG C 106 0.00 -41.28 20.81
N VAL C 107 0.71 -41.49 19.71
CA VAL C 107 0.66 -40.58 18.56
C VAL C 107 -0.35 -41.15 17.58
N VAL C 108 -1.39 -40.37 17.27
CA VAL C 108 -2.56 -40.90 16.60
C VAL C 108 -2.96 -40.01 15.43
N ASN C 109 -3.59 -40.62 14.44
CA ASN C 109 -4.15 -39.92 13.31
C ASN C 109 -5.42 -39.17 13.74
N PRO C 110 -5.83 -38.15 12.99
CA PRO C 110 -7.12 -37.51 13.30
C PRO C 110 -8.30 -38.47 13.21
N LEU C 111 -8.21 -39.51 12.39
CA LEU C 111 -9.28 -40.51 12.32
C LEU C 111 -9.25 -41.47 13.49
N GLY C 112 -8.14 -41.60 14.18
CA GLY C 112 -8.01 -42.48 15.32
C GLY C 112 -7.05 -43.64 15.15
N GLN C 113 -6.52 -43.85 13.95
CA GLN C 113 -5.56 -44.93 13.77
C GLN C 113 -4.19 -44.51 14.30
N PRO C 114 -3.52 -45.36 15.07
CA PRO C 114 -2.18 -45.01 15.54
C PRO C 114 -1.18 -44.95 14.41
N VAL C 115 -0.19 -44.08 14.56
CA VAL C 115 0.88 -43.93 13.59
C VAL C 115 2.26 -44.19 14.18
N ASP C 116 2.36 -44.39 15.49
CA ASP C 116 3.64 -44.65 16.13
C ASP C 116 4.07 -46.10 16.02
N GLY C 117 3.17 -47.01 15.61
CA GLY C 117 3.52 -48.39 15.42
C GLY C 117 3.53 -49.25 16.67
N LEU C 118 2.98 -48.75 17.78
CA LEU C 118 2.95 -49.49 19.03
C LEU C 118 1.70 -50.35 19.19
N GLY C 119 1.06 -50.73 18.08
CA GLY C 119 -0.11 -51.58 18.14
C GLY C 119 -1.40 -50.78 18.11
N PRO C 120 -2.52 -51.49 18.09
CA PRO C 120 -3.82 -50.82 17.98
C PRO C 120 -4.24 -50.18 19.31
N VAL C 121 -5.28 -49.35 19.22
CA VAL C 121 -5.87 -48.68 20.36
C VAL C 121 -7.19 -49.36 20.69
N GLU C 122 -7.43 -49.59 21.98
CA GLU C 122 -8.56 -50.38 22.46
C GLU C 122 -9.69 -49.52 23.01
N THR C 123 -9.95 -48.37 22.39
CA THR C 123 -11.04 -47.51 22.83
C THR C 123 -12.38 -48.24 22.67
N THR C 124 -13.33 -47.89 23.55
CA THR C 124 -14.62 -48.55 23.58
C THR C 124 -15.79 -47.65 23.21
N GLU C 125 -15.58 -46.35 23.11
CA GLU C 125 -16.66 -45.42 22.80
C GLU C 125 -16.13 -44.32 21.90
N THR C 126 -17.05 -43.71 21.15
CA THR C 126 -16.73 -42.65 20.21
C THR C 126 -17.44 -41.36 20.61
N ARG C 127 -17.23 -40.32 19.83
CA ARG C 127 -17.80 -39.02 20.09
C ARG C 127 -17.91 -38.25 18.77
N PRO C 128 -19.04 -37.59 18.52
CA PRO C 128 -19.17 -36.77 17.31
C PRO C 128 -18.12 -35.67 17.27
N ILE C 129 -17.64 -35.39 16.06
CA ILE C 129 -16.58 -34.40 15.89
C ILE C 129 -17.13 -32.99 15.80
N GLU C 130 -18.45 -32.84 15.71
CA GLU C 130 -19.10 -31.55 15.54
C GLU C 130 -20.12 -31.31 16.64
N SER C 131 -19.74 -31.60 17.88
CA SER C 131 -20.64 -31.41 19.00
C SER C 131 -20.79 -29.92 19.32
N PRO C 132 -21.98 -29.48 19.73
CA PRO C 132 -22.17 -28.07 20.08
C PRO C 132 -21.44 -27.73 21.38
N ALA C 133 -21.08 -26.46 21.49
CA ALA C 133 -20.36 -25.95 22.65
C ALA C 133 -21.32 -25.78 23.83
N PRO C 134 -20.79 -25.78 25.05
CA PRO C 134 -21.64 -25.50 26.22
C PRO C 134 -22.25 -24.10 26.15
N GLY C 135 -23.47 -23.99 26.66
CA GLY C 135 -24.20 -22.74 26.62
C GLY C 135 -23.74 -21.76 27.70
N VAL C 136 -24.43 -20.63 27.74
CA VAL C 136 -24.12 -19.61 28.73
C VAL C 136 -24.40 -20.11 30.14
N MET C 137 -25.53 -20.79 30.33
CA MET C 137 -25.94 -21.19 31.67
C MET C 137 -25.14 -22.35 32.22
N ASP C 138 -24.31 -23.00 31.41
CA ASP C 138 -23.58 -24.19 31.82
C ASP C 138 -22.12 -23.91 32.17
N ARG C 139 -21.74 -22.65 32.29
CA ARG C 139 -20.34 -22.28 32.52
C ARG C 139 -20.18 -21.63 33.89
N ARG C 140 -18.93 -21.33 34.22
CA ARG C 140 -18.56 -20.65 35.45
C ARG C 140 -17.37 -19.74 35.17
N SER C 141 -17.29 -18.64 35.91
CA SER C 141 -16.17 -17.72 35.74
C SER C 141 -14.86 -18.40 36.07
N VAL C 142 -13.82 -18.08 35.31
CA VAL C 142 -12.51 -18.69 35.51
C VAL C 142 -11.91 -18.18 36.83
N HIS C 143 -11.49 -19.11 37.68
CA HIS C 143 -10.94 -18.74 38.97
C HIS C 143 -9.73 -19.55 39.38
N GLU C 144 -9.23 -20.46 38.54
CA GLU C 144 -8.08 -21.27 38.90
C GLU C 144 -6.91 -20.96 37.98
N PRO C 145 -5.69 -20.95 38.50
CA PRO C 145 -4.53 -20.64 37.66
C PRO C 145 -3.99 -21.85 36.92
N LEU C 146 -3.41 -21.59 35.76
CA LEU C 146 -2.69 -22.59 34.98
C LEU C 146 -1.22 -22.18 35.00
N GLN C 147 -0.43 -22.88 35.81
CA GLN C 147 0.96 -22.49 36.04
C GLN C 147 1.81 -22.90 34.85
N THR C 148 2.16 -21.93 34.00
CA THR C 148 3.00 -22.20 32.85
C THR C 148 4.43 -22.54 33.23
N GLY C 149 4.97 -21.89 34.26
CA GLY C 149 6.36 -22.05 34.61
C GLY C 149 7.28 -21.00 34.03
N ILE C 150 6.75 -20.08 33.24
CA ILE C 150 7.52 -18.98 32.67
C ILE C 150 7.18 -17.72 33.45
N LYS C 151 8.22 -17.02 33.92
CA LYS C 151 8.00 -15.87 34.79
C LYS C 151 7.19 -14.78 34.09
N ALA C 152 7.55 -14.47 32.83
CA ALA C 152 6.86 -13.41 32.12
C ALA C 152 5.39 -13.73 31.93
N ILE C 153 5.07 -14.97 31.56
CA ILE C 153 3.68 -15.36 31.35
C ILE C 153 2.93 -15.32 32.68
N ASP C 154 3.50 -15.91 33.73
CA ASP C 154 2.80 -16.01 35.00
C ASP C 154 2.69 -14.66 35.70
N ALA C 155 3.49 -13.66 35.32
CA ALA C 155 3.45 -12.36 35.97
C ALA C 155 2.64 -11.32 35.19
N LEU C 156 2.85 -11.25 33.87
CA LEU C 156 2.24 -10.19 33.09
C LEU C 156 0.99 -10.63 32.32
N VAL C 157 0.96 -11.86 31.82
CA VAL C 157 -0.18 -12.35 31.06
C VAL C 157 -0.65 -13.67 31.66
N PRO C 158 -1.29 -13.67 32.82
CA PRO C 158 -1.67 -14.93 33.45
C PRO C 158 -2.73 -15.68 32.65
N ILE C 159 -2.66 -17.00 32.73
CA ILE C 159 -3.57 -17.89 32.02
C ILE C 159 -4.26 -18.78 33.04
N GLY C 160 -5.59 -18.79 33.02
CA GLY C 160 -6.36 -19.61 33.94
C GLY C 160 -6.99 -20.81 33.28
N ARG C 161 -7.44 -21.77 34.07
CA ARG C 161 -8.07 -22.96 33.53
C ARG C 161 -9.45 -22.62 32.98
N GLY C 162 -9.71 -23.02 31.74
CA GLY C 162 -10.90 -22.64 31.03
C GLY C 162 -10.72 -21.46 30.08
N GLN C 163 -9.62 -20.74 30.20
CA GLN C 163 -9.29 -19.65 29.31
C GLN C 163 -8.69 -20.17 28.01
N ARG C 164 -8.83 -19.37 26.96
CA ARG C 164 -8.19 -19.64 25.67
C ARG C 164 -7.31 -18.45 25.31
N GLU C 165 -6.00 -18.69 25.29
CA GLU C 165 -5.01 -17.63 25.07
C GLU C 165 -4.29 -17.88 23.76
N LEU C 166 -4.15 -16.84 22.95
CA LEU C 166 -3.48 -16.94 21.66
C LEU C 166 -2.00 -16.63 21.79
N ILE C 167 -1.19 -17.42 21.09
CA ILE C 167 0.25 -17.19 21.00
C ILE C 167 0.56 -16.89 19.54
N ILE C 168 0.99 -15.65 19.27
CA ILE C 168 1.13 -15.16 17.91
C ILE C 168 2.52 -14.55 17.75
N GLY C 169 3.16 -14.84 16.63
CA GLY C 169 4.47 -14.29 16.34
C GLY C 169 4.96 -14.78 15.00
N ASP C 170 6.15 -14.30 14.64
CA ASP C 170 6.78 -14.71 13.40
C ASP C 170 7.40 -16.10 13.57
N ARG C 171 7.87 -16.66 12.45
CA ARG C 171 8.51 -17.96 12.47
C ARG C 171 9.80 -17.91 13.26
N GLN C 172 10.13 -19.03 13.91
CA GLN C 172 11.35 -19.17 14.69
C GLN C 172 11.44 -18.11 15.80
N THR C 173 10.43 -18.12 16.69
CA THR C 173 10.43 -17.28 17.86
C THR C 173 10.20 -18.07 19.15
N GLY C 174 10.06 -19.38 19.08
CA GLY C 174 9.95 -20.20 20.27
C GLY C 174 8.55 -20.50 20.74
N LYS C 175 7.54 -20.38 19.87
CA LYS C 175 6.18 -20.73 20.28
C LYS C 175 6.07 -22.20 20.64
N THR C 176 6.69 -23.07 19.84
CA THR C 176 6.70 -24.49 20.17
C THR C 176 7.44 -24.75 21.46
N SER C 177 8.53 -24.01 21.70
CA SER C 177 9.26 -24.17 22.95
C SER C 177 8.40 -23.79 24.15
N VAL C 178 7.63 -22.70 24.04
CA VAL C 178 6.74 -22.29 25.12
C VAL C 178 5.68 -23.36 25.36
N ALA C 179 5.09 -23.88 24.30
CA ALA C 179 4.05 -24.90 24.45
C ALA C 179 4.62 -26.16 25.12
N ILE C 180 5.80 -26.60 24.69
CA ILE C 180 6.41 -27.79 25.26
C ILE C 180 6.78 -27.56 26.72
N ASP C 181 7.27 -26.35 27.05
CA ASP C 181 7.60 -26.04 28.43
C ASP C 181 6.35 -26.07 29.30
N THR C 182 5.24 -25.53 28.81
CA THR C 182 3.99 -25.59 29.56
C THR C 182 3.55 -27.04 29.78
N ILE C 183 3.59 -27.85 28.72
CA ILE C 183 3.14 -29.24 28.83
C ILE C 183 4.01 -29.99 29.83
N ILE C 184 5.31 -29.74 29.82
CA ILE C 184 6.21 -30.37 30.79
C ILE C 184 5.87 -29.90 32.19
N ASN C 185 5.65 -28.59 32.37
CA ASN C 185 5.38 -28.05 33.69
C ASN C 185 4.06 -28.53 34.26
N GLN C 186 3.15 -29.04 33.42
CA GLN C 186 1.91 -29.63 33.93
C GLN C 186 2.11 -31.02 34.54
N LYS C 187 3.36 -31.40 34.84
CA LYS C 187 3.66 -32.75 35.28
C LYS C 187 2.96 -33.09 36.60
N ASP C 188 3.01 -32.17 37.57
CA ASP C 188 2.53 -32.49 38.91
C ASP C 188 1.05 -32.24 39.10
N GLN C 189 0.47 -31.28 38.38
CA GLN C 189 -0.95 -31.03 38.50
C GLN C 189 -1.76 -32.16 37.86
N ASN C 190 -3.04 -32.21 38.20
CA ASN C 190 -3.92 -33.21 37.64
C ASN C 190 -4.47 -32.75 36.29
N MET C 191 -3.57 -32.42 35.37
CA MET C 191 -3.92 -31.86 34.08
C MET C 191 -3.57 -32.86 32.98
N ILE C 192 -4.43 -32.97 31.98
CA ILE C 192 -4.18 -33.78 30.80
C ILE C 192 -3.95 -32.84 29.62
N SER C 193 -2.88 -33.09 28.87
CA SER C 193 -2.52 -32.21 27.76
C SER C 193 -2.68 -32.95 26.44
N ILE C 194 -3.09 -32.22 25.42
CA ILE C 194 -3.24 -32.74 24.06
C ILE C 194 -2.51 -31.81 23.12
N TYR C 195 -1.60 -32.37 22.33
CA TYR C 195 -0.82 -31.61 21.36
C TYR C 195 -1.29 -31.98 19.96
N VAL C 196 -1.77 -31.00 19.22
CA VAL C 196 -2.25 -31.19 17.86
C VAL C 196 -1.33 -30.46 16.91
N ALA C 197 -0.74 -31.20 15.97
CA ALA C 197 0.18 -30.65 14.99
C ALA C 197 -0.50 -30.63 13.63
N ILE C 198 -0.62 -29.44 13.05
CA ILE C 198 -1.29 -29.25 11.76
C ILE C 198 -0.26 -28.69 10.79
N GLY C 199 0.00 -29.43 9.71
CA GLY C 199 0.82 -28.95 8.62
C GLY C 199 2.32 -29.01 8.85
N GLN C 200 2.77 -29.55 9.99
CA GLN C 200 4.20 -29.67 10.23
C GLN C 200 4.76 -30.86 9.47
N LYS C 201 6.07 -31.05 9.60
CA LYS C 201 6.71 -32.21 9.00
C LYS C 201 6.96 -33.28 10.06
N GLU C 202 6.93 -34.54 9.61
CA GLU C 202 6.97 -35.66 10.53
C GLU C 202 8.27 -35.70 11.32
N SER C 203 9.36 -35.21 10.74
CA SER C 203 10.62 -35.14 11.49
C SER C 203 10.48 -34.21 12.68
N THR C 204 9.89 -33.03 12.48
CA THR C 204 9.67 -32.10 13.59
C THR C 204 8.72 -32.69 14.62
N VAL C 205 7.65 -33.34 14.16
CA VAL C 205 6.70 -33.94 15.11
C VAL C 205 7.39 -35.02 15.93
N ARG C 206 8.23 -35.84 15.30
CA ARG C 206 8.93 -36.90 16.01
C ARG C 206 9.94 -36.32 17.00
N THR C 207 10.60 -35.23 16.63
CA THR C 207 11.51 -34.57 17.57
C THR C 207 10.75 -34.06 18.79
N VAL C 208 9.58 -33.46 18.57
CA VAL C 208 8.76 -32.99 19.68
C VAL C 208 8.34 -34.16 20.57
N VAL C 209 7.93 -35.27 19.95
CA VAL C 209 7.51 -36.44 20.73
C VAL C 209 8.68 -36.99 21.54
N GLU C 210 9.87 -37.03 20.95
CA GLU C 210 11.04 -37.52 21.66
C GLU C 210 11.39 -36.61 22.84
N THR C 211 11.28 -35.29 22.65
CA THR C 211 11.53 -34.38 23.77
C THR C 211 10.53 -34.60 24.89
N LEU C 212 9.25 -34.76 24.54
CA LEU C 212 8.23 -35.02 25.56
C LEU C 212 8.52 -36.32 26.30
N ARG C 213 8.88 -37.37 25.56
CA ARG C 213 9.21 -38.64 26.20
C ARG C 213 10.41 -38.52 27.12
N LYS C 214 11.43 -37.77 26.68
CA LYS C 214 12.62 -37.58 27.50
C LYS C 214 12.29 -36.86 28.80
N HIS C 215 11.45 -35.84 28.73
CA HIS C 215 11.10 -35.11 29.95
C HIS C 215 9.97 -35.77 30.74
N GLY C 216 9.36 -36.83 30.22
CA GLY C 216 8.41 -37.60 30.98
C GLY C 216 6.97 -37.15 30.87
N ALA C 217 6.63 -36.38 29.84
CA ALA C 217 5.27 -35.86 29.69
C ALA C 217 4.35 -36.84 28.96
N LEU C 218 4.87 -37.93 28.40
CA LEU C 218 4.03 -38.85 27.66
C LEU C 218 3.08 -39.64 28.54
N ASP C 219 3.25 -39.60 29.86
CA ASP C 219 2.38 -40.36 30.74
C ASP C 219 0.98 -39.76 30.85
N TYR C 220 0.80 -38.50 30.45
CA TYR C 220 -0.49 -37.84 30.60
C TYR C 220 -0.84 -36.98 29.38
N THR C 221 -0.31 -37.32 28.21
CA THR C 221 -0.53 -36.50 27.02
C THR C 221 -0.93 -37.37 25.83
N ILE C 222 -1.57 -36.72 24.87
CA ILE C 222 -1.98 -37.35 23.61
C ILE C 222 -1.48 -36.47 22.48
N VAL C 223 -0.92 -37.09 21.44
CA VAL C 223 -0.39 -36.37 20.29
C VAL C 223 -1.22 -36.73 19.07
N VAL C 224 -1.76 -35.71 18.42
CA VAL C 224 -2.51 -35.87 17.18
C VAL C 224 -1.72 -35.17 16.07
N THR C 225 -1.39 -35.91 15.03
CA THR C 225 -0.51 -35.40 13.98
C THR C 225 -1.20 -35.47 12.63
N ALA C 226 -0.98 -34.42 11.83
CA ALA C 226 -1.43 -34.36 10.44
C ALA C 226 -0.33 -33.64 9.67
N SER C 227 0.52 -34.40 8.99
CA SER C 227 1.69 -33.83 8.34
C SER C 227 1.30 -33.16 7.03
N ALA C 228 2.28 -32.54 6.38
CA ALA C 228 2.01 -31.85 5.11
C ALA C 228 1.68 -32.83 3.99
N SER C 229 2.25 -34.03 4.03
CA SER C 229 1.97 -35.02 2.99
C SER C 229 0.54 -35.52 3.03
N GLN C 230 -0.11 -35.44 4.18
CA GLN C 230 -1.50 -35.84 4.27
C GLN C 230 -2.39 -34.89 3.47
N PRO C 231 -3.53 -35.37 2.99
CA PRO C 231 -4.43 -34.49 2.22
C PRO C 231 -5.01 -33.38 3.08
N ALA C 232 -5.40 -32.31 2.41
CA ALA C 232 -5.96 -31.14 3.09
C ALA C 232 -7.13 -31.44 4.02
N PRO C 233 -8.05 -32.37 3.71
CA PRO C 233 -9.15 -32.63 4.65
C PRO C 233 -8.69 -33.04 6.05
N LEU C 234 -7.62 -33.84 6.16
CA LEU C 234 -7.16 -34.24 7.48
C LEU C 234 -6.56 -33.06 8.24
N LEU C 235 -5.83 -32.19 7.55
CA LEU C 235 -5.35 -30.96 8.17
C LEU C 235 -6.53 -30.11 8.65
N PHE C 236 -7.59 -30.06 7.86
CA PHE C 236 -8.78 -29.31 8.23
C PHE C 236 -9.46 -29.89 9.47
N LEU C 237 -9.52 -31.22 9.56
CA LEU C 237 -10.29 -31.88 10.61
C LEU C 237 -9.48 -32.18 11.87
N ALA C 238 -8.16 -32.00 11.86
CA ALA C 238 -7.36 -32.36 13.02
C ALA C 238 -7.73 -31.61 14.30
N PRO C 239 -7.86 -30.28 14.31
CA PRO C 239 -8.19 -29.61 15.57
C PRO C 239 -9.53 -30.03 16.15
N TYR C 240 -10.51 -30.31 15.29
CA TYR C 240 -11.80 -30.79 15.77
C TYR C 240 -11.66 -32.16 16.43
N ALA C 241 -10.84 -33.03 15.86
CA ALA C 241 -10.58 -34.33 16.49
C ALA C 241 -9.91 -34.14 17.84
N GLY C 242 -8.95 -33.22 17.93
CA GLY C 242 -8.30 -32.98 19.21
C GLY C 242 -9.25 -32.47 20.27
N VAL C 243 -10.09 -31.50 19.91
CA VAL C 243 -11.02 -30.96 20.90
C VAL C 243 -12.09 -31.99 21.25
N ALA C 244 -12.49 -32.84 20.30
CA ALA C 244 -13.44 -33.90 20.61
C ALA C 244 -12.85 -34.91 21.59
N MET C 245 -11.56 -35.24 21.41
CA MET C 245 -10.90 -36.11 22.37
C MET C 245 -10.81 -35.45 23.74
N GLY C 246 -10.56 -34.14 23.76
CA GLY C 246 -10.49 -33.44 25.04
C GLY C 246 -11.83 -33.38 25.76
N GLU C 247 -12.93 -33.25 25.02
CA GLU C 247 -14.24 -33.14 25.65
C GLU C 247 -14.58 -34.37 26.48
N TYR C 248 -14.07 -35.54 26.10
CA TYR C 248 -14.38 -36.76 26.84
C TYR C 248 -13.91 -36.65 28.28
N PHE C 249 -12.69 -36.16 28.49
CA PHE C 249 -12.20 -35.94 29.84
C PHE C 249 -12.81 -34.68 30.45
N MET C 250 -13.15 -33.69 29.63
CA MET C 250 -13.73 -32.46 30.16
C MET C 250 -15.06 -32.73 30.84
N TYR C 251 -15.91 -33.57 30.24
CA TYR C 251 -17.23 -33.82 30.80
C TYR C 251 -17.24 -34.88 31.89
N LYS C 252 -16.09 -35.49 32.18
CA LYS C 252 -15.98 -36.43 33.28
C LYS C 252 -15.48 -35.77 34.55
N GLY C 253 -15.28 -34.46 34.55
CA GLY C 253 -14.81 -33.75 35.73
C GLY C 253 -13.33 -33.53 35.81
N LYS C 254 -12.57 -33.83 34.75
CA LYS C 254 -11.13 -33.64 34.74
C LYS C 254 -10.78 -32.33 34.03
N HIS C 255 -9.50 -32.00 34.06
CA HIS C 255 -8.99 -30.78 33.44
C HIS C 255 -8.12 -31.16 32.25
N VAL C 256 -8.34 -30.49 31.12
CA VAL C 256 -7.65 -30.81 29.87
C VAL C 256 -7.00 -29.53 29.32
N LEU C 257 -5.82 -29.69 28.75
CA LEU C 257 -5.11 -28.62 28.06
C LEU C 257 -4.91 -29.03 26.61
N VAL C 258 -5.25 -28.14 25.69
CA VAL C 258 -5.18 -28.42 24.26
C VAL C 258 -4.32 -27.36 23.59
N VAL C 259 -3.38 -27.80 22.76
CA VAL C 259 -2.49 -26.91 22.03
C VAL C 259 -2.66 -27.18 20.55
N TYR C 260 -2.97 -26.13 19.78
CA TYR C 260 -3.06 -26.21 18.34
C TYR C 260 -1.78 -25.62 17.74
N ASP C 261 -1.04 -26.45 16.99
CA ASP C 261 0.28 -26.04 16.54
C ASP C 261 0.22 -24.85 15.59
N ASP C 262 -0.78 -24.82 14.71
CA ASP C 262 -0.92 -23.69 13.79
C ASP C 262 -2.33 -23.71 13.22
N LEU C 263 -3.10 -22.66 13.50
CA LEU C 263 -4.40 -22.49 12.88
C LEU C 263 -4.31 -21.90 11.49
N SER C 264 -3.19 -21.29 11.14
CA SER C 264 -3.01 -20.77 9.79
C SER C 264 -2.98 -21.90 8.77
N LYS C 265 -2.33 -23.02 9.11
CA LYS C 265 -2.33 -24.18 8.24
C LYS C 265 -3.75 -24.72 8.04
N GLN C 266 -4.54 -24.76 9.11
CA GLN C 266 -5.93 -25.18 8.99
C GLN C 266 -6.71 -24.25 8.08
N ALA C 267 -6.50 -22.94 8.24
CA ALA C 267 -7.19 -21.97 7.38
C ALA C 267 -6.82 -22.17 5.92
N ALA C 268 -5.53 -22.37 5.64
CA ALA C 268 -5.10 -22.59 4.27
C ALA C 268 -5.70 -23.88 3.69
N ALA C 269 -5.73 -24.95 4.48
CA ALA C 269 -6.31 -26.20 4.02
C ALA C 269 -7.80 -26.05 3.74
N TYR C 270 -8.52 -25.34 4.62
CA TYR C 270 -9.94 -25.12 4.40
C TYR C 270 -10.19 -24.27 3.17
N ARG C 271 -9.36 -23.25 2.94
CA ARG C 271 -9.48 -22.46 1.74
C ARG C 271 -9.26 -23.29 0.49
N GLU C 272 -8.24 -24.15 0.50
CA GLU C 272 -7.98 -25.03 -0.64
C GLU C 272 -9.17 -25.94 -0.90
N LEU C 273 -9.72 -26.54 0.16
CA LEU C 273 -10.85 -27.44 0.01
C LEU C 273 -12.07 -26.72 -0.54
N SER C 274 -12.35 -25.52 -0.03
CA SER C 274 -13.50 -24.76 -0.50
C SER C 274 -13.33 -24.37 -1.96
N LEU C 275 -12.11 -23.95 -2.35
CA LEU C 275 -11.87 -23.60 -3.75
C LEU C 275 -12.03 -24.81 -4.66
N LEU C 276 -11.56 -25.98 -4.20
CA LEU C 276 -11.73 -27.19 -5.00
C LEU C 276 -13.19 -27.59 -5.13
N LEU C 277 -13.99 -27.33 -4.09
CA LEU C 277 -15.43 -27.58 -4.17
C LEU C 277 -16.18 -26.50 -4.93
N ARG C 278 -15.47 -25.58 -5.58
CA ARG C 278 -16.06 -24.55 -6.43
C ARG C 278 -16.99 -23.62 -5.65
N ARG C 279 -16.70 -23.40 -4.37
CA ARG C 279 -17.44 -22.39 -3.63
C ARG C 279 -16.86 -21.01 -3.93
N PRO C 280 -17.69 -19.97 -3.88
CA PRO C 280 -17.22 -18.63 -4.27
C PRO C 280 -16.23 -18.08 -3.25
N PRO C 281 -15.03 -17.71 -3.68
CA PRO C 281 -14.04 -17.17 -2.75
C PRO C 281 -14.38 -15.75 -2.32
N GLY C 282 -13.73 -15.32 -1.25
CA GLY C 282 -13.92 -13.99 -0.73
C GLY C 282 -12.64 -13.21 -0.59
N ARG C 283 -12.41 -12.61 0.57
CA ARG C 283 -11.22 -11.81 0.80
C ARG C 283 -9.99 -12.72 0.85
N GLU C 284 -8.98 -12.37 0.06
CA GLU C 284 -7.75 -13.15 -0.06
C GLU C 284 -8.04 -14.60 -0.43
N ALA C 285 -9.08 -14.79 -1.25
CA ALA C 285 -9.53 -16.11 -1.70
C ALA C 285 -10.02 -16.99 -0.55
N TYR C 286 -10.03 -16.45 0.66
CA TYR C 286 -10.58 -17.19 1.79
C TYR C 286 -12.09 -17.23 1.70
N PRO C 287 -12.71 -18.39 1.86
CA PRO C 287 -14.18 -18.45 1.81
C PRO C 287 -14.79 -17.75 3.01
N GLY C 288 -15.98 -17.22 2.82
CA GLY C 288 -16.74 -16.70 3.95
C GLY C 288 -17.12 -17.84 4.88
N ASP C 289 -17.23 -17.50 6.17
CA ASP C 289 -17.37 -18.34 7.37
C ASP C 289 -16.00 -18.83 7.83
N ILE C 290 -14.92 -18.24 7.28
CA ILE C 290 -13.59 -18.54 7.80
C ILE C 290 -13.48 -18.09 9.24
N PHE C 291 -14.24 -17.07 9.63
CA PHE C 291 -14.32 -16.69 11.04
C PHE C 291 -15.19 -17.65 11.82
N TYR C 292 -16.28 -18.12 11.20
CA TYR C 292 -17.17 -19.07 11.87
C TYR C 292 -16.45 -20.36 12.21
N LEU C 293 -15.56 -20.80 11.33
CA LEU C 293 -14.80 -22.02 11.59
C LEU C 293 -14.01 -21.93 12.89
N HIS C 294 -13.21 -20.86 13.03
CA HIS C 294 -12.38 -20.72 14.21
C HIS C 294 -13.21 -20.40 15.45
N SER C 295 -14.29 -19.63 15.30
CA SER C 295 -15.14 -19.36 16.45
C SER C 295 -15.79 -20.64 16.97
N ARG C 296 -16.28 -21.48 16.06
CA ARG C 296 -16.85 -22.76 16.45
C ARG C 296 -15.82 -23.65 17.12
N LEU C 297 -14.59 -23.66 16.59
CA LEU C 297 -13.55 -24.49 17.19
C LEU C 297 -13.18 -24.01 18.59
N LEU C 298 -12.90 -22.71 18.73
CA LEU C 298 -12.37 -22.19 20.00
C LEU C 298 -13.43 -22.03 21.06
N GLU C 299 -14.68 -21.77 20.69
CA GLU C 299 -15.72 -21.54 21.67
C GLU C 299 -16.10 -22.80 22.43
N ARG C 300 -15.60 -23.97 22.01
CA ARG C 300 -15.91 -25.22 22.68
C ARG C 300 -15.08 -25.43 23.93
N ALA C 301 -14.08 -24.58 24.19
CA ALA C 301 -13.32 -24.64 25.42
C ALA C 301 -14.00 -23.77 26.48
N ALA C 302 -14.24 -24.35 27.66
CA ALA C 302 -15.00 -23.64 28.68
C ALA C 302 -14.68 -24.21 30.05
N LYS C 303 -15.07 -23.45 31.08
CA LYS C 303 -14.99 -23.89 32.46
C LYS C 303 -16.40 -24.25 32.91
N LEU C 304 -16.66 -25.56 33.06
CA LEU C 304 -18.00 -26.00 33.40
C LEU C 304 -18.36 -25.63 34.83
N SER C 305 -19.64 -25.41 35.07
CA SER C 305 -20.12 -25.08 36.39
C SER C 305 -20.11 -26.32 37.28
N ASP C 306 -20.48 -26.13 38.55
CA ASP C 306 -20.47 -27.23 39.50
C ASP C 306 -21.49 -28.30 39.16
N ALA C 307 -22.65 -27.90 38.63
CA ALA C 307 -23.67 -28.88 38.26
C ALA C 307 -23.22 -29.77 37.11
N LYS C 308 -22.35 -29.27 36.24
CA LYS C 308 -21.88 -30.01 35.09
C LYS C 308 -20.69 -30.90 35.40
N GLY C 309 -20.17 -30.86 36.63
CA GLY C 309 -19.05 -31.68 37.03
C GLY C 309 -17.78 -30.92 37.35
N GLY C 310 -17.69 -29.65 36.96
CA GLY C 310 -16.54 -28.85 37.30
C GLY C 310 -15.34 -29.02 36.42
N GLY C 311 -15.44 -29.78 35.33
CA GLY C 311 -14.33 -29.94 34.43
C GLY C 311 -14.02 -28.68 33.65
N SER C 312 -12.85 -28.66 33.04
CA SER C 312 -12.40 -27.49 32.31
C SER C 312 -11.49 -27.91 31.17
N LEU C 313 -11.61 -27.20 30.05
CA LEU C 313 -10.73 -27.38 28.90
C LEU C 313 -10.18 -26.03 28.50
N THR C 314 -8.87 -25.92 28.43
CA THR C 314 -8.18 -24.69 28.04
C THR C 314 -7.41 -24.91 26.76
N ALA C 315 -7.38 -23.90 25.90
CA ALA C 315 -6.79 -24.01 24.57
C ALA C 315 -5.74 -22.93 24.38
N LEU C 316 -4.69 -23.27 23.64
CA LEU C 316 -3.60 -22.34 23.32
C LEU C 316 -3.37 -22.37 21.81
N PRO C 317 -4.24 -21.74 21.04
CA PRO C 317 -4.05 -21.70 19.58
C PRO C 317 -2.81 -20.91 19.20
N PHE C 318 -2.21 -21.29 18.07
CA PHE C 318 -1.03 -20.63 17.54
C PHE C 318 -1.38 -19.98 16.21
N VAL C 319 -0.84 -18.79 15.98
CA VAL C 319 -0.99 -18.10 14.71
C VAL C 319 0.37 -17.54 14.31
N GLU C 320 0.77 -17.80 13.06
CA GLU C 320 2.06 -17.36 12.55
C GLU C 320 1.86 -16.18 11.60
N THR C 321 2.60 -15.11 11.84
CA THR C 321 2.47 -13.88 11.06
C THR C 321 3.61 -13.75 10.06
N GLN C 322 3.41 -12.88 9.08
CA GLN C 322 4.40 -12.58 8.05
C GLN C 322 4.99 -11.20 8.30
N ALA C 323 6.30 -11.15 8.53
CA ALA C 323 7.02 -9.89 8.73
C ALA C 323 6.44 -9.08 9.89
N GLY C 324 5.98 -9.77 10.94
CA GLY C 324 5.50 -9.09 12.12
C GLY C 324 4.22 -8.29 11.91
N ASP C 325 3.44 -8.61 10.90
CA ASP C 325 2.20 -7.89 10.63
C ASP C 325 1.07 -8.56 11.41
N ILE C 326 0.60 -7.88 12.46
CA ILE C 326 -0.45 -8.42 13.31
C ILE C 326 -1.84 -8.02 12.84
N SER C 327 -1.94 -7.15 11.85
CA SER C 327 -3.23 -6.67 11.36
C SER C 327 -3.72 -7.42 10.13
N ALA C 328 -3.18 -8.61 9.87
CA ALA C 328 -3.63 -9.39 8.73
C ALA C 328 -4.98 -10.04 9.01
N TYR C 329 -5.54 -10.66 7.97
CA TYR C 329 -6.90 -11.17 8.03
C TYR C 329 -7.05 -12.25 9.09
N ILE C 330 -6.32 -13.35 8.94
CA ILE C 330 -6.40 -14.45 9.91
C ILE C 330 -5.95 -14.03 11.30
N PRO C 331 -4.84 -13.31 11.48
CA PRO C 331 -4.49 -12.86 12.84
C PRO C 331 -5.57 -12.02 13.49
N THR C 332 -6.20 -11.10 12.75
CA THR C 332 -7.26 -10.30 13.35
C THR C 332 -8.47 -11.15 13.69
N ASN C 333 -8.84 -12.09 12.81
CA ASN C 333 -9.98 -12.95 13.08
C ASN C 333 -9.75 -13.78 14.34
N VAL C 334 -8.54 -14.33 14.50
CA VAL C 334 -8.27 -15.14 15.68
C VAL C 334 -8.18 -14.27 16.93
N ILE C 335 -7.61 -13.07 16.81
CA ILE C 335 -7.49 -12.18 17.97
C ILE C 335 -8.88 -11.77 18.46
N SER C 336 -9.83 -11.58 17.54
CA SER C 336 -11.16 -11.17 17.94
C SER C 336 -11.93 -12.26 18.67
N ILE C 337 -11.42 -13.49 18.72
CA ILE C 337 -12.12 -14.62 19.33
C ILE C 337 -11.58 -14.93 20.72
N THR C 338 -10.26 -14.99 20.87
CA THR C 338 -9.65 -15.46 22.11
C THR C 338 -9.75 -14.42 23.21
N ASP C 339 -9.36 -14.83 24.41
CA ASP C 339 -9.39 -13.98 25.60
C ASP C 339 -8.07 -13.26 25.84
N GLY C 340 -7.30 -13.01 24.79
CA GLY C 340 -6.01 -12.35 24.93
C GLY C 340 -5.05 -12.86 23.89
N GLN C 341 -3.84 -12.33 23.95
CA GLN C 341 -2.80 -12.76 23.01
C GLN C 341 -1.43 -12.52 23.64
N ILE C 342 -0.51 -13.44 23.35
CA ILE C 342 0.89 -13.30 23.73
C ILE C 342 1.69 -13.08 22.46
N PHE C 343 2.29 -11.90 22.32
CA PHE C 343 2.95 -11.50 21.10
C PHE C 343 4.46 -11.67 21.24
N LEU C 344 5.08 -12.27 20.24
CA LEU C 344 6.52 -12.49 20.21
C LEU C 344 7.12 -11.70 19.06
N GLN C 345 8.28 -11.09 19.29
CA GLN C 345 8.88 -10.20 18.31
C GLN C 345 10.34 -10.58 18.07
N SER C 346 10.75 -10.47 16.80
CA SER C 346 12.09 -10.88 16.41
C SER C 346 13.14 -9.92 16.97
N ASP C 347 12.85 -8.62 16.99
CA ASP C 347 13.80 -7.66 17.53
C ASP C 347 14.06 -7.90 19.01
N LEU C 348 12.99 -8.21 19.76
CA LEU C 348 13.18 -8.59 21.16
C LEU C 348 13.90 -9.93 21.28
N PHE C 349 13.63 -10.86 20.36
CA PHE C 349 14.30 -12.16 20.42
C PHE C 349 15.80 -12.02 20.25
N PHE C 350 16.24 -11.19 19.30
CA PHE C 350 17.66 -11.05 19.02
C PHE C 350 18.36 -10.03 19.91
N SER C 351 17.61 -9.24 20.66
CA SER C 351 18.19 -8.28 21.60
C SER C 351 18.56 -8.92 22.92
N GLY C 352 18.59 -10.24 22.99
CA GLY C 352 18.91 -10.96 24.21
C GLY C 352 17.72 -11.31 25.07
N VAL C 353 16.52 -10.86 24.71
CA VAL C 353 15.32 -11.09 25.51
C VAL C 353 14.65 -12.36 24.99
N ARG C 354 14.84 -13.46 25.71
CA ARG C 354 13.97 -14.61 25.53
C ARG C 354 13.15 -14.86 26.80
N PRO C 355 11.89 -15.33 26.67
CA PRO C 355 11.20 -15.76 25.45
C PRO C 355 10.57 -14.64 24.61
N ALA C 356 11.08 -13.42 24.75
CA ALA C 356 10.72 -12.31 23.87
C ALA C 356 9.22 -11.98 23.95
N ILE C 357 8.69 -11.94 25.17
CA ILE C 357 7.31 -11.51 25.37
C ILE C 357 7.23 -10.00 25.23
N ASN C 358 6.31 -9.52 24.41
CA ASN C 358 6.07 -8.09 24.24
C ASN C 358 4.98 -7.69 25.23
N ALA C 359 5.39 -7.10 26.35
CA ALA C 359 4.43 -6.77 27.41
C ALA C 359 3.44 -5.70 26.96
N GLY C 360 3.88 -4.74 26.15
CA GLY C 360 2.99 -3.68 25.73
C GLY C 360 1.84 -4.18 24.89
N LEU C 361 2.10 -5.08 23.95
CA LEU C 361 1.07 -5.57 23.04
C LEU C 361 0.39 -6.84 23.53
N SER C 362 0.84 -7.41 24.65
CA SER C 362 0.19 -8.58 25.23
C SER C 362 -0.83 -8.15 26.27
N VAL C 363 -1.88 -8.96 26.41
CA VAL C 363 -2.94 -8.66 27.36
C VAL C 363 -3.64 -9.96 27.72
N SER C 364 -4.17 -10.03 28.95
CA SER C 364 -4.98 -11.13 29.40
C SER C 364 -6.28 -10.58 29.94
N ARG C 365 -7.41 -11.00 29.37
CA ARG C 365 -8.71 -10.50 29.79
C ARG C 365 -9.24 -11.23 31.01
N VAL C 366 -8.55 -12.26 31.48
CA VAL C 366 -8.91 -12.98 32.69
C VAL C 366 -7.90 -12.71 33.82
N GLY C 367 -7.00 -11.75 33.60
CA GLY C 367 -5.95 -11.52 34.57
C GLY C 367 -6.47 -11.10 35.93
N GLY C 368 -5.70 -11.41 36.96
CA GLY C 368 -6.11 -11.17 38.33
C GLY C 368 -6.80 -12.38 38.93
N ALA C 369 -7.91 -12.79 38.33
CA ALA C 369 -8.62 -13.96 38.84
C ALA C 369 -7.81 -15.23 38.63
N ALA C 370 -6.93 -15.25 37.63
CA ALA C 370 -6.12 -16.42 37.30
C ALA C 370 -4.76 -16.41 38.01
N GLN C 371 -4.66 -15.74 39.16
CA GLN C 371 -3.43 -15.67 39.92
C GLN C 371 -3.73 -15.91 41.39
N ILE C 372 -2.73 -16.41 42.11
CA ILE C 372 -2.85 -16.58 43.56
C ILE C 372 -2.72 -15.21 44.22
N LYS C 373 -3.08 -15.13 45.50
CA LYS C 373 -3.09 -13.85 46.20
C LYS C 373 -1.69 -13.24 46.25
N ALA C 374 -0.68 -14.06 46.57
CA ALA C 374 0.68 -13.55 46.67
C ALA C 374 1.17 -13.01 45.32
N MET C 375 0.95 -13.79 44.25
CA MET C 375 1.39 -13.35 42.93
C MET C 375 0.67 -12.07 42.51
N LYS C 376 -0.62 -11.98 42.81
CA LYS C 376 -1.37 -10.77 42.47
C LYS C 376 -0.82 -9.56 43.20
N LYS C 377 -0.69 -9.66 44.52
CA LYS C 377 -0.24 -8.51 45.31
C LYS C 377 1.21 -8.16 45.05
N VAL C 378 2.01 -9.09 44.52
CA VAL C 378 3.40 -8.78 44.20
C VAL C 378 3.53 -8.19 42.80
N ALA C 379 2.81 -8.73 41.82
CA ALA C 379 2.99 -8.35 40.42
C ALA C 379 1.96 -7.35 39.92
N GLY C 380 1.13 -6.78 40.81
CA GLY C 380 0.22 -5.73 40.38
C GLY C 380 0.91 -4.55 39.74
N THR C 381 2.06 -4.13 40.28
CA THR C 381 2.74 -2.92 39.84
C THR C 381 3.77 -3.17 38.73
N LEU C 382 3.99 -4.42 38.35
CA LEU C 382 4.99 -4.72 37.34
C LEU C 382 4.62 -4.18 35.98
N ARG C 383 3.33 -4.19 35.62
CA ARG C 383 2.92 -3.63 34.35
C ARG C 383 3.20 -2.13 34.29
N LEU C 384 2.90 -1.41 35.37
CA LEU C 384 3.23 0.01 35.43
C LEU C 384 4.74 0.22 35.34
N ASP C 385 5.52 -0.62 36.01
CA ASP C 385 6.97 -0.51 35.95
C ASP C 385 7.47 -0.64 34.51
N LEU C 386 7.02 -1.69 33.81
CA LEU C 386 7.47 -1.91 32.43
C LEU C 386 6.99 -0.80 31.51
N ALA C 387 5.75 -0.31 31.72
CA ALA C 387 5.25 0.77 30.89
C ALA C 387 6.12 2.01 31.04
N ALA C 388 6.44 2.38 32.29
CA ALA C 388 7.31 3.53 32.52
C ALA C 388 8.68 3.31 31.91
N TYR C 389 9.24 2.12 32.06
CA TYR C 389 10.56 1.84 31.52
C TYR C 389 10.58 2.00 30.01
N ARG C 390 9.60 1.41 29.32
CA ARG C 390 9.56 1.51 27.87
C ARG C 390 9.34 2.94 27.42
N GLU C 391 8.42 3.65 28.08
CA GLU C 391 8.13 5.03 27.69
C GLU C 391 9.37 5.92 27.83
N LEU C 392 10.12 5.76 28.93
CA LEU C 392 11.31 6.57 29.10
C LEU C 392 12.43 6.15 28.15
N GLU C 393 12.66 4.84 28.02
CA GLU C 393 13.73 4.33 27.17
C GLU C 393 13.50 4.63 25.70
N ALA C 394 12.25 4.92 25.30
CA ALA C 394 11.98 5.24 23.91
C ALA C 394 12.80 6.44 23.42
N PHE C 395 13.16 7.34 24.33
CA PHE C 395 13.95 8.51 23.95
C PHE C 395 15.12 8.82 24.88
N ALA C 396 15.26 8.13 26.01
CA ALA C 396 16.26 8.52 27.00
C ALA C 396 17.69 8.36 26.50
N GLN C 397 17.91 7.54 25.46
CA GLN C 397 19.27 7.34 24.96
C GLN C 397 19.82 8.57 24.26
N PHE C 398 18.99 9.57 23.95
CA PHE C 398 19.46 10.82 23.39
C PHE C 398 18.86 12.05 24.06
N GLY C 399 17.80 11.90 24.86
CA GLY C 399 17.13 13.07 25.42
C GLY C 399 18.01 13.82 26.40
N SER C 400 18.84 13.10 27.16
CA SER C 400 19.71 13.70 28.18
C SER C 400 18.93 14.48 29.22
N ASP C 401 17.68 14.06 29.47
CA ASP C 401 16.87 14.70 30.51
C ASP C 401 17.48 14.45 31.90
N LEU C 402 17.92 13.21 32.14
CA LEU C 402 18.68 12.83 33.33
C LEU C 402 18.03 13.33 34.64
N ASP C 403 16.71 13.45 34.65
CA ASP C 403 16.02 13.72 35.91
C ASP C 403 16.19 12.54 36.86
N LYS C 404 16.17 12.83 38.16
CA LYS C 404 16.43 11.79 39.15
C LYS C 404 15.37 10.69 39.09
N ALA C 405 14.10 11.08 39.01
CA ALA C 405 13.03 10.09 38.93
C ALA C 405 13.14 9.27 37.66
N THR C 406 13.46 9.92 36.54
CA THR C 406 13.63 9.18 35.28
C THR C 406 14.78 8.20 35.37
N GLN C 407 15.90 8.60 35.97
CA GLN C 407 17.03 7.69 36.12
C GLN C 407 16.67 6.50 37.00
N ALA C 408 15.98 6.76 38.13
CA ALA C 408 15.56 5.65 38.99
C ALA C 408 14.62 4.71 38.27
N LYS C 409 13.67 5.26 37.51
CA LYS C 409 12.73 4.41 36.77
C LYS C 409 13.45 3.61 35.70
N LEU C 410 14.41 4.20 35.01
CA LEU C 410 15.16 3.48 33.99
C LEU C 410 15.97 2.34 34.61
N ALA C 411 16.63 2.60 35.74
CA ALA C 411 17.39 1.54 36.39
C ALA C 411 16.48 0.42 36.86
N ARG C 412 15.34 0.76 37.46
CA ARG C 412 14.41 -0.27 37.92
C ARG C 412 13.87 -1.09 36.75
N GLY C 413 13.53 -0.42 35.64
CA GLY C 413 13.03 -1.14 34.49
C GLY C 413 14.08 -2.05 33.86
N ALA C 414 15.32 -1.59 33.78
CA ALA C 414 16.39 -2.43 33.25
C ALA C 414 16.59 -3.65 34.13
N ARG C 415 16.58 -3.46 35.45
CA ARG C 415 16.72 -4.60 36.36
C ARG C 415 15.55 -5.58 36.21
N THR C 416 14.33 -5.05 36.05
CA THR C 416 13.18 -5.92 35.86
C THR C 416 13.29 -6.72 34.57
N VAL C 417 13.70 -6.05 33.48
CA VAL C 417 13.85 -6.74 32.20
C VAL C 417 14.91 -7.83 32.31
N GLU C 418 16.01 -7.54 33.00
CA GLU C 418 17.03 -8.57 33.22
C GLU C 418 16.46 -9.74 34.03
N VAL C 419 15.62 -9.43 35.03
CA VAL C 419 15.04 -10.48 35.86
C VAL C 419 14.15 -11.39 35.02
N LEU C 420 13.34 -10.79 34.14
CA LEU C 420 12.30 -11.56 33.43
C LEU C 420 12.85 -12.58 32.45
N LYS C 421 14.14 -12.57 32.15
CA LYS C 421 14.70 -13.52 31.20
C LYS C 421 14.70 -14.92 31.81
N GLN C 422 14.73 -15.92 30.93
CA GLN C 422 14.67 -17.32 31.35
C GLN C 422 15.35 -18.19 30.31
N ASP C 423 15.71 -19.39 30.73
CA ASP C 423 16.36 -20.37 29.86
C ASP C 423 15.37 -21.42 29.38
N LEU C 424 15.70 -22.06 28.27
CA LEU C 424 14.81 -23.05 27.69
C LEU C 424 14.74 -24.31 28.56
N HIS C 425 13.53 -24.85 28.68
CA HIS C 425 13.29 -26.09 29.44
C HIS C 425 13.78 -25.97 30.88
N GLN C 426 13.57 -24.81 31.48
CA GLN C 426 13.95 -24.55 32.87
C GLN C 426 12.77 -23.94 33.61
N PRO C 427 11.75 -24.74 33.93
CA PRO C 427 10.63 -24.22 34.72
C PRO C 427 11.02 -24.02 36.17
N ILE C 428 10.35 -23.08 36.82
CA ILE C 428 10.61 -22.79 38.23
C ILE C 428 9.29 -22.69 38.98
N PRO C 429 9.25 -23.05 40.27
CA PRO C 429 7.99 -23.04 41.01
C PRO C 429 7.41 -21.65 41.20
N VAL C 430 6.09 -21.62 41.34
CA VAL C 430 5.37 -20.34 41.47
C VAL C 430 5.78 -19.63 42.74
N GLU C 431 6.07 -20.38 43.81
CA GLU C 431 6.52 -19.75 45.05
C GLU C 431 7.84 -19.01 44.86
N LYS C 432 8.78 -19.63 44.15
CA LYS C 432 10.05 -18.98 43.89
C LYS C 432 9.89 -17.79 42.96
N GLN C 433 8.97 -17.88 41.98
CA GLN C 433 8.66 -16.71 41.17
C GLN C 433 8.12 -15.58 42.04
N VAL C 434 7.19 -15.89 42.95
CA VAL C 434 6.64 -14.88 43.83
C VAL C 434 7.74 -14.21 44.62
N LEU C 435 8.66 -15.01 45.16
CA LEU C 435 9.75 -14.44 45.97
C LEU C 435 10.67 -13.56 45.13
N ILE C 436 11.00 -13.98 43.90
CA ILE C 436 11.97 -13.22 43.12
C ILE C 436 11.37 -11.89 42.64
N ILE C 437 10.11 -11.92 42.16
CA ILE C 437 9.50 -10.64 41.81
C ILE C 437 9.23 -9.78 43.06
N TYR C 438 9.00 -10.40 44.21
CA TYR C 438 8.90 -9.60 45.44
C TYR C 438 10.21 -8.87 45.71
N ALA C 439 11.32 -9.59 45.62
CA ALA C 439 12.63 -8.97 45.85
C ALA C 439 12.89 -7.86 44.84
N LEU C 440 12.50 -8.09 43.58
CA LEU C 440 12.70 -7.06 42.56
C LEU C 440 11.86 -5.81 42.85
N THR C 441 10.57 -6.00 43.15
CA THR C 441 9.67 -4.87 43.32
C THR C 441 9.97 -4.09 44.59
N ARG C 442 10.37 -4.78 45.65
CA ARG C 442 10.68 -4.09 46.90
C ARG C 442 11.93 -3.24 46.83
N GLY C 443 12.71 -3.36 45.76
CA GLY C 443 13.91 -2.56 45.59
C GLY C 443 15.14 -3.09 46.28
N PHE C 444 15.10 -4.33 46.78
CA PHE C 444 16.25 -4.88 47.48
C PHE C 444 17.44 -5.13 46.56
N LEU C 445 17.21 -5.32 45.26
CA LEU C 445 18.28 -5.54 44.30
C LEU C 445 18.61 -4.29 43.49
N ASP C 446 18.17 -3.12 43.95
CA ASP C 446 18.42 -1.88 43.21
C ASP C 446 19.89 -1.54 43.12
N ASP C 447 20.72 -2.03 44.04
CA ASP C 447 22.15 -1.77 43.99
C ASP C 447 22.93 -2.84 43.24
N ILE C 448 22.31 -3.95 42.88
CA ILE C 448 22.98 -5.04 42.19
C ILE C 448 23.21 -4.66 40.74
N PRO C 449 24.40 -4.92 40.19
CA PRO C 449 24.63 -4.64 38.76
C PRO C 449 23.72 -5.48 37.88
N VAL C 450 23.37 -4.91 36.73
CA VAL C 450 22.45 -5.59 35.80
C VAL C 450 23.05 -6.91 35.34
N GLU C 451 24.33 -6.90 34.98
CA GLU C 451 24.99 -8.13 34.56
C GLU C 451 25.05 -9.15 35.69
N ASP C 452 25.02 -8.70 36.95
CA ASP C 452 25.03 -9.60 38.09
C ASP C 452 23.64 -10.02 38.54
N VAL C 453 22.59 -9.43 37.95
CA VAL C 453 21.22 -9.73 38.39
C VAL C 453 20.88 -11.20 38.20
N ARG C 454 21.25 -11.78 37.05
CA ARG C 454 20.89 -13.17 36.79
C ARG C 454 21.60 -14.12 37.73
N ARG C 455 22.90 -13.90 37.97
CA ARG C 455 23.61 -14.70 38.96
C ARG C 455 23.03 -14.50 40.35
N PHE C 456 22.57 -13.28 40.65
CA PHE C 456 21.90 -13.03 41.92
C PHE C 456 20.65 -13.88 42.04
N GLU C 457 19.87 -13.97 40.96
CA GLU C 457 18.65 -14.78 41.00
C GLU C 457 18.98 -16.26 41.18
N LYS C 458 19.99 -16.75 40.46
CA LYS C 458 20.37 -18.17 40.61
C LYS C 458 20.83 -18.46 42.04
N GLU C 459 21.67 -17.58 42.59
CA GLU C 459 22.13 -17.77 43.96
C GLU C 459 20.99 -17.65 44.95
N PHE C 460 20.00 -16.80 44.67
CA PHE C 460 18.84 -16.69 45.55
C PHE C 460 18.03 -17.97 45.55
N TYR C 461 17.86 -18.58 44.38
CA TYR C 461 17.16 -19.87 44.33
C TYR C 461 17.92 -20.94 45.09
N LEU C 462 19.25 -20.98 44.91
CA LEU C 462 20.05 -21.95 45.66
C LEU C 462 19.97 -21.70 47.16
N PHE C 463 20.00 -20.43 47.57
CA PHE C 463 19.93 -20.10 48.99
C PHE C 463 18.58 -20.47 49.58
N LEU C 464 17.50 -20.27 48.82
CA LEU C 464 16.18 -20.66 49.29
C LEU C 464 16.03 -22.17 49.32
N ASP C 465 16.77 -22.88 48.48
CA ASP C 465 16.75 -24.34 48.54
C ASP C 465 17.28 -24.88 49.86
N GLN C 466 18.07 -24.09 50.59
CA GLN C 466 18.64 -24.51 51.87
C GLN C 466 17.97 -23.83 53.07
N ASN C 467 17.89 -22.51 53.07
CA ASN C 467 17.31 -21.75 54.16
C ASN C 467 16.05 -21.05 53.68
N GLY C 468 15.17 -20.74 54.62
CA GLY C 468 13.91 -20.12 54.27
C GLY C 468 12.92 -21.05 53.62
N GLN C 469 13.15 -22.36 53.69
CA GLN C 469 12.23 -23.32 53.09
C GLN C 469 10.84 -23.25 53.70
N HIS C 470 10.73 -22.82 54.96
CA HIS C 470 9.41 -22.69 55.58
C HIS C 470 8.58 -21.61 54.89
N LEU C 471 9.23 -20.57 54.35
CA LEU C 471 8.49 -19.60 53.55
C LEU C 471 7.89 -20.24 52.31
N LEU C 472 8.66 -21.09 51.63
CA LEU C 472 8.13 -21.79 50.46
C LEU C 472 6.99 -22.71 50.84
N GLU C 473 7.13 -23.43 51.96
CA GLU C 473 6.05 -24.30 52.41
C GLU C 473 4.79 -23.51 52.72
N HIS C 474 4.95 -22.37 53.41
CA HIS C 474 3.79 -21.53 53.73
C HIS C 474 3.12 -21.01 52.47
N ILE C 475 3.91 -20.57 51.48
CA ILE C 475 3.33 -20.07 50.24
C ILE C 475 2.58 -21.18 49.53
N ARG C 476 3.20 -22.36 49.41
CA ARG C 476 2.55 -23.44 48.68
C ARG C 476 1.37 -24.04 49.43
N THR C 477 1.26 -23.79 50.74
CA THR C 477 0.14 -24.32 51.50
C THR C 477 -1.01 -23.34 51.65
N THR C 478 -0.74 -22.03 51.65
CA THR C 478 -1.78 -21.04 51.91
C THR C 478 -2.04 -20.11 50.73
N LYS C 479 -1.28 -20.23 49.64
CA LYS C 479 -1.45 -19.40 48.46
C LYS C 479 -1.37 -17.91 48.78
N ASP C 480 -0.54 -17.55 49.76
CA ASP C 480 -0.42 -16.16 50.18
C ASP C 480 1.01 -15.91 50.66
N LEU C 481 1.38 -14.63 50.69
CA LEU C 481 2.70 -14.24 51.11
C LEU C 481 2.93 -14.54 52.58
N PRO C 482 4.16 -14.86 52.97
CA PRO C 482 4.47 -15.01 54.41
C PRO C 482 4.55 -13.67 55.10
N ASN C 483 4.95 -13.66 56.37
CA ASN C 483 5.13 -12.42 57.09
C ASN C 483 6.22 -11.59 56.42
N GLU C 484 5.95 -10.29 56.26
CA GLU C 484 6.85 -9.44 55.48
C GLU C 484 8.22 -9.30 56.15
N ASP C 485 8.24 -9.19 57.48
CA ASP C 485 9.50 -8.97 58.17
C ASP C 485 10.44 -10.16 58.03
N ASP C 486 9.92 -11.38 58.16
CA ASP C 486 10.76 -12.56 58.01
C ASP C 486 11.32 -12.67 56.60
N LEU C 487 10.49 -12.41 55.60
CA LEU C 487 10.96 -12.44 54.22
C LEU C 487 12.02 -11.36 53.99
N ASN C 488 11.80 -10.17 54.53
CA ASN C 488 12.77 -9.09 54.36
C ASN C 488 14.10 -9.44 55.01
N LYS C 489 14.08 -10.02 56.22
CA LYS C 489 15.34 -10.35 56.88
C LYS C 489 16.04 -11.51 56.18
N ALA C 490 15.30 -12.48 55.64
CA ALA C 490 15.93 -13.53 54.86
C ALA C 490 16.58 -12.97 53.60
N ILE C 491 15.90 -12.04 52.93
CA ILE C 491 16.47 -11.40 51.75
C ILE C 491 17.74 -10.64 52.12
N GLU C 492 17.72 -9.93 53.24
CA GLU C 492 18.90 -9.19 53.68
C GLU C 492 20.05 -10.14 54.00
N ALA C 493 19.75 -11.26 54.64
CA ALA C 493 20.80 -12.23 54.93
C ALA C 493 21.43 -12.78 53.66
N PHE C 494 20.60 -13.13 52.68
CA PHE C 494 21.15 -13.60 51.40
C PHE C 494 21.95 -12.51 50.71
N LYS C 495 21.47 -11.26 50.77
CA LYS C 495 22.20 -10.16 50.16
C LYS C 495 23.55 -9.97 50.81
N LYS C 496 23.62 -10.10 52.13
CA LYS C 496 24.90 -10.01 52.84
C LYS C 496 25.84 -11.14 52.43
N THR C 497 25.32 -12.36 52.34
CA THR C 497 26.19 -13.48 51.96
C THR C 497 26.48 -13.52 50.47
N PHE C 498 25.82 -12.68 49.67
CA PHE C 498 26.08 -12.64 48.24
C PHE C 498 27.34 -11.84 47.93
N VAL C 499 28.13 -12.33 46.98
CA VAL C 499 29.36 -11.67 46.57
C VAL C 499 29.05 -10.85 45.32
N VAL C 500 29.10 -9.52 45.46
CA VAL C 500 28.85 -8.64 44.34
C VAL C 500 30.12 -8.49 43.52
N SER C 501 30.01 -8.74 42.21
CA SER C 501 31.15 -8.62 41.32
C SER C 501 31.17 -7.24 40.66
N MET D 12 -49.78 -31.20 0.72
CA MET D 12 -50.73 -30.13 0.97
C MET D 12 -50.01 -28.79 1.08
N THR D 13 -49.56 -28.45 2.29
CA THR D 13 -48.79 -27.24 2.53
C THR D 13 -47.39 -27.55 3.05
N ARG D 14 -46.86 -28.73 2.74
CA ARG D 14 -45.55 -29.15 3.19
C ARG D 14 -44.53 -28.99 2.06
N GLY D 15 -43.26 -28.89 2.44
CA GLY D 15 -42.17 -28.77 1.50
C GLY D 15 -41.20 -29.93 1.63
N ARG D 16 -40.20 -29.90 0.75
CA ARG D 16 -39.15 -30.91 0.73
C ARG D 16 -37.79 -30.24 0.61
N VAL D 17 -36.80 -30.82 1.28
CA VAL D 17 -35.43 -30.33 1.20
C VAL D 17 -34.78 -30.90 -0.06
N ILE D 18 -34.18 -30.04 -0.88
CA ILE D 18 -33.59 -30.49 -2.12
C ILE D 18 -32.08 -30.23 -2.13
N GLN D 19 -31.63 -29.24 -1.37
CA GLN D 19 -30.22 -28.92 -1.28
C GLN D 19 -29.86 -28.52 0.13
N VAL D 20 -28.70 -28.99 0.60
CA VAL D 20 -28.13 -28.58 1.87
C VAL D 20 -26.69 -28.18 1.63
N MET D 21 -26.38 -26.90 1.83
CA MET D 21 -25.02 -26.39 1.65
C MET D 21 -24.72 -25.49 2.85
N GLY D 22 -24.19 -26.09 3.91
CA GLY D 22 -23.90 -25.37 5.13
C GLY D 22 -25.12 -24.74 5.75
N PRO D 23 -25.04 -23.45 6.08
CA PRO D 23 -26.18 -22.77 6.71
C PRO D 23 -27.35 -22.52 5.79
N VAL D 24 -27.21 -22.77 4.49
CA VAL D 24 -28.24 -22.45 3.50
C VAL D 24 -28.91 -23.74 3.05
N VAL D 25 -30.24 -23.76 3.09
CA VAL D 25 -31.03 -24.92 2.72
C VAL D 25 -32.10 -24.49 1.72
N ASP D 26 -32.26 -25.26 0.65
CA ASP D 26 -33.27 -24.98 -0.36
C ASP D 26 -34.46 -25.90 -0.15
N VAL D 27 -35.66 -25.34 -0.18
CA VAL D 27 -36.90 -26.07 0.06
C VAL D 27 -37.82 -25.86 -1.13
N LYS D 28 -38.45 -26.93 -1.58
CA LYS D 28 -39.38 -26.90 -2.71
C LYS D 28 -40.81 -27.08 -2.19
N PHE D 29 -41.69 -26.18 -2.59
CA PHE D 29 -43.10 -26.22 -2.20
C PHE D 29 -43.96 -26.49 -3.43
N GLU D 30 -45.24 -26.77 -3.16
CA GLU D 30 -46.18 -26.98 -4.25
C GLU D 30 -46.60 -25.64 -4.84
N ASN D 31 -47.10 -25.69 -6.07
CA ASN D 31 -47.49 -24.48 -6.78
C ASN D 31 -48.64 -23.79 -6.07
N GLY D 32 -48.51 -22.48 -5.89
CA GLY D 32 -49.56 -21.70 -5.26
C GLY D 32 -49.57 -21.71 -3.75
N HIS D 33 -48.51 -22.22 -3.12
CA HIS D 33 -48.44 -22.28 -1.66
C HIS D 33 -47.07 -21.87 -1.16
N LEU D 34 -46.39 -20.99 -1.89
CA LEU D 34 -45.06 -20.55 -1.48
C LEU D 34 -45.15 -19.69 -0.22
N PRO D 35 -44.20 -19.82 0.70
CA PRO D 35 -44.17 -18.93 1.87
C PRO D 35 -43.57 -17.58 1.51
N ALA D 36 -44.06 -16.55 2.20
CA ALA D 36 -43.57 -15.20 1.95
C ALA D 36 -42.15 -15.04 2.47
N ILE D 37 -41.52 -13.94 2.07
CA ILE D 37 -40.17 -13.65 2.54
C ILE D 37 -40.19 -13.42 4.04
N TYR D 38 -39.10 -13.82 4.70
CA TYR D 38 -38.87 -13.69 6.14
C TYR D 38 -39.76 -14.61 6.96
N ASN D 39 -40.50 -15.51 6.32
CA ASN D 39 -41.31 -16.46 7.07
C ASN D 39 -40.43 -17.50 7.75
N ALA D 40 -41.00 -18.19 8.74
CA ALA D 40 -40.29 -19.19 9.50
C ALA D 40 -40.79 -20.59 9.12
N LEU D 41 -39.85 -21.49 8.87
CA LEU D 41 -40.16 -22.87 8.52
C LEU D 41 -39.52 -23.80 9.54
N LYS D 42 -40.26 -24.83 9.95
CA LYS D 42 -39.83 -25.76 10.98
C LYS D 42 -39.57 -27.12 10.37
N ILE D 43 -38.46 -27.74 10.74
CA ILE D 43 -38.15 -29.11 10.38
C ILE D 43 -38.11 -29.92 11.66
N GLN D 44 -39.07 -30.84 11.82
CA GLN D 44 -39.18 -31.68 13.01
C GLN D 44 -39.31 -33.12 12.52
N HIS D 45 -38.17 -33.80 12.39
CA HIS D 45 -38.11 -35.14 11.83
C HIS D 45 -37.66 -36.13 12.89
N LYS D 46 -38.31 -37.30 12.90
CA LYS D 46 -38.02 -38.36 13.86
C LYS D 46 -37.21 -39.45 13.17
N ALA D 47 -36.32 -40.08 13.93
CA ALA D 47 -35.44 -41.10 13.36
C ALA D 47 -36.25 -42.31 12.91
N ARG D 48 -36.19 -42.60 11.62
CA ARG D 48 -36.88 -43.78 11.09
C ARG D 48 -36.13 -45.07 11.40
N ASN D 49 -34.81 -44.99 11.52
CA ASN D 49 -33.99 -46.17 11.81
C ASN D 49 -32.68 -45.69 12.44
N GLU D 50 -31.71 -46.60 12.52
CA GLU D 50 -30.44 -46.27 13.17
C GLU D 50 -29.47 -45.55 12.25
N ASN D 51 -29.82 -45.35 10.98
CA ASN D 51 -28.98 -44.60 10.06
C ASN D 51 -29.38 -43.14 9.97
N GLU D 52 -30.31 -42.68 10.81
CA GLU D 52 -30.79 -41.31 10.79
C GLU D 52 -30.84 -40.78 12.21
N VAL D 53 -30.82 -39.46 12.34
CA VAL D 53 -30.81 -38.79 13.63
C VAL D 53 -31.97 -37.82 13.70
N ASP D 54 -32.38 -37.51 14.93
CA ASP D 54 -33.47 -36.57 15.14
C ASP D 54 -33.03 -35.14 14.88
N ILE D 55 -33.95 -34.34 14.36
CA ILE D 55 -33.66 -32.95 14.01
C ILE D 55 -34.84 -32.08 14.46
N ASP D 56 -34.53 -30.93 15.03
CA ASP D 56 -35.51 -29.90 15.37
C ASP D 56 -34.87 -28.56 14.99
N LEU D 57 -35.16 -28.11 13.78
CA LEU D 57 -34.46 -26.97 13.18
C LEU D 57 -35.46 -25.97 12.62
N THR D 58 -35.06 -24.71 12.65
CA THR D 58 -35.89 -23.60 12.17
C THR D 58 -35.17 -22.88 11.05
N LEU D 59 -35.91 -22.58 9.97
CA LEU D 59 -35.36 -21.91 8.80
C LEU D 59 -36.12 -20.62 8.54
N GLU D 60 -35.41 -19.62 8.02
CA GLU D 60 -36.00 -18.33 7.68
C GLU D 60 -35.91 -18.14 6.16
N VAL D 61 -37.04 -17.81 5.54
CA VAL D 61 -37.10 -17.66 4.09
C VAL D 61 -36.32 -16.42 3.68
N ALA D 62 -35.49 -16.56 2.64
CA ALA D 62 -34.65 -15.46 2.17
C ALA D 62 -34.97 -15.06 0.74
N LEU D 63 -35.06 -16.01 -0.19
CA LEU D 63 -35.24 -15.69 -1.60
C LEU D 63 -36.27 -16.61 -2.21
N HIS D 64 -36.86 -16.15 -3.31
CA HIS D 64 -37.72 -16.96 -4.18
C HIS D 64 -36.93 -17.25 -5.45
N LEU D 65 -36.48 -18.50 -5.59
CA LEU D 65 -35.62 -18.89 -6.69
C LEU D 65 -36.39 -19.26 -7.95
N GLY D 66 -37.71 -19.24 -7.91
CA GLY D 66 -38.51 -19.70 -9.03
C GLY D 66 -38.68 -21.20 -9.02
N ASP D 67 -39.57 -21.67 -9.90
CA ASP D 67 -39.93 -23.09 -9.98
C ASP D 67 -40.43 -23.60 -8.64
N ASP D 68 -41.14 -22.74 -7.91
CA ASP D 68 -41.75 -23.06 -6.62
C ASP D 68 -40.73 -23.46 -5.56
N THR D 69 -39.48 -23.02 -5.70
CA THR D 69 -38.44 -23.32 -4.74
C THR D 69 -38.07 -22.06 -3.96
N VAL D 70 -37.66 -22.25 -2.71
CA VAL D 70 -37.34 -21.16 -1.81
C VAL D 70 -36.01 -21.46 -1.12
N ARG D 71 -35.16 -20.45 -1.05
CA ARG D 71 -33.85 -20.57 -0.41
C ARG D 71 -33.92 -19.97 0.99
N THR D 72 -33.52 -20.75 1.99
CA THR D 72 -33.65 -20.35 3.39
C THR D 72 -32.31 -20.49 4.09
N ILE D 73 -32.17 -19.74 5.20
CA ILE D 73 -31.00 -19.81 6.06
C ILE D 73 -31.41 -20.45 7.39
N ALA D 74 -30.61 -21.38 7.87
CA ALA D 74 -30.92 -22.13 9.07
C ALA D 74 -30.53 -21.35 10.32
N MET D 75 -31.30 -21.57 11.38
CA MET D 75 -31.04 -20.95 12.67
C MET D 75 -30.12 -21.78 13.56
N ALA D 76 -29.75 -22.99 13.14
CA ALA D 76 -28.89 -23.86 13.93
C ALA D 76 -28.06 -24.70 12.97
N SER D 77 -27.45 -25.76 13.50
CA SER D 77 -26.59 -26.61 12.69
C SER D 77 -27.43 -27.45 11.74
N THR D 78 -26.91 -27.65 10.52
CA THR D 78 -27.59 -28.40 9.49
C THR D 78 -27.06 -29.82 9.35
N ASP D 79 -26.24 -30.28 10.28
CA ASP D 79 -25.73 -31.64 10.20
C ASP D 79 -26.85 -32.65 10.46
N GLY D 80 -26.95 -33.64 9.58
CA GLY D 80 -27.98 -34.65 9.68
C GLY D 80 -29.15 -34.46 8.74
N LEU D 81 -29.23 -33.34 8.04
CA LEU D 81 -30.33 -33.11 7.11
C LEU D 81 -30.23 -34.04 5.92
N ILE D 82 -31.38 -34.50 5.43
CA ILE D 82 -31.47 -35.44 4.33
C ILE D 82 -32.35 -34.84 3.25
N ARG D 83 -31.91 -34.93 2.00
CA ARG D 83 -32.72 -34.47 0.89
C ARG D 83 -34.02 -35.25 0.82
N GLY D 84 -35.14 -34.54 0.99
CA GLY D 84 -36.45 -35.16 1.00
C GLY D 84 -37.20 -35.05 2.30
N MET D 85 -36.63 -34.43 3.33
CA MET D 85 -37.32 -34.25 4.59
C MET D 85 -38.50 -33.30 4.42
N GLU D 86 -39.48 -33.44 5.30
CA GLU D 86 -40.70 -32.64 5.23
C GLU D 86 -40.52 -31.35 6.02
N VAL D 87 -40.95 -30.24 5.41
CA VAL D 87 -40.85 -28.91 5.99
C VAL D 87 -42.24 -28.32 6.11
N ILE D 88 -42.56 -27.79 7.28
CA ILE D 88 -43.86 -27.18 7.55
C ILE D 88 -43.68 -25.67 7.59
N ASP D 89 -44.74 -24.95 7.21
CA ASP D 89 -44.73 -23.50 7.15
C ASP D 89 -45.52 -22.94 8.32
N THR D 90 -44.91 -22.03 9.08
CA THR D 90 -45.58 -21.41 10.22
C THR D 90 -46.52 -20.28 9.80
N GLY D 91 -46.36 -19.75 8.59
CA GLY D 91 -47.24 -18.71 8.10
C GLY D 91 -46.93 -17.32 8.60
N ALA D 92 -45.88 -17.13 9.37
CA ALA D 92 -45.52 -15.83 9.92
C ALA D 92 -44.04 -15.83 10.23
N PRO D 93 -43.41 -14.65 10.30
CA PRO D 93 -42.01 -14.59 10.71
C PRO D 93 -41.82 -15.05 12.15
N ILE D 94 -40.56 -15.21 12.53
CA ILE D 94 -40.25 -15.68 13.87
C ILE D 94 -40.84 -14.74 14.90
N SER D 95 -41.54 -15.30 15.88
CA SER D 95 -42.24 -14.52 16.89
C SER D 95 -41.66 -14.81 18.26
N VAL D 96 -41.41 -13.75 19.02
CA VAL D 96 -40.83 -13.87 20.36
C VAL D 96 -41.83 -13.32 21.38
N PRO D 97 -41.90 -13.89 22.58
CA PRO D 97 -42.82 -13.36 23.58
C PRO D 97 -42.41 -11.97 24.04
N VAL D 98 -43.42 -11.16 24.37
CA VAL D 98 -43.21 -9.81 24.87
C VAL D 98 -44.10 -9.61 26.10
N GLY D 99 -43.74 -8.61 26.90
CA GLY D 99 -44.51 -8.28 28.08
C GLY D 99 -43.69 -8.30 29.36
N GLU D 100 -44.37 -8.34 30.50
CA GLU D 100 -43.68 -8.42 31.78
C GLU D 100 -43.01 -9.76 32.01
N VAL D 101 -43.44 -10.80 31.28
CA VAL D 101 -42.89 -12.14 31.48
C VAL D 101 -41.43 -12.21 31.06
N THR D 102 -40.98 -11.32 30.18
CA THR D 102 -39.60 -11.36 29.71
C THR D 102 -38.61 -10.73 30.67
N LEU D 103 -39.07 -9.98 31.66
CA LEU D 103 -38.16 -9.32 32.59
C LEU D 103 -37.54 -10.33 33.54
N GLY D 104 -36.21 -10.30 33.66
CA GLY D 104 -35.49 -11.22 34.51
C GLY D 104 -35.18 -12.56 33.88
N ARG D 105 -35.57 -12.78 32.63
CA ARG D 105 -35.33 -14.05 31.94
C ARG D 105 -34.22 -13.89 30.92
N VAL D 106 -33.74 -15.03 30.41
CA VAL D 106 -32.72 -15.09 29.38
C VAL D 106 -33.24 -15.92 28.23
N PHE D 107 -33.16 -15.39 27.01
CA PHE D 107 -33.73 -16.02 25.84
C PHE D 107 -32.65 -16.22 24.76
N ASN D 108 -32.96 -17.10 23.81
CA ASN D 108 -32.15 -17.27 22.62
C ASN D 108 -32.79 -16.53 21.46
N VAL D 109 -32.27 -16.75 20.24
CA VAL D 109 -32.77 -16.04 19.08
C VAL D 109 -34.21 -16.40 18.74
N LEU D 110 -34.69 -17.56 19.17
CA LEU D 110 -36.03 -18.01 18.85
C LEU D 110 -37.06 -17.61 19.89
N GLY D 111 -36.66 -16.90 20.94
CA GLY D 111 -37.58 -16.55 21.99
C GLY D 111 -37.81 -17.63 23.01
N GLU D 112 -37.01 -18.69 22.99
CA GLU D 112 -37.14 -19.78 23.95
C GLU D 112 -36.23 -19.52 25.14
N PRO D 113 -36.75 -19.58 26.37
CA PRO D 113 -35.88 -19.35 27.53
C PRO D 113 -34.77 -20.39 27.60
N ILE D 114 -33.57 -19.92 27.98
CA ILE D 114 -32.42 -20.80 28.12
C ILE D 114 -31.96 -20.93 29.56
N ASP D 115 -32.57 -20.20 30.49
CA ASP D 115 -32.30 -20.41 31.91
C ASP D 115 -33.06 -21.66 32.37
N LEU D 116 -32.90 -22.00 33.65
CA LEU D 116 -33.48 -23.22 34.18
C LEU D 116 -34.93 -23.05 34.63
N GLU D 117 -35.48 -21.85 34.56
CA GLU D 117 -36.84 -21.63 35.00
C GLU D 117 -37.84 -22.19 33.99
N GLY D 118 -39.13 -22.00 34.28
CA GLY D 118 -40.15 -22.59 33.44
C GLY D 118 -40.27 -21.93 32.08
N ASP D 119 -40.91 -22.64 31.16
CA ASP D 119 -41.14 -22.14 29.82
C ASP D 119 -42.26 -21.11 29.81
N ILE D 120 -42.21 -20.23 28.83
CA ILE D 120 -43.27 -19.23 28.65
C ILE D 120 -44.56 -19.92 28.22
N PRO D 121 -45.70 -19.62 28.83
CA PRO D 121 -46.95 -20.28 28.42
C PRO D 121 -47.28 -19.98 26.96
N ALA D 122 -47.90 -20.97 26.31
CA ALA D 122 -48.16 -20.89 24.87
C ALA D 122 -49.19 -19.83 24.52
N ASP D 123 -49.96 -19.34 25.50
CA ASP D 123 -50.97 -18.31 25.23
C ASP D 123 -50.43 -16.89 25.36
N ALA D 124 -49.14 -16.74 25.68
CA ALA D 124 -48.57 -15.41 25.81
C ALA D 124 -48.51 -14.70 24.47
N ARG D 125 -48.56 -13.38 24.51
CA ARG D 125 -48.49 -12.59 23.29
C ARG D 125 -47.11 -12.67 22.67
N ARG D 126 -47.08 -12.81 21.35
CA ARG D 126 -45.84 -12.87 20.60
C ARG D 126 -45.92 -11.91 19.42
N ASP D 127 -44.78 -11.30 19.06
CA ASP D 127 -44.76 -10.29 18.02
C ASP D 127 -43.75 -10.66 16.94
N PRO D 128 -44.01 -10.27 15.69
CA PRO D 128 -43.06 -10.56 14.61
C PRO D 128 -41.77 -9.77 14.78
N ILE D 129 -40.67 -10.39 14.37
CA ILE D 129 -39.37 -9.73 14.44
C ILE D 129 -39.29 -8.58 13.45
N HIS D 130 -39.69 -8.82 12.21
CA HIS D 130 -39.51 -7.83 11.15
C HIS D 130 -40.68 -6.86 11.15
N ARG D 131 -40.35 -5.56 11.17
CA ARG D 131 -41.33 -4.50 11.26
C ARG D 131 -40.78 -3.25 10.61
N PRO D 132 -41.58 -2.54 9.82
CA PRO D 132 -41.13 -1.27 9.26
C PRO D 132 -40.91 -0.23 10.36
N ALA D 133 -39.95 0.66 10.11
CA ALA D 133 -39.63 1.69 11.09
C ALA D 133 -40.76 2.71 11.16
N PRO D 134 -40.90 3.40 12.30
CA PRO D 134 -41.92 4.46 12.39
C PRO D 134 -41.67 5.55 11.36
N LYS D 135 -42.76 6.10 10.84
CA LYS D 135 -42.68 7.01 9.71
C LYS D 135 -42.34 8.43 10.18
N PHE D 136 -42.27 9.34 9.20
CA PHE D 136 -41.81 10.70 9.47
C PHE D 136 -42.75 11.43 10.43
N GLU D 137 -44.05 11.27 10.26
CA GLU D 137 -45.02 12.06 11.01
C GLU D 137 -45.12 11.67 12.48
N GLU D 138 -44.49 10.59 12.90
CA GLU D 138 -44.63 10.11 14.28
C GLU D 138 -43.47 10.49 15.17
N LEU D 139 -42.32 10.86 14.61
CA LEU D 139 -41.13 11.10 15.41
C LEU D 139 -41.24 12.41 16.19
N ALA D 140 -40.35 12.56 17.16
CA ALA D 140 -40.31 13.77 17.97
C ALA D 140 -39.71 14.92 17.17
N THR D 141 -40.22 16.12 17.43
CA THR D 141 -39.85 17.31 16.66
C THR D 141 -38.71 18.11 17.28
N GLU D 142 -38.12 17.65 18.39
CA GLU D 142 -37.05 18.39 19.03
C GLU D 142 -36.12 17.43 19.74
N VAL D 143 -34.91 17.91 20.00
CA VAL D 143 -33.90 17.12 20.69
C VAL D 143 -34.14 17.20 22.19
N GLU D 144 -34.05 16.06 22.86
CA GLU D 144 -34.17 15.99 24.31
C GLU D 144 -32.96 15.25 24.87
N ILE D 145 -32.63 15.54 26.13
CA ILE D 145 -31.42 15.03 26.77
C ILE D 145 -31.83 14.01 27.82
N LEU D 146 -31.25 12.82 27.73
CA LEU D 146 -31.50 11.75 28.71
C LEU D 146 -30.58 11.98 29.90
N GLU D 147 -31.16 12.25 31.06
CA GLU D 147 -30.37 12.50 32.27
C GLU D 147 -29.92 11.16 32.84
N THR D 148 -28.60 10.93 32.86
CA THR D 148 -28.05 9.67 33.33
C THR D 148 -27.63 9.70 34.79
N GLY D 149 -27.31 10.87 35.33
CA GLY D 149 -26.84 10.96 36.70
C GLY D 149 -25.36 10.78 36.89
N ILE D 150 -24.62 10.50 35.82
CA ILE D 150 -23.17 10.39 35.87
C ILE D 150 -22.58 11.72 35.44
N LYS D 151 -21.66 12.25 36.25
CA LYS D 151 -21.17 13.61 36.04
C LYS D 151 -20.44 13.75 34.71
N VAL D 152 -19.56 12.79 34.39
CA VAL D 152 -18.76 12.90 33.17
C VAL D 152 -19.67 12.91 31.95
N VAL D 153 -20.60 11.97 31.87
CA VAL D 153 -21.49 11.88 30.73
C VAL D 153 -22.38 13.10 30.65
N ASP D 154 -23.01 13.46 31.77
CA ASP D 154 -23.94 14.59 31.77
C ASP D 154 -23.26 15.91 31.48
N LEU D 155 -21.95 16.02 31.68
CA LEU D 155 -21.24 17.26 31.40
C LEU D 155 -20.62 17.29 30.01
N LEU D 156 -19.72 16.35 29.72
CA LEU D 156 -18.91 16.44 28.52
C LEU D 156 -19.45 15.68 27.33
N ALA D 157 -20.52 14.89 27.50
CA ALA D 157 -21.07 14.12 26.39
C ALA D 157 -22.50 13.72 26.68
N PRO D 158 -23.46 14.65 26.63
CA PRO D 158 -24.83 14.29 26.98
C PRO D 158 -25.41 13.24 26.05
N TYR D 159 -26.26 12.38 26.61
CA TYR D 159 -26.89 11.32 25.85
C TYR D 159 -28.24 11.81 25.32
N ILE D 160 -28.35 11.86 24.00
CA ILE D 160 -29.61 12.28 23.38
C ILE D 160 -30.67 11.21 23.61
N LYS D 161 -31.83 11.63 24.10
CA LYS D 161 -32.92 10.70 24.31
C LYS D 161 -33.41 10.16 22.96
N GLY D 162 -33.39 8.85 22.81
CA GLY D 162 -33.77 8.23 21.56
C GLY D 162 -32.66 8.10 20.53
N GLY D 163 -31.46 8.56 20.84
CA GLY D 163 -30.34 8.49 19.92
C GLY D 163 -29.47 7.25 20.15
N LYS D 164 -28.48 7.12 19.29
CA LYS D 164 -27.53 6.01 19.34
C LYS D 164 -26.21 6.49 19.92
N ILE D 165 -25.66 5.75 20.87
CA ILE D 165 -24.42 6.10 21.53
C ILE D 165 -23.42 4.98 21.30
N GLY D 166 -22.24 5.34 20.79
CA GLY D 166 -21.18 4.37 20.60
C GLY D 166 -20.27 4.30 21.83
N LEU D 167 -19.95 3.08 22.23
CA LEU D 167 -19.11 2.84 23.40
C LEU D 167 -17.84 2.13 22.97
N PHE D 168 -16.70 2.64 23.41
CA PHE D 168 -15.40 2.09 23.07
C PHE D 168 -14.63 1.75 24.34
N GLY D 169 -13.99 0.57 24.33
CA GLY D 169 -13.23 0.13 25.48
C GLY D 169 -13.01 -1.37 25.51
N GLY D 170 -11.86 -1.79 26.00
CA GLY D 170 -11.49 -3.19 26.08
C GLY D 170 -11.74 -3.77 27.45
N ALA D 171 -10.88 -4.69 27.85
CA ALA D 171 -10.96 -5.32 29.15
C ALA D 171 -10.20 -4.51 30.20
N GLY D 172 -10.52 -4.77 31.46
CA GLY D 172 -9.93 -4.06 32.59
C GLY D 172 -10.72 -2.84 33.02
N VAL D 173 -11.17 -2.04 32.05
CA VAL D 173 -12.02 -0.91 32.38
C VAL D 173 -13.41 -1.39 32.81
N GLY D 174 -14.15 -0.49 33.45
CA GLY D 174 -15.44 -0.85 34.00
C GLY D 174 -16.59 -0.72 33.03
N LYS D 175 -16.54 -1.46 31.91
CA LYS D 175 -17.64 -1.42 30.96
C LYS D 175 -18.90 -2.04 31.54
N THR D 176 -18.77 -3.22 32.15
CA THR D 176 -19.93 -3.86 32.77
C THR D 176 -20.45 -3.04 33.93
N VAL D 177 -19.55 -2.44 34.71
CA VAL D 177 -19.96 -1.59 35.83
C VAL D 177 -20.74 -0.39 35.31
N LEU D 178 -20.26 0.23 34.23
CA LEU D 178 -20.96 1.36 33.65
C LEU D 178 -22.33 0.96 33.14
N ILE D 179 -22.43 -0.21 32.50
CA ILE D 179 -23.72 -0.68 32.00
C ILE D 179 -24.69 -0.88 33.15
N GLN D 180 -24.24 -1.55 34.20
CA GLN D 180 -25.10 -1.80 35.35
C GLN D 180 -25.54 -0.50 36.00
N GLU D 181 -24.62 0.45 36.14
CA GLU D 181 -24.98 1.74 36.75
C GLU D 181 -25.98 2.49 35.90
N LEU D 182 -25.81 2.47 34.57
CA LEU D 182 -26.76 3.13 33.69
C LEU D 182 -28.15 2.52 33.84
N ILE D 183 -28.23 1.18 33.83
CA ILE D 183 -29.53 0.52 33.98
C ILE D 183 -30.16 0.89 35.32
N HIS D 184 -29.36 0.84 36.39
CA HIS D 184 -29.87 1.14 37.72
C HIS D 184 -30.40 2.57 37.79
N ASN D 185 -29.62 3.53 37.30
CA ASN D 185 -30.02 4.93 37.38
C ASN D 185 -31.28 5.19 36.56
N ILE D 186 -31.35 4.63 35.34
CA ILE D 186 -32.51 4.87 34.50
C ILE D 186 -33.76 4.25 35.12
N ALA D 187 -33.66 3.01 35.59
CA ALA D 187 -34.81 2.37 36.22
C ALA D 187 -35.22 3.08 37.50
N GLN D 188 -34.27 3.66 38.23
CA GLN D 188 -34.60 4.32 39.48
C GLN D 188 -35.28 5.67 39.25
N GLU D 189 -34.79 6.45 38.28
CA GLU D 189 -35.27 7.81 38.09
C GLU D 189 -36.31 7.93 36.98
N HIS D 190 -36.00 7.47 35.77
CA HIS D 190 -36.93 7.60 34.66
C HIS D 190 -37.98 6.49 34.63
N GLY D 191 -37.84 5.46 35.47
CA GLY D 191 -38.83 4.41 35.55
C GLY D 191 -38.89 3.47 34.37
N GLY D 192 -37.83 3.37 33.58
CA GLY D 192 -37.81 2.53 32.40
C GLY D 192 -36.89 1.32 32.56
N ILE D 193 -37.27 0.24 31.88
CA ILE D 193 -36.50 -1.00 31.90
C ILE D 193 -35.37 -0.91 30.89
N SER D 194 -34.44 -1.87 30.94
CA SER D 194 -33.36 -1.99 29.97
C SER D 194 -33.38 -3.37 29.34
N VAL D 195 -32.81 -3.47 28.14
CA VAL D 195 -32.73 -4.72 27.41
C VAL D 195 -31.30 -4.89 26.91
N PHE D 196 -30.76 -6.10 27.07
CA PHE D 196 -29.41 -6.42 26.65
C PHE D 196 -29.45 -7.46 25.54
N ALA D 197 -28.68 -7.23 24.47
CA ALA D 197 -28.60 -8.14 23.33
C ALA D 197 -27.14 -8.52 23.11
N GLY D 198 -26.80 -9.76 23.46
CA GLY D 198 -25.45 -10.27 23.29
C GLY D 198 -25.18 -10.81 21.90
N VAL D 199 -24.98 -9.92 20.93
CA VAL D 199 -24.83 -10.32 19.53
C VAL D 199 -23.39 -10.76 19.30
N GLY D 200 -23.18 -12.07 19.21
CA GLY D 200 -21.93 -12.63 18.71
C GLY D 200 -20.65 -12.28 19.45
N GLU D 201 -20.66 -12.43 20.77
CA GLU D 201 -19.47 -12.16 21.58
C GLU D 201 -19.13 -13.36 22.44
N ARG D 202 -18.21 -13.17 23.38
CA ARG D 202 -17.67 -14.29 24.14
C ARG D 202 -18.69 -14.81 25.14
N THR D 203 -18.88 -16.13 25.13
CA THR D 203 -19.88 -16.76 25.99
C THR D 203 -19.52 -16.61 27.46
N ARG D 204 -18.23 -16.77 27.79
CA ARG D 204 -17.82 -16.62 29.19
C ARG D 204 -18.03 -15.18 29.66
N GLU D 205 -17.76 -14.20 28.79
CA GLU D 205 -18.02 -12.81 29.17
C GLU D 205 -19.51 -12.56 29.38
N GLY D 206 -20.36 -13.13 28.52
CA GLY D 206 -21.79 -13.01 28.73
C GLY D 206 -22.24 -13.62 30.04
N ASN D 207 -21.72 -14.80 30.36
CA ASN D 207 -22.07 -15.47 31.62
C ASN D 207 -21.61 -14.65 32.81
N ASP D 208 -20.40 -14.08 32.73
CA ASP D 208 -19.89 -13.23 33.81
C ASP D 208 -20.78 -12.01 34.01
N LEU D 209 -21.20 -11.39 32.90
CA LEU D 209 -22.09 -10.23 33.01
C LEU D 209 -23.42 -10.62 33.63
N TYR D 210 -23.97 -11.76 33.24
CA TYR D 210 -25.23 -12.23 33.82
C TYR D 210 -25.10 -12.43 35.32
N HIS D 211 -24.02 -13.08 35.75
CA HIS D 211 -23.83 -13.33 37.17
C HIS D 211 -23.60 -12.03 37.93
N GLU D 212 -22.88 -11.09 37.34
CA GLU D 212 -22.67 -9.79 37.99
C GLU D 212 -24.00 -9.06 38.18
N MET D 213 -24.85 -9.07 37.15
CA MET D 213 -26.15 -8.42 37.26
C MET D 213 -27.02 -9.11 38.30
N LYS D 214 -27.00 -10.44 38.33
CA LYS D 214 -27.79 -11.16 39.32
C LYS D 214 -27.32 -10.85 40.74
N ASP D 215 -26.01 -10.75 40.94
CA ASP D 215 -25.48 -10.42 42.26
C ASP D 215 -25.85 -8.99 42.66
N SER D 216 -25.76 -8.05 41.71
CA SER D 216 -26.07 -6.65 42.03
C SER D 216 -27.57 -6.40 42.17
N GLY D 217 -28.41 -7.31 41.68
CA GLY D 217 -29.84 -7.15 41.80
C GLY D 217 -30.50 -6.39 40.68
N VAL D 218 -29.71 -5.90 39.72
CA VAL D 218 -30.27 -5.15 38.59
C VAL D 218 -31.03 -6.07 37.64
N ILE D 219 -30.86 -7.39 37.77
CA ILE D 219 -31.46 -8.35 36.86
C ILE D 219 -32.98 -8.29 36.87
N SER D 220 -33.58 -7.82 37.96
CA SER D 220 -35.02 -7.84 38.10
C SER D 220 -35.75 -6.91 37.13
N LYS D 221 -35.04 -6.00 36.47
CA LYS D 221 -35.64 -5.02 35.58
C LYS D 221 -34.99 -5.04 34.21
N THR D 222 -34.66 -6.23 33.70
CA THR D 222 -34.01 -6.32 32.40
C THR D 222 -34.33 -7.67 31.77
N ALA D 223 -34.17 -7.72 30.45
CA ALA D 223 -34.30 -8.94 29.67
C ALA D 223 -33.08 -9.09 28.78
N MET D 224 -32.61 -10.32 28.61
CA MET D 224 -31.39 -10.57 27.87
C MET D 224 -31.61 -11.64 26.80
N VAL D 225 -31.02 -11.40 25.63
CA VAL D 225 -31.00 -12.36 24.53
C VAL D 225 -29.54 -12.59 24.14
N PHE D 226 -29.14 -13.85 24.05
CA PHE D 226 -27.74 -14.20 23.80
C PHE D 226 -27.61 -14.95 22.48
N GLY D 227 -26.74 -14.45 21.61
CA GLY D 227 -26.47 -15.04 20.31
C GLY D 227 -24.99 -15.19 20.08
N GLN D 228 -24.27 -15.63 21.10
CA GLN D 228 -22.81 -15.59 21.13
C GLN D 228 -22.20 -16.35 19.95
N MET D 229 -20.90 -16.13 19.76
CA MET D 229 -20.22 -16.49 18.52
C MET D 229 -20.16 -18.00 18.25
N ASN D 230 -20.69 -18.80 19.16
CA ASN D 230 -20.84 -20.22 18.88
C ASN D 230 -22.07 -20.52 18.05
N GLU D 231 -22.99 -19.58 17.92
CA GLU D 231 -24.21 -19.77 17.15
C GLU D 231 -23.96 -19.54 15.67
N PRO D 232 -24.80 -20.10 14.81
CA PRO D 232 -24.66 -19.88 13.37
C PRO D 232 -24.98 -18.45 12.98
N PRO D 233 -24.54 -18.04 11.79
CA PRO D 233 -24.84 -16.67 11.33
C PRO D 233 -26.33 -16.37 11.25
N GLY D 234 -27.16 -17.39 11.03
CA GLY D 234 -28.59 -17.15 11.02
C GLY D 234 -29.10 -16.58 12.33
N ALA D 235 -28.62 -17.11 13.45
CA ALA D 235 -29.00 -16.56 14.75
C ALA D 235 -28.25 -15.27 15.05
N ARG D 236 -26.98 -15.18 14.63
CA ARG D 236 -26.22 -13.97 14.87
C ARG D 236 -26.78 -12.77 14.14
N MET D 237 -27.53 -12.99 13.06
CA MET D 237 -28.17 -11.88 12.35
C MET D 237 -29.42 -11.38 13.07
N ARG D 238 -30.14 -12.28 13.74
CA ARG D 238 -31.49 -11.97 14.22
C ARG D 238 -31.58 -11.74 15.72
N VAL D 239 -30.53 -12.02 16.48
CA VAL D 239 -30.59 -11.79 17.93
C VAL D 239 -30.86 -10.32 18.23
N ALA D 240 -30.16 -9.42 17.53
CA ALA D 240 -30.36 -7.99 17.77
C ALA D 240 -31.79 -7.57 17.46
N LEU D 241 -32.38 -8.13 16.40
CA LEU D 241 -33.75 -7.78 16.06
C LEU D 241 -34.74 -8.31 17.09
N THR D 242 -34.48 -9.50 17.66
CA THR D 242 -35.35 -10.00 18.72
C THR D 242 -35.30 -9.07 19.93
N GLY D 243 -34.09 -8.65 20.33
CA GLY D 243 -33.98 -7.69 21.41
C GLY D 243 -34.69 -6.38 21.10
N LEU D 244 -34.59 -5.94 19.85
CA LEU D 244 -35.24 -4.70 19.43
C LEU D 244 -36.76 -4.81 19.54
N THR D 245 -37.33 -5.95 19.15
CA THR D 245 -38.78 -6.14 19.30
C THR D 245 -39.18 -6.16 20.78
N MET D 246 -38.37 -6.83 21.61
CA MET D 246 -38.68 -6.86 23.04
C MET D 246 -38.70 -5.46 23.63
N ALA D 247 -37.78 -4.59 23.19
CA ALA D 247 -37.80 -3.21 23.66
C ALA D 247 -38.93 -2.40 23.03
N GLU D 248 -39.27 -2.70 21.77
CA GLU D 248 -40.33 -1.98 21.07
C GLU D 248 -41.67 -2.19 21.75
N TYR D 249 -41.91 -3.38 22.29
CA TYR D 249 -43.16 -3.60 23.02
C TYR D 249 -43.32 -2.58 24.13
N PHE D 250 -42.28 -2.40 24.94
CA PHE D 250 -42.36 -1.49 26.07
C PHE D 250 -42.39 -0.02 25.62
N ARG D 251 -41.72 0.29 24.51
CA ARG D 251 -41.82 1.66 23.99
C ARG D 251 -43.25 1.96 23.56
N ASP D 252 -43.91 1.01 22.88
CA ASP D 252 -45.20 1.28 22.26
C ASP D 252 -46.34 1.19 23.26
N GLU D 253 -46.45 0.07 23.99
CA GLU D 253 -47.61 -0.14 24.85
C GLU D 253 -47.48 0.62 26.17
N GLN D 254 -46.40 0.39 26.91
CA GLN D 254 -46.22 1.05 28.19
C GLN D 254 -45.89 2.53 28.05
N GLY D 255 -45.32 2.94 26.92
CA GLY D 255 -45.03 4.35 26.70
C GLY D 255 -43.99 4.92 27.65
N GLN D 256 -42.89 4.22 27.86
CA GLN D 256 -41.84 4.65 28.75
C GLN D 256 -40.49 4.63 28.03
N ASP D 257 -39.56 5.45 28.53
CA ASP D 257 -38.21 5.49 27.99
C ASP D 257 -37.45 4.25 28.44
N VAL D 258 -36.84 3.54 27.50
CA VAL D 258 -36.15 2.28 27.78
C VAL D 258 -34.73 2.36 27.26
N LEU D 259 -33.95 1.34 27.60
CA LEU D 259 -32.55 1.22 27.19
C LEU D 259 -32.35 -0.09 26.43
N LEU D 260 -31.53 -0.04 25.39
CA LEU D 260 -31.20 -1.21 24.59
C LEU D 260 -29.69 -1.29 24.44
N PHE D 261 -29.08 -2.32 25.02
CA PHE D 261 -27.65 -2.53 24.92
C PHE D 261 -27.36 -3.62 23.90
N ILE D 262 -26.38 -3.38 23.04
CA ILE D 262 -25.94 -4.34 22.04
C ILE D 262 -24.47 -4.66 22.30
N ASP D 263 -24.16 -5.94 22.48
CA ASP D 263 -22.81 -6.33 22.88
C ASP D 263 -21.78 -5.98 21.81
N ASN D 264 -22.10 -6.23 20.54
CA ASN D 264 -21.20 -5.87 19.45
C ASN D 264 -22.00 -5.77 18.16
N ILE D 265 -22.04 -4.58 17.57
CA ILE D 265 -22.84 -4.36 16.36
C ILE D 265 -22.09 -4.79 15.11
N PHE D 266 -20.77 -5.01 15.19
CA PHE D 266 -20.01 -5.40 14.01
C PHE D 266 -20.31 -6.84 13.61
N ARG D 267 -20.56 -7.72 14.59
CA ARG D 267 -20.87 -9.11 14.28
C ARG D 267 -22.19 -9.22 13.53
N PHE D 268 -23.11 -8.29 13.75
CA PHE D 268 -24.38 -8.30 13.03
C PHE D 268 -24.17 -8.18 11.53
N THR D 269 -23.27 -7.29 11.12
CA THR D 269 -22.94 -7.16 9.70
C THR D 269 -22.06 -8.31 9.23
N GLN D 270 -21.17 -8.80 10.10
CA GLN D 270 -20.28 -9.88 9.71
C GLN D 270 -21.04 -11.16 9.36
N ALA D 271 -22.10 -11.46 10.12
CA ALA D 271 -22.89 -12.65 9.84
C ALA D 271 -23.57 -12.56 8.47
N GLY D 272 -24.14 -11.39 8.16
CA GLY D 272 -24.73 -11.20 6.84
C GLY D 272 -23.70 -11.31 5.73
N SER D 273 -22.50 -10.76 5.97
CA SER D 273 -21.43 -10.91 4.99
C SER D 273 -21.08 -12.38 4.79
N GLU D 274 -21.09 -13.17 5.86
CA GLU D 274 -20.80 -14.59 5.74
C GLU D 274 -21.87 -15.32 4.93
N VAL D 275 -23.14 -14.98 5.15
CA VAL D 275 -24.20 -15.71 4.46
C VAL D 275 -24.44 -15.22 3.04
N SER D 276 -23.98 -14.02 2.69
CA SER D 276 -24.27 -13.48 1.37
C SER D 276 -23.71 -14.35 0.25
N ALA D 277 -22.47 -14.83 0.40
CA ALA D 277 -21.86 -15.62 -0.65
C ALA D 277 -22.65 -16.89 -0.92
N LEU D 278 -23.08 -17.58 0.14
CA LEU D 278 -23.87 -18.79 -0.05
C LEU D 278 -25.26 -18.49 -0.59
N LEU D 279 -25.84 -17.35 -0.21
CA LEU D 279 -27.11 -16.94 -0.84
C LEU D 279 -26.93 -16.73 -2.33
N GLY D 280 -25.75 -16.26 -2.75
CA GLY D 280 -25.48 -16.18 -4.17
C GLY D 280 -25.50 -14.78 -4.74
N ARG D 281 -24.97 -13.82 -3.99
CA ARG D 281 -24.86 -12.45 -4.44
C ARG D 281 -23.41 -12.11 -4.74
N MET D 282 -23.22 -11.19 -5.69
CA MET D 282 -21.88 -10.78 -6.05
C MET D 282 -21.21 -10.06 -4.88
N PRO D 283 -19.89 -10.23 -4.73
CA PRO D 283 -19.20 -9.61 -3.59
C PRO D 283 -19.17 -8.10 -3.68
N SER D 284 -19.13 -7.46 -2.52
CA SER D 284 -19.02 -6.02 -2.41
C SER D 284 -17.54 -5.63 -2.34
N ALA D 285 -17.25 -4.39 -1.96
CA ALA D 285 -15.90 -3.84 -2.07
C ALA D 285 -14.88 -4.67 -1.30
N VAL D 286 -15.16 -4.98 -0.05
CA VAL D 286 -14.16 -5.63 0.81
C VAL D 286 -14.71 -7.01 1.18
N GLY D 287 -15.47 -7.60 0.27
CA GLY D 287 -16.04 -8.92 0.52
C GLY D 287 -17.32 -8.91 1.32
N TYR D 288 -17.81 -7.75 1.72
CA TYR D 288 -19.06 -7.68 2.47
C TYR D 288 -20.25 -7.93 1.54
N GLN D 289 -21.44 -7.91 2.13
CA GLN D 289 -22.64 -8.07 1.32
C GLN D 289 -22.99 -6.76 0.62
N PRO D 290 -23.60 -6.83 -0.56
CA PRO D 290 -24.06 -5.60 -1.23
C PRO D 290 -25.18 -4.89 -0.50
N THR D 291 -25.88 -5.56 0.41
CA THR D 291 -27.00 -4.98 1.15
C THR D 291 -26.60 -4.50 2.53
N LEU D 292 -25.33 -4.19 2.74
CA LEU D 292 -24.84 -3.82 4.08
C LEU D 292 -25.53 -2.55 4.57
N ALA D 293 -25.54 -1.51 3.73
CA ALA D 293 -26.08 -0.21 4.16
C ALA D 293 -27.57 -0.32 4.46
N THR D 294 -28.33 -0.98 3.60
CA THR D 294 -29.77 -1.06 3.82
C THR D 294 -30.11 -1.95 5.00
N GLU D 295 -29.34 -3.03 5.22
CA GLU D 295 -29.56 -3.86 6.39
C GLU D 295 -29.29 -3.08 7.68
N MET D 296 -28.16 -2.37 7.73
CA MET D 296 -27.84 -1.58 8.90
C MET D 296 -28.88 -0.49 9.14
N GLY D 297 -29.36 0.15 8.06
CA GLY D 297 -30.39 1.16 8.22
C GLY D 297 -31.70 0.60 8.73
N GLN D 298 -32.12 -0.56 8.20
CA GLN D 298 -33.35 -1.18 8.66
C GLN D 298 -33.24 -1.65 10.09
N LEU D 299 -32.04 -1.98 10.56
CA LEU D 299 -31.89 -2.30 11.98
C LEU D 299 -31.92 -1.04 12.85
N GLN D 300 -31.15 -0.02 12.46
CA GLN D 300 -30.94 1.12 13.35
C GLN D 300 -32.15 2.05 13.39
N GLU D 301 -32.84 2.22 12.26
CA GLU D 301 -33.87 3.23 12.16
C GLU D 301 -35.11 2.91 13.00
N ARG D 302 -35.24 1.70 13.53
CA ARG D 302 -36.32 1.40 14.44
C ARG D 302 -36.05 1.91 15.85
N ILE D 303 -34.80 2.27 16.16
CA ILE D 303 -34.45 2.82 17.47
C ILE D 303 -34.61 4.33 17.36
N THR D 304 -35.81 4.81 17.64
CA THR D 304 -36.11 6.23 17.51
C THR D 304 -37.03 6.67 18.66
N SER D 305 -37.02 7.96 18.93
CA SER D 305 -37.93 8.56 19.90
C SER D 305 -39.22 8.97 19.22
N THR D 306 -40.33 8.63 19.84
CA THR D 306 -41.66 8.91 19.29
C THR D 306 -42.41 9.83 20.24
N ALA D 307 -43.70 10.05 19.95
CA ALA D 307 -44.52 10.89 20.80
C ALA D 307 -44.64 10.32 22.20
N LYS D 308 -44.82 9.00 22.30
CA LYS D 308 -44.88 8.30 23.58
C LYS D 308 -43.67 7.40 23.71
N GLY D 309 -42.92 7.56 24.80
CA GLY D 309 -41.75 6.74 25.05
C GLY D 309 -40.64 7.00 24.04
N SER D 310 -39.57 6.22 24.20
CA SER D 310 -38.42 6.29 23.31
C SER D 310 -37.52 5.10 23.61
N ILE D 311 -36.63 4.80 22.66
CA ILE D 311 -35.59 3.81 22.84
C ILE D 311 -34.25 4.48 22.56
N THR D 312 -33.35 4.43 23.53
CA THR D 312 -31.99 4.89 23.35
C THR D 312 -31.05 3.69 23.50
N SER D 313 -30.03 3.63 22.64
CA SER D 313 -29.21 2.45 22.50
C SER D 313 -27.76 2.76 22.80
N ILE D 314 -27.13 1.92 23.61
CA ILE D 314 -25.69 1.97 23.86
C ILE D 314 -25.07 0.78 23.12
N GLN D 315 -24.28 1.07 22.11
CA GLN D 315 -23.75 0.05 21.21
C GLN D 315 -22.23 0.01 21.34
N ALA D 316 -21.71 -1.07 21.90
CA ALA D 316 -20.27 -1.28 21.91
C ALA D 316 -19.80 -1.65 20.52
N ILE D 317 -18.79 -0.94 20.03
CA ILE D 317 -18.32 -1.08 18.65
C ILE D 317 -16.87 -1.54 18.68
N TYR D 318 -16.57 -2.58 17.92
CA TYR D 318 -15.22 -3.10 17.77
C TYR D 318 -14.73 -2.82 16.36
N VAL D 319 -13.59 -2.16 16.24
CA VAL D 319 -12.97 -1.83 14.96
C VAL D 319 -11.80 -2.79 14.76
N PRO D 320 -11.87 -3.70 13.79
CA PRO D 320 -10.78 -4.66 13.61
C PRO D 320 -9.51 -3.98 13.15
N ALA D 321 -8.42 -4.22 13.89
CA ALA D 321 -7.10 -3.66 13.61
C ALA D 321 -7.10 -2.13 13.60
N ASP D 322 -8.09 -1.52 14.24
CA ASP D 322 -8.23 -0.05 14.30
C ASP D 322 -8.29 0.57 12.92
N ASP D 323 -8.84 -0.15 11.94
CA ASP D 323 -8.99 0.37 10.59
C ASP D 323 -10.37 1.02 10.50
N TYR D 324 -10.41 2.35 10.67
CA TYR D 324 -11.67 3.07 10.68
C TYR D 324 -12.27 3.23 9.29
N THR D 325 -11.53 2.91 8.24
CA THR D 325 -12.04 2.98 6.87
C THR D 325 -12.77 1.70 6.46
N ASP D 326 -12.83 0.71 7.33
CA ASP D 326 -13.52 -0.53 7.00
C ASP D 326 -15.00 -0.25 6.77
N PRO D 327 -15.62 -0.91 5.79
CA PRO D 327 -17.02 -0.58 5.46
C PRO D 327 -18.00 -0.76 6.61
N ALA D 328 -17.83 -1.79 7.44
CA ALA D 328 -18.78 -1.97 8.54
C ALA D 328 -18.71 -0.84 9.57
N PRO D 329 -17.54 -0.48 10.12
CA PRO D 329 -17.51 0.71 10.99
C PRO D 329 -17.91 1.99 10.27
N ALA D 330 -17.57 2.12 8.98
CA ALA D 330 -17.95 3.32 8.25
C ALA D 330 -19.46 3.47 8.17
N THR D 331 -20.17 2.37 7.90
CA THR D 331 -21.62 2.41 7.87
C THR D 331 -22.20 2.63 9.26
N THR D 332 -21.61 2.00 10.27
CA THR D 332 -22.15 2.13 11.62
C THR D 332 -22.02 3.56 12.14
N PHE D 333 -20.90 4.21 11.86
CA PHE D 333 -20.64 5.55 12.41
C PHE D 333 -21.60 6.59 11.87
N SER D 334 -22.28 6.33 10.75
CA SER D 334 -23.19 7.31 10.19
C SER D 334 -24.47 7.44 11.00
N HIS D 335 -24.72 6.57 11.97
CA HIS D 335 -25.92 6.63 12.79
C HIS D 335 -25.69 7.13 14.20
N LEU D 336 -24.43 7.21 14.65
CA LEU D 336 -24.16 7.55 16.04
C LEU D 336 -24.45 9.01 16.32
N ASP D 337 -24.81 9.29 17.58
CA ASP D 337 -25.01 10.65 18.06
C ASP D 337 -23.99 11.07 19.11
N ALA D 338 -23.40 10.12 19.83
CA ALA D 338 -22.44 10.43 20.87
C ALA D 338 -21.34 9.38 20.87
N THR D 339 -20.37 9.55 21.77
CA THR D 339 -19.24 8.64 21.84
C THR D 339 -18.65 8.71 23.24
N THR D 340 -18.35 7.55 23.81
CA THR D 340 -17.70 7.47 25.12
C THR D 340 -16.53 6.48 25.04
N ASN D 341 -15.36 6.94 25.42
CA ASN D 341 -14.14 6.13 25.38
C ASN D 341 -13.67 5.87 26.81
N LEU D 342 -13.39 4.61 27.11
CA LEU D 342 -12.91 4.20 28.43
C LEU D 342 -11.39 4.10 28.39
N GLU D 343 -10.74 4.69 29.39
CA GLU D 343 -9.29 4.85 29.40
C GLU D 343 -8.68 3.97 30.49
N ARG D 344 -7.82 3.04 30.06
CA ARG D 344 -7.10 2.20 31.02
C ARG D 344 -6.17 3.03 31.90
N LYS D 345 -5.63 4.13 31.37
CA LYS D 345 -4.80 5.00 32.18
C LYS D 345 -5.59 5.62 33.33
N LEU D 346 -6.80 6.10 33.05
CA LEU D 346 -7.66 6.62 34.10
C LEU D 346 -8.07 5.52 35.08
N ALA D 347 -8.34 4.32 34.56
CA ALA D 347 -8.69 3.21 35.45
C ALA D 347 -7.54 2.89 36.41
N GLU D 348 -6.31 2.90 35.90
CA GLU D 348 -5.16 2.66 36.75
C GLU D 348 -4.97 3.79 37.76
N MET D 349 -5.17 5.04 37.32
CA MET D 349 -5.10 6.16 38.25
C MET D 349 -6.23 6.15 39.27
N GLY D 350 -7.26 5.35 39.05
CA GLY D 350 -8.35 5.24 39.99
C GLY D 350 -9.51 6.19 39.75
N ILE D 351 -9.53 6.87 38.60
CA ILE D 351 -10.60 7.84 38.31
C ILE D 351 -11.69 7.06 37.58
N TYR D 352 -12.55 6.42 38.36
CA TYR D 352 -13.71 5.77 37.77
C TYR D 352 -14.75 6.81 37.39
N PRO D 353 -15.57 6.55 36.36
CA PRO D 353 -15.73 5.36 35.50
C PRO D 353 -14.64 5.16 34.46
N ALA D 354 -13.52 5.88 34.56
CA ALA D 354 -12.44 5.82 33.57
C ALA D 354 -12.92 6.24 32.19
N VAL D 355 -13.90 7.14 32.13
CA VAL D 355 -14.36 7.70 30.88
C VAL D 355 -13.40 8.80 30.45
N ASP D 356 -12.91 8.71 29.22
CA ASP D 356 -11.95 9.68 28.72
C ASP D 356 -12.64 11.03 28.54
N PRO D 357 -12.18 12.09 29.21
CA PRO D 357 -12.87 13.38 29.10
C PRO D 357 -12.62 14.10 27.78
N LEU D 358 -11.55 13.78 27.08
CA LEU D 358 -11.21 14.44 25.82
C LEU D 358 -11.63 13.65 24.59
N ALA D 359 -11.52 12.32 24.63
CA ALA D 359 -11.87 11.52 23.46
C ALA D 359 -13.39 11.45 23.28
N SER D 360 -14.15 11.59 24.35
CA SER D 360 -15.60 11.49 24.26
C SER D 360 -16.19 12.74 23.60
N THR D 361 -17.11 12.53 22.68
CA THR D 361 -17.77 13.63 21.98
C THR D 361 -19.25 13.35 21.87
N SER D 362 -20.03 14.41 21.67
CA SER D 362 -21.47 14.29 21.50
C SER D 362 -21.97 15.52 20.74
N ARG D 363 -22.88 15.29 19.80
CA ARG D 363 -23.46 16.39 19.04
C ARG D 363 -24.50 17.16 19.84
N ALA D 364 -24.88 16.68 21.01
CA ALA D 364 -25.82 17.40 21.87
C ALA D 364 -25.16 18.54 22.61
N LEU D 365 -23.84 18.57 22.69
CA LEU D 365 -23.12 19.63 23.38
C LEU D 365 -23.12 20.90 22.53
N ALA D 366 -24.29 21.53 22.49
CA ALA D 366 -24.50 22.76 21.74
C ALA D 366 -25.19 23.79 22.62
N PRO D 367 -24.89 25.07 22.42
CA PRO D 367 -25.48 26.11 23.28
C PRO D 367 -27.00 26.13 23.25
N GLU D 368 -27.62 25.82 22.12
CA GLU D 368 -29.07 25.83 22.02
C GLU D 368 -29.73 24.55 22.51
N ILE D 369 -28.95 23.56 22.94
CA ILE D 369 -29.48 22.31 23.46
C ILE D 369 -29.23 22.18 24.96
N VAL D 370 -27.97 22.29 25.38
CA VAL D 370 -27.63 22.14 26.80
C VAL D 370 -27.63 23.45 27.55
N GLY D 371 -27.63 24.58 26.85
CA GLY D 371 -27.59 25.87 27.52
C GLY D 371 -26.23 26.53 27.41
N GLU D 372 -26.24 27.87 27.44
CA GLU D 372 -24.99 28.61 27.28
C GLU D 372 -24.06 28.40 28.46
N GLU D 373 -24.59 28.41 29.68
CA GLU D 373 -23.76 28.19 30.86
C GLU D 373 -23.12 26.81 30.84
N HIS D 374 -23.92 25.79 30.52
CA HIS D 374 -23.40 24.43 30.41
C HIS D 374 -22.31 24.34 29.35
N TYR D 375 -22.56 24.95 28.18
CA TYR D 375 -21.58 24.90 27.10
C TYR D 375 -20.28 25.59 27.50
N GLN D 376 -20.38 26.76 28.15
CA GLN D 376 -19.19 27.48 28.55
C GLN D 376 -18.39 26.70 29.59
N VAL D 377 -19.08 26.11 30.57
CA VAL D 377 -18.38 25.34 31.60
C VAL D 377 -17.67 24.15 30.97
N ALA D 378 -18.36 23.42 30.08
CA ALA D 378 -17.75 22.27 29.44
C ALA D 378 -16.55 22.67 28.59
N ARG D 379 -16.67 23.77 27.84
CA ARG D 379 -15.57 24.21 26.99
C ARG D 379 -14.37 24.64 27.82
N LYS D 380 -14.61 25.35 28.93
CA LYS D 380 -13.51 25.75 29.79
C LYS D 380 -12.81 24.53 30.40
N VAL D 381 -13.60 23.53 30.83
CA VAL D 381 -13.02 22.31 31.38
C VAL D 381 -12.15 21.62 30.33
N GLN D 382 -12.66 21.51 29.11
CA GLN D 382 -11.90 20.86 28.05
C GLN D 382 -10.61 21.61 27.73
N GLN D 383 -10.69 22.95 27.69
CA GLN D 383 -9.49 23.73 27.43
C GLN D 383 -8.45 23.54 28.53
N THR D 384 -8.88 23.57 29.79
CA THR D 384 -7.95 23.38 30.89
C THR D 384 -7.30 22.00 30.84
N LEU D 385 -8.09 20.97 30.52
CA LEU D 385 -7.53 19.62 30.46
C LEU D 385 -6.57 19.47 29.30
N GLN D 386 -6.86 20.08 28.15
CA GLN D 386 -5.92 20.07 27.04
C GLN D 386 -4.63 20.77 27.42
N ARG D 387 -4.73 21.91 28.12
CA ARG D 387 -3.53 22.61 28.56
C ARG D 387 -2.71 21.77 29.53
N TYR D 388 -3.38 21.07 30.45
CA TYR D 388 -2.66 20.21 31.37
C TYR D 388 -1.98 19.05 30.64
N LYS D 389 -2.64 18.48 29.64
CA LYS D 389 -2.03 17.42 28.86
C LYS D 389 -0.79 17.92 28.12
N GLU D 390 -0.86 19.13 27.58
CA GLU D 390 0.33 19.73 26.94
C GLU D 390 1.43 19.97 27.97
N LEU D 391 1.07 20.46 29.14
CA LEU D 391 2.08 20.80 30.13
C LEU D 391 2.74 19.57 30.72
N GLN D 392 2.04 18.43 30.73
CA GLN D 392 2.71 17.19 31.13
C GLN D 392 3.86 16.85 30.18
N ASP D 393 3.61 16.97 28.88
CA ASP D 393 4.68 16.77 27.90
C ASP D 393 5.78 17.80 28.07
N ILE D 394 5.41 19.06 28.35
CA ILE D 394 6.41 20.10 28.54
C ILE D 394 7.26 19.83 29.77
N ILE D 395 6.65 19.30 30.85
CA ILE D 395 7.41 18.85 32.01
C ILE D 395 8.37 17.74 31.61
N ALA D 396 7.89 16.80 30.80
CA ALA D 396 8.78 15.84 30.17
C ALA D 396 9.68 16.57 29.16
N ILE D 397 10.69 15.86 28.66
CA ILE D 397 11.65 16.42 27.70
C ILE D 397 12.24 17.70 28.28
N LEU D 398 13.10 17.55 29.30
CA LEU D 398 13.69 18.69 30.01
C LEU D 398 12.61 19.56 30.65
N GLY D 399 12.99 20.72 31.16
CA GLY D 399 12.05 21.59 31.82
C GLY D 399 11.42 20.98 33.06
N MET D 400 12.26 20.46 33.96
CA MET D 400 11.78 19.76 35.15
C MET D 400 11.18 20.77 36.12
N ASP D 401 9.86 20.94 36.05
CA ASP D 401 9.12 21.84 36.93
C ASP D 401 9.68 23.26 36.88
N GLU D 402 9.94 23.75 35.67
CA GLU D 402 10.38 25.13 35.44
C GLU D 402 9.38 25.76 34.49
N LEU D 403 8.32 26.33 35.05
CA LEU D 403 7.23 26.88 34.25
C LEU D 403 6.69 28.13 34.93
N SER D 404 5.93 28.91 34.17
CA SER D 404 5.39 30.16 34.65
C SER D 404 4.31 29.91 35.71
N ASP D 405 3.85 31.01 36.32
CA ASP D 405 2.85 30.91 37.38
C ASP D 405 1.52 30.37 36.84
N GLU D 406 1.11 30.82 35.66
CA GLU D 406 -0.16 30.36 35.10
C GLU D 406 -0.14 28.87 34.83
N ASP D 407 1.01 28.31 34.49
CA ASP D 407 1.12 26.87 34.31
C ASP D 407 0.84 26.14 35.63
N LYS D 408 1.43 26.63 36.71
CA LYS D 408 1.16 26.04 38.02
C LYS D 408 -0.32 26.16 38.38
N LEU D 409 -0.92 27.31 38.10
CA LEU D 409 -2.33 27.52 38.44
C LEU D 409 -3.23 26.56 37.65
N VAL D 410 -2.96 26.42 36.35
CA VAL D 410 -3.83 25.58 35.53
C VAL D 410 -3.63 24.10 35.89
N VAL D 411 -2.40 23.71 36.23
CA VAL D 411 -2.20 22.33 36.68
C VAL D 411 -2.93 22.08 37.99
N HIS D 412 -2.86 23.05 38.91
CA HIS D 412 -3.54 22.93 40.20
C HIS D 412 -5.04 22.80 40.01
N ARG D 413 -5.61 23.58 39.10
CA ARG D 413 -7.05 23.47 38.82
C ARG D 413 -7.39 22.17 38.10
N ALA D 414 -6.52 21.73 37.19
CA ALA D 414 -6.81 20.57 36.37
C ALA D 414 -6.81 19.30 37.20
N ARG D 415 -5.90 19.19 38.17
CA ARG D 415 -5.93 18.00 39.03
C ARG D 415 -7.23 17.91 39.81
N ARG D 416 -7.69 19.04 40.35
CA ARG D 416 -8.97 19.06 41.05
C ARG D 416 -10.12 18.68 40.12
N ILE D 417 -10.13 19.21 38.90
CA ILE D 417 -11.20 18.90 37.96
C ILE D 417 -11.19 17.40 37.62
N GLN D 418 -10.01 16.87 37.34
CA GLN D 418 -9.89 15.47 36.96
C GLN D 418 -10.32 14.55 38.10
N PHE D 419 -9.98 14.91 39.34
CA PHE D 419 -10.42 14.08 40.46
C PHE D 419 -11.90 14.24 40.75
N PHE D 420 -12.46 15.42 40.48
CA PHE D 420 -13.89 15.60 40.70
C PHE D 420 -14.73 14.91 39.64
N LEU D 421 -14.17 14.66 38.46
CA LEU D 421 -14.90 13.89 37.45
C LEU D 421 -15.26 12.50 37.94
N SER D 422 -14.52 11.96 38.91
CA SER D 422 -14.84 10.66 39.49
C SER D 422 -16.15 10.72 40.27
N GLN D 423 -16.79 9.57 40.40
CA GLN D 423 -18.08 9.50 41.05
C GLN D 423 -18.27 8.11 41.65
N ASN D 424 -18.96 8.06 42.79
CA ASN D 424 -19.36 6.79 43.39
C ASN D 424 -20.68 6.34 42.79
N PHE D 425 -20.86 5.02 42.71
CA PHE D 425 -22.01 4.43 42.07
C PHE D 425 -22.92 3.72 43.07
N HIS D 426 -24.19 3.59 42.68
CA HIS D 426 -25.12 2.79 43.47
C HIS D 426 -24.69 1.33 43.49
N VAL D 427 -24.22 0.82 42.35
CA VAL D 427 -23.57 -0.48 42.31
C VAL D 427 -22.21 -0.33 42.96
N ALA D 428 -21.54 -1.45 43.25
CA ALA D 428 -20.26 -1.53 43.94
C ALA D 428 -20.36 -1.07 45.39
N GLU D 429 -21.55 -0.73 45.89
CA GLU D 429 -21.69 -0.47 47.31
C GLU D 429 -21.57 -1.75 48.13
N GLN D 430 -21.74 -2.91 47.47
CA GLN D 430 -21.47 -4.19 48.11
C GLN D 430 -19.99 -4.50 48.19
N PHE D 431 -19.15 -3.74 47.49
CA PHE D 431 -17.70 -3.86 47.62
C PHE D 431 -17.09 -2.74 48.45
N THR D 432 -17.70 -1.56 48.45
CA THR D 432 -17.26 -0.44 49.28
C THR D 432 -18.50 0.18 49.92
N GLY D 433 -18.44 0.38 51.23
CA GLY D 433 -19.62 0.76 52.00
C GLY D 433 -20.26 2.09 51.64
N GLN D 434 -19.73 2.78 50.63
CA GLN D 434 -20.30 4.05 50.23
C GLN D 434 -21.58 3.82 49.44
N PRO D 435 -22.72 4.39 49.85
CA PRO D 435 -23.99 4.08 49.19
C PRO D 435 -24.07 4.50 47.73
N GLY D 436 -23.28 5.47 47.29
CA GLY D 436 -23.40 5.98 45.94
C GLY D 436 -24.42 7.11 45.85
N SER D 437 -24.41 7.80 44.72
CA SER D 437 -25.22 9.00 44.57
C SER D 437 -25.68 9.16 43.12
N TYR D 438 -26.74 9.95 42.95
CA TYR D 438 -27.26 10.34 41.65
C TYR D 438 -27.21 11.86 41.58
N VAL D 439 -26.36 12.40 40.73
CA VAL D 439 -26.03 13.81 40.72
C VAL D 439 -26.73 14.47 39.53
N PRO D 440 -27.64 15.42 39.76
CA PRO D 440 -28.30 16.10 38.64
C PRO D 440 -27.34 16.98 37.85
N VAL D 441 -27.71 17.21 36.59
CA VAL D 441 -26.84 17.94 35.67
C VAL D 441 -26.63 19.38 36.14
N LYS D 442 -27.67 19.98 36.73
CA LYS D 442 -27.52 21.32 37.27
C LYS D 442 -26.46 21.35 38.37
N GLU D 443 -26.48 20.34 39.24
CA GLU D 443 -25.47 20.27 40.29
C GLU D 443 -24.08 20.04 39.72
N THR D 444 -23.96 19.20 38.69
CA THR D 444 -22.67 19.01 38.05
C THR D 444 -22.13 20.33 37.50
N VAL D 445 -22.98 21.07 36.79
CA VAL D 445 -22.55 22.33 36.20
C VAL D 445 -22.15 23.31 37.28
N ARG D 446 -22.95 23.42 38.33
CA ARG D 446 -22.64 24.36 39.41
C ARG D 446 -21.34 23.99 40.10
N GLY D 447 -21.13 22.70 40.38
CA GLY D 447 -19.90 22.29 41.06
C GLY D 447 -18.67 22.54 40.22
N PHE D 448 -18.74 22.21 38.93
CA PHE D 448 -17.60 22.45 38.05
C PHE D 448 -17.33 23.94 37.88
N LYS D 449 -18.39 24.75 37.83
CA LYS D 449 -18.22 26.19 37.77
C LYS D 449 -17.52 26.71 39.03
N GLU D 450 -17.93 26.23 40.20
CA GLU D 450 -17.28 26.66 41.44
C GLU D 450 -15.83 26.23 41.47
N ILE D 451 -15.52 25.03 41.00
CA ILE D 451 -14.13 24.57 40.97
C ILE D 451 -13.32 25.45 40.03
N LEU D 452 -13.87 25.80 38.87
CA LEU D 452 -13.16 26.68 37.94
C LEU D 452 -12.94 28.06 38.54
N GLU D 453 -13.93 28.58 39.28
CA GLU D 453 -13.83 29.89 39.87
C GLU D 453 -12.84 29.96 41.03
N GLY D 454 -12.36 28.81 41.52
CA GLY D 454 -11.42 28.81 42.62
C GLY D 454 -12.04 28.88 44.00
N LYS D 455 -13.33 28.55 44.12
CA LYS D 455 -13.97 28.55 45.43
C LYS D 455 -13.37 27.47 46.34
N TYR D 456 -12.84 26.40 45.77
CA TYR D 456 -12.27 25.30 46.54
C TYR D 456 -10.85 24.97 46.12
N ASP D 457 -10.12 25.95 45.57
CA ASP D 457 -8.76 25.69 45.09
C ASP D 457 -7.76 25.45 46.21
N HIS D 458 -8.12 25.74 47.46
CA HIS D 458 -7.22 25.52 48.58
C HIS D 458 -7.36 24.15 49.21
N LEU D 459 -8.33 23.35 48.76
CA LEU D 459 -8.55 22.04 49.34
C LEU D 459 -7.60 21.01 48.73
N PRO D 460 -7.23 19.97 49.49
CA PRO D 460 -6.42 18.89 48.92
C PRO D 460 -7.16 18.19 47.80
N GLU D 461 -6.43 17.78 46.77
CA GLU D 461 -7.04 17.13 45.63
C GLU D 461 -7.63 15.76 45.98
N ASP D 462 -7.14 15.12 47.04
CA ASP D 462 -7.67 13.81 47.43
C ASP D 462 -9.10 13.88 47.93
N ALA D 463 -9.58 15.06 48.31
CA ALA D 463 -10.94 15.21 48.81
C ALA D 463 -11.99 15.23 47.70
N PHE D 464 -11.57 15.36 46.45
CA PHE D 464 -12.50 15.45 45.32
C PHE D 464 -12.82 14.09 44.72
N ARG D 465 -12.22 13.01 45.21
CA ARG D 465 -12.41 11.70 44.60
C ARG D 465 -13.62 10.99 45.18
N LEU D 466 -14.50 10.52 44.28
CA LEU D 466 -15.66 9.71 44.65
C LEU D 466 -16.53 10.43 45.67
N VAL D 467 -17.08 11.57 45.25
CA VAL D 467 -17.87 12.43 46.12
C VAL D 467 -19.31 12.53 45.64
N GLY D 468 -19.52 12.80 44.36
CA GLY D 468 -20.85 13.06 43.86
C GLY D 468 -21.14 14.54 43.74
N ARG D 469 -21.93 15.09 44.67
CA ARG D 469 -22.23 16.52 44.65
C ARG D 469 -21.00 17.34 45.04
N ILE D 470 -21.12 18.65 44.88
CA ILE D 470 -20.01 19.55 45.17
C ILE D 470 -19.73 19.61 46.67
N GLU D 471 -20.78 19.60 47.49
CA GLU D 471 -20.58 19.68 48.93
C GLU D 471 -19.82 18.48 49.45
N GLU D 472 -20.17 17.28 48.96
CA GLU D 472 -19.52 16.06 49.43
C GLU D 472 -18.01 16.22 49.52
N VAL D 473 -17.43 17.07 48.67
CA VAL D 473 -16.02 17.41 48.79
C VAL D 473 -15.75 18.10 50.12
N VAL D 474 -16.58 19.08 50.48
CA VAL D 474 -16.26 19.84 51.69
C VAL D 474 -16.48 18.98 52.94
N GLU D 475 -17.53 18.14 52.95
CA GLU D 475 -17.67 17.26 54.10
C GLU D 475 -16.56 16.21 54.17
N LYS D 476 -16.14 15.66 53.02
CA LYS D 476 -15.04 14.70 53.05
C LYS D 476 -13.76 15.34 53.56
N ALA D 477 -13.48 16.57 53.11
CA ALA D 477 -12.29 17.26 53.56
C ALA D 477 -12.36 17.58 55.05
N LYS D 478 -13.53 18.00 55.54
CA LYS D 478 -13.69 18.26 56.96
C LYS D 478 -13.48 16.99 57.77
N ALA D 479 -14.02 15.86 57.29
CA ALA D 479 -13.80 14.59 57.98
C ALA D 479 -12.33 14.21 57.99
N MET D 480 -11.63 14.44 56.87
CA MET D 480 -10.20 14.15 56.82
C MET D 480 -9.43 15.00 57.80
N GLY D 481 -9.78 16.29 57.90
CA GLY D 481 -9.12 17.18 58.82
C GLY D 481 -7.80 17.73 58.30
N MET E 12 -32.08 -6.21 -46.77
CA MET E 12 -32.96 -5.37 -45.98
C MET E 12 -32.19 -4.61 -44.90
N THR E 13 -31.08 -5.21 -44.45
CA THR E 13 -30.21 -4.69 -43.41
C THR E 13 -30.98 -3.96 -42.30
N ARG E 14 -31.97 -4.66 -41.75
CA ARG E 14 -32.77 -4.18 -40.64
C ARG E 14 -32.52 -5.05 -39.41
N GLY E 15 -32.18 -4.40 -38.30
CA GLY E 15 -31.94 -5.09 -37.05
C GLY E 15 -33.05 -4.83 -36.04
N ARG E 16 -33.01 -5.60 -34.95
CA ARG E 16 -34.00 -5.50 -33.89
C ARG E 16 -33.30 -5.44 -32.54
N VAL E 17 -33.80 -4.56 -31.67
CA VAL E 17 -33.26 -4.47 -30.32
C VAL E 17 -33.77 -5.65 -29.50
N ILE E 18 -32.86 -6.31 -28.79
CA ILE E 18 -33.24 -7.42 -27.92
C ILE E 18 -32.79 -7.26 -26.49
N GLN E 19 -31.78 -6.44 -26.19
CA GLN E 19 -31.35 -6.20 -24.82
C GLN E 19 -30.97 -4.75 -24.65
N VAL E 20 -31.38 -4.16 -23.53
CA VAL E 20 -31.03 -2.80 -23.16
C VAL E 20 -30.61 -2.82 -21.70
N MET E 21 -29.31 -2.62 -21.45
CA MET E 21 -28.75 -2.62 -20.10
C MET E 21 -27.86 -1.39 -19.97
N GLY E 22 -28.45 -0.28 -19.52
CA GLY E 22 -27.75 0.97 -19.44
C GLY E 22 -27.28 1.43 -20.80
N PRO E 23 -26.01 1.85 -20.90
CA PRO E 23 -25.46 2.30 -22.19
C PRO E 23 -25.11 1.17 -23.13
N VAL E 24 -25.44 -0.08 -22.81
CA VAL E 24 -25.13 -1.22 -23.65
C VAL E 24 -26.42 -1.74 -24.27
N VAL E 25 -26.43 -1.83 -25.61
CA VAL E 25 -27.60 -2.27 -26.35
C VAL E 25 -27.19 -3.41 -27.26
N ASP E 26 -27.98 -4.47 -27.29
CA ASP E 26 -27.74 -5.63 -28.14
C ASP E 26 -28.76 -5.66 -29.28
N VAL E 27 -28.29 -5.93 -30.49
CA VAL E 27 -29.11 -5.91 -31.69
C VAL E 27 -28.95 -7.24 -32.41
N LYS E 28 -30.05 -7.78 -32.92
CA LYS E 28 -30.05 -9.00 -33.70
C LYS E 28 -30.41 -8.69 -35.14
N PHE E 29 -29.65 -9.25 -36.07
CA PHE E 29 -29.84 -9.02 -37.49
C PHE E 29 -30.26 -10.31 -38.19
N GLU E 30 -30.71 -10.17 -39.42
CA GLU E 30 -30.96 -11.34 -40.26
C GLU E 30 -29.65 -12.03 -40.59
N ASN E 31 -29.72 -13.35 -40.75
CA ASN E 31 -28.50 -14.15 -40.91
C ASN E 31 -27.73 -13.73 -42.15
N GLY E 32 -26.42 -13.60 -41.98
CA GLY E 32 -25.53 -13.27 -43.09
C GLY E 32 -25.48 -11.81 -43.47
N HIS E 33 -26.00 -10.90 -42.63
CA HIS E 33 -25.98 -9.48 -42.95
C HIS E 33 -25.59 -8.64 -41.75
N LEU E 34 -24.68 -9.13 -40.93
CA LEU E 34 -24.27 -8.40 -39.74
C LEU E 34 -23.37 -7.23 -40.12
N PRO E 35 -23.48 -6.11 -39.40
CA PRO E 35 -22.56 -4.99 -39.64
C PRO E 35 -21.17 -5.28 -39.12
N ALA E 36 -20.19 -4.61 -39.72
CA ALA E 36 -18.80 -4.79 -39.32
C ALA E 36 -18.54 -4.09 -37.98
N ILE E 37 -17.38 -4.40 -37.40
CA ILE E 37 -16.98 -3.75 -36.16
C ILE E 37 -16.78 -2.25 -36.40
N TYR E 38 -17.08 -1.46 -35.37
CA TYR E 38 -16.97 0.00 -35.36
C TYR E 38 -17.99 0.67 -36.27
N ASN E 39 -18.93 -0.07 -36.84
CA ASN E 39 -19.98 0.54 -37.65
C ASN E 39 -20.90 1.38 -36.78
N ALA E 40 -21.63 2.29 -37.44
CA ALA E 40 -22.57 3.16 -36.76
C ALA E 40 -23.99 2.75 -37.12
N LEU E 41 -24.81 2.54 -36.10
CA LEU E 41 -26.21 2.17 -36.28
C LEU E 41 -27.11 3.30 -35.80
N LYS E 42 -28.19 3.54 -36.53
CA LYS E 42 -29.11 4.61 -36.24
C LYS E 42 -30.44 4.04 -35.79
N ILE E 43 -31.05 4.68 -34.79
CA ILE E 43 -32.39 4.37 -34.34
C ILE E 43 -33.21 5.65 -34.39
N GLN E 44 -34.25 5.67 -35.22
CA GLN E 44 -35.13 6.82 -35.36
C GLN E 44 -36.56 6.33 -35.24
N HIS E 45 -37.21 6.64 -34.14
CA HIS E 45 -38.54 6.14 -33.83
C HIS E 45 -39.49 7.29 -33.57
N LYS E 46 -40.74 7.11 -33.95
CA LYS E 46 -41.80 8.07 -33.70
C LYS E 46 -42.84 7.44 -32.80
N ALA E 47 -43.33 8.21 -31.83
CA ALA E 47 -44.29 7.71 -30.85
C ALA E 47 -45.56 7.22 -31.55
N ARG E 48 -45.80 5.90 -31.49
CA ARG E 48 -46.98 5.33 -32.12
C ARG E 48 -48.24 5.50 -31.29
N ASN E 49 -48.11 5.84 -30.02
CA ASN E 49 -49.24 5.99 -29.12
C ASN E 49 -48.78 6.81 -27.92
N GLU E 50 -49.63 6.85 -26.88
CA GLU E 50 -49.32 7.66 -25.70
C GLU E 50 -48.40 6.94 -24.72
N ASN E 51 -48.06 5.68 -24.96
CA ASN E 51 -47.15 4.93 -24.09
C ASN E 51 -45.76 4.77 -24.72
N GLU E 52 -45.36 5.71 -25.57
CA GLU E 52 -44.05 5.67 -26.21
C GLU E 52 -43.49 7.08 -26.29
N VAL E 53 -42.19 7.17 -26.50
CA VAL E 53 -41.49 8.45 -26.62
C VAL E 53 -40.66 8.44 -27.89
N ASP E 54 -40.36 9.65 -28.38
CA ASP E 54 -39.53 9.78 -29.56
C ASP E 54 -38.08 9.47 -29.22
N ILE E 55 -37.39 8.84 -30.17
CA ILE E 55 -36.03 8.36 -29.95
C ILE E 55 -35.19 8.67 -31.18
N ASP E 56 -34.00 9.23 -30.96
CA ASP E 56 -33.00 9.43 -32.01
C ASP E 56 -31.64 9.11 -31.40
N LEU E 57 -31.16 7.89 -31.64
CA LEU E 57 -29.99 7.37 -30.96
C LEU E 57 -29.02 6.78 -31.97
N THR E 58 -27.74 6.84 -31.65
CA THR E 58 -26.67 6.31 -32.48
C THR E 58 -25.83 5.33 -31.69
N LEU E 59 -25.56 4.17 -32.27
CA LEU E 59 -24.82 3.10 -31.60
C LEU E 59 -23.58 2.76 -32.41
N GLU E 60 -22.58 2.22 -31.73
CA GLU E 60 -21.32 1.80 -32.35
C GLU E 60 -21.11 0.33 -32.07
N VAL E 61 -20.88 -0.44 -33.14
CA VAL E 61 -20.72 -1.89 -33.03
C VAL E 61 -19.39 -2.20 -32.35
N ALA E 62 -19.43 -3.11 -31.36
CA ALA E 62 -18.24 -3.45 -30.60
C ALA E 62 -17.86 -4.93 -30.69
N LEU E 63 -18.82 -5.83 -30.60
CA LEU E 63 -18.54 -7.26 -30.56
C LEU E 63 -19.57 -8.02 -31.38
N HIS E 64 -19.18 -9.21 -31.81
CA HIS E 64 -20.10 -10.18 -32.42
C HIS E 64 -20.27 -11.32 -31.44
N LEU E 65 -21.45 -11.42 -30.84
CA LEU E 65 -21.71 -12.39 -29.79
C LEU E 65 -22.18 -13.74 -30.33
N GLY E 66 -22.34 -13.88 -31.64
CA GLY E 66 -22.90 -15.08 -32.22
C GLY E 66 -24.41 -15.04 -32.25
N ASP E 67 -24.97 -16.00 -32.99
CA ASP E 67 -26.42 -16.08 -33.20
C ASP E 67 -26.96 -14.78 -33.83
N ASP E 68 -26.16 -14.19 -34.72
CA ASP E 68 -26.52 -12.96 -35.43
C ASP E 68 -26.81 -11.81 -34.48
N THR E 69 -26.14 -11.79 -33.33
CA THR E 69 -26.33 -10.76 -32.32
C THR E 69 -25.07 -9.91 -32.21
N VAL E 70 -25.26 -8.60 -32.10
CA VAL E 70 -24.16 -7.64 -32.03
C VAL E 70 -24.34 -6.80 -30.78
N ARG E 71 -23.27 -6.63 -30.01
CA ARG E 71 -23.28 -5.79 -28.82
C ARG E 71 -22.72 -4.42 -29.15
N THR E 72 -23.46 -3.38 -28.80
CA THR E 72 -23.10 -2.01 -29.14
C THR E 72 -23.09 -1.14 -27.88
N ILE E 73 -22.48 0.03 -28.00
CA ILE E 73 -22.46 1.03 -26.94
C ILE E 73 -23.15 2.28 -27.44
N ALA E 74 -24.06 2.82 -26.65
CA ALA E 74 -24.83 3.98 -27.05
C ALA E 74 -24.01 5.25 -26.97
N MET E 75 -24.37 6.22 -27.81
CA MET E 75 -23.76 7.54 -27.80
C MET E 75 -24.58 8.55 -27.03
N ALA E 76 -25.73 8.16 -26.48
CA ALA E 76 -26.60 9.06 -25.73
C ALA E 76 -27.43 8.23 -24.77
N SER E 77 -28.45 8.85 -24.19
CA SER E 77 -29.31 8.17 -23.23
C SER E 77 -30.14 7.09 -23.91
N THR E 78 -30.32 5.97 -23.22
CA THR E 78 -31.06 4.83 -23.73
C THR E 78 -32.48 4.75 -23.17
N ASP E 79 -32.94 5.77 -22.49
CA ASP E 79 -34.28 5.75 -21.91
C ASP E 79 -35.34 5.74 -23.00
N GLY E 80 -36.36 4.92 -22.80
CA GLY E 80 -37.45 4.80 -23.74
C GLY E 80 -37.28 3.72 -24.79
N LEU E 81 -36.14 3.04 -24.83
CA LEU E 81 -35.93 1.99 -25.81
C LEU E 81 -36.84 0.80 -25.52
N ILE E 82 -37.35 0.18 -26.58
CA ILE E 82 -38.24 -0.97 -26.48
C ILE E 82 -37.63 -2.11 -27.27
N ARG E 83 -37.67 -3.31 -26.70
CA ARG E 83 -37.20 -4.48 -27.42
C ARG E 83 -38.05 -4.70 -28.67
N GLY E 84 -37.38 -4.90 -29.80
CA GLY E 84 -38.05 -5.06 -31.07
C GLY E 84 -38.07 -3.84 -31.96
N MET E 85 -37.48 -2.73 -31.53
CA MET E 85 -37.43 -1.53 -32.36
C MET E 85 -36.49 -1.73 -33.55
N GLU E 86 -36.83 -1.10 -34.66
CA GLU E 86 -36.05 -1.24 -35.88
C GLU E 86 -34.73 -0.50 -35.77
N VAL E 87 -33.65 -1.16 -36.19
CA VAL E 87 -32.31 -0.57 -36.22
C VAL E 87 -31.78 -0.69 -37.64
N ILE E 88 -31.22 0.40 -38.15
CA ILE E 88 -30.71 0.47 -39.51
C ILE E 88 -29.20 0.65 -39.46
N ASP E 89 -28.49 -0.06 -40.33
CA ASP E 89 -27.04 0.01 -40.41
C ASP E 89 -26.64 0.96 -41.52
N THR E 90 -25.71 1.86 -41.22
CA THR E 90 -25.26 2.85 -42.18
C THR E 90 -24.18 2.31 -43.12
N GLY E 91 -23.62 1.15 -42.83
CA GLY E 91 -22.63 0.55 -43.71
C GLY E 91 -21.23 1.08 -43.57
N ALA E 92 -20.97 1.95 -42.60
CA ALA E 92 -19.65 2.54 -42.41
C ALA E 92 -19.57 3.07 -40.99
N PRO E 93 -18.35 3.28 -40.47
CA PRO E 93 -18.23 3.91 -39.15
C PRO E 93 -18.74 5.34 -39.15
N ILE E 94 -18.67 6.00 -37.99
CA ILE E 94 -19.19 7.37 -37.87
C ILE E 94 -18.47 8.26 -38.86
N SER E 95 -19.26 9.08 -39.58
CA SER E 95 -18.73 9.96 -40.60
C SER E 95 -18.92 11.41 -40.16
N VAL E 96 -17.86 12.19 -40.24
CA VAL E 96 -17.84 13.57 -39.77
C VAL E 96 -17.46 14.47 -40.94
N PRO E 97 -18.19 15.56 -41.17
CA PRO E 97 -17.85 16.44 -42.30
C PRO E 97 -16.46 17.05 -42.14
N VAL E 98 -15.77 17.20 -43.26
CA VAL E 98 -14.43 17.77 -43.30
C VAL E 98 -14.38 18.85 -44.37
N GLY E 99 -13.40 19.73 -44.26
CA GLY E 99 -13.21 20.77 -45.26
C GLY E 99 -13.24 22.17 -44.68
N GLU E 100 -13.47 23.15 -45.55
CA GLU E 100 -13.53 24.54 -45.10
C GLU E 100 -14.76 24.81 -44.24
N VAL E 101 -15.81 23.99 -44.39
CA VAL E 101 -17.06 24.24 -43.68
C VAL E 101 -16.92 24.03 -42.18
N THR E 102 -15.86 23.36 -41.73
CA THR E 102 -15.68 23.11 -40.30
C THR E 102 -14.93 24.22 -39.59
N LEU E 103 -14.39 25.19 -40.31
CA LEU E 103 -13.64 26.27 -39.67
C LEU E 103 -14.59 27.23 -38.98
N GLY E 104 -14.28 27.58 -37.73
CA GLY E 104 -15.12 28.47 -36.97
C GLY E 104 -16.42 27.87 -36.48
N ARG E 105 -16.50 26.56 -36.35
CA ARG E 105 -17.71 25.87 -35.92
C ARG E 105 -17.42 24.98 -34.74
N VAL E 106 -18.48 24.59 -34.03
CA VAL E 106 -18.39 23.73 -32.86
C VAL E 106 -19.18 22.47 -33.13
N PHE E 107 -18.57 21.32 -32.87
CA PHE E 107 -19.16 20.02 -33.18
C PHE E 107 -19.13 19.12 -31.96
N ASN E 108 -20.03 18.14 -31.95
CA ASN E 108 -20.02 17.05 -30.99
C ASN E 108 -19.35 15.84 -31.61
N VAL E 109 -19.44 14.69 -30.93
CA VAL E 109 -18.77 13.49 -31.41
C VAL E 109 -19.39 12.99 -32.71
N LEU E 110 -20.71 13.11 -32.85
CA LEU E 110 -21.39 12.64 -34.05
C LEU E 110 -21.11 13.51 -35.27
N GLY E 111 -20.50 14.67 -35.10
CA GLY E 111 -20.24 15.56 -36.20
C GLY E 111 -21.33 16.57 -36.48
N GLU E 112 -22.41 16.56 -35.71
CA GLU E 112 -23.44 17.57 -35.88
C GLU E 112 -23.01 18.88 -35.25
N PRO E 113 -23.37 20.01 -35.86
CA PRO E 113 -22.99 21.31 -35.27
C PRO E 113 -23.67 21.53 -33.92
N ILE E 114 -22.94 22.19 -33.03
CA ILE E 114 -23.46 22.48 -31.70
C ILE E 114 -23.92 23.93 -31.57
N ASP E 115 -23.26 24.85 -32.27
CA ASP E 115 -23.63 26.25 -32.21
C ASP E 115 -24.94 26.49 -32.97
N LEU E 116 -25.33 27.75 -33.08
CA LEU E 116 -26.64 28.13 -33.58
C LEU E 116 -26.60 28.75 -34.96
N GLU E 117 -25.57 28.46 -35.76
CA GLU E 117 -25.45 29.05 -37.09
C GLU E 117 -26.02 28.17 -38.19
N GLY E 118 -26.63 27.04 -37.87
CA GLY E 118 -27.34 26.23 -38.83
C GLY E 118 -26.63 24.91 -39.11
N ASP E 119 -27.32 24.08 -39.88
CA ASP E 119 -26.84 22.74 -40.20
C ASP E 119 -25.98 22.75 -41.47
N ILE E 120 -25.07 21.79 -41.54
CA ILE E 120 -24.23 21.58 -42.71
C ILE E 120 -25.04 20.83 -43.76
N PRO E 121 -24.95 21.19 -45.04
CA PRO E 121 -25.69 20.46 -46.07
C PRO E 121 -25.30 18.99 -46.11
N ALA E 122 -26.29 18.15 -46.42
CA ALA E 122 -26.10 16.70 -46.37
C ALA E 122 -25.20 16.19 -47.48
N ASP E 123 -24.93 16.99 -48.51
CA ASP E 123 -24.09 16.56 -49.62
C ASP E 123 -22.60 16.80 -49.35
N ALA E 124 -22.24 17.41 -48.23
CA ALA E 124 -20.85 17.69 -47.94
C ALA E 124 -20.07 16.40 -47.69
N ARG E 125 -18.78 16.46 -47.98
CA ARG E 125 -17.92 15.29 -47.83
C ARG E 125 -17.76 14.92 -46.36
N ARG E 126 -17.79 13.62 -46.09
CA ARG E 126 -17.61 13.09 -44.74
C ARG E 126 -16.59 11.96 -44.76
N ASP E 127 -15.89 11.79 -43.65
CA ASP E 127 -14.81 10.82 -43.55
C ASP E 127 -15.02 9.89 -42.36
N PRO E 128 -14.58 8.64 -42.47
CA PRO E 128 -14.74 7.71 -41.35
C PRO E 128 -13.93 8.12 -40.14
N ILE E 129 -14.48 7.83 -38.96
CA ILE E 129 -13.78 8.13 -37.71
C ILE E 129 -12.58 7.20 -37.54
N HIS E 130 -12.77 5.91 -37.79
CA HIS E 130 -11.72 4.92 -37.61
C HIS E 130 -10.99 4.71 -38.93
N ARG E 131 -9.66 4.75 -38.86
CA ARG E 131 -8.82 4.68 -40.04
C ARG E 131 -7.48 4.09 -39.64
N PRO E 132 -6.91 3.22 -40.46
CA PRO E 132 -5.57 2.69 -40.16
C PRO E 132 -4.52 3.78 -40.18
N ALA E 133 -3.49 3.60 -39.36
CA ALA E 133 -2.42 4.57 -39.29
C ALA E 133 -1.65 4.62 -40.60
N PRO E 134 -1.04 5.76 -40.93
CA PRO E 134 -0.29 5.86 -42.19
C PRO E 134 0.85 4.85 -42.24
N LYS E 135 1.14 4.39 -43.44
CA LYS E 135 2.12 3.34 -43.65
C LYS E 135 3.53 3.83 -43.33
N PHE E 136 4.43 2.87 -43.10
CA PHE E 136 5.84 3.18 -42.91
C PHE E 136 6.44 3.81 -44.16
N GLU E 137 5.85 3.51 -45.33
CA GLU E 137 6.34 4.10 -46.58
C GLU E 137 6.14 5.60 -46.61
N GLU E 138 5.02 6.10 -46.08
CA GLU E 138 4.63 7.48 -46.25
C GLU E 138 5.28 8.44 -45.25
N LEU E 139 5.93 7.91 -44.20
CA LEU E 139 6.49 8.79 -43.18
C LEU E 139 7.72 9.53 -43.70
N ALA E 140 7.98 10.69 -43.09
CA ALA E 140 9.17 11.44 -43.42
C ALA E 140 10.42 10.78 -42.85
N THR E 141 11.53 10.94 -43.57
CA THR E 141 12.79 10.29 -43.19
C THR E 141 13.70 11.18 -42.36
N GLU E 142 13.27 12.39 -42.00
CA GLU E 142 14.10 13.32 -41.26
C GLU E 142 13.25 14.05 -40.23
N VAL E 143 13.92 14.62 -39.24
CA VAL E 143 13.28 15.38 -38.18
C VAL E 143 13.38 16.87 -38.52
N GLU E 144 12.26 17.57 -38.39
CA GLU E 144 12.20 18.99 -38.69
C GLU E 144 11.65 19.76 -37.50
N ILE E 145 12.08 21.01 -37.37
CA ILE E 145 11.70 21.85 -36.25
C ILE E 145 10.53 22.74 -36.66
N LEU E 146 9.50 22.77 -35.82
CA LEU E 146 8.36 23.66 -36.03
C LEU E 146 8.63 24.98 -35.32
N GLU E 147 8.89 26.02 -36.09
CA GLU E 147 9.21 27.34 -35.53
C GLU E 147 7.92 27.98 -35.03
N THR E 148 7.77 28.09 -33.71
CA THR E 148 6.56 28.62 -33.12
C THR E 148 6.58 30.14 -32.98
N GLY E 149 7.75 30.77 -33.02
CA GLY E 149 7.86 32.20 -32.85
C GLY E 149 7.91 32.68 -31.43
N ILE E 150 7.84 31.78 -30.45
CA ILE E 150 7.98 32.11 -29.03
C ILE E 150 9.41 31.84 -28.63
N LYS E 151 10.04 32.80 -27.95
CA LYS E 151 11.47 32.73 -27.69
C LYS E 151 11.82 31.54 -26.80
N VAL E 152 11.13 31.41 -25.67
CA VAL E 152 11.48 30.36 -24.70
C VAL E 152 11.25 28.98 -25.30
N VAL E 153 10.13 28.80 -26.00
CA VAL E 153 9.84 27.50 -26.61
C VAL E 153 10.85 27.18 -27.71
N ASP E 154 11.09 28.14 -28.61
CA ASP E 154 12.00 27.90 -29.72
C ASP E 154 13.44 27.72 -29.26
N LEU E 155 13.79 28.22 -28.08
CA LEU E 155 15.17 28.10 -27.62
C LEU E 155 15.39 26.87 -26.74
N LEU E 156 14.66 26.77 -25.64
CA LEU E 156 14.96 25.77 -24.62
C LEU E 156 14.13 24.50 -24.71
N ALA E 157 13.15 24.44 -25.63
CA ALA E 157 12.31 23.26 -25.78
C ALA E 157 11.67 23.27 -27.17
N PRO E 158 12.47 22.99 -28.21
CA PRO E 158 11.95 23.09 -29.57
C PRO E 158 10.85 22.08 -29.85
N TYR E 159 9.96 22.43 -30.76
CA TYR E 159 8.86 21.58 -31.18
C TYR E 159 9.20 20.89 -32.49
N ILE E 160 8.82 19.63 -32.60
CA ILE E 160 9.11 18.80 -33.77
C ILE E 160 7.82 18.59 -34.55
N LYS E 161 7.89 18.81 -35.86
CA LYS E 161 6.74 18.53 -36.73
C LYS E 161 6.36 17.06 -36.60
N GLY E 162 5.08 16.80 -36.39
CA GLY E 162 4.60 15.45 -36.20
C GLY E 162 4.80 14.89 -34.81
N GLY E 163 5.35 15.68 -33.89
CA GLY E 163 5.59 15.19 -32.55
C GLY E 163 4.48 15.54 -31.57
N LYS E 164 4.56 14.93 -30.39
CA LYS E 164 3.61 15.16 -29.31
C LYS E 164 4.28 15.99 -28.23
N ILE E 165 3.59 17.04 -27.77
CA ILE E 165 4.10 17.94 -26.73
C ILE E 165 3.19 17.85 -25.53
N GLY E 166 3.75 17.58 -24.36
CA GLY E 166 2.99 17.51 -23.13
C GLY E 166 2.99 18.86 -22.44
N LEU E 167 1.79 19.33 -22.08
CA LEU E 167 1.62 20.62 -21.43
C LEU E 167 1.17 20.40 -20.00
N PHE E 168 1.89 21.01 -19.06
CA PHE E 168 1.61 20.88 -17.63
C PHE E 168 1.34 22.25 -17.05
N GLY E 169 0.34 22.34 -16.18
CA GLY E 169 0.01 23.59 -15.53
C GLY E 169 -1.38 23.56 -14.96
N GLY E 170 -1.64 24.51 -14.07
CA GLY E 170 -2.92 24.64 -13.42
C GLY E 170 -3.80 25.68 -14.09
N ALA E 171 -4.68 26.28 -13.30
CA ALA E 171 -5.57 27.32 -13.78
C ALA E 171 -5.04 28.69 -13.41
N GLY E 172 -5.29 29.67 -14.29
CA GLY E 172 -4.83 31.02 -14.08
C GLY E 172 -3.37 31.25 -14.35
N VAL E 173 -2.68 30.30 -15.00
CA VAL E 173 -1.25 30.41 -15.24
C VAL E 173 -0.94 30.77 -16.69
N GLY E 174 -1.94 30.82 -17.55
CA GLY E 174 -1.75 31.23 -18.93
C GLY E 174 -1.88 30.15 -19.98
N LYS E 175 -2.51 29.03 -19.65
CA LYS E 175 -2.64 27.93 -20.61
C LYS E 175 -3.42 28.37 -21.84
N THR E 176 -4.57 29.00 -21.64
CA THR E 176 -5.39 29.42 -22.77
C THR E 176 -4.72 30.51 -23.59
N VAL E 177 -4.02 31.42 -22.93
CA VAL E 177 -3.30 32.47 -23.65
C VAL E 177 -2.20 31.85 -24.51
N LEU E 178 -1.46 30.89 -23.96
CA LEU E 178 -0.43 30.21 -24.74
C LEU E 178 -1.03 29.47 -25.93
N ILE E 179 -2.18 28.81 -25.71
CA ILE E 179 -2.83 28.08 -26.80
C ILE E 179 -3.24 29.04 -27.92
N GLN E 180 -3.87 30.15 -27.55
CA GLN E 180 -4.32 31.12 -28.55
C GLN E 180 -3.13 31.71 -29.30
N GLU E 181 -2.05 32.04 -28.59
CA GLU E 181 -0.88 32.59 -29.25
C GLU E 181 -0.25 31.59 -30.20
N LEU E 182 -0.19 30.31 -29.81
CA LEU E 182 0.33 29.29 -30.69
C LEU E 182 -0.50 29.18 -31.96
N ILE E 183 -1.83 29.17 -31.81
CA ILE E 183 -2.70 29.08 -32.98
C ILE E 183 -2.50 30.27 -33.89
N HIS E 184 -2.46 31.48 -33.31
CA HIS E 184 -2.30 32.69 -34.11
C HIS E 184 -0.97 32.68 -34.86
N ASN E 185 0.11 32.34 -34.17
CA ASN E 185 1.43 32.36 -34.82
C ASN E 185 1.51 31.32 -35.93
N ILE E 186 0.99 30.11 -35.68
CA ILE E 186 1.03 29.07 -36.70
C ILE E 186 0.23 29.48 -37.93
N ALA E 187 -0.98 30.00 -37.71
CA ALA E 187 -1.80 30.43 -38.83
C ALA E 187 -1.16 31.57 -39.59
N GLN E 188 -0.49 32.49 -38.88
CA GLN E 188 0.08 33.65 -39.54
C GLN E 188 1.32 33.30 -40.36
N GLU E 189 2.22 32.48 -39.80
CA GLU E 189 3.51 32.27 -40.43
C GLU E 189 3.63 30.98 -41.21
N HIS E 190 2.68 30.05 -41.09
CA HIS E 190 2.71 28.82 -41.85
C HIS E 190 1.45 28.56 -42.66
N GLY E 191 0.42 29.38 -42.51
CA GLY E 191 -0.81 29.17 -43.24
C GLY E 191 -1.61 27.96 -42.82
N GLY E 192 -1.23 27.32 -41.72
CA GLY E 192 -1.89 26.10 -41.27
C GLY E 192 -2.89 26.39 -40.16
N ILE E 193 -4.04 25.73 -40.25
CA ILE E 193 -5.09 25.87 -39.26
C ILE E 193 -4.80 24.97 -38.06
N SER E 194 -5.55 25.16 -36.98
CA SER E 194 -5.45 24.31 -35.80
C SER E 194 -6.81 23.74 -35.47
N VAL E 195 -6.82 22.66 -34.70
CA VAL E 195 -8.04 21.99 -34.28
C VAL E 195 -7.98 21.79 -32.77
N PHE E 196 -9.06 22.13 -32.08
CA PHE E 196 -9.16 21.95 -30.64
C PHE E 196 -10.18 20.86 -30.34
N ALA E 197 -9.79 19.89 -29.52
CA ALA E 197 -10.64 18.77 -29.14
C ALA E 197 -10.79 18.77 -27.63
N GLY E 198 -12.00 19.07 -27.15
CA GLY E 198 -12.26 19.04 -25.73
C GLY E 198 -12.82 17.72 -25.26
N VAL E 199 -12.06 16.99 -24.46
CA VAL E 199 -12.43 15.66 -23.99
C VAL E 199 -12.72 15.74 -22.50
N GLY E 200 -13.97 15.49 -22.11
CA GLY E 200 -14.33 15.48 -20.71
C GLY E 200 -14.18 16.81 -20.01
N GLU E 201 -14.22 17.91 -20.74
CA GLU E 201 -14.02 19.22 -20.14
C GLU E 201 -15.26 19.62 -19.33
N ARG E 202 -15.09 20.66 -18.51
CA ARG E 202 -16.23 21.28 -17.86
C ARG E 202 -16.92 22.23 -18.82
N THR E 203 -18.26 22.20 -18.83
CA THR E 203 -19.01 22.94 -19.84
C THR E 203 -18.81 24.44 -19.72
N ARG E 204 -18.79 24.97 -18.50
CA ARG E 204 -18.60 26.41 -18.34
C ARG E 204 -17.20 26.83 -18.78
N GLU E 205 -16.19 26.01 -18.50
CA GLU E 205 -14.84 26.31 -18.96
C GLU E 205 -14.76 26.26 -20.48
N GLY E 206 -15.43 25.29 -21.10
CA GLY E 206 -15.48 25.24 -22.55
C GLY E 206 -16.14 26.47 -23.15
N ASN E 207 -17.24 26.92 -22.55
CA ASN E 207 -17.90 28.13 -23.01
C ASN E 207 -17.00 29.36 -22.86
N ASP E 208 -16.29 29.45 -21.72
CA ASP E 208 -15.36 30.55 -21.53
C ASP E 208 -14.25 30.54 -22.57
N LEU E 209 -13.70 29.36 -22.86
CA LEU E 209 -12.66 29.27 -23.89
C LEU E 209 -13.21 29.63 -25.26
N TYR E 210 -14.44 29.22 -25.55
CA TYR E 210 -15.06 29.60 -26.83
C TYR E 210 -15.17 31.10 -26.95
N HIS E 211 -15.62 31.78 -25.89
CA HIS E 211 -15.77 33.22 -25.95
C HIS E 211 -14.41 33.92 -26.04
N GLU E 212 -13.40 33.38 -25.36
CA GLU E 212 -12.05 33.95 -25.46
C GLU E 212 -11.52 33.85 -26.88
N MET E 213 -11.66 32.68 -27.51
CA MET E 213 -11.23 32.55 -28.90
C MET E 213 -12.09 33.39 -29.84
N LYS E 214 -13.35 33.62 -29.48
CA LYS E 214 -14.21 34.48 -30.29
C LYS E 214 -13.71 35.92 -30.27
N ASP E 215 -13.48 36.47 -29.07
CA ASP E 215 -13.10 37.88 -28.98
C ASP E 215 -11.61 38.11 -29.22
N SER E 216 -10.81 37.06 -29.31
CA SER E 216 -9.41 37.22 -29.71
C SER E 216 -9.23 37.20 -31.22
N GLY E 217 -10.29 36.97 -31.99
CA GLY E 217 -10.16 36.92 -33.43
C GLY E 217 -9.45 35.70 -33.97
N VAL E 218 -9.42 34.62 -33.20
CA VAL E 218 -8.63 33.45 -33.54
C VAL E 218 -9.56 32.34 -34.05
N ILE E 219 -10.83 32.39 -33.63
CA ILE E 219 -11.75 31.29 -33.91
C ILE E 219 -11.99 31.08 -35.40
N SER E 220 -11.68 32.07 -36.24
CA SER E 220 -11.91 31.92 -37.66
C SER E 220 -10.96 30.91 -38.30
N LYS E 221 -9.90 30.51 -37.60
CA LYS E 221 -8.90 29.60 -38.15
C LYS E 221 -8.85 28.26 -37.44
N THR E 222 -9.87 27.91 -36.67
CA THR E 222 -9.85 26.69 -35.89
C THR E 222 -11.20 26.00 -35.96
N ALA E 223 -11.19 24.68 -35.77
CA ALA E 223 -12.39 23.86 -35.66
C ALA E 223 -12.42 23.27 -34.26
N MET E 224 -13.57 23.35 -33.61
CA MET E 224 -13.70 23.04 -32.19
C MET E 224 -14.64 21.86 -32.01
N VAL E 225 -14.20 20.87 -31.23
CA VAL E 225 -15.00 19.69 -30.91
C VAL E 225 -15.03 19.53 -29.39
N PHE E 226 -16.22 19.42 -28.83
CA PHE E 226 -16.39 19.25 -27.39
C PHE E 226 -17.11 17.94 -27.09
N GLY E 227 -16.51 17.13 -26.22
CA GLY E 227 -17.21 16.01 -25.63
C GLY E 227 -17.61 16.36 -24.21
N GLN E 228 -18.89 16.65 -24.00
CA GLN E 228 -19.35 17.11 -22.70
C GLN E 228 -19.10 16.05 -21.63
N MET E 229 -18.88 16.52 -20.40
CA MET E 229 -18.59 15.61 -19.30
C MET E 229 -19.80 14.75 -18.93
N ASN E 230 -21.00 15.18 -19.31
CA ASN E 230 -22.20 14.39 -19.10
C ASN E 230 -22.48 13.42 -20.24
N GLU E 231 -21.69 13.45 -21.31
CA GLU E 231 -21.85 12.52 -22.40
C GLU E 231 -21.47 11.11 -21.96
N PRO E 232 -22.02 10.10 -22.61
CA PRO E 232 -21.67 8.72 -22.28
C PRO E 232 -20.21 8.42 -22.59
N PRO E 233 -19.65 7.36 -22.01
CA PRO E 233 -18.23 7.05 -22.24
C PRO E 233 -17.89 6.83 -23.70
N GLY E 234 -18.80 6.29 -24.51
CA GLY E 234 -18.51 6.12 -25.92
C GLY E 234 -18.21 7.44 -26.61
N ALA E 235 -19.06 8.44 -26.37
CA ALA E 235 -18.81 9.77 -26.91
C ALA E 235 -17.52 10.36 -26.35
N ARG E 236 -17.33 10.25 -25.03
CA ARG E 236 -16.13 10.80 -24.42
C ARG E 236 -14.87 10.13 -24.93
N MET E 237 -14.98 8.93 -25.49
CA MET E 237 -13.85 8.22 -26.05
C MET E 237 -13.63 8.51 -27.52
N ARG E 238 -14.70 8.76 -28.28
CA ARG E 238 -14.56 8.99 -29.72
C ARG E 238 -14.42 10.45 -30.11
N VAL E 239 -14.58 11.39 -29.17
CA VAL E 239 -14.39 12.80 -29.50
C VAL E 239 -12.97 13.07 -30.01
N ALA E 240 -11.97 12.46 -29.37
CA ALA E 240 -10.59 12.68 -29.79
C ALA E 240 -10.38 12.21 -31.22
N LEU E 241 -10.93 11.04 -31.57
CA LEU E 241 -10.83 10.56 -32.95
C LEU E 241 -11.56 11.47 -33.92
N THR E 242 -12.69 12.05 -33.49
CA THR E 242 -13.39 13.01 -34.36
C THR E 242 -12.49 14.21 -34.67
N GLY E 243 -11.86 14.77 -33.64
CA GLY E 243 -10.95 15.88 -33.88
C GLY E 243 -9.77 15.49 -34.76
N LEU E 244 -9.20 14.32 -34.51
CA LEU E 244 -8.04 13.89 -35.27
C LEU E 244 -8.39 13.68 -36.74
N THR E 245 -9.56 13.10 -37.02
CA THR E 245 -9.95 12.92 -38.42
C THR E 245 -10.39 14.22 -39.07
N MET E 246 -10.79 15.21 -38.27
CA MET E 246 -10.97 16.56 -38.82
C MET E 246 -9.64 17.14 -39.27
N ALA E 247 -8.58 16.93 -38.48
CA ALA E 247 -7.27 17.47 -38.83
C ALA E 247 -6.59 16.70 -39.96
N GLU E 248 -6.86 15.39 -40.08
CA GLU E 248 -6.19 14.59 -41.09
C GLU E 248 -6.56 15.04 -42.50
N TYR E 249 -7.77 15.55 -42.71
CA TYR E 249 -8.14 16.05 -44.02
C TYR E 249 -7.23 17.19 -44.45
N PHE E 250 -6.98 18.13 -43.55
CA PHE E 250 -6.11 19.25 -43.89
C PHE E 250 -4.65 18.82 -43.99
N ARG E 251 -4.24 17.80 -43.23
CA ARG E 251 -2.90 17.27 -43.43
C ARG E 251 -2.73 16.68 -44.82
N ASP E 252 -3.71 15.89 -45.27
CA ASP E 252 -3.56 15.11 -46.49
C ASP E 252 -3.88 15.90 -47.76
N GLU E 253 -5.06 16.53 -47.82
CA GLU E 253 -5.50 17.17 -49.05
C GLU E 253 -4.88 18.55 -49.25
N GLN E 254 -4.92 19.40 -48.23
CA GLN E 254 -4.35 20.74 -48.35
C GLN E 254 -2.84 20.76 -48.21
N GLY E 255 -2.24 19.71 -47.67
CA GLY E 255 -0.80 19.61 -47.58
C GLY E 255 -0.14 20.70 -46.75
N GLN E 256 -0.67 20.96 -45.56
CA GLN E 256 -0.14 22.00 -44.68
C GLN E 256 0.10 21.42 -43.29
N ASP E 257 0.83 22.18 -42.48
CA ASP E 257 1.14 21.80 -41.11
C ASP E 257 0.01 22.24 -40.19
N VAL E 258 -0.54 21.30 -39.44
CA VAL E 258 -1.75 21.52 -38.66
C VAL E 258 -1.47 21.20 -37.20
N LEU E 259 -2.07 21.98 -36.32
CA LEU E 259 -2.02 21.76 -34.88
C LEU E 259 -3.25 21.01 -34.42
N LEU E 260 -3.11 20.30 -33.30
CA LEU E 260 -4.22 19.59 -32.68
C LEU E 260 -4.08 19.69 -31.17
N PHE E 261 -5.10 20.22 -30.52
CA PHE E 261 -5.09 20.39 -29.07
C PHE E 261 -6.08 19.43 -28.44
N ILE E 262 -5.66 18.77 -27.37
CA ILE E 262 -6.51 17.85 -26.60
C ILE E 262 -6.65 18.42 -25.20
N ASP E 263 -7.90 18.57 -24.75
CA ASP E 263 -8.14 19.20 -23.45
C ASP E 263 -7.53 18.39 -22.31
N ASN E 264 -7.79 17.09 -22.29
CA ASN E 264 -7.21 16.22 -21.27
C ASN E 264 -7.27 14.79 -21.77
N ILE E 265 -6.11 14.19 -22.03
CA ILE E 265 -6.08 12.83 -22.56
C ILE E 265 -6.31 11.79 -21.46
N PHE E 266 -6.01 12.13 -20.21
CA PHE E 266 -6.28 11.20 -19.11
C PHE E 266 -7.77 10.89 -19.01
N ARG E 267 -8.61 11.89 -19.29
CA ARG E 267 -10.05 11.62 -19.32
C ARG E 267 -10.42 10.71 -20.48
N PHE E 268 -9.69 10.78 -21.59
CA PHE E 268 -9.91 9.82 -22.68
C PHE E 268 -9.58 8.41 -22.23
N THR E 269 -8.46 8.22 -21.54
CA THR E 269 -8.12 6.89 -21.02
C THR E 269 -9.15 6.42 -20.00
N GLN E 270 -9.63 7.33 -19.15
CA GLN E 270 -10.64 6.96 -18.16
C GLN E 270 -11.94 6.55 -18.83
N ALA E 271 -12.35 7.26 -19.90
CA ALA E 271 -13.54 6.87 -20.64
C ALA E 271 -13.36 5.51 -21.28
N GLY E 272 -12.17 5.23 -21.82
CA GLY E 272 -11.91 3.90 -22.35
C GLY E 272 -12.01 2.82 -21.29
N SER E 273 -11.50 3.10 -20.09
CA SER E 273 -11.60 2.16 -18.99
C SER E 273 -13.06 1.91 -18.60
N GLU E 274 -13.87 2.98 -18.57
CA GLU E 274 -15.29 2.82 -18.28
C GLU E 274 -15.99 1.98 -19.34
N VAL E 275 -15.65 2.20 -20.60
CA VAL E 275 -16.24 1.41 -21.69
C VAL E 275 -15.88 -0.06 -21.53
N SER E 276 -14.61 -0.34 -21.22
CA SER E 276 -14.20 -1.73 -21.02
C SER E 276 -14.92 -2.36 -19.84
N ALA E 277 -15.07 -1.62 -18.74
CA ALA E 277 -15.78 -2.14 -17.58
C ALA E 277 -17.23 -2.45 -17.93
N LEU E 278 -17.88 -1.57 -18.70
CA LEU E 278 -19.25 -1.82 -19.14
C LEU E 278 -19.33 -3.05 -20.03
N LEU E 279 -18.36 -3.21 -20.93
CA LEU E 279 -18.34 -4.37 -21.81
C LEU E 279 -18.02 -5.66 -21.06
N GLY E 280 -17.45 -5.56 -19.87
CA GLY E 280 -17.24 -6.74 -19.05
C GLY E 280 -15.89 -7.41 -19.20
N ARG E 281 -14.93 -6.76 -19.85
CA ARG E 281 -13.60 -7.33 -19.97
C ARG E 281 -12.89 -7.31 -18.62
N MET E 282 -12.03 -8.29 -18.41
CA MET E 282 -11.33 -8.40 -17.14
C MET E 282 -10.34 -7.24 -16.99
N PRO E 283 -10.28 -6.59 -15.84
CA PRO E 283 -9.41 -5.42 -15.68
C PRO E 283 -7.94 -5.81 -15.57
N SER E 284 -7.09 -4.81 -15.78
CA SER E 284 -5.65 -4.97 -15.77
C SER E 284 -5.01 -3.89 -14.91
N ALA E 285 -3.73 -4.10 -14.59
CA ALA E 285 -2.91 -3.11 -13.89
C ALA E 285 -3.58 -2.61 -12.62
N VAL E 286 -3.90 -1.32 -12.58
CA VAL E 286 -4.47 -0.69 -11.41
C VAL E 286 -5.99 -0.54 -11.55
N GLY E 287 -6.61 -1.40 -12.36
CA GLY E 287 -8.01 -1.28 -12.68
C GLY E 287 -8.32 -0.74 -14.06
N TYR E 288 -7.31 -0.54 -14.89
CA TYR E 288 -7.49 -0.03 -16.23
C TYR E 288 -7.85 -1.17 -17.19
N GLN E 289 -8.26 -0.79 -18.39
CA GLN E 289 -8.60 -1.78 -19.40
C GLN E 289 -7.34 -2.52 -19.86
N PRO E 290 -7.48 -3.79 -20.23
CA PRO E 290 -6.32 -4.51 -20.79
C PRO E 290 -5.80 -3.90 -22.07
N THR E 291 -6.66 -3.25 -22.85
CA THR E 291 -6.29 -2.70 -24.15
C THR E 291 -5.84 -1.24 -24.07
N LEU E 292 -5.35 -0.80 -22.91
CA LEU E 292 -4.98 0.60 -22.75
C LEU E 292 -3.84 0.99 -23.68
N ALA E 293 -2.80 0.16 -23.74
CA ALA E 293 -1.64 0.47 -24.56
C ALA E 293 -2.01 0.53 -26.04
N THR E 294 -2.79 -0.43 -26.51
CA THR E 294 -3.14 -0.43 -27.93
C THR E 294 -4.12 0.68 -28.27
N GLU E 295 -5.02 1.05 -27.36
CA GLU E 295 -5.91 2.18 -27.61
C GLU E 295 -5.11 3.48 -27.71
N MET E 296 -4.18 3.70 -26.77
CA MET E 296 -3.35 4.89 -26.82
C MET E 296 -2.49 4.90 -28.08
N GLY E 297 -1.96 3.75 -28.48
CA GLY E 297 -1.18 3.69 -29.70
C GLY E 297 -1.98 3.99 -30.94
N GLN E 298 -3.20 3.45 -31.02
CA GLN E 298 -4.06 3.73 -32.16
C GLN E 298 -4.44 5.20 -32.23
N LEU E 299 -4.60 5.85 -31.06
CA LEU E 299 -4.88 7.27 -31.08
C LEU E 299 -3.67 8.09 -31.52
N GLN E 300 -2.49 7.81 -30.93
CA GLN E 300 -1.34 8.67 -31.13
C GLN E 300 -0.61 8.43 -32.45
N GLU E 301 -0.63 7.20 -32.95
CA GLU E 301 0.15 6.87 -34.14
C GLU E 301 -0.36 7.54 -35.41
N ARG E 302 -1.58 8.10 -35.38
CA ARG E 302 -2.08 8.84 -36.53
C ARG E 302 -1.61 10.29 -36.55
N ILE E 303 -0.96 10.74 -35.48
CA ILE E 303 -0.41 12.09 -35.41
C ILE E 303 1.05 11.99 -35.81
N THR E 304 1.32 12.11 -37.12
CA THR E 304 2.66 11.97 -37.66
C THR E 304 2.90 13.02 -38.72
N SER E 305 4.14 13.08 -39.19
CA SER E 305 4.55 13.98 -40.27
C SER E 305 4.82 13.13 -41.51
N THR E 306 3.95 13.25 -42.50
CA THR E 306 4.10 12.50 -43.74
C THR E 306 4.96 13.29 -44.72
N ALA E 307 5.02 12.82 -45.97
CA ALA E 307 5.86 13.47 -46.97
C ALA E 307 5.25 14.77 -47.48
N LYS E 308 3.95 14.98 -47.31
CA LYS E 308 3.29 16.16 -47.83
C LYS E 308 2.48 16.88 -46.76
N GLY E 309 2.91 16.79 -45.51
CA GLY E 309 2.22 17.48 -44.44
C GLY E 309 2.72 17.00 -43.08
N SER E 310 2.03 17.46 -42.05
CA SER E 310 2.37 17.09 -40.68
C SER E 310 1.24 17.52 -39.76
N ILE E 311 1.00 16.73 -38.72
CA ILE E 311 0.13 17.07 -37.62
C ILE E 311 0.92 17.00 -36.34
N THR E 312 0.96 18.11 -35.60
CA THR E 312 1.62 18.17 -34.30
C THR E 312 0.59 18.47 -33.23
N SER E 313 0.72 17.82 -32.08
CA SER E 313 -0.32 17.83 -31.06
C SER E 313 0.22 18.38 -29.75
N ILE E 314 -0.54 19.28 -29.15
CA ILE E 314 -0.26 19.79 -27.80
C ILE E 314 -1.32 19.22 -26.88
N GLN E 315 -0.89 18.41 -25.91
CA GLN E 315 -1.81 17.66 -25.06
C GLN E 315 -1.58 18.06 -23.61
N ALA E 316 -2.66 18.46 -22.94
CA ALA E 316 -2.62 18.68 -21.50
C ALA E 316 -2.79 17.35 -20.79
N ILE E 317 -1.98 17.13 -19.75
CA ILE E 317 -1.91 15.86 -19.06
C ILE E 317 -2.19 16.09 -17.58
N TYR E 318 -3.05 15.24 -17.00
CA TYR E 318 -3.34 15.24 -15.58
C TYR E 318 -2.75 13.97 -14.97
N VAL E 319 -2.01 14.13 -13.88
CA VAL E 319 -1.31 13.02 -13.23
C VAL E 319 -2.16 12.58 -12.04
N PRO E 320 -2.69 11.36 -12.03
CA PRO E 320 -3.54 10.91 -10.92
C PRO E 320 -2.73 10.74 -9.64
N ALA E 321 -3.18 11.39 -8.57
CA ALA E 321 -2.56 11.28 -7.24
C ALA E 321 -1.08 11.66 -7.26
N ASP E 322 -0.68 12.48 -8.23
CA ASP E 322 0.70 12.95 -8.37
C ASP E 322 1.68 11.80 -8.52
N ASP E 323 1.22 10.69 -9.10
CA ASP E 323 2.03 9.50 -9.28
C ASP E 323 2.40 9.37 -10.75
N TYR E 324 3.66 9.64 -11.07
CA TYR E 324 4.12 9.56 -12.44
C TYR E 324 4.37 8.14 -12.92
N THR E 325 4.30 7.15 -12.03
CA THR E 325 4.38 5.75 -12.39
C THR E 325 3.03 5.10 -12.56
N ASP E 326 1.94 5.87 -12.45
CA ASP E 326 0.62 5.33 -12.70
C ASP E 326 0.52 4.88 -14.16
N PRO E 327 -0.20 3.80 -14.44
CA PRO E 327 -0.21 3.27 -15.82
C PRO E 327 -0.65 4.27 -16.88
N ALA E 328 -1.64 5.11 -16.60
CA ALA E 328 -2.11 6.04 -17.64
C ALA E 328 -1.05 7.08 -17.99
N PRO E 329 -0.50 7.86 -17.05
CA PRO E 329 0.60 8.76 -17.43
C PRO E 329 1.83 8.04 -17.92
N ALA E 330 2.11 6.83 -17.42
CA ALA E 330 3.28 6.09 -17.89
C ALA E 330 3.14 5.72 -19.36
N THR E 331 1.94 5.30 -19.78
CA THR E 331 1.72 5.01 -21.18
C THR E 331 1.68 6.26 -22.03
N THR E 332 1.13 7.36 -21.49
CA THR E 332 1.09 8.61 -22.24
C THR E 332 2.49 9.14 -22.50
N PHE E 333 3.37 9.07 -21.50
CA PHE E 333 4.70 9.67 -21.61
C PHE E 333 5.57 8.96 -22.64
N SER E 334 5.26 7.72 -23.00
CA SER E 334 6.07 7.01 -23.97
C SER E 334 5.88 7.53 -25.39
N HIS E 335 4.89 8.40 -25.61
CA HIS E 335 4.65 8.98 -26.93
C HIS E 335 5.10 10.42 -27.03
N LEU E 336 5.37 11.09 -25.91
CA LEU E 336 5.72 12.50 -25.94
C LEU E 336 7.11 12.72 -26.48
N ASP E 337 7.28 13.83 -27.21
CA ASP E 337 8.59 14.26 -27.69
C ASP E 337 9.12 15.51 -26.98
N ALA E 338 8.28 16.25 -26.29
CA ALA E 338 8.70 17.46 -25.59
C ALA E 338 7.81 17.66 -24.37
N THR E 339 8.13 18.68 -23.59
CA THR E 339 7.36 18.99 -22.39
C THR E 339 7.57 20.45 -22.03
N THR E 340 6.48 21.16 -21.76
CA THR E 340 6.53 22.54 -21.32
C THR E 340 5.76 22.67 -20.01
N ASN E 341 6.37 23.31 -19.02
CA ASN E 341 5.77 23.49 -17.70
C ASN E 341 5.50 24.97 -17.46
N LEU E 342 4.27 25.28 -17.05
CA LEU E 342 3.90 26.64 -16.69
C LEU E 342 4.05 26.82 -15.19
N GLU E 343 4.73 27.90 -14.78
CA GLU E 343 5.17 28.07 -13.40
C GLU E 343 4.41 29.21 -12.76
N ARG E 344 3.74 28.92 -11.64
CA ARG E 344 3.04 29.95 -10.90
C ARG E 344 4.00 31.00 -10.36
N LYS E 345 5.18 30.57 -9.90
CA LYS E 345 6.16 31.51 -9.37
C LYS E 345 6.53 32.55 -10.42
N LEU E 346 6.81 32.09 -11.64
CA LEU E 346 7.06 33.04 -12.73
C LEU E 346 5.81 33.87 -13.03
N ALA E 347 4.62 33.29 -12.81
CA ALA E 347 3.40 34.05 -13.04
C ALA E 347 3.33 35.27 -12.12
N GLU E 348 3.64 35.10 -10.83
CA GLU E 348 3.69 36.29 -9.97
C GLU E 348 4.89 37.17 -10.32
N MET E 349 6.03 36.55 -10.67
CA MET E 349 7.22 37.35 -10.97
C MET E 349 6.98 38.28 -12.14
N GLY E 350 6.11 37.91 -13.07
CA GLY E 350 5.77 38.78 -14.18
C GLY E 350 6.19 38.31 -15.54
N ILE E 351 6.69 37.08 -15.67
CA ILE E 351 7.03 36.52 -16.97
C ILE E 351 5.72 35.95 -17.54
N TYR E 352 5.12 36.68 -18.47
CA TYR E 352 3.79 36.31 -18.95
C TYR E 352 3.73 34.94 -19.63
N PRO E 353 4.67 34.55 -20.50
CA PRO E 353 4.63 33.18 -21.01
C PRO E 353 4.72 32.13 -19.91
N ALA E 354 5.41 32.43 -18.82
CA ALA E 354 5.42 31.64 -17.58
C ALA E 354 5.96 30.23 -17.78
N VAL E 355 6.73 29.99 -18.84
CA VAL E 355 7.31 28.67 -19.07
C VAL E 355 8.56 28.53 -18.21
N ASP E 356 8.64 27.47 -17.45
CA ASP E 356 9.81 27.22 -16.61
C ASP E 356 10.99 26.86 -17.50
N PRO E 357 12.08 27.64 -17.47
CA PRO E 357 13.21 27.35 -18.36
C PRO E 357 13.97 26.09 -17.99
N LEU E 358 13.82 25.58 -16.77
CA LEU E 358 14.58 24.42 -16.32
C LEU E 358 13.76 23.14 -16.32
N ALA E 359 12.46 23.22 -16.01
CA ALA E 359 11.62 22.02 -15.99
C ALA E 359 11.28 21.53 -17.39
N SER E 360 11.12 22.45 -18.34
CA SER E 360 10.78 22.06 -19.70
C SER E 360 11.95 21.35 -20.36
N THR E 361 11.66 20.24 -21.04
CA THR E 361 12.66 19.47 -21.76
C THR E 361 12.12 19.12 -23.14
N SER E 362 13.06 18.88 -24.07
CA SER E 362 12.68 18.51 -25.42
C SER E 362 13.71 17.54 -25.99
N ARG E 363 13.22 16.55 -26.72
CA ARG E 363 14.10 15.62 -27.42
C ARG E 363 14.88 16.31 -28.54
N ALA E 364 14.36 17.40 -29.08
CA ALA E 364 14.98 18.07 -30.22
C ALA E 364 16.21 18.89 -29.83
N LEU E 365 16.48 19.08 -28.54
CA LEU E 365 17.63 19.88 -28.10
C LEU E 365 18.89 19.03 -28.18
N ALA E 366 19.29 18.74 -29.40
CA ALA E 366 20.49 17.95 -29.69
C ALA E 366 21.27 18.64 -30.80
N PRO E 367 22.60 18.49 -30.81
CA PRO E 367 23.39 19.15 -31.86
C PRO E 367 23.03 18.72 -33.26
N GLU E 368 22.62 17.47 -33.46
CA GLU E 368 22.32 16.97 -34.79
C GLU E 368 21.06 17.58 -35.37
N ILE E 369 20.21 18.19 -34.54
CA ILE E 369 18.91 18.69 -34.96
C ILE E 369 18.90 20.21 -35.06
N VAL E 370 19.19 20.90 -33.96
CA VAL E 370 19.10 22.36 -33.93
C VAL E 370 20.40 23.05 -34.32
N GLY E 371 21.51 22.33 -34.38
CA GLY E 371 22.76 22.94 -34.73
C GLY E 371 23.68 23.11 -33.52
N GLU E 372 24.98 23.11 -33.79
CA GLU E 372 25.96 23.17 -32.71
C GLU E 372 25.89 24.50 -31.97
N GLU E 373 25.75 25.61 -32.71
CA GLU E 373 25.68 26.92 -32.06
C GLU E 373 24.43 27.05 -31.20
N HIS E 374 23.29 26.60 -31.73
CA HIS E 374 22.05 26.63 -30.96
C HIS E 374 22.17 25.79 -29.70
N TYR E 375 22.74 24.59 -29.83
CA TYR E 375 22.92 23.71 -28.67
C TYR E 375 23.83 24.36 -27.63
N GLN E 376 24.93 24.96 -28.06
CA GLN E 376 25.84 25.60 -27.12
C GLN E 376 25.18 26.76 -26.40
N VAL E 377 24.44 27.60 -27.13
CA VAL E 377 23.78 28.74 -26.50
C VAL E 377 22.74 28.26 -25.50
N ALA E 378 21.95 27.25 -25.87
CA ALA E 378 20.94 26.74 -24.95
C ALA E 378 21.57 26.15 -23.70
N ARG E 379 22.66 25.38 -23.85
CA ARG E 379 23.32 24.80 -22.70
C ARG E 379 23.89 25.88 -21.78
N LYS E 380 24.50 26.92 -22.36
CA LYS E 380 25.04 28.00 -21.55
C LYS E 380 23.94 28.73 -20.79
N VAL E 381 22.81 28.99 -21.46
CA VAL E 381 21.70 29.67 -20.80
C VAL E 381 21.16 28.83 -19.65
N GLN E 382 21.01 27.53 -19.88
CA GLN E 382 20.51 26.65 -18.83
C GLN E 382 21.47 26.60 -17.65
N GLN E 383 22.78 26.55 -17.92
CA GLN E 383 23.76 26.52 -16.84
C GLN E 383 23.73 27.82 -16.05
N THR E 384 23.61 28.96 -16.74
CA THR E 384 23.55 30.24 -16.02
C THR E 384 22.31 30.32 -15.14
N LEU E 385 21.16 29.91 -15.67
CA LEU E 385 19.93 29.93 -14.87
C LEU E 385 20.04 29.00 -13.67
N GLN E 386 20.62 27.81 -13.87
CA GLN E 386 20.80 26.89 -12.76
C GLN E 386 21.70 27.49 -11.69
N ARG E 387 22.83 28.08 -12.11
CA ARG E 387 23.76 28.67 -11.16
C ARG E 387 23.09 29.78 -10.36
N TYR E 388 22.31 30.62 -11.02
CA TYR E 388 21.52 31.61 -10.30
C TYR E 388 20.58 30.94 -9.31
N LYS E 389 20.00 29.79 -9.70
CA LYS E 389 19.10 29.09 -8.82
C LYS E 389 19.80 28.65 -7.53
N GLU E 390 21.01 28.11 -7.64
CA GLU E 390 21.71 27.76 -6.40
C GLU E 390 22.12 29.02 -5.62
N LEU E 391 22.56 30.07 -6.32
CA LEU E 391 23.04 31.26 -5.61
C LEU E 391 21.92 31.93 -4.83
N GLN E 392 20.67 31.81 -5.30
CA GLN E 392 19.55 32.53 -4.68
C GLN E 392 19.50 32.35 -3.18
N ASP E 393 19.70 31.11 -2.69
CA ASP E 393 19.66 30.89 -1.25
C ASP E 393 20.83 31.58 -0.55
N ILE E 394 22.00 31.63 -1.19
CA ILE E 394 23.15 32.31 -0.60
C ILE E 394 22.86 33.79 -0.44
N ILE E 395 22.32 34.43 -1.49
CA ILE E 395 21.91 35.83 -1.35
C ILE E 395 20.84 35.96 -0.28
N ALA E 396 19.92 34.99 -0.19
CA ALA E 396 18.85 35.07 0.79
C ALA E 396 19.35 35.04 2.23
N ILE E 397 20.31 34.17 2.56
CA ILE E 397 20.74 33.96 3.94
C ILE E 397 21.99 34.79 4.27
N LEU E 398 23.05 34.64 3.49
CA LEU E 398 24.29 35.34 3.77
C LEU E 398 24.27 36.73 3.15
N GLY E 399 25.32 37.50 3.44
CA GLY E 399 25.43 38.83 2.88
C GLY E 399 25.75 38.80 1.39
N MET E 400 25.44 39.91 0.72
CA MET E 400 25.73 40.03 -0.70
C MET E 400 27.23 40.03 -0.95
N ASP E 401 28.01 40.62 -0.04
CA ASP E 401 29.45 40.70 -0.22
C ASP E 401 30.12 39.34 -0.26
N GLU E 402 29.49 38.31 0.31
CA GLU E 402 30.07 36.97 0.25
C GLU E 402 30.14 36.41 -1.16
N LEU E 403 29.41 36.99 -2.10
CA LEU E 403 29.50 36.56 -3.49
C LEU E 403 30.83 36.98 -4.09
N SER E 404 31.44 36.07 -4.85
CA SER E 404 32.67 36.39 -5.56
C SER E 404 32.36 37.21 -6.80
N ASP E 405 33.42 37.64 -7.50
CA ASP E 405 33.25 38.46 -8.69
C ASP E 405 32.48 37.71 -9.77
N GLU E 406 32.85 36.46 -10.01
CA GLU E 406 32.14 35.66 -11.00
C GLU E 406 30.69 35.42 -10.58
N ASP E 407 30.46 35.23 -9.29
CA ASP E 407 29.09 35.06 -8.81
C ASP E 407 28.26 36.32 -9.03
N LYS E 408 28.86 37.49 -8.76
CA LYS E 408 28.15 38.74 -9.02
C LYS E 408 27.84 38.90 -10.49
N LEU E 409 28.79 38.56 -11.37
CA LEU E 409 28.55 38.66 -12.80
C LEU E 409 27.45 37.70 -13.24
N VAL E 410 27.44 36.49 -12.70
CA VAL E 410 26.42 35.51 -13.03
C VAL E 410 25.04 36.00 -12.59
N VAL E 411 24.96 36.56 -11.38
CA VAL E 411 23.69 37.10 -10.90
C VAL E 411 23.23 38.26 -11.79
N HIS E 412 24.18 39.09 -12.22
CA HIS E 412 23.83 40.20 -13.12
C HIS E 412 23.30 39.69 -14.44
N ARG E 413 23.91 38.64 -15.00
CA ARG E 413 23.50 38.15 -16.31
C ARG E 413 22.18 37.38 -16.24
N ALA E 414 21.95 36.67 -15.15
CA ALA E 414 20.80 35.77 -15.07
C ALA E 414 19.49 36.55 -15.08
N ARG E 415 19.42 37.68 -14.39
CA ARG E 415 18.19 38.47 -14.41
C ARG E 415 17.89 39.01 -15.80
N ARG E 416 18.92 39.47 -16.51
CA ARG E 416 18.73 39.93 -17.89
C ARG E 416 18.21 38.80 -18.77
N ILE E 417 18.80 37.62 -18.64
CA ILE E 417 18.36 36.49 -19.46
C ILE E 417 16.93 36.11 -19.13
N GLN E 418 16.60 36.04 -17.83
CA GLN E 418 15.26 35.64 -17.41
C GLN E 418 14.21 36.63 -17.90
N PHE E 419 14.51 37.93 -17.86
CA PHE E 419 13.56 38.91 -18.36
C PHE E 419 13.48 38.90 -19.88
N PHE E 420 14.59 38.59 -20.56
CA PHE E 420 14.55 38.50 -22.02
C PHE E 420 13.79 37.27 -22.50
N LEU E 421 13.68 36.23 -21.66
CA LEU E 421 12.86 35.08 -22.03
C LEU E 421 11.38 35.44 -22.15
N SER E 422 10.96 36.55 -21.55
CA SER E 422 9.57 36.99 -21.68
C SER E 422 9.33 37.55 -23.08
N GLN E 423 8.05 37.67 -23.43
CA GLN E 423 7.67 38.09 -24.77
C GLN E 423 6.28 38.71 -24.73
N ASN E 424 6.03 39.62 -25.68
CA ASN E 424 4.72 40.23 -25.84
C ASN E 424 3.94 39.49 -26.91
N PHE E 425 2.71 39.12 -26.60
CA PHE E 425 1.88 38.29 -27.47
C PHE E 425 0.88 39.13 -28.25
N HIS E 426 0.47 38.59 -29.40
CA HIS E 426 -0.58 39.24 -30.18
C HIS E 426 -1.92 39.20 -29.46
N VAL E 427 -2.18 38.14 -28.70
CA VAL E 427 -3.44 38.04 -27.97
C VAL E 427 -3.52 39.10 -26.88
N ALA E 428 -2.39 39.42 -26.25
CA ALA E 428 -2.37 40.41 -25.18
C ALA E 428 -2.54 41.83 -25.66
N GLU E 429 -2.57 42.06 -26.98
CA GLU E 429 -2.73 43.42 -27.50
C GLU E 429 -4.05 44.03 -27.06
N GLN E 430 -5.12 43.24 -27.07
CA GLN E 430 -6.43 43.78 -26.69
C GLN E 430 -6.49 44.22 -25.24
N PHE E 431 -5.53 43.81 -24.41
CA PHE E 431 -5.49 44.22 -23.01
C PHE E 431 -4.33 45.15 -22.68
N THR E 432 -3.33 45.27 -23.54
CA THR E 432 -2.18 46.11 -23.25
C THR E 432 -2.00 47.29 -24.19
N GLY E 433 -2.33 47.14 -25.47
CA GLY E 433 -2.14 48.19 -26.45
C GLY E 433 -0.96 47.97 -27.39
N GLN E 434 0.15 47.47 -26.86
CA GLN E 434 1.32 47.24 -27.69
C GLN E 434 1.09 46.03 -28.60
N PRO E 435 1.58 46.07 -29.83
CA PRO E 435 1.37 44.94 -30.75
C PRO E 435 2.21 43.74 -30.38
N GLY E 436 1.86 42.60 -30.97
CA GLY E 436 2.62 41.38 -30.78
C GLY E 436 3.87 41.35 -31.64
N SER E 437 4.70 40.34 -31.40
CA SER E 437 5.95 40.18 -32.12
C SER E 437 6.21 38.71 -32.39
N TYR E 438 6.69 38.41 -33.59
CA TYR E 438 7.11 37.07 -33.99
C TYR E 438 8.62 37.08 -34.14
N VAL E 439 9.30 36.25 -33.37
CA VAL E 439 10.76 36.27 -33.26
C VAL E 439 11.30 35.00 -33.92
N PRO E 440 12.09 35.11 -34.98
CA PRO E 440 12.70 33.92 -35.58
C PRO E 440 13.70 33.27 -34.64
N VAL E 441 13.90 31.97 -34.85
CA VAL E 441 14.77 31.19 -33.96
C VAL E 441 16.21 31.65 -34.08
N LYS E 442 16.67 31.97 -35.30
CA LYS E 442 18.03 32.46 -35.46
C LYS E 442 18.22 33.81 -34.77
N GLU E 443 17.23 34.68 -34.86
CA GLU E 443 17.30 35.96 -34.16
C GLU E 443 17.34 35.76 -32.64
N THR E 444 16.54 34.82 -32.13
CA THR E 444 16.57 34.52 -30.71
C THR E 444 17.95 34.02 -30.28
N VAL E 445 18.54 33.13 -31.08
CA VAL E 445 19.85 32.59 -30.75
C VAL E 445 20.89 33.69 -30.76
N ARG E 446 20.85 34.56 -31.77
CA ARG E 446 21.80 35.67 -31.84
C ARG E 446 21.66 36.60 -30.64
N GLY E 447 20.43 36.94 -30.28
CA GLY E 447 20.22 37.82 -29.15
C GLY E 447 20.70 37.22 -27.84
N PHE E 448 20.42 35.94 -27.63
CA PHE E 448 20.85 35.30 -26.39
C PHE E 448 22.36 35.13 -26.34
N LYS E 449 22.99 34.87 -27.49
CA LYS E 449 24.44 34.82 -27.52
C LYS E 449 25.04 36.18 -27.19
N GLU E 450 24.46 37.26 -27.73
CA GLU E 450 24.93 38.59 -27.43
C GLU E 450 24.77 38.90 -25.94
N ILE E 451 23.65 38.50 -25.34
CA ILE E 451 23.45 38.71 -23.91
C ILE E 451 24.50 37.94 -23.11
N LEU E 452 24.76 36.69 -23.50
CA LEU E 452 25.76 35.89 -22.80
C LEU E 452 27.15 36.47 -22.94
N GLU E 453 27.43 37.16 -24.05
CA GLU E 453 28.73 37.79 -24.23
C GLU E 453 28.94 39.02 -23.37
N GLY E 454 27.88 39.52 -22.72
CA GLY E 454 27.99 40.74 -21.96
C GLY E 454 27.86 42.01 -22.77
N LYS E 455 27.35 41.91 -24.00
CA LYS E 455 27.29 43.06 -24.90
C LYS E 455 26.28 44.11 -24.44
N TYR E 456 25.40 43.78 -23.50
CA TYR E 456 24.36 44.70 -23.05
C TYR E 456 24.25 44.69 -21.53
N ASP E 457 25.39 44.66 -20.84
CA ASP E 457 25.36 44.65 -19.38
C ASP E 457 24.87 45.98 -18.81
N HIS E 458 25.27 47.09 -19.42
CA HIS E 458 24.93 48.40 -18.88
C HIS E 458 23.44 48.71 -18.95
N LEU E 459 22.69 48.04 -19.82
CA LEU E 459 21.27 48.31 -19.92
C LEU E 459 20.56 47.85 -18.65
N PRO E 460 19.57 48.61 -18.18
CA PRO E 460 18.83 48.19 -16.97
C PRO E 460 18.03 46.92 -17.23
N GLU E 461 17.82 46.15 -16.16
CA GLU E 461 17.10 44.88 -16.28
C GLU E 461 15.65 45.08 -16.69
N ASP E 462 15.09 46.27 -16.46
CA ASP E 462 13.70 46.51 -16.85
C ASP E 462 13.55 46.71 -18.35
N ALA E 463 14.65 46.97 -19.05
CA ALA E 463 14.60 47.18 -20.50
C ALA E 463 14.42 45.87 -21.27
N PHE E 464 14.56 44.72 -20.62
CA PHE E 464 14.52 43.43 -21.28
C PHE E 464 13.16 42.77 -21.20
N ARG E 465 12.14 43.47 -20.70
CA ARG E 465 10.83 42.89 -20.47
C ARG E 465 9.90 43.19 -21.63
N LEU E 466 9.29 42.14 -22.19
CA LEU E 466 8.26 42.27 -23.22
C LEU E 466 8.74 43.08 -24.41
N VAL E 467 9.76 42.57 -25.10
CA VAL E 467 10.41 43.30 -26.17
C VAL E 467 10.29 42.57 -27.51
N GLY E 468 10.60 41.28 -27.55
CA GLY E 468 10.65 40.56 -28.81
C GLY E 468 12.08 40.29 -29.26
N ARG E 469 12.55 41.03 -30.26
CA ARG E 469 13.93 40.89 -30.70
C ARG E 469 14.86 41.69 -29.80
N ILE E 470 16.17 41.57 -30.05
CA ILE E 470 17.15 42.22 -29.20
C ILE E 470 17.16 43.73 -29.41
N GLU E 471 16.93 44.18 -30.66
CA GLU E 471 16.97 45.61 -30.95
C GLU E 471 15.88 46.36 -30.20
N GLU E 472 14.77 45.70 -29.89
CA GLU E 472 13.73 46.35 -29.09
C GLU E 472 14.25 46.70 -27.70
N VAL E 473 15.18 45.90 -27.16
CA VAL E 473 15.72 46.18 -25.84
C VAL E 473 16.48 47.51 -25.84
N VAL E 474 17.39 47.68 -26.80
CA VAL E 474 18.16 48.91 -26.85
C VAL E 474 17.29 50.09 -27.24
N GLU E 475 16.29 49.89 -28.10
CA GLU E 475 15.38 50.97 -28.44
C GLU E 475 14.59 51.43 -27.22
N LYS E 476 14.10 50.48 -26.42
CA LYS E 476 13.37 50.84 -25.20
C LYS E 476 14.30 51.52 -24.20
N ALA E 477 15.54 51.04 -24.07
CA ALA E 477 16.48 51.66 -23.15
C ALA E 477 16.78 53.10 -23.55
N LYS E 478 16.98 53.34 -24.85
CA LYS E 478 17.18 54.71 -25.32
C LYS E 478 15.95 55.57 -25.11
N ALA E 479 14.76 55.01 -25.35
CA ALA E 479 13.52 55.78 -25.16
C ALA E 479 13.35 56.19 -23.70
N MET E 480 13.62 55.28 -22.77
CA MET E 480 13.46 55.61 -21.35
C MET E 480 14.66 56.33 -20.76
N GLY E 481 15.77 56.42 -21.49
CA GLY E 481 16.94 57.13 -20.99
C GLY E 481 18.09 57.13 -21.97
N MET F 12 -5.78 -54.83 -23.76
CA MET F 12 -5.34 -53.55 -24.32
C MET F 12 -6.52 -52.64 -24.64
N THR F 13 -6.40 -51.37 -24.23
CA THR F 13 -7.44 -50.37 -24.48
C THR F 13 -6.79 -49.10 -24.96
N ARG F 14 -7.50 -48.38 -25.83
CA ARG F 14 -6.96 -47.20 -26.49
C ARG F 14 -7.92 -46.03 -26.34
N GLY F 15 -7.37 -44.83 -26.39
CA GLY F 15 -8.15 -43.63 -26.22
C GLY F 15 -8.16 -42.73 -27.44
N ARG F 16 -8.69 -41.51 -27.29
CA ARG F 16 -8.82 -40.59 -28.41
C ARG F 16 -8.76 -39.17 -27.87
N VAL F 17 -8.08 -38.29 -28.63
CA VAL F 17 -7.90 -36.90 -28.21
C VAL F 17 -9.19 -36.14 -28.46
N ILE F 18 -9.64 -35.40 -27.45
CA ILE F 18 -10.87 -34.61 -27.54
C ILE F 18 -10.57 -33.12 -27.60
N GLN F 19 -9.76 -32.62 -26.68
CA GLN F 19 -9.44 -31.19 -26.61
C GLN F 19 -7.94 -31.00 -26.46
N VAL F 20 -7.44 -29.92 -27.05
CA VAL F 20 -6.05 -29.50 -26.90
C VAL F 20 -6.06 -28.03 -26.53
N MET F 21 -5.54 -27.72 -25.34
CA MET F 21 -5.46 -26.34 -24.85
C MET F 21 -4.08 -26.16 -24.20
N GLY F 22 -3.11 -25.74 -25.00
CA GLY F 22 -1.75 -25.60 -24.52
C GLY F 22 -1.18 -26.90 -24.04
N PRO F 23 -0.60 -26.91 -22.84
CA PRO F 23 -0.03 -28.14 -22.29
C PRO F 23 -1.03 -29.08 -21.65
N VAL F 24 -2.33 -28.92 -21.90
CA VAL F 24 -3.35 -29.77 -21.31
C VAL F 24 -4.13 -30.44 -22.45
N VAL F 25 -4.30 -31.75 -22.36
CA VAL F 25 -4.94 -32.54 -23.40
C VAL F 25 -6.04 -33.39 -22.78
N ASP F 26 -7.21 -33.40 -23.40
CA ASP F 26 -8.32 -34.25 -22.99
C ASP F 26 -8.34 -35.52 -23.83
N VAL F 27 -8.50 -36.66 -23.18
CA VAL F 27 -8.52 -37.95 -23.84
C VAL F 27 -9.78 -38.71 -23.41
N LYS F 28 -10.50 -39.25 -24.39
CA LYS F 28 -11.70 -40.04 -24.13
C LYS F 28 -11.40 -41.52 -24.34
N PHE F 29 -11.82 -42.34 -23.39
CA PHE F 29 -11.55 -43.77 -23.39
C PHE F 29 -12.84 -44.56 -23.50
N GLU F 30 -12.69 -45.86 -23.74
CA GLU F 30 -13.82 -46.77 -23.69
C GLU F 30 -14.32 -46.91 -22.26
N ASN F 31 -15.62 -47.18 -22.13
CA ASN F 31 -16.24 -47.29 -20.82
C ASN F 31 -15.63 -48.45 -20.03
N GLY F 32 -15.35 -48.21 -18.75
CA GLY F 32 -14.84 -49.23 -17.87
C GLY F 32 -13.36 -49.49 -17.95
N HIS F 33 -12.61 -48.69 -18.72
CA HIS F 33 -11.18 -48.90 -18.88
C HIS F 33 -10.42 -47.57 -18.79
N LEU F 34 -10.82 -46.72 -17.84
CA LEU F 34 -10.13 -45.46 -17.65
C LEU F 34 -8.79 -45.70 -16.93
N PRO F 35 -7.72 -45.02 -17.37
CA PRO F 35 -6.45 -45.16 -16.67
C PRO F 35 -6.48 -44.47 -15.31
N ALA F 36 -5.67 -44.99 -14.39
CA ALA F 36 -5.60 -44.41 -13.06
C ALA F 36 -4.87 -43.08 -13.09
N ILE F 37 -5.07 -42.28 -12.03
CA ILE F 37 -4.39 -41.01 -11.93
C ILE F 37 -2.89 -41.23 -11.82
N TYR F 38 -2.11 -40.34 -12.44
CA TYR F 38 -0.65 -40.34 -12.52
C TYR F 38 -0.12 -41.38 -13.51
N ASN F 39 -0.98 -42.03 -14.28
CA ASN F 39 -0.51 -42.96 -15.29
C ASN F 39 0.08 -42.19 -16.48
N ALA F 40 0.87 -42.91 -17.26
CA ALA F 40 1.53 -42.33 -18.44
C ALA F 40 0.82 -42.79 -19.70
N LEU F 41 0.53 -41.85 -20.59
CA LEU F 41 -0.09 -42.13 -21.87
C LEU F 41 0.87 -41.75 -22.99
N LYS F 42 0.82 -42.50 -24.08
CA LYS F 42 1.74 -42.33 -25.19
C LYS F 42 0.97 -42.00 -26.47
N ILE F 43 1.41 -40.95 -27.16
CA ILE F 43 0.88 -40.59 -28.47
C ILE F 43 2.00 -40.76 -29.48
N GLN F 44 1.79 -41.63 -30.46
CA GLN F 44 2.75 -41.88 -31.52
C GLN F 44 2.00 -41.88 -32.85
N HIS F 45 2.19 -40.82 -33.63
CA HIS F 45 1.44 -40.61 -34.86
C HIS F 45 2.40 -40.46 -36.04
N LYS F 46 2.04 -41.08 -37.16
CA LYS F 46 2.79 -40.95 -38.39
C LYS F 46 2.02 -40.07 -39.36
N ALA F 47 2.73 -39.17 -40.03
CA ALA F 47 2.10 -38.21 -40.92
C ALA F 47 1.36 -38.92 -42.05
N ARG F 48 0.02 -38.82 -42.04
CA ARG F 48 -0.77 -39.44 -43.09
C ARG F 48 -0.56 -38.76 -44.44
N ASN F 49 -0.44 -37.44 -44.45
CA ASN F 49 -0.28 -36.69 -45.69
C ASN F 49 0.75 -35.59 -45.45
N GLU F 50 0.83 -34.65 -46.39
CA GLU F 50 1.81 -33.58 -46.28
C GLU F 50 1.38 -32.48 -45.32
N ASN F 51 0.09 -32.45 -44.92
CA ASN F 51 -0.42 -31.45 -44.02
C ASN F 51 -0.44 -31.92 -42.56
N GLU F 52 0.44 -32.83 -42.20
CA GLU F 52 0.54 -33.33 -40.83
C GLU F 52 2.01 -33.47 -40.46
N VAL F 53 2.27 -33.58 -39.16
CA VAL F 53 3.63 -33.71 -38.65
C VAL F 53 3.70 -34.93 -37.74
N ASP F 54 4.88 -35.52 -37.66
CA ASP F 54 5.09 -36.66 -36.78
C ASP F 54 5.10 -36.22 -35.32
N ILE F 55 4.57 -37.06 -34.45
CA ILE F 55 4.42 -36.74 -33.03
C ILE F 55 4.91 -37.91 -32.20
N ASP F 56 5.73 -37.62 -31.20
CA ASP F 56 6.17 -38.60 -30.21
C ASP F 56 6.09 -37.90 -28.85
N LEU F 57 4.95 -38.04 -28.18
CA LEU F 57 4.65 -37.26 -26.98
C LEU F 57 4.09 -38.18 -25.91
N THR F 58 4.29 -37.78 -24.65
CA THR F 58 3.79 -38.52 -23.50
C THR F 58 2.97 -37.60 -22.61
N LEU F 59 1.98 -38.19 -21.95
CA LEU F 59 1.04 -37.44 -21.12
C LEU F 59 0.92 -38.10 -19.75
N GLU F 60 0.53 -37.31 -18.76
CA GLU F 60 0.31 -37.79 -17.41
C GLU F 60 -1.11 -37.45 -16.97
N VAL F 61 -1.83 -38.46 -16.49
CA VAL F 61 -3.23 -38.27 -16.10
C VAL F 61 -3.30 -37.39 -14.87
N ALA F 62 -4.21 -36.42 -14.88
CA ALA F 62 -4.38 -35.50 -13.76
C ALA F 62 -5.75 -35.57 -13.11
N LEU F 63 -6.82 -35.57 -13.90
CA LEU F 63 -8.18 -35.55 -13.36
C LEU F 63 -9.06 -36.52 -14.14
N HIS F 64 -10.13 -36.97 -13.48
CA HIS F 64 -11.20 -37.72 -14.12
C HIS F 64 -12.39 -36.79 -14.27
N LEU F 65 -12.68 -36.38 -15.50
CA LEU F 65 -13.71 -35.38 -15.75
C LEU F 65 -15.11 -35.95 -15.84
N GLY F 66 -15.26 -37.27 -15.84
CA GLY F 66 -16.55 -37.89 -16.04
C GLY F 66 -16.80 -38.23 -17.49
N ASP F 67 -17.89 -38.97 -17.71
CA ASP F 67 -18.30 -39.49 -19.01
C ASP F 67 -17.10 -40.00 -19.82
N ASP F 68 -16.27 -40.82 -19.16
CA ASP F 68 -15.14 -41.50 -19.79
C ASP F 68 -14.14 -40.52 -20.39
N THR F 69 -13.90 -39.40 -19.71
CA THR F 69 -12.97 -38.38 -20.18
C THR F 69 -11.91 -38.15 -19.12
N VAL F 70 -10.66 -37.93 -19.56
CA VAL F 70 -9.52 -37.75 -18.69
C VAL F 70 -8.77 -36.50 -19.11
N ARG F 71 -8.39 -35.67 -18.14
CA ARG F 71 -7.59 -34.49 -18.40
C ARG F 71 -6.14 -34.78 -18.03
N THR F 72 -5.22 -34.54 -18.97
CA THR F 72 -3.83 -34.92 -18.82
C THR F 72 -2.93 -33.70 -18.96
N ILE F 73 -1.66 -33.88 -18.62
CA ILE F 73 -0.64 -32.85 -18.74
C ILE F 73 0.46 -33.37 -19.66
N ALA F 74 0.82 -32.57 -20.65
CA ALA F 74 1.83 -32.98 -21.63
C ALA F 74 3.23 -32.67 -21.12
N MET F 75 4.17 -33.56 -21.43
CA MET F 75 5.57 -33.39 -21.06
C MET F 75 6.40 -32.77 -22.16
N ALA F 76 5.79 -32.38 -23.28
CA ALA F 76 6.50 -31.75 -24.37
C ALA F 76 5.55 -30.79 -25.07
N SER F 77 6.03 -30.16 -26.14
CA SER F 77 5.21 -29.22 -26.89
C SER F 77 4.05 -29.94 -27.57
N THR F 78 2.86 -29.36 -27.48
CA THR F 78 1.67 -29.97 -28.03
C THR F 78 1.39 -29.54 -29.47
N ASP F 79 2.29 -28.78 -30.09
CA ASP F 79 2.10 -28.35 -31.47
C ASP F 79 2.03 -29.56 -32.39
N GLY F 80 1.02 -29.58 -33.26
CA GLY F 80 0.82 -30.66 -34.19
C GLY F 80 -0.27 -31.65 -33.81
N LEU F 81 -0.77 -31.59 -32.58
CA LEU F 81 -1.82 -32.50 -32.15
C LEU F 81 -3.11 -32.21 -32.91
N ILE F 82 -3.82 -33.28 -33.26
CA ILE F 82 -5.06 -33.19 -34.03
C ILE F 82 -6.16 -33.90 -33.24
N ARG F 83 -7.33 -33.28 -33.17
CA ARG F 83 -8.47 -33.88 -32.49
C ARG F 83 -8.83 -35.19 -33.17
N GLY F 84 -8.75 -36.29 -32.41
CA GLY F 84 -9.03 -37.61 -32.93
C GLY F 84 -7.85 -38.55 -32.98
N MET F 85 -6.66 -38.12 -32.54
CA MET F 85 -5.50 -38.99 -32.55
C MET F 85 -5.66 -40.10 -31.52
N GLU F 86 -4.93 -41.19 -31.74
CA GLU F 86 -5.02 -42.36 -30.90
C GLU F 86 -4.01 -42.29 -29.76
N VAL F 87 -4.45 -42.66 -28.57
CA VAL F 87 -3.63 -42.59 -27.36
C VAL F 87 -3.55 -43.97 -26.73
N ILE F 88 -2.35 -44.36 -26.32
CA ILE F 88 -2.08 -45.66 -25.72
C ILE F 88 -1.81 -45.46 -24.23
N ASP F 89 -2.39 -46.32 -23.41
CA ASP F 89 -2.20 -46.29 -21.96
C ASP F 89 -1.13 -47.31 -21.58
N THR F 90 -0.05 -46.84 -20.94
CA THR F 90 1.03 -47.72 -20.52
C THR F 90 0.66 -48.56 -19.30
N GLY F 91 -0.28 -48.09 -18.48
CA GLY F 91 -0.70 -48.85 -17.31
C GLY F 91 0.14 -48.63 -16.07
N ALA F 92 1.09 -47.70 -16.09
CA ALA F 92 1.93 -47.43 -14.94
C ALA F 92 2.41 -45.98 -15.03
N PRO F 93 2.77 -45.37 -13.90
CA PRO F 93 3.33 -44.02 -13.94
C PRO F 93 4.66 -43.97 -14.69
N ILE F 94 5.22 -42.77 -14.83
CA ILE F 94 6.49 -42.63 -15.53
C ILE F 94 7.55 -43.42 -14.78
N SER F 95 8.21 -44.35 -15.49
CA SER F 95 9.23 -45.21 -14.92
C SER F 95 10.60 -44.71 -15.34
N VAL F 96 11.50 -44.58 -14.38
CA VAL F 96 12.81 -43.99 -14.58
C VAL F 96 13.87 -45.04 -14.27
N PRO F 97 14.85 -45.26 -15.14
CA PRO F 97 15.91 -46.22 -14.81
C PRO F 97 16.69 -45.77 -13.59
N VAL F 98 17.08 -46.73 -12.77
CA VAL F 98 17.76 -46.43 -11.51
C VAL F 98 18.66 -47.59 -11.13
N GLY F 99 19.74 -47.28 -10.42
CA GLY F 99 20.74 -48.24 -10.01
C GLY F 99 22.13 -47.69 -10.25
N GLU F 100 23.10 -48.58 -10.33
CA GLU F 100 24.48 -48.18 -10.61
C GLU F 100 24.65 -47.66 -12.03
N VAL F 101 23.67 -47.88 -12.90
CA VAL F 101 23.76 -47.37 -14.27
C VAL F 101 23.69 -45.85 -14.29
N THR F 102 22.90 -45.26 -13.40
CA THR F 102 22.64 -43.83 -13.44
C THR F 102 23.86 -42.99 -13.07
N LEU F 103 24.87 -43.57 -12.42
CA LEU F 103 26.03 -42.80 -11.99
C LEU F 103 26.84 -42.36 -13.20
N GLY F 104 27.17 -41.08 -13.25
CA GLY F 104 27.95 -40.54 -14.35
C GLY F 104 27.16 -40.22 -15.60
N ARG F 105 25.83 -40.19 -15.53
CA ARG F 105 24.99 -39.96 -16.68
C ARG F 105 24.13 -38.72 -16.48
N VAL F 106 23.59 -38.21 -17.59
CA VAL F 106 22.68 -37.08 -17.59
C VAL F 106 21.37 -37.51 -18.23
N PHE F 107 20.26 -37.25 -17.55
CA PHE F 107 18.95 -37.67 -18.00
C PHE F 107 18.03 -36.46 -18.14
N ASN F 108 16.94 -36.66 -18.88
CA ASN F 108 15.85 -35.70 -18.94
C ASN F 108 14.76 -36.13 -17.95
N VAL F 109 13.59 -35.48 -18.03
CA VAL F 109 12.51 -35.78 -17.11
C VAL F 109 12.00 -37.21 -17.32
N LEU F 110 11.99 -37.68 -18.56
CA LEU F 110 11.49 -39.01 -18.86
C LEU F 110 12.48 -40.12 -18.54
N GLY F 111 13.72 -39.78 -18.18
CA GLY F 111 14.72 -40.79 -17.89
C GLY F 111 15.52 -41.26 -19.07
N GLU F 112 15.46 -40.57 -20.20
CA GLU F 112 16.24 -40.92 -21.38
C GLU F 112 17.58 -40.19 -21.33
N PRO F 113 18.72 -40.88 -21.41
CA PRO F 113 20.00 -40.19 -21.34
C PRO F 113 20.17 -39.19 -22.47
N ILE F 114 20.75 -38.04 -22.14
CA ILE F 114 20.97 -36.97 -23.10
C ILE F 114 22.45 -36.57 -23.16
N ASP F 115 23.34 -37.44 -22.70
CA ASP F 115 24.77 -37.17 -22.72
C ASP F 115 25.45 -37.71 -23.98
N LEU F 116 24.70 -38.34 -24.88
CA LEU F 116 25.25 -38.94 -26.10
C LEU F 116 26.32 -39.98 -25.79
N GLU F 117 26.17 -40.68 -24.66
CA GLU F 117 27.13 -41.68 -24.22
C GLU F 117 26.55 -43.09 -24.26
N GLY F 118 25.66 -43.35 -25.22
CA GLY F 118 25.02 -44.64 -25.35
C GLY F 118 23.58 -44.61 -24.87
N ASP F 119 22.96 -45.78 -24.91
CA ASP F 119 21.56 -45.95 -24.51
C ASP F 119 21.45 -46.93 -23.35
N ILE F 120 20.47 -46.68 -22.50
CA ILE F 120 20.25 -47.55 -21.34
C ILE F 120 19.70 -48.89 -21.81
N PRO F 121 20.14 -50.02 -21.25
CA PRO F 121 19.55 -51.31 -21.61
C PRO F 121 18.06 -51.33 -21.30
N ALA F 122 17.31 -52.08 -22.11
CA ALA F 122 15.85 -52.10 -22.00
C ALA F 122 15.35 -52.99 -20.87
N ASP F 123 16.23 -53.72 -20.19
CA ASP F 123 15.80 -54.61 -19.11
C ASP F 123 16.32 -54.15 -17.74
N ALA F 124 16.82 -52.93 -17.65
CA ALA F 124 17.28 -52.41 -16.36
C ALA F 124 16.09 -52.10 -15.46
N ARG F 125 16.35 -52.10 -14.16
CA ARG F 125 15.29 -51.81 -13.19
C ARG F 125 14.81 -50.38 -13.33
N ARG F 126 13.50 -50.20 -13.30
CA ARG F 126 12.88 -48.88 -13.41
C ARG F 126 11.83 -48.72 -12.32
N ASP F 127 11.85 -47.57 -11.65
CA ASP F 127 10.95 -47.34 -10.53
C ASP F 127 9.88 -46.32 -10.90
N PRO F 128 8.67 -46.45 -10.34
CA PRO F 128 7.65 -45.43 -10.57
C PRO F 128 8.06 -44.10 -9.97
N ILE F 129 7.64 -43.00 -10.63
CA ILE F 129 8.04 -41.68 -10.20
C ILE F 129 7.22 -41.19 -9.01
N HIS F 130 6.08 -41.80 -8.74
CA HIS F 130 5.19 -41.39 -7.65
C HIS F 130 5.13 -42.50 -6.61
N ARG F 131 5.28 -42.12 -5.35
CA ARG F 131 5.20 -43.06 -4.24
C ARG F 131 4.85 -42.30 -2.97
N PRO F 132 4.24 -42.96 -2.00
CA PRO F 132 3.92 -42.28 -0.73
C PRO F 132 5.17 -42.00 0.10
N ALA F 133 5.04 -41.04 1.00
CA ALA F 133 6.13 -40.63 1.85
C ALA F 133 6.42 -41.68 2.91
N PRO F 134 7.64 -41.68 3.48
CA PRO F 134 7.95 -42.62 4.56
C PRO F 134 7.07 -42.39 5.77
N LYS F 135 6.84 -43.47 6.52
CA LYS F 135 5.94 -43.44 7.66
C LYS F 135 6.60 -42.73 8.86
N PHE F 136 5.80 -42.52 9.90
CA PHE F 136 6.26 -41.80 11.08
C PHE F 136 7.36 -42.57 11.80
N GLU F 137 7.20 -43.88 11.96
CA GLU F 137 8.12 -44.67 12.77
C GLU F 137 9.41 -45.03 12.05
N GLU F 138 9.54 -44.70 10.77
CA GLU F 138 10.72 -45.05 10.00
C GLU F 138 11.77 -43.94 9.98
N LEU F 139 11.53 -42.84 10.69
CA LEU F 139 12.40 -41.67 10.59
C LEU F 139 13.51 -41.70 11.63
N ALA F 140 14.49 -40.83 11.42
CA ALA F 140 15.59 -40.62 12.36
C ALA F 140 15.69 -39.14 12.66
N THR F 141 16.11 -38.81 13.90
CA THR F 141 16.14 -37.43 14.35
C THR F 141 17.49 -37.03 14.94
N GLU F 142 18.56 -37.73 14.56
CA GLU F 142 19.89 -37.35 15.03
C GLU F 142 20.32 -36.03 14.43
N VAL F 143 21.01 -35.21 15.23
CA VAL F 143 21.47 -33.90 14.82
C VAL F 143 22.98 -33.86 14.93
N GLU F 144 23.64 -33.49 13.83
CA GLU F 144 25.09 -33.36 13.81
C GLU F 144 25.50 -32.31 12.79
N ILE F 145 26.54 -31.56 13.12
CA ILE F 145 26.94 -30.40 12.33
C ILE F 145 27.66 -30.85 11.07
N LEU F 146 27.31 -30.23 9.95
CA LEU F 146 28.01 -30.42 8.69
C LEU F 146 28.89 -29.19 8.45
N GLU F 147 30.20 -29.36 8.56
CA GLU F 147 31.11 -28.24 8.38
C GLU F 147 31.22 -27.88 6.91
N THR F 148 31.10 -26.59 6.60
CA THR F 148 31.07 -26.12 5.22
C THR F 148 32.28 -25.28 4.84
N GLY F 149 32.97 -24.67 5.81
CA GLY F 149 34.07 -23.79 5.51
C GLY F 149 33.70 -22.34 5.26
N ILE F 150 32.42 -22.00 5.34
CA ILE F 150 31.95 -20.62 5.18
C ILE F 150 31.75 -20.03 6.57
N LYS F 151 32.32 -18.84 6.79
CA LYS F 151 32.36 -18.27 8.14
C LYS F 151 30.95 -18.00 8.67
N VAL F 152 30.13 -17.28 7.90
CA VAL F 152 28.82 -16.88 8.38
C VAL F 152 27.91 -18.09 8.57
N VAL F 153 27.97 -19.04 7.64
CA VAL F 153 27.13 -20.24 7.74
C VAL F 153 27.55 -21.07 8.95
N ASP F 154 28.86 -21.26 9.13
CA ASP F 154 29.34 -22.07 10.24
C ASP F 154 29.10 -21.40 11.58
N LEU F 155 29.03 -20.07 11.61
CA LEU F 155 28.87 -19.36 12.87
C LEU F 155 27.40 -19.20 13.25
N LEU F 156 26.61 -18.54 12.40
CA LEU F 156 25.28 -18.10 12.79
C LEU F 156 24.16 -19.05 12.35
N ALA F 157 24.46 -20.05 11.53
CA ALA F 157 23.42 -20.96 11.08
C ALA F 157 24.03 -22.29 10.61
N PRO F 158 24.49 -23.13 11.52
CA PRO F 158 25.16 -24.37 11.12
C PRO F 158 24.24 -25.28 10.34
N TYR F 159 24.82 -26.01 9.39
CA TYR F 159 24.07 -26.99 8.61
C TYR F 159 23.98 -28.31 9.39
N ILE F 160 23.11 -29.20 8.91
CA ILE F 160 22.84 -30.46 9.58
C ILE F 160 23.00 -31.59 8.56
N LYS F 161 23.73 -32.63 8.94
CA LYS F 161 23.82 -33.81 8.10
C LYS F 161 22.48 -34.54 8.11
N GLY F 162 21.98 -34.88 6.92
CA GLY F 162 20.70 -35.54 6.81
C GLY F 162 19.50 -34.64 6.94
N GLY F 163 19.70 -33.33 7.02
CA GLY F 163 18.62 -32.37 7.14
C GLY F 163 18.34 -31.64 5.83
N LYS F 164 17.40 -30.71 5.92
CA LYS F 164 17.01 -29.89 4.79
C LYS F 164 17.60 -28.49 4.94
N ILE F 165 18.24 -28.00 3.88
CA ILE F 165 18.85 -26.67 3.86
C ILE F 165 18.28 -25.90 2.68
N GLY F 166 17.85 -24.68 2.94
CA GLY F 166 17.31 -23.81 1.91
C GLY F 166 18.09 -22.52 1.80
N LEU F 167 18.29 -22.06 0.57
CA LEU F 167 19.00 -20.81 0.29
C LEU F 167 18.03 -19.87 -0.44
N PHE F 168 17.40 -18.98 0.31
CA PHE F 168 16.47 -18.02 -0.27
C PHE F 168 17.22 -16.85 -0.88
N GLY F 169 16.64 -16.26 -1.91
CA GLY F 169 17.23 -15.09 -2.53
C GLY F 169 16.46 -14.56 -3.72
N GLY F 170 16.64 -13.28 -4.02
CA GLY F 170 16.02 -12.67 -5.17
C GLY F 170 16.83 -12.90 -6.43
N ALA F 171 16.48 -12.15 -7.47
CA ALA F 171 17.16 -12.28 -8.75
C ALA F 171 18.55 -11.66 -8.69
N GLY F 172 19.55 -12.40 -9.16
CA GLY F 172 20.91 -11.88 -9.23
C GLY F 172 21.54 -11.55 -7.89
N VAL F 173 21.42 -12.44 -6.92
CA VAL F 173 21.95 -12.18 -5.58
C VAL F 173 23.10 -13.13 -5.23
N GLY F 174 23.16 -14.32 -5.80
CA GLY F 174 24.27 -15.21 -5.56
C GLY F 174 23.93 -16.63 -5.13
N LYS F 175 22.68 -17.05 -5.39
CA LYS F 175 22.29 -18.40 -5.03
C LYS F 175 23.11 -19.44 -5.79
N THR F 176 23.31 -19.21 -7.10
CA THR F 176 24.08 -20.16 -7.90
C THR F 176 25.53 -20.20 -7.45
N VAL F 177 26.11 -19.04 -7.13
CA VAL F 177 27.49 -19.00 -6.66
C VAL F 177 27.63 -19.75 -5.35
N LEU F 178 26.68 -19.55 -4.43
CA LEU F 178 26.73 -20.26 -3.15
C LEU F 178 26.57 -21.76 -3.36
N ILE F 179 25.71 -22.17 -4.28
CA ILE F 179 25.54 -23.59 -4.57
C ILE F 179 26.83 -24.19 -5.10
N GLN F 180 27.48 -23.48 -6.04
CA GLN F 180 28.73 -23.97 -6.61
C GLN F 180 29.81 -24.05 -5.54
N GLU F 181 29.89 -23.06 -4.65
CA GLU F 181 30.88 -23.10 -3.58
C GLU F 181 30.63 -24.25 -2.63
N LEU F 182 29.36 -24.49 -2.29
CA LEU F 182 29.03 -25.61 -1.41
C LEU F 182 29.38 -26.95 -2.06
N ILE F 183 29.13 -27.08 -3.37
CA ILE F 183 29.51 -28.30 -4.07
C ILE F 183 31.02 -28.48 -4.03
N HIS F 184 31.76 -27.41 -4.33
CA HIS F 184 33.22 -27.47 -4.35
C HIS F 184 33.79 -27.78 -2.98
N ASN F 185 33.09 -27.39 -1.90
CA ASN F 185 33.61 -27.63 -0.57
C ASN F 185 33.22 -28.98 0.00
N ILE F 186 32.05 -29.50 -0.35
CA ILE F 186 31.52 -30.71 0.26
C ILE F 186 31.63 -31.92 -0.66
N ALA F 187 31.16 -31.79 -1.90
CA ALA F 187 31.00 -32.97 -2.75
C ALA F 187 32.33 -33.63 -3.08
N GLN F 188 33.43 -32.86 -3.09
CA GLN F 188 34.72 -33.43 -3.45
C GLN F 188 35.19 -34.49 -2.46
N GLU F 189 34.87 -34.30 -1.17
CA GLU F 189 35.35 -35.19 -0.12
C GLU F 189 34.23 -35.94 0.58
N HIS F 190 32.99 -35.83 0.09
CA HIS F 190 31.86 -36.45 0.78
C HIS F 190 32.01 -37.97 0.81
N GLY F 191 32.44 -38.57 -0.30
CA GLY F 191 32.67 -40.00 -0.36
C GLY F 191 31.43 -40.84 -0.56
N GLY F 192 30.25 -40.23 -0.65
CA GLY F 192 29.03 -40.96 -0.87
C GLY F 192 28.55 -40.88 -2.31
N ILE F 193 27.33 -40.40 -2.52
CA ILE F 193 26.75 -40.26 -3.85
C ILE F 193 26.00 -38.94 -3.90
N SER F 194 26.20 -38.18 -4.97
CA SER F 194 25.58 -36.89 -5.16
C SER F 194 24.58 -36.94 -6.30
N VAL F 195 23.49 -36.21 -6.17
CA VAL F 195 22.49 -36.08 -7.22
C VAL F 195 22.18 -34.61 -7.40
N PHE F 196 22.25 -34.13 -8.64
CA PHE F 196 21.94 -32.75 -8.98
C PHE F 196 20.72 -32.71 -9.88
N ALA F 197 19.73 -31.90 -9.50
CA ALA F 197 18.51 -31.70 -10.29
C ALA F 197 18.37 -30.21 -10.55
N GLY F 198 18.63 -29.80 -11.78
CA GLY F 198 18.57 -28.39 -12.15
C GLY F 198 17.24 -27.95 -12.72
N VAL F 199 16.18 -28.02 -11.93
CA VAL F 199 14.84 -27.68 -12.43
C VAL F 199 14.75 -26.18 -12.69
N GLY F 200 14.35 -25.82 -13.91
CA GLY F 200 14.10 -24.43 -14.25
C GLY F 200 15.28 -23.49 -14.12
N GLU F 201 16.43 -23.88 -14.65
CA GLU F 201 17.63 -23.06 -14.55
C GLU F 201 18.27 -22.94 -15.94
N ARG F 202 19.42 -22.27 -15.98
CA ARG F 202 20.07 -21.97 -17.26
C ARG F 202 20.75 -23.22 -17.82
N THR F 203 20.50 -23.48 -19.10
CA THR F 203 21.21 -24.56 -19.78
C THR F 203 22.71 -24.30 -19.83
N ARG F 204 23.10 -23.02 -19.92
CA ARG F 204 24.51 -22.67 -19.85
C ARG F 204 25.10 -23.08 -18.51
N GLU F 205 24.38 -22.79 -17.41
CA GLU F 205 24.85 -23.20 -16.10
C GLU F 205 24.95 -24.72 -16.00
N GLY F 206 23.96 -25.43 -16.54
CA GLY F 206 24.03 -26.88 -16.52
C GLY F 206 25.23 -27.43 -17.26
N ASN F 207 25.50 -26.88 -18.45
CA ASN F 207 26.65 -27.33 -19.23
C ASN F 207 27.97 -27.03 -18.51
N ASP F 208 28.08 -25.83 -17.94
CA ASP F 208 29.28 -25.46 -17.21
C ASP F 208 29.51 -26.37 -16.02
N LEU F 209 28.45 -26.66 -15.26
CA LEU F 209 28.59 -27.52 -14.09
C LEU F 209 28.94 -28.96 -14.49
N TYR F 210 28.35 -29.44 -15.58
CA TYR F 210 28.69 -30.77 -16.08
C TYR F 210 30.16 -30.85 -16.45
N HIS F 211 30.65 -29.84 -17.19
CA HIS F 211 32.07 -29.83 -17.53
C HIS F 211 32.94 -29.69 -16.30
N GLU F 212 32.48 -28.98 -15.28
CA GLU F 212 33.24 -28.83 -14.05
C GLU F 212 33.42 -30.18 -13.34
N MET F 213 32.33 -30.94 -13.18
CA MET F 213 32.50 -32.27 -12.59
C MET F 213 33.32 -33.19 -13.49
N LYS F 214 33.18 -33.08 -14.81
CA LYS F 214 33.99 -33.91 -15.68
C LYS F 214 35.48 -33.62 -15.50
N ASP F 215 35.83 -32.34 -15.36
CA ASP F 215 37.23 -31.97 -15.11
C ASP F 215 37.69 -32.47 -13.74
N SER F 216 36.85 -32.30 -12.73
CA SER F 216 37.26 -32.62 -11.36
C SER F 216 37.21 -34.10 -11.04
N GLY F 217 36.60 -34.92 -11.90
CA GLY F 217 36.49 -36.34 -11.65
C GLY F 217 35.39 -36.74 -10.70
N VAL F 218 34.61 -35.79 -10.18
CA VAL F 218 33.50 -36.10 -9.30
C VAL F 218 32.37 -36.78 -10.06
N ILE F 219 32.32 -36.64 -11.39
CA ILE F 219 31.21 -37.15 -12.18
C ILE F 219 31.08 -38.66 -12.07
N SER F 220 32.14 -39.36 -11.65
CA SER F 220 32.09 -40.81 -11.55
C SER F 220 31.15 -41.31 -10.45
N LYS F 221 30.66 -40.41 -9.59
CA LYS F 221 29.81 -40.81 -8.48
C LYS F 221 28.59 -39.90 -8.34
N THR F 222 28.09 -39.37 -9.45
CA THR F 222 26.94 -38.49 -9.41
C THR F 222 26.03 -38.75 -10.60
N ALA F 223 24.76 -38.38 -10.44
CA ALA F 223 23.75 -38.48 -11.50
C ALA F 223 23.02 -37.14 -11.60
N MET F 224 22.67 -36.76 -12.82
CA MET F 224 22.08 -35.47 -13.09
C MET F 224 20.82 -35.59 -13.93
N VAL F 225 19.81 -34.80 -13.58
CA VAL F 225 18.62 -34.61 -14.39
C VAL F 225 18.35 -33.11 -14.47
N PHE F 226 18.26 -32.59 -15.70
CA PHE F 226 18.22 -31.13 -15.81
C PHE F 226 16.82 -30.55 -15.92
N GLY F 227 16.09 -30.86 -17.00
CA GLY F 227 14.81 -30.24 -17.23
C GLY F 227 14.82 -28.73 -17.03
N GLN F 228 15.51 -28.00 -17.90
CA GLN F 228 15.82 -26.60 -17.67
C GLN F 228 14.61 -25.72 -17.97
N MET F 229 14.83 -24.40 -18.00
CA MET F 229 13.73 -23.45 -18.07
C MET F 229 13.05 -23.39 -19.43
N ASN F 230 13.74 -23.80 -20.50
CA ASN F 230 13.13 -23.75 -21.81
C ASN F 230 12.06 -24.81 -22.01
N GLU F 231 11.94 -25.76 -21.11
CA GLU F 231 10.98 -26.84 -21.24
C GLU F 231 9.57 -26.37 -20.90
N PRO F 232 8.55 -27.05 -21.41
CA PRO F 232 7.17 -26.75 -21.02
C PRO F 232 6.95 -27.11 -19.56
N PRO F 233 5.90 -26.57 -18.94
CA PRO F 233 5.72 -26.77 -17.48
C PRO F 233 5.59 -28.22 -17.07
N GLY F 234 5.17 -29.12 -17.96
CA GLY F 234 5.05 -30.52 -17.59
C GLY F 234 6.37 -31.14 -17.17
N ALA F 235 7.45 -30.81 -17.88
CA ALA F 235 8.75 -31.36 -17.54
C ALA F 235 9.31 -30.74 -16.26
N ARG F 236 9.09 -29.43 -16.08
CA ARG F 236 9.55 -28.76 -14.88
C ARG F 236 8.78 -29.18 -13.64
N MET F 237 7.56 -29.70 -13.82
CA MET F 237 6.79 -30.17 -12.68
C MET F 237 7.22 -31.56 -12.21
N ARG F 238 8.01 -32.28 -13.00
CA ARG F 238 8.32 -33.68 -12.69
C ARG F 238 9.80 -34.02 -12.66
N VAL F 239 10.68 -33.15 -13.16
CA VAL F 239 12.11 -33.47 -13.12
C VAL F 239 12.62 -33.60 -11.69
N ALA F 240 12.04 -32.83 -10.76
CA ALA F 240 12.42 -32.94 -9.36
C ALA F 240 12.14 -34.34 -8.82
N LEU F 241 10.94 -34.87 -9.12
CA LEU F 241 10.63 -36.24 -8.72
C LEU F 241 11.51 -37.25 -9.45
N THR F 242 11.88 -36.96 -10.69
CA THR F 242 12.77 -37.86 -11.42
C THR F 242 14.12 -37.99 -10.72
N GLY F 243 14.67 -36.88 -10.26
CA GLY F 243 15.89 -36.97 -9.46
C GLY F 243 15.67 -37.61 -8.10
N LEU F 244 14.53 -37.29 -7.49
CA LEU F 244 14.26 -37.77 -6.13
C LEU F 244 14.10 -39.28 -6.09
N THR F 245 13.59 -39.90 -7.15
CA THR F 245 13.44 -41.35 -7.12
C THR F 245 14.79 -42.06 -7.15
N MET F 246 15.75 -41.53 -7.91
CA MET F 246 17.11 -42.05 -7.87
C MET F 246 17.71 -41.87 -6.49
N ALA F 247 17.54 -40.67 -5.90
CA ALA F 247 18.08 -40.45 -4.56
C ALA F 247 17.45 -41.40 -3.56
N GLU F 248 16.15 -41.65 -3.66
CA GLU F 248 15.47 -42.56 -2.75
C GLU F 248 15.97 -43.98 -2.90
N TYR F 249 16.19 -44.43 -4.15
CA TYR F 249 16.74 -45.76 -4.36
C TYR F 249 18.11 -45.89 -3.70
N PHE F 250 18.98 -44.89 -3.91
CA PHE F 250 20.31 -44.98 -3.31
C PHE F 250 20.25 -44.94 -1.79
N ARG F 251 19.31 -44.18 -1.22
CA ARG F 251 19.14 -44.19 0.23
C ARG F 251 18.67 -45.54 0.74
N ASP F 252 17.69 -46.14 0.07
CA ASP F 252 17.01 -47.32 0.59
C ASP F 252 17.78 -48.61 0.31
N GLU F 253 18.01 -48.93 -0.96
CA GLU F 253 18.52 -50.25 -1.31
C GLU F 253 19.96 -50.44 -0.86
N GLN F 254 20.81 -49.44 -1.07
CA GLN F 254 22.23 -49.56 -0.76
C GLN F 254 22.62 -48.91 0.55
N GLY F 255 21.71 -48.20 1.20
CA GLY F 255 22.00 -47.60 2.49
C GLY F 255 23.12 -46.59 2.47
N GLN F 256 23.30 -45.89 1.35
CA GLN F 256 24.38 -44.93 1.22
C GLN F 256 23.99 -43.59 1.86
N ASP F 257 24.95 -42.67 1.87
CA ASP F 257 24.69 -41.27 2.23
C ASP F 257 24.64 -40.46 0.95
N VAL F 258 23.54 -39.73 0.75
CA VAL F 258 23.22 -39.12 -0.53
C VAL F 258 23.18 -37.61 -0.36
N LEU F 259 23.89 -36.91 -1.25
CA LEU F 259 23.77 -35.47 -1.37
C LEU F 259 22.79 -35.15 -2.50
N LEU F 260 21.82 -34.29 -2.22
CA LEU F 260 20.81 -33.91 -3.21
C LEU F 260 20.84 -32.39 -3.38
N PHE F 261 21.13 -31.93 -4.59
CA PHE F 261 21.15 -30.52 -4.92
C PHE F 261 20.00 -30.21 -5.86
N ILE F 262 19.18 -29.23 -5.50
CA ILE F 262 18.07 -28.79 -6.33
C ILE F 262 18.19 -27.28 -6.52
N ASP F 263 18.15 -26.84 -7.76
CA ASP F 263 18.27 -25.42 -8.10
C ASP F 263 16.89 -24.85 -8.40
N ASN F 264 16.48 -23.86 -7.61
CA ASN F 264 15.21 -23.16 -7.78
C ASN F 264 14.03 -24.13 -7.78
N ILE F 265 13.84 -24.75 -6.62
CA ILE F 265 12.63 -25.53 -6.36
C ILE F 265 11.36 -24.69 -6.51
N PHE F 266 11.50 -23.36 -6.53
CA PHE F 266 10.34 -22.51 -6.77
C PHE F 266 9.76 -22.71 -8.17
N ARG F 267 10.60 -23.12 -9.12
CA ARG F 267 10.11 -23.35 -10.48
C ARG F 267 9.10 -24.48 -10.52
N PHE F 268 9.20 -25.44 -9.59
CA PHE F 268 8.20 -26.50 -9.50
C PHE F 268 6.82 -25.92 -9.23
N THR F 269 6.70 -25.08 -8.20
CA THR F 269 5.42 -24.47 -7.90
C THR F 269 4.98 -23.49 -8.98
N GLN F 270 5.94 -22.81 -9.63
CA GLN F 270 5.58 -21.90 -10.70
C GLN F 270 4.95 -22.64 -11.87
N ALA F 271 5.55 -23.78 -12.26
CA ALA F 271 4.96 -24.60 -13.32
C ALA F 271 3.61 -25.16 -12.89
N GLY F 272 3.50 -25.55 -11.62
CA GLY F 272 2.21 -25.99 -11.12
C GLY F 272 1.14 -24.93 -11.27
N SER F 273 1.46 -23.68 -10.92
CA SER F 273 0.51 -22.59 -11.08
C SER F 273 0.19 -22.34 -12.55
N GLU F 274 1.20 -22.45 -13.41
CA GLU F 274 0.95 -22.26 -14.84
C GLU F 274 -0.04 -23.29 -15.37
N VAL F 275 0.10 -24.54 -14.94
CA VAL F 275 -0.79 -25.60 -15.45
C VAL F 275 -2.16 -25.51 -14.81
N SER F 276 -2.22 -25.04 -13.55
CA SER F 276 -3.47 -25.13 -12.78
C SER F 276 -4.61 -24.39 -13.45
N ALA F 277 -4.33 -23.26 -14.11
CA ALA F 277 -5.39 -22.46 -14.70
C ALA F 277 -6.16 -23.26 -15.76
N LEU F 278 -5.43 -23.99 -16.60
CA LEU F 278 -6.07 -24.74 -17.68
C LEU F 278 -6.80 -25.98 -17.18
N LEU F 279 -6.42 -26.51 -16.02
CA LEU F 279 -7.12 -27.67 -15.47
C LEU F 279 -8.52 -27.33 -14.96
N GLY F 280 -8.83 -26.06 -14.77
CA GLY F 280 -10.14 -25.66 -14.35
C GLY F 280 -10.33 -25.45 -12.86
N ARG F 281 -9.34 -24.89 -12.17
CA ARG F 281 -9.44 -24.64 -10.75
C ARG F 281 -9.60 -23.16 -10.46
N MET F 282 -10.28 -22.85 -9.37
CA MET F 282 -10.40 -21.47 -8.91
C MET F 282 -9.03 -20.93 -8.54
N PRO F 283 -8.72 -19.69 -8.91
CA PRO F 283 -7.43 -19.11 -8.51
C PRO F 283 -7.36 -18.88 -7.02
N SER F 284 -6.14 -18.97 -6.50
CA SER F 284 -5.86 -18.75 -5.08
C SER F 284 -5.54 -17.26 -4.86
N ALA F 285 -4.97 -16.95 -3.69
CA ALA F 285 -4.76 -15.56 -3.27
C ALA F 285 -4.15 -14.69 -4.37
N VAL F 286 -2.96 -15.06 -4.85
CA VAL F 286 -2.24 -14.20 -5.79
C VAL F 286 -2.07 -14.92 -7.12
N GLY F 287 -3.02 -15.78 -7.47
CA GLY F 287 -3.01 -16.47 -8.74
C GLY F 287 -2.42 -17.86 -8.71
N TYR F 288 -1.90 -18.30 -7.56
CA TYR F 288 -1.36 -19.64 -7.46
C TYR F 288 -2.48 -20.67 -7.45
N GLN F 289 -2.09 -21.94 -7.47
CA GLN F 289 -3.07 -23.01 -7.42
C GLN F 289 -3.60 -23.19 -6.00
N PRO F 290 -4.84 -23.67 -5.86
CA PRO F 290 -5.34 -23.97 -4.51
C PRO F 290 -4.53 -25.03 -3.80
N THR F 291 -3.97 -25.99 -4.53
CA THR F 291 -3.26 -27.12 -3.95
C THR F 291 -1.77 -26.84 -3.76
N LEU F 292 -1.40 -25.58 -3.57
CA LEU F 292 0.02 -25.23 -3.44
C LEU F 292 0.66 -25.91 -2.24
N ALA F 293 -0.04 -25.94 -1.10
CA ALA F 293 0.55 -26.50 0.10
C ALA F 293 0.73 -28.01 -0.01
N THR F 294 -0.31 -28.72 -0.43
CA THR F 294 -0.26 -30.18 -0.46
C THR F 294 0.68 -30.68 -1.55
N GLU F 295 0.70 -30.02 -2.71
CA GLU F 295 1.58 -30.44 -3.78
C GLU F 295 3.04 -30.30 -3.38
N MET F 296 3.39 -29.20 -2.71
CA MET F 296 4.76 -29.03 -2.23
C MET F 296 5.08 -29.98 -1.08
N GLY F 297 4.11 -30.25 -0.21
CA GLY F 297 4.34 -31.17 0.88
C GLY F 297 4.61 -32.58 0.41
N GLN F 298 3.85 -33.05 -0.60
CA GLN F 298 4.04 -34.40 -1.11
C GLN F 298 5.43 -34.61 -1.68
N LEU F 299 6.07 -33.54 -2.16
CA LEU F 299 7.42 -33.63 -2.67
C LEU F 299 8.46 -33.47 -1.56
N GLN F 300 8.31 -32.45 -0.72
CA GLN F 300 9.32 -32.18 0.30
C GLN F 300 9.39 -33.31 1.32
N GLU F 301 8.24 -33.87 1.70
CA GLU F 301 8.23 -34.87 2.77
C GLU F 301 8.89 -36.18 2.35
N ARG F 302 9.11 -36.40 1.05
CA ARG F 302 9.83 -37.59 0.61
C ARG F 302 11.33 -37.45 0.80
N ILE F 303 11.84 -36.24 0.93
CA ILE F 303 13.29 -36.02 1.12
C ILE F 303 13.53 -36.03 2.63
N THR F 304 13.70 -37.24 3.17
CA THR F 304 13.91 -37.40 4.59
C THR F 304 14.97 -38.47 4.83
N SER F 305 15.59 -38.41 6.00
CA SER F 305 16.56 -39.41 6.42
C SER F 305 15.86 -40.45 7.28
N THR F 306 16.06 -41.72 6.95
CA THR F 306 15.42 -42.83 7.63
C THR F 306 16.48 -43.71 8.29
N ALA F 307 16.02 -44.84 8.84
CA ALA F 307 16.95 -45.77 9.48
C ALA F 307 17.89 -46.39 8.45
N LYS F 308 17.38 -46.71 7.26
CA LYS F 308 18.20 -47.38 6.25
C LYS F 308 19.28 -46.46 5.69
N GLY F 309 18.99 -45.17 5.53
CA GLY F 309 19.96 -44.26 4.98
C GLY F 309 19.58 -42.83 5.28
N SER F 310 20.49 -41.92 4.95
CA SER F 310 20.31 -40.50 5.21
C SER F 310 20.48 -39.72 3.92
N ILE F 311 19.61 -38.72 3.72
CA ILE F 311 19.67 -37.83 2.58
C ILE F 311 19.77 -36.40 3.09
N THR F 312 20.89 -35.75 2.80
CA THR F 312 21.06 -34.34 3.08
C THR F 312 20.86 -33.55 1.79
N SER F 313 19.94 -32.59 1.82
CA SER F 313 19.53 -31.87 0.62
C SER F 313 19.77 -30.39 0.81
N ILE F 314 20.37 -29.77 -0.21
CA ILE F 314 20.57 -28.33 -0.26
C ILE F 314 19.75 -27.80 -1.43
N GLN F 315 18.77 -26.97 -1.14
CA GLN F 315 17.82 -26.50 -2.14
C GLN F 315 17.91 -24.99 -2.27
N ALA F 316 17.98 -24.51 -3.51
CA ALA F 316 17.89 -23.09 -3.80
C ALA F 316 16.44 -22.70 -3.99
N ILE F 317 16.04 -21.58 -3.42
CA ILE F 317 14.67 -21.10 -3.49
C ILE F 317 14.67 -19.67 -4.01
N TYR F 318 13.88 -19.41 -5.05
CA TYR F 318 13.78 -18.09 -5.64
C TYR F 318 12.65 -17.30 -4.99
N VAL F 319 12.91 -16.03 -4.74
CA VAL F 319 11.93 -15.12 -4.13
C VAL F 319 11.47 -14.15 -5.21
N PRO F 320 10.22 -14.22 -5.66
CA PRO F 320 9.76 -13.35 -6.75
C PRO F 320 9.64 -11.91 -6.29
N ALA F 321 10.29 -11.01 -7.03
CA ALA F 321 10.24 -9.57 -6.78
C ALA F 321 10.72 -9.20 -5.38
N ASP F 322 11.63 -10.01 -4.83
CA ASP F 322 12.20 -9.81 -3.50
C ASP F 322 11.13 -9.73 -2.41
N ASP F 323 9.97 -10.32 -2.65
CA ASP F 323 8.85 -10.31 -1.69
C ASP F 323 8.91 -11.60 -0.89
N TYR F 324 9.40 -11.52 0.35
CA TYR F 324 9.52 -12.70 1.19
C TYR F 324 8.18 -13.18 1.73
N THR F 325 7.11 -12.42 1.57
CA THR F 325 5.78 -12.81 2.00
C THR F 325 4.98 -13.48 0.90
N ASP F 326 5.57 -13.68 -0.28
CA ASP F 326 4.89 -14.37 -1.35
C ASP F 326 4.56 -15.80 -0.90
N PRO F 327 3.40 -16.34 -1.26
CA PRO F 327 3.01 -17.66 -0.74
C PRO F 327 4.00 -18.78 -1.05
N ALA F 328 4.60 -18.78 -2.24
CA ALA F 328 5.52 -19.87 -2.58
C ALA F 328 6.76 -19.87 -1.69
N PRO F 329 7.49 -18.77 -1.50
CA PRO F 329 8.57 -18.79 -0.50
C PRO F 329 8.07 -18.95 0.92
N ALA F 330 6.89 -18.43 1.24
CA ALA F 330 6.41 -18.44 2.62
C ALA F 330 6.07 -19.86 3.08
N THR F 331 5.52 -20.67 2.19
CA THR F 331 5.14 -22.02 2.56
C THR F 331 6.34 -22.95 2.72
N THR F 332 7.44 -22.66 2.02
CA THR F 332 8.59 -23.54 2.06
C THR F 332 9.32 -23.46 3.39
N PHE F 333 9.15 -22.36 4.13
CA PHE F 333 9.91 -22.17 5.37
C PHE F 333 9.63 -23.26 6.40
N SER F 334 8.44 -23.86 6.35
CA SER F 334 8.07 -24.86 7.34
C SER F 334 8.69 -26.23 7.06
N HIS F 335 9.37 -26.40 5.94
CA HIS F 335 9.94 -27.70 5.58
C HIS F 335 11.44 -27.79 5.80
N LEU F 336 12.10 -26.68 6.12
CA LEU F 336 13.55 -26.64 6.20
C LEU F 336 14.04 -26.64 7.64
N ASP F 337 15.29 -27.05 7.82
CA ASP F 337 15.96 -27.02 9.12
C ASP F 337 16.89 -25.83 9.26
N ALA F 338 17.74 -25.58 8.28
CA ALA F 338 18.63 -24.43 8.28
C ALA F 338 18.36 -23.61 7.03
N THR F 339 18.19 -22.30 7.20
CA THR F 339 17.87 -21.41 6.10
C THR F 339 18.86 -20.25 6.06
N THR F 340 19.29 -19.90 4.86
CA THR F 340 20.12 -18.72 4.64
C THR F 340 19.36 -17.76 3.74
N ASN F 341 19.20 -16.52 4.20
CA ASN F 341 18.41 -15.51 3.50
C ASN F 341 19.37 -14.49 2.87
N LEU F 342 19.51 -14.54 1.55
CA LEU F 342 20.31 -13.57 0.85
C LEU F 342 19.54 -12.27 0.67
N GLU F 343 20.27 -11.16 0.62
CA GLU F 343 19.67 -9.83 0.58
C GLU F 343 20.35 -8.97 -0.47
N ARG F 344 19.52 -8.34 -1.32
CA ARG F 344 20.05 -7.44 -2.33
C ARG F 344 20.70 -6.22 -1.72
N LYS F 345 20.20 -5.75 -0.57
CA LYS F 345 20.81 -4.61 0.10
C LYS F 345 22.24 -4.91 0.50
N LEU F 346 22.48 -6.10 1.06
CA LEU F 346 23.85 -6.49 1.39
C LEU F 346 24.67 -6.77 0.12
N ALA F 347 24.03 -7.30 -0.92
CA ALA F 347 24.74 -7.57 -2.16
C ALA F 347 25.28 -6.29 -2.79
N GLU F 348 24.49 -5.22 -2.76
CA GLU F 348 24.91 -3.96 -3.37
C GLU F 348 26.07 -3.34 -2.61
N MET F 349 26.08 -3.48 -1.28
CA MET F 349 27.15 -2.90 -0.47
C MET F 349 28.50 -3.57 -0.72
N GLY F 350 28.51 -4.78 -1.26
CA GLY F 350 29.74 -5.50 -1.52
C GLY F 350 30.02 -6.68 -0.61
N ILE F 351 29.08 -7.05 0.26
CA ILE F 351 29.27 -8.21 1.13
C ILE F 351 28.91 -9.46 0.36
N TYR F 352 29.86 -10.40 0.27
CA TYR F 352 29.64 -11.68 -0.39
C TYR F 352 30.13 -12.79 0.53
N PRO F 353 29.27 -13.79 0.84
CA PRO F 353 27.89 -13.88 0.38
C PRO F 353 26.96 -12.90 1.07
N ALA F 354 25.95 -12.41 0.36
CA ALA F 354 25.05 -11.40 0.89
C ALA F 354 23.96 -12.01 1.73
N VAL F 355 24.33 -12.82 2.70
CA VAL F 355 23.36 -13.52 3.55
C VAL F 355 23.03 -12.65 4.75
N ASP F 356 21.76 -12.64 5.12
CA ASP F 356 21.30 -11.86 6.26
C ASP F 356 21.75 -12.54 7.55
N PRO F 357 22.53 -11.88 8.40
CA PRO F 357 22.98 -12.54 9.64
C PRO F 357 21.88 -12.70 10.67
N LEU F 358 20.79 -11.94 10.57
CA LEU F 358 19.71 -12.02 11.54
C LEU F 358 18.52 -12.85 11.05
N ALA F 359 18.18 -12.76 9.76
CA ALA F 359 17.06 -13.52 9.25
C ALA F 359 17.37 -15.00 9.15
N SER F 360 18.63 -15.34 8.89
CA SER F 360 19.01 -16.74 8.76
C SER F 360 18.91 -17.45 10.12
N THR F 361 18.36 -18.66 10.09
CA THR F 361 18.16 -19.44 11.31
C THR F 361 18.55 -20.89 11.05
N SER F 362 18.85 -21.60 12.12
CA SER F 362 19.18 -23.02 12.05
C SER F 362 18.70 -23.70 13.32
N ARG F 363 18.25 -24.94 13.17
CA ARG F 363 17.79 -25.72 14.32
C ARG F 363 18.94 -26.32 15.11
N ALA F 364 20.15 -26.31 14.56
CA ALA F 364 21.32 -26.88 15.23
C ALA F 364 22.02 -25.89 16.15
N LEU F 365 21.64 -24.62 16.13
CA LEU F 365 22.28 -23.60 16.96
C LEU F 365 21.74 -23.73 18.39
N ALA F 366 22.32 -24.65 19.13
CA ALA F 366 21.99 -24.89 20.52
C ALA F 366 23.26 -25.05 21.33
N PRO F 367 23.24 -24.67 22.62
CA PRO F 367 24.47 -24.80 23.43
C PRO F 367 24.98 -26.22 23.53
N GLU F 368 24.09 -27.21 23.57
CA GLU F 368 24.50 -28.60 23.73
C GLU F 368 24.98 -29.24 22.43
N ILE F 369 24.86 -28.55 21.31
CA ILE F 369 25.26 -29.11 20.02
C ILE F 369 26.57 -28.47 19.56
N VAL F 370 26.56 -27.14 19.39
CA VAL F 370 27.73 -26.45 18.85
C VAL F 370 28.73 -26.05 19.93
N GLY F 371 28.35 -26.05 21.19
CA GLY F 371 29.27 -25.68 22.24
C GLY F 371 28.89 -24.36 22.89
N GLU F 372 29.22 -24.24 24.17
CA GLU F 372 28.84 -23.06 24.94
C GLU F 372 29.50 -21.80 24.40
N GLU F 373 30.81 -21.88 24.11
CA GLU F 373 31.52 -20.72 23.59
C GLU F 373 30.97 -20.28 22.24
N HIS F 374 30.73 -21.26 21.35
CA HIS F 374 30.15 -20.94 20.05
C HIS F 374 28.80 -20.26 20.19
N TYR F 375 27.94 -20.82 21.06
CA TYR F 375 26.61 -20.25 21.25
C TYR F 375 26.70 -18.84 21.79
N GLN F 376 27.56 -18.60 22.78
CA GLN F 376 27.68 -17.27 23.36
C GLN F 376 28.19 -16.26 22.34
N VAL F 377 29.20 -16.64 21.56
CA VAL F 377 29.73 -15.73 20.56
C VAL F 377 28.67 -15.39 19.52
N ALA F 378 27.93 -16.40 19.05
CA ALA F 378 26.88 -16.15 18.07
C ALA F 378 25.81 -15.23 18.63
N ARG F 379 25.39 -15.47 19.87
CA ARG F 379 24.36 -14.62 20.48
C ARG F 379 24.83 -13.19 20.63
N LYS F 380 26.09 -12.99 21.05
CA LYS F 380 26.62 -11.63 21.19
C LYS F 380 26.69 -10.93 19.85
N VAL F 381 27.13 -11.65 18.80
CA VAL F 381 27.20 -11.04 17.47
C VAL F 381 25.81 -10.64 16.99
N GLN F 382 24.82 -11.51 17.19
CA GLN F 382 23.47 -11.18 16.77
C GLN F 382 22.94 -9.98 17.55
N GLN F 383 23.23 -9.91 18.85
CA GLN F 383 22.76 -8.80 19.67
C GLN F 383 23.34 -7.47 19.20
N THR F 384 24.65 -7.44 18.96
CA THR F 384 25.26 -6.19 18.53
C THR F 384 24.80 -5.79 17.13
N LEU F 385 24.59 -6.77 16.24
CA LEU F 385 24.06 -6.46 14.92
C LEU F 385 22.64 -5.91 15.01
N GLN F 386 21.82 -6.46 15.90
CA GLN F 386 20.47 -5.96 16.08
C GLN F 386 20.47 -4.53 16.60
N ARG F 387 21.36 -4.23 17.56
CA ARG F 387 21.46 -2.86 18.05
C ARG F 387 21.89 -1.90 16.96
N TYR F 388 22.86 -2.31 16.14
CA TYR F 388 23.29 -1.46 15.03
C TYR F 388 22.14 -1.22 14.05
N LYS F 389 21.35 -2.27 13.76
CA LYS F 389 20.21 -2.10 12.88
C LYS F 389 19.19 -1.13 13.46
N GLU F 390 18.96 -1.21 14.77
CA GLU F 390 18.02 -0.30 15.41
C GLU F 390 18.49 1.14 15.31
N LEU F 391 19.80 1.38 15.45
CA LEU F 391 20.31 2.75 15.42
C LEU F 391 20.31 3.38 14.04
N GLN F 392 19.87 2.66 13.00
CA GLN F 392 20.03 3.13 11.63
C GLN F 392 19.21 4.39 11.37
N ASP F 393 17.98 4.45 11.86
CA ASP F 393 17.13 5.62 11.60
C ASP F 393 17.71 6.88 12.23
N ILE F 394 18.19 6.78 13.47
CA ILE F 394 18.80 7.92 14.13
C ILE F 394 20.08 8.33 13.41
N ILE F 395 20.86 7.35 12.96
CA ILE F 395 22.07 7.66 12.20
C ILE F 395 21.72 8.44 10.94
N ALA F 396 20.69 7.98 10.22
CA ALA F 396 20.30 8.65 8.98
C ALA F 396 19.79 10.06 9.23
N ILE F 397 19.01 10.25 10.29
CA ILE F 397 18.41 11.57 10.53
C ILE F 397 19.43 12.54 11.11
N LEU F 398 19.95 12.24 12.30
CA LEU F 398 20.83 13.18 13.00
C LEU F 398 22.30 12.96 12.68
N GLY F 399 22.74 11.73 12.52
CA GLY F 399 24.14 11.44 12.33
C GLY F 399 24.79 10.85 13.56
N MET F 400 26.08 10.57 13.44
CA MET F 400 26.83 9.93 14.51
C MET F 400 27.00 10.85 15.72
N ASP F 401 26.83 12.16 15.55
CA ASP F 401 27.16 13.11 16.62
C ASP F 401 26.27 12.94 17.84
N GLU F 402 25.04 12.47 17.65
CA GLU F 402 24.06 12.42 18.73
C GLU F 402 24.05 11.09 19.48
N LEU F 403 24.82 10.10 19.03
CA LEU F 403 24.86 8.82 19.73
C LEU F 403 25.58 8.97 21.07
N SER F 404 25.16 8.16 22.02
CA SER F 404 25.84 8.11 23.31
C SER F 404 27.24 7.53 23.15
N ASP F 405 28.00 7.54 24.25
CA ASP F 405 29.38 7.09 24.19
C ASP F 405 29.49 5.61 23.85
N GLU F 406 28.63 4.77 24.43
CA GLU F 406 28.67 3.33 24.16
C GLU F 406 28.06 2.97 22.82
N ASP F 407 27.13 3.78 22.31
CA ASP F 407 26.57 3.52 20.99
C ASP F 407 27.60 3.72 19.90
N LYS F 408 28.52 4.67 20.09
CA LYS F 408 29.65 4.81 19.17
C LYS F 408 30.44 3.52 19.11
N LEU F 409 30.72 2.92 20.27
CA LEU F 409 31.44 1.66 20.31
C LEU F 409 30.64 0.54 19.66
N VAL F 410 29.32 0.53 19.86
CA VAL F 410 28.48 -0.51 19.26
C VAL F 410 28.56 -0.43 17.74
N VAL F 411 28.45 0.78 17.19
CA VAL F 411 28.55 0.95 15.74
C VAL F 411 29.94 0.56 15.26
N HIS F 412 30.97 0.98 16.00
CA HIS F 412 32.35 0.68 15.62
C HIS F 412 32.59 -0.81 15.53
N ARG F 413 32.09 -1.57 16.51
CA ARG F 413 32.26 -3.02 16.48
C ARG F 413 31.38 -3.67 15.42
N ALA F 414 30.16 -3.17 15.25
CA ALA F 414 29.20 -3.80 14.35
C ALA F 414 29.63 -3.68 12.89
N ARG F 415 30.16 -2.52 12.49
CA ARG F 415 30.62 -2.39 11.11
C ARG F 415 31.73 -3.38 10.80
N ARG F 416 32.69 -3.51 11.72
CA ARG F 416 33.78 -4.45 11.51
C ARG F 416 33.28 -5.89 11.50
N ILE F 417 32.33 -6.22 12.37
CA ILE F 417 31.77 -7.57 12.38
C ILE F 417 31.08 -7.88 11.05
N GLN F 418 30.26 -6.93 10.58
CA GLN F 418 29.56 -7.12 9.32
C GLN F 418 30.53 -7.30 8.16
N PHE F 419 31.59 -6.50 8.13
CA PHE F 419 32.56 -6.64 7.05
C PHE F 419 33.31 -7.97 7.16
N PHE F 420 33.66 -8.39 8.38
CA PHE F 420 34.37 -9.65 8.56
C PHE F 420 33.50 -10.85 8.24
N LEU F 421 32.18 -10.70 8.27
CA LEU F 421 31.31 -11.81 7.88
C LEU F 421 31.46 -12.18 6.40
N SER F 422 31.98 -11.27 5.58
CA SER F 422 32.19 -11.58 4.17
C SER F 422 33.34 -12.56 4.01
N GLN F 423 33.47 -13.09 2.79
CA GLN F 423 34.49 -14.09 2.51
C GLN F 423 34.76 -14.14 1.02
N ASN F 424 35.96 -14.58 0.67
CA ASN F 424 36.33 -14.85 -0.72
C ASN F 424 36.18 -16.34 -1.02
N PHE F 425 35.60 -16.64 -2.17
CA PHE F 425 35.24 -18.01 -2.51
C PHE F 425 36.19 -18.60 -3.54
N HIS F 426 36.34 -19.92 -3.50
CA HIS F 426 37.16 -20.60 -4.49
C HIS F 426 36.60 -20.44 -5.89
N VAL F 427 35.27 -20.50 -6.02
CA VAL F 427 34.65 -20.41 -7.33
C VAL F 427 34.70 -19.01 -7.90
N ALA F 428 34.98 -18.00 -7.08
CA ALA F 428 35.04 -16.62 -7.53
C ALA F 428 36.43 -16.20 -7.99
N GLU F 429 37.39 -17.12 -7.99
CA GLU F 429 38.75 -16.77 -8.40
C GLU F 429 38.81 -16.36 -9.86
N GLN F 430 38.06 -17.06 -10.72
CA GLN F 430 38.11 -16.79 -12.15
C GLN F 430 37.59 -15.41 -12.52
N PHE F 431 36.85 -14.75 -11.62
CA PHE F 431 36.31 -13.43 -11.90
C PHE F 431 37.05 -12.30 -11.18
N THR F 432 37.84 -12.61 -10.15
CA THR F 432 38.54 -11.58 -9.39
C THR F 432 40.03 -11.85 -9.20
N GLY F 433 40.48 -13.10 -9.27
CA GLY F 433 41.87 -13.42 -9.02
C GLY F 433 42.19 -13.77 -7.59
N GLN F 434 41.27 -13.58 -6.66
CA GLN F 434 41.50 -13.97 -5.28
C GLN F 434 41.48 -15.48 -5.15
N PRO F 435 42.52 -16.10 -4.59
CA PRO F 435 42.58 -17.57 -4.56
C PRO F 435 41.46 -18.23 -3.76
N GLY F 436 40.85 -17.54 -2.81
CA GLY F 436 39.83 -18.12 -1.98
C GLY F 436 40.39 -18.70 -0.69
N SER F 437 39.48 -19.07 0.20
CA SER F 437 39.88 -19.53 1.52
C SER F 437 38.86 -20.53 2.06
N TYR F 438 39.30 -21.34 3.02
CA TYR F 438 38.46 -22.30 3.73
C TYR F 438 38.75 -22.13 5.21
N VAL F 439 37.81 -21.55 5.93
CA VAL F 439 37.99 -21.14 7.33
C VAL F 439 37.34 -22.18 8.23
N PRO F 440 38.08 -22.85 9.10
CA PRO F 440 37.45 -23.76 10.06
C PRO F 440 36.60 -23.01 11.07
N VAL F 441 35.64 -23.76 11.65
CA VAL F 441 34.69 -23.16 12.57
C VAL F 441 35.39 -22.68 13.84
N LYS F 442 36.42 -23.40 14.30
CA LYS F 442 37.17 -22.96 15.46
C LYS F 442 37.86 -21.63 15.20
N GLU F 443 38.48 -21.49 14.02
CA GLU F 443 39.11 -20.23 13.66
C GLU F 443 38.09 -19.10 13.56
N THR F 444 36.93 -19.40 12.97
CA THR F 444 35.87 -18.38 12.88
C THR F 444 35.44 -17.90 14.26
N VAL F 445 35.20 -18.85 15.17
CA VAL F 445 34.76 -18.49 16.52
C VAL F 445 35.83 -17.69 17.23
N ARG F 446 37.10 -18.11 17.12
CA ARG F 446 38.17 -17.39 17.79
C ARG F 446 38.30 -15.96 17.24
N GLY F 447 38.23 -15.81 15.91
CA GLY F 447 38.32 -14.48 15.33
C GLY F 447 37.19 -13.57 15.76
N PHE F 448 35.96 -14.09 15.76
CA PHE F 448 34.83 -13.26 16.15
C PHE F 448 34.87 -12.92 17.63
N LYS F 449 35.33 -13.86 18.47
CA LYS F 449 35.50 -13.55 19.89
C LYS F 449 36.55 -12.46 20.09
N GLU F 450 37.65 -12.53 19.36
CA GLU F 450 38.68 -11.50 19.46
C GLU F 450 38.15 -10.15 19.01
N ILE F 451 37.36 -10.12 17.93
CA ILE F 451 36.78 -8.87 17.47
C ILE F 451 35.82 -8.31 18.52
N LEU F 452 34.99 -9.17 19.11
CA LEU F 452 34.04 -8.72 20.13
C LEU F 452 34.77 -8.19 21.36
N GLU F 453 35.91 -8.78 21.72
CA GLU F 453 36.65 -8.33 22.89
C GLU F 453 37.35 -6.99 22.69
N GLY F 454 37.33 -6.44 21.47
CA GLY F 454 37.95 -5.17 21.21
C GLY F 454 39.43 -5.21 20.92
N LYS F 455 39.94 -6.37 20.49
CA LYS F 455 41.37 -6.50 20.22
C LYS F 455 41.78 -5.76 18.96
N TYR F 456 40.91 -5.69 17.96
CA TYR F 456 41.23 -5.08 16.67
C TYR F 456 40.40 -3.82 16.42
N ASP F 457 40.21 -3.00 17.45
CA ASP F 457 39.41 -1.79 17.29
C ASP F 457 40.15 -0.69 16.54
N HIS F 458 41.48 -0.76 16.46
CA HIS F 458 42.25 0.29 15.80
C HIS F 458 42.36 0.12 14.30
N LEU F 459 42.23 -1.11 13.80
CA LEU F 459 42.40 -1.35 12.38
C LEU F 459 41.26 -0.71 11.58
N PRO F 460 41.54 -0.25 10.36
CA PRO F 460 40.48 0.28 9.51
C PRO F 460 39.50 -0.82 9.11
N GLU F 461 38.25 -0.42 8.88
CA GLU F 461 37.20 -1.39 8.60
C GLU F 461 37.38 -2.06 7.24
N ASP F 462 38.09 -1.42 6.30
CA ASP F 462 38.31 -2.04 5.00
C ASP F 462 39.24 -3.25 5.07
N ALA F 463 40.00 -3.38 6.15
CA ALA F 463 40.89 -4.54 6.29
C ALA F 463 40.13 -5.83 6.54
N PHE F 464 38.86 -5.74 6.94
CA PHE F 464 38.05 -6.90 7.26
C PHE F 464 37.21 -7.39 6.09
N ARG F 465 37.40 -6.84 4.90
CA ARG F 465 36.38 -6.98 3.85
C ARG F 465 36.30 -8.41 3.32
N LEU F 466 37.36 -8.89 2.68
CA LEU F 466 37.27 -10.15 1.95
C LEU F 466 38.46 -11.07 2.22
N VAL F 467 38.81 -11.28 3.49
CA VAL F 467 40.05 -11.94 3.83
C VAL F 467 39.87 -13.42 4.14
N GLY F 468 39.09 -13.74 5.17
CA GLY F 468 39.04 -15.10 5.66
C GLY F 468 39.43 -15.21 7.11
N ARG F 469 40.60 -15.80 7.38
CA ARG F 469 41.09 -15.93 8.75
C ARG F 469 41.35 -14.55 9.35
N ILE F 470 41.47 -14.52 10.68
CA ILE F 470 41.66 -13.25 11.39
C ILE F 470 43.05 -12.68 11.13
N GLU F 471 44.06 -13.53 10.91
CA GLU F 471 45.40 -13.03 10.64
C GLU F 471 45.48 -12.31 9.32
N GLU F 472 44.67 -12.71 8.34
CA GLU F 472 44.65 -12.02 7.06
C GLU F 472 44.20 -10.58 7.21
N VAL F 473 43.36 -10.28 8.22
CA VAL F 473 42.98 -8.90 8.48
C VAL F 473 44.20 -8.07 8.85
N VAL F 474 45.02 -8.58 9.75
CA VAL F 474 46.23 -7.88 10.16
C VAL F 474 47.18 -7.73 8.99
N GLU F 475 47.33 -8.79 8.18
CA GLU F 475 48.21 -8.70 7.03
C GLU F 475 47.73 -7.64 6.04
N LYS F 476 46.42 -7.60 5.78
CA LYS F 476 45.87 -6.61 4.86
C LYS F 476 46.04 -5.19 5.39
N ALA F 477 45.81 -4.99 6.69
CA ALA F 477 45.99 -3.66 7.26
C ALA F 477 47.45 -3.23 7.19
N LYS F 478 48.38 -4.14 7.49
CA LYS F 478 49.80 -3.80 7.42
C LYS F 478 50.21 -3.50 5.99
N ALA F 479 49.66 -4.24 5.02
CA ALA F 479 49.95 -3.95 3.62
C ALA F 479 49.42 -2.57 3.23
N MET F 480 48.22 -2.22 3.70
CA MET F 480 47.68 -0.89 3.43
C MET F 480 48.51 0.21 4.09
N GLY F 481 49.15 -0.08 5.22
CA GLY F 481 50.05 0.89 5.81
C GLY F 481 49.72 1.26 7.24
N VAL F 482 49.04 0.37 7.96
CA VAL F 482 48.69 0.62 9.35
C VAL F 482 49.74 0.02 10.26
N ALA G 2 -0.67 -3.72 7.67
CA ALA G 2 -0.50 -3.55 6.23
C ALA G 2 0.71 -2.67 5.93
N SER G 3 1.38 -2.96 4.81
CA SER G 3 2.53 -2.15 4.42
C SER G 3 2.14 -0.71 4.14
N LEU G 4 0.97 -0.48 3.56
CA LEU G 4 0.53 0.88 3.26
C LEU G 4 0.39 1.69 4.54
N ARG G 5 -0.24 1.12 5.57
CA ARG G 5 -0.42 1.83 6.82
C ARG G 5 0.90 2.04 7.55
N ASP G 6 1.80 1.05 7.48
CA ASP G 6 3.12 1.20 8.09
C ASP G 6 3.90 2.34 7.43
N ILE G 7 3.86 2.41 6.11
CA ILE G 7 4.56 3.49 5.40
C ILE G 7 3.92 4.83 5.74
N LYS G 8 2.59 4.88 5.85
CA LYS G 8 1.93 6.12 6.23
C LYS G 8 2.36 6.57 7.62
N THR G 9 2.43 5.64 8.58
CA THR G 9 2.86 6.01 9.93
C THR G 9 4.31 6.49 9.93
N ARG G 10 5.19 5.83 9.18
CA ARG G 10 6.57 6.27 9.11
C ARG G 10 6.67 7.68 8.51
N ILE G 11 5.89 7.95 7.46
CA ILE G 11 5.90 9.27 6.85
C ILE G 11 5.43 10.33 7.85
N ASN G 12 4.37 10.03 8.60
CA ASN G 12 3.87 10.98 9.58
C ASN G 12 4.91 11.25 10.67
N ALA G 13 5.57 10.20 11.16
CA ALA G 13 6.59 10.39 12.19
C ALA G 13 7.75 11.22 11.66
N THR G 14 8.18 10.95 10.43
CA THR G 14 9.28 11.73 9.85
C THR G 14 8.88 13.18 9.65
N LYS G 15 7.64 13.44 9.26
CA LYS G 15 7.16 14.81 9.12
C LYS G 15 7.18 15.53 10.47
N LYS G 16 6.74 14.85 11.52
CA LYS G 16 6.79 15.45 12.86
C LYS G 16 8.22 15.78 13.26
N THR G 17 9.16 14.87 13.00
CA THR G 17 10.56 15.11 13.31
C THR G 17 11.09 16.31 12.52
N SER G 18 10.73 16.40 11.25
CA SER G 18 11.17 17.53 10.43
C SER G 18 10.65 18.84 10.98
N GLN G 19 9.37 18.87 11.39
CA GLN G 19 8.82 20.10 11.96
C GLN G 19 9.55 20.49 13.24
N ILE G 20 9.82 19.51 14.11
CA ILE G 20 10.53 19.81 15.36
C ILE G 20 11.91 20.38 15.06
N THR G 21 12.63 19.77 14.12
CA THR G 21 13.97 20.25 13.79
C THR G 21 13.93 21.64 13.19
N LYS G 22 12.93 21.94 12.36
CA LYS G 22 12.80 23.28 11.80
C LYS G 22 12.57 24.32 12.90
N ALA G 23 11.70 23.98 13.86
CA ALA G 23 11.48 24.88 14.99
C ALA G 23 12.76 25.12 15.77
N MET G 24 13.52 24.05 16.02
CA MET G 24 14.78 24.18 16.73
C MET G 24 15.75 25.07 15.97
N GLU G 25 15.81 24.93 14.64
CA GLU G 25 16.70 25.76 13.84
C GLU G 25 16.33 27.23 13.95
N MET G 26 15.02 27.54 13.85
CA MET G 26 14.61 28.94 13.95
C MET G 26 14.94 29.52 15.31
N VAL G 27 14.69 28.74 16.38
CA VAL G 27 15.01 29.22 17.73
C VAL G 27 16.51 29.44 17.86
N SER G 28 17.32 28.55 17.30
CA SER G 28 18.76 28.69 17.38
C SER G 28 19.24 29.96 16.67
N THR G 29 18.66 30.25 15.50
CA THR G 29 19.03 31.49 14.80
C THR G 29 18.65 32.72 15.62
N SER G 30 17.45 32.69 16.21
CA SER G 30 17.02 33.81 17.05
C SER G 30 17.98 34.03 18.21
N LYS G 31 18.44 32.94 18.84
CA LYS G 31 19.38 33.08 19.94
C LYS G 31 20.76 33.52 19.46
N LEU G 32 21.16 33.10 18.26
CA LEU G 32 22.44 33.53 17.71
C LEU G 32 22.48 35.03 17.49
N ASN G 33 21.34 35.61 17.08
CA ASN G 33 21.28 37.06 16.93
C ASN G 33 21.62 37.77 18.23
N ARG G 34 20.99 37.33 19.33
CA ARG G 34 21.26 37.95 20.63
C ARG G 34 22.68 37.72 21.09
N ALA G 35 23.23 36.53 20.79
CA ALA G 35 24.62 36.26 21.15
C ALA G 35 25.57 37.21 20.41
N GLU G 36 25.31 37.45 19.13
CA GLU G 36 26.12 38.40 18.38
C GLU G 36 25.97 39.81 18.95
N GLN G 37 24.76 40.17 19.37
CA GLN G 37 24.57 41.49 19.98
C GLN G 37 25.39 41.63 21.27
N ASN G 38 25.39 40.58 22.10
CA ASN G 38 26.21 40.60 23.31
C ASN G 38 27.70 40.73 22.98
N ALA G 39 28.14 39.98 21.96
CA ALA G 39 29.55 40.06 21.55
C ALA G 39 29.91 41.47 21.10
N LYS G 40 29.01 42.11 20.35
CA LYS G 40 29.24 43.50 19.96
C LYS G 40 29.29 44.43 21.17
N SER G 41 28.39 44.21 22.14
CA SER G 41 28.33 45.09 23.29
C SER G 41 29.57 44.97 24.17
N PHE G 42 30.17 43.78 24.26
CA PHE G 42 31.28 43.59 25.18
C PHE G 42 32.58 44.28 24.74
N VAL G 43 32.66 44.77 23.51
CA VAL G 43 33.96 45.20 22.96
C VAL G 43 34.59 46.36 23.73
N PRO G 44 33.90 47.48 23.99
CA PRO G 44 34.61 48.66 24.53
C PRO G 44 35.31 48.42 25.86
N TYR G 45 34.69 47.67 26.77
CA TYR G 45 35.31 47.41 28.07
C TYR G 45 36.61 46.63 27.90
N MET G 46 36.57 45.58 27.08
CA MET G 46 37.78 44.81 26.83
C MET G 46 38.86 45.67 26.17
N GLU G 47 38.47 46.50 25.21
CA GLU G 47 39.46 47.36 24.55
C GLU G 47 40.12 48.31 25.54
N LYS G 48 39.31 48.94 26.40
CA LYS G 48 39.85 49.89 27.37
C LYS G 48 40.79 49.19 28.35
N ILE G 49 40.36 48.03 28.88
CA ILE G 49 41.19 47.35 29.87
C ILE G 49 42.46 46.82 29.23
N GLN G 50 42.38 46.37 27.98
CA GLN G 50 43.59 45.92 27.28
C GLN G 50 44.56 47.07 27.07
N GLU G 51 44.06 48.24 26.65
CA GLU G 51 44.94 49.40 26.49
C GLU G 51 45.59 49.77 27.81
N VAL G 52 44.81 49.80 28.90
CA VAL G 52 45.34 50.20 30.19
C VAL G 52 46.42 49.22 30.66
N VAL G 53 46.15 47.92 30.55
CA VAL G 53 47.12 46.94 31.02
C VAL G 53 48.36 46.95 30.16
N ALA G 54 48.20 47.15 28.84
CA ALA G 54 49.37 47.24 27.97
C ALA G 54 50.23 48.44 28.34
N ASN G 55 49.60 49.56 28.66
CA ASN G 55 50.36 50.74 29.07
C ASN G 55 51.08 50.52 30.40
N VAL G 56 50.41 49.87 31.36
CA VAL G 56 50.91 49.89 32.73
C VAL G 56 51.86 48.73 33.01
N ALA G 57 51.64 47.54 32.43
CA ALA G 57 52.40 46.37 32.85
C ALA G 57 53.83 46.40 32.33
N LEU G 58 54.04 46.83 31.08
CA LEU G 58 55.36 46.88 30.50
C LEU G 58 55.65 48.29 30.02
N GLY G 59 56.88 48.75 30.24
CA GLY G 59 57.29 50.11 29.92
C GLY G 59 57.22 51.05 31.11
N ALA G 60 56.18 50.93 31.92
CA ALA G 60 56.03 51.76 33.11
C ALA G 60 56.83 51.25 34.30
N GLY G 61 57.32 50.03 34.25
CA GLY G 61 58.09 49.47 35.35
C GLY G 61 58.42 48.02 35.09
N GLY G 62 58.95 47.37 36.13
CA GLY G 62 59.32 45.98 36.05
C GLY G 62 58.17 45.05 36.39
N ALA G 63 58.52 43.78 36.60
CA ALA G 63 57.54 42.75 36.97
C ALA G 63 57.32 42.80 38.47
N SER G 64 56.37 43.64 38.88
CA SER G 64 56.10 43.84 40.30
C SER G 64 55.10 42.83 40.85
N HIS G 65 54.48 42.01 40.01
CA HIS G 65 53.52 41.05 40.50
C HIS G 65 53.83 39.65 39.98
N PRO G 66 53.57 38.61 40.78
CA PRO G 66 53.82 37.24 40.29
C PRO G 66 53.05 36.88 39.04
N MET G 67 51.88 37.46 38.83
CA MET G 67 51.07 37.14 37.66
C MET G 67 51.73 37.56 36.35
N LEU G 68 52.77 38.40 36.40
CA LEU G 68 53.47 38.83 35.20
C LEU G 68 54.71 37.99 34.90
N VAL G 69 55.14 37.12 35.84
CA VAL G 69 56.38 36.37 35.70
C VAL G 69 56.10 34.89 35.97
N SER G 70 56.65 34.04 35.13
CA SER G 70 56.45 32.60 35.27
C SER G 70 57.18 32.07 36.51
N ARG G 71 56.68 30.95 37.01
CA ARG G 71 57.27 30.23 38.13
C ARG G 71 57.35 28.76 37.77
N PRO G 72 58.24 28.00 38.41
CA PRO G 72 58.37 26.57 38.06
C PRO G 72 57.05 25.83 38.19
N VAL G 73 56.80 24.93 37.26
CA VAL G 73 55.50 24.29 37.11
C VAL G 73 55.41 23.09 38.05
N LYS G 74 54.39 23.08 38.89
CA LYS G 74 54.05 21.93 39.73
C LYS G 74 52.66 21.40 39.49
N LYS G 75 51.74 22.25 39.02
CA LYS G 75 50.37 21.84 38.75
C LYS G 75 49.82 22.74 37.65
N THR G 76 48.87 22.20 36.89
CA THR G 76 48.26 22.92 35.78
C THR G 76 46.76 22.97 35.95
N GLY G 77 46.18 24.14 35.65
CA GLY G 77 44.74 24.33 35.70
C GLY G 77 44.19 24.39 34.27
N TYR G 78 43.12 23.63 34.03
CA TYR G 78 42.48 23.58 32.73
C TYR G 78 41.03 24.01 32.87
N LEU G 79 40.63 25.00 32.06
CA LEU G 79 39.27 25.51 32.06
C LEU G 79 38.64 25.16 30.72
N VAL G 80 37.53 24.44 30.77
CA VAL G 80 36.83 23.99 29.58
C VAL G 80 35.40 24.54 29.60
N ILE G 81 34.96 25.03 28.45
CA ILE G 81 33.62 25.58 28.30
C ILE G 81 32.85 24.69 27.35
N THR G 82 31.76 24.10 27.83
CA THR G 82 30.92 23.20 27.04
C THR G 82 29.46 23.57 27.25
N SER G 83 28.63 23.15 26.31
CA SER G 83 27.20 23.39 26.41
C SER G 83 26.57 22.50 27.47
N ASP G 84 25.52 23.03 28.11
CA ASP G 84 24.77 22.24 29.07
C ASP G 84 23.90 21.19 28.40
N ARG G 85 23.39 21.47 27.20
CA ARG G 85 22.59 20.54 26.44
C ARG G 85 23.33 20.13 25.18
N GLY G 86 23.13 18.88 24.76
CA GLY G 86 23.76 18.39 23.56
C GLY G 86 23.03 18.84 22.31
N LEU G 87 22.80 17.91 21.39
CA LEU G 87 22.02 18.16 20.18
C LEU G 87 22.68 19.19 19.26
N ALA G 88 23.99 19.36 19.40
CA ALA G 88 24.78 20.22 18.52
C ALA G 88 25.90 19.39 17.90
N GLY G 89 26.18 19.63 16.63
CA GLY G 89 27.13 18.81 15.91
C GLY G 89 28.58 19.01 16.32
N ALA G 90 29.13 18.03 17.04
CA ALA G 90 30.55 17.94 17.36
C ALA G 90 31.06 19.11 18.20
N TYR G 91 30.17 20.01 18.62
CA TYR G 91 30.59 21.22 19.32
C TYR G 91 31.31 20.89 20.62
N ASN G 92 30.69 20.08 21.47
CA ASN G 92 31.36 19.65 22.69
C ASN G 92 32.37 18.55 22.43
N SER G 93 32.12 17.71 21.42
CA SER G 93 32.98 16.56 21.16
C SER G 93 34.38 17.00 20.78
N ASN G 94 34.52 17.99 19.92
CA ASN G 94 35.85 18.43 19.48
C ASN G 94 36.66 18.96 20.66
N VAL G 95 36.03 19.81 21.48
CA VAL G 95 36.74 20.41 22.62
C VAL G 95 37.15 19.33 23.61
N LEU G 96 36.22 18.43 23.96
CA LEU G 96 36.55 17.39 24.93
C LEU G 96 37.64 16.48 24.41
N ARG G 97 37.56 16.08 23.13
CA ARG G 97 38.58 15.21 22.57
C ARG G 97 39.94 15.87 22.55
N LEU G 98 40.00 17.14 22.14
CA LEU G 98 41.30 17.83 22.10
C LEU G 98 41.88 17.98 23.50
N VAL G 99 41.04 18.32 24.48
CA VAL G 99 41.53 18.48 25.85
C VAL G 99 42.05 17.16 26.38
N TYR G 100 41.29 16.08 26.19
CA TYR G 100 41.72 14.77 26.69
C TYR G 100 43.01 14.32 26.00
N GLN G 101 43.11 14.52 24.69
CA GLN G 101 44.31 14.13 23.96
C GLN G 101 45.52 14.89 24.44
N THR G 102 45.39 16.21 24.60
CA THR G 102 46.51 17.01 25.08
C THR G 102 46.92 16.60 26.49
N ILE G 103 45.94 16.39 27.37
CA ILE G 103 46.22 15.96 28.73
C ILE G 103 47.01 14.66 28.73
N GLN G 104 46.52 13.66 27.98
CA GLN G 104 47.18 12.35 27.98
C GLN G 104 48.56 12.40 27.33
N LYS G 105 48.73 13.21 26.28
CA LYS G 105 49.97 13.16 25.51
C LYS G 105 51.01 14.17 25.95
N ARG G 106 50.70 15.06 26.90
CA ARG G 106 51.67 16.03 27.37
C ARG G 106 51.68 16.16 28.89
N HIS G 107 50.81 15.44 29.59
CA HIS G 107 50.52 15.73 30.98
C HIS G 107 49.90 14.47 31.59
N ALA G 108 49.11 14.66 32.66
CA ALA G 108 48.34 13.61 33.32
C ALA G 108 49.22 12.63 34.10
N SER G 109 50.06 13.19 34.96
CA SER G 109 50.38 12.51 36.20
C SER G 109 49.13 12.57 37.09
N PRO G 110 48.94 11.56 37.95
CA PRO G 110 47.67 11.48 38.70
C PRO G 110 47.33 12.73 39.51
N ASP G 111 48.33 13.51 39.93
CA ASP G 111 48.08 14.73 40.70
C ASP G 111 48.79 15.94 40.12
N GLU G 112 48.93 16.02 38.79
CA GLU G 112 49.66 17.10 38.16
C GLU G 112 48.75 18.16 37.53
N TYR G 113 47.44 17.94 37.51
CA TYR G 113 46.55 18.85 36.79
C TYR G 113 45.25 19.05 37.57
N ALA G 114 44.40 19.91 37.01
CA ALA G 114 43.07 20.16 37.54
C ALA G 114 42.19 20.64 36.40
N ILE G 115 40.88 20.50 36.58
CA ILE G 115 39.91 20.82 35.54
C ILE G 115 38.86 21.76 36.12
N ILE G 116 38.56 22.83 35.39
CA ILE G 116 37.42 23.69 35.65
C ILE G 116 36.39 23.41 34.56
N VAL G 117 35.20 22.99 34.94
CA VAL G 117 34.19 22.52 34.02
C VAL G 117 33.05 23.52 33.97
N ILE G 118 32.67 23.92 32.75
CA ILE G 118 31.49 24.73 32.50
C ILE G 118 30.60 23.94 31.55
N GLY G 119 29.56 23.32 32.08
CA GLY G 119 28.65 22.54 31.26
C GLY G 119 28.40 21.14 31.75
N ARG G 120 27.13 20.71 31.68
CA ARG G 120 26.77 19.36 32.12
C ARG G 120 27.43 18.29 31.27
N VAL G 121 27.63 18.57 29.98
CA VAL G 121 28.31 17.61 29.11
C VAL G 121 29.74 17.38 29.58
N GLY G 122 30.45 18.47 29.86
CA GLY G 122 31.80 18.33 30.38
C GLY G 122 31.84 17.65 31.73
N LEU G 123 30.87 17.97 32.59
CA LEU G 123 30.79 17.32 33.90
C LEU G 123 30.64 15.82 33.74
N SER G 124 29.71 15.39 32.90
CA SER G 124 29.50 13.95 32.68
C SER G 124 30.73 13.30 32.08
N PHE G 125 31.36 13.96 31.11
CA PHE G 125 32.55 13.41 30.46
C PHE G 125 33.67 13.18 31.48
N PHE G 126 33.99 14.21 32.27
CA PHE G 126 35.11 14.10 33.20
C PHE G 126 34.78 13.27 34.42
N ARG G 127 33.49 13.10 34.76
CA ARG G 127 33.14 12.16 35.81
C ARG G 127 33.24 10.72 35.33
N LYS G 128 32.78 10.45 34.09
CA LYS G 128 32.88 9.11 33.54
C LYS G 128 34.32 8.68 33.36
N ARG G 129 35.17 9.59 32.90
CA ARG G 129 36.59 9.27 32.72
C ARG G 129 37.40 9.48 34.00
N ASN G 130 36.74 9.78 35.11
CA ASN G 130 37.41 9.87 36.42
C ASN G 130 38.49 10.96 36.42
N MET G 131 38.28 12.00 35.64
CA MET G 131 39.20 13.14 35.67
C MET G 131 38.89 14.04 36.85
N PRO G 132 39.89 14.37 37.66
CA PRO G 132 39.64 15.23 38.84
C PRO G 132 39.16 16.61 38.42
N VAL G 133 38.19 17.13 39.17
CA VAL G 133 37.61 18.44 38.92
C VAL G 133 37.54 19.20 40.24
N ILE G 134 37.90 20.47 40.20
CA ILE G 134 37.91 21.32 41.39
C ILE G 134 36.68 22.23 41.43
N LEU G 135 36.49 23.04 40.40
CA LEU G 135 35.40 24.00 40.36
C LEU G 135 34.34 23.56 39.35
N ASP G 136 33.12 24.06 39.54
CA ASP G 136 31.99 23.62 38.74
C ASP G 136 30.99 24.76 38.58
N ILE G 137 30.35 24.81 37.42
CA ILE G 137 29.27 25.75 37.15
C ILE G 137 28.43 25.21 36.00
N THR G 138 27.10 25.23 36.15
CA THR G 138 26.19 24.72 35.14
C THR G 138 24.93 25.58 35.12
N ARG G 139 24.01 25.22 34.21
CA ARG G 139 22.73 25.91 34.06
C ARG G 139 22.90 27.41 33.83
N LEU G 140 23.93 27.76 33.08
CA LEU G 140 24.13 29.16 32.70
C LEU G 140 23.02 29.59 31.74
N PRO G 141 22.65 30.87 31.76
CA PRO G 141 21.64 31.35 30.82
C PRO G 141 22.13 31.27 29.38
N ASP G 142 21.18 31.29 28.45
CA ASP G 142 21.52 31.29 27.03
C ASP G 142 22.34 32.51 26.66
N GLN G 143 22.16 33.62 27.37
CA GLN G 143 22.97 34.83 27.20
C GLN G 143 23.50 35.20 28.58
N PRO G 144 24.60 34.59 29.00
CA PRO G 144 25.11 34.82 30.36
C PRO G 144 25.57 36.25 30.56
N SER G 145 25.42 36.72 31.78
CA SER G 145 25.88 38.04 32.20
C SER G 145 27.18 37.91 33.00
N PHE G 146 27.83 39.06 33.21
CA PHE G 146 29.10 39.06 33.93
C PHE G 146 28.92 38.62 35.38
N ALA G 147 27.81 38.97 36.01
CA ALA G 147 27.56 38.58 37.39
C ALA G 147 27.39 37.09 37.56
N ASP G 148 27.04 36.37 36.48
CA ASP G 148 26.84 34.93 36.58
C ASP G 148 28.17 34.20 36.79
N ILE G 149 29.21 34.61 36.08
CA ILE G 149 30.50 33.92 36.12
C ILE G 149 31.56 34.73 36.85
N LYS G 150 31.19 35.88 37.43
CA LYS G 150 32.16 36.66 38.20
C LYS G 150 32.72 35.84 39.36
N GLU G 151 31.84 35.12 40.07
CA GLU G 151 32.30 34.33 41.22
C GLU G 151 33.27 33.25 40.80
N ILE G 152 32.96 32.51 39.73
CA ILE G 152 33.83 31.41 39.32
C ILE G 152 35.15 31.94 38.77
N ALA G 153 35.11 33.06 38.05
CA ALA G 153 36.36 33.65 37.56
C ALA G 153 37.22 34.14 38.71
N ARG G 154 36.60 34.76 39.72
CA ARG G 154 37.34 35.21 40.89
C ARG G 154 37.95 34.03 41.64
N LYS G 155 37.19 32.94 41.77
CA LYS G 155 37.73 31.75 42.44
C LYS G 155 38.91 31.18 41.68
N THR G 156 38.82 31.13 40.34
CA THR G 156 39.93 30.63 39.55
C THR G 156 41.16 31.50 39.70
N VAL G 157 40.97 32.82 39.65
CA VAL G 157 42.09 33.75 39.81
C VAL G 157 42.73 33.59 41.18
N GLY G 158 41.90 33.49 42.23
CA GLY G 158 42.44 33.30 43.56
C GLY G 158 43.19 31.99 43.71
N LEU G 159 42.66 30.91 43.13
CA LEU G 159 43.33 29.62 43.19
C LEU G 159 44.68 29.68 42.50
N PHE G 160 44.75 30.38 41.36
CA PHE G 160 46.06 30.56 40.71
C PHE G 160 47.00 31.38 41.58
N ALA G 161 46.49 32.45 42.19
CA ALA G 161 47.35 33.34 42.98
C ALA G 161 47.83 32.67 44.26
N ASP G 162 47.09 31.69 44.77
CA ASP G 162 47.45 31.01 46.00
C ASP G 162 48.49 29.92 45.80
N GLY G 163 48.95 29.71 44.57
CA GLY G 163 49.96 28.72 44.30
C GLY G 163 49.48 27.29 44.18
N THR G 164 48.16 27.08 44.06
CA THR G 164 47.67 25.73 43.86
C THR G 164 48.14 25.15 42.53
N PHE G 165 48.14 25.97 41.47
CA PHE G 165 48.74 25.58 40.21
C PHE G 165 49.49 26.78 39.63
N ASP G 166 50.55 26.50 38.88
CA ASP G 166 51.46 27.54 38.41
C ASP G 166 51.11 28.08 37.03
N GLU G 167 50.28 27.38 36.26
CA GLU G 167 49.84 27.88 34.97
C GLU G 167 48.41 27.42 34.72
N LEU G 168 47.69 28.20 33.92
CA LEU G 168 46.28 27.96 33.65
C LEU G 168 46.03 28.02 32.15
N TYR G 169 45.27 27.07 31.64
CA TYR G 169 44.92 27.00 30.24
C TYR G 169 43.41 26.91 30.09
N MET G 170 42.90 27.42 28.97
CA MET G 170 41.47 27.47 28.72
C MET G 170 41.19 27.01 27.30
N TYR G 171 40.12 26.24 27.13
CA TYR G 171 39.75 25.68 25.84
C TYR G 171 38.29 25.96 25.56
N TYR G 172 37.99 26.37 24.32
CA TYR G 172 36.64 26.72 23.92
C TYR G 172 36.58 26.74 22.40
N ASN G 173 35.36 26.90 21.89
CA ASN G 173 35.13 26.98 20.45
C ASN G 173 35.05 28.45 20.02
N HIS G 174 35.84 28.81 19.02
CA HIS G 174 35.84 30.16 18.49
C HIS G 174 34.85 30.25 17.33
N TYR G 175 34.14 31.38 17.25
CA TYR G 175 33.13 31.61 16.24
C TYR G 175 33.72 32.40 15.08
N VAL G 176 33.56 31.89 13.87
CA VAL G 176 34.02 32.54 12.65
C VAL G 176 32.84 32.86 11.72
N SER G 177 32.06 31.84 11.39
CA SER G 177 30.85 32.01 10.58
C SER G 177 29.85 30.97 11.02
N ALA G 178 28.76 30.85 10.26
CA ALA G 178 27.72 29.87 10.59
C ALA G 178 28.19 28.43 10.42
N ILE G 179 29.34 28.20 9.80
CA ILE G 179 29.83 26.86 9.51
C ILE G 179 31.07 26.51 10.33
N GLN G 180 31.99 27.45 10.49
CA GLN G 180 33.30 27.17 11.08
C GLN G 180 33.29 27.48 12.58
N GLN G 181 33.62 26.47 13.39
CA GLN G 181 33.80 26.63 14.83
C GLN G 181 35.06 25.87 15.21
N GLU G 182 36.18 26.58 15.29
CA GLU G 182 37.46 25.97 15.63
C GLU G 182 37.67 25.95 17.13
N VAL G 183 38.46 24.96 17.57
CA VAL G 183 38.82 24.82 18.98
C VAL G 183 40.14 25.56 19.21
N THR G 184 40.12 26.54 20.10
CA THR G 184 41.27 27.40 20.36
C THR G 184 41.80 27.18 21.76
N GLU G 185 43.12 27.19 21.89
CA GLU G 185 43.80 27.04 23.16
C GLU G 185 44.48 28.35 23.53
N ARG G 186 44.29 28.78 24.77
CA ARG G 186 44.86 30.03 25.26
C ARG G 186 45.58 29.79 26.58
N LYS G 187 46.82 30.25 26.67
CA LYS G 187 47.56 30.26 27.94
C LYS G 187 47.10 31.50 28.71
N LEU G 188 46.07 31.32 29.54
CA LEU G 188 45.49 32.45 30.24
C LEU G 188 46.47 33.05 31.24
N LEU G 189 47.20 32.22 31.96
CA LEU G 189 48.06 32.67 33.04
C LEU G 189 49.38 31.91 33.02
N PRO G 190 50.45 32.52 33.56
CA PRO G 190 50.44 33.94 33.93
C PRO G 190 50.90 34.87 32.81
N LEU G 191 49.95 35.57 32.19
CA LEU G 191 50.17 36.76 31.36
C LEU G 191 51.49 36.74 30.59
N THR G 192 51.80 35.62 29.93
CA THR G 192 53.09 35.49 29.26
C THR G 192 53.22 36.48 28.11
N ASP G 193 52.17 36.64 27.32
CA ASP G 193 52.17 37.55 26.17
C ASP G 193 51.22 38.71 26.43
N LEU G 194 51.69 39.91 26.14
CA LEU G 194 50.87 41.11 26.28
C LEU G 194 51.22 42.07 25.15
N ALA G 195 50.21 42.53 24.43
CA ALA G 195 50.42 43.34 23.24
C ALA G 195 50.90 44.74 23.62
N GLU G 196 51.57 45.39 22.66
CA GLU G 196 52.01 46.77 22.82
C GLU G 196 50.94 47.73 22.35
N ASN G 197 50.78 48.83 23.10
CA ASN G 197 49.79 49.84 22.80
C ASN G 197 50.49 51.11 22.31
N LYS G 198 49.99 51.67 21.21
CA LYS G 198 50.67 52.76 20.53
C LYS G 198 50.43 54.13 21.17
N GLN G 199 49.43 54.25 22.05
CA GLN G 199 49.17 55.54 22.69
C GLN G 199 50.31 55.94 23.60
N ARG G 200 50.80 55.02 24.44
CA ARG G 200 51.90 55.26 25.36
C ARG G 200 51.62 56.45 26.28
N THR G 201 50.58 56.30 27.09
CA THR G 201 50.18 57.30 28.06
C THR G 201 50.55 56.84 29.47
N VAL G 202 51.13 57.75 30.25
CA VAL G 202 51.59 57.47 31.60
C VAL G 202 50.82 58.34 32.57
N TYR G 203 50.20 57.72 33.57
CA TYR G 203 49.49 58.44 34.61
C TYR G 203 50.38 58.58 35.85
N GLU G 204 49.97 59.47 36.74
CA GLU G 204 50.61 59.60 38.04
C GLU G 204 49.98 58.58 38.99
N PHE G 205 50.72 57.53 39.32
CA PHE G 205 50.16 56.43 40.10
C PHE G 205 49.95 56.86 41.54
N GLU G 206 48.76 56.58 42.08
CA GLU G 206 48.42 56.92 43.46
C GLU G 206 47.52 55.82 44.01
N PRO G 207 48.07 54.91 44.84
CA PRO G 207 49.47 54.83 45.25
C PRO G 207 50.37 54.23 44.19
N SER G 208 51.52 53.69 44.61
CA SER G 208 52.49 53.15 43.67
C SER G 208 51.88 52.02 42.83
N GLN G 209 52.60 51.65 41.78
CA GLN G 209 52.05 50.74 40.77
C GLN G 209 51.79 49.34 41.31
N GLU G 210 52.32 49.00 42.49
CA GLU G 210 52.13 47.65 43.01
C GLU G 210 50.66 47.33 43.23
N GLU G 211 49.96 48.19 43.99
CA GLU G 211 48.54 47.96 44.23
C GLU G 211 47.72 48.15 42.96
N ILE G 212 48.14 49.07 42.08
CA ILE G 212 47.43 49.26 40.82
C ILE G 212 47.42 47.96 40.02
N LEU G 213 48.59 47.33 39.87
CA LEU G 213 48.66 46.06 39.17
C LEU G 213 47.91 44.96 39.91
N ASP G 214 48.06 44.92 41.24
CA ASP G 214 47.39 43.88 42.02
C ASP G 214 45.88 43.96 41.93
N VAL G 215 45.33 45.14 41.64
CA VAL G 215 43.88 45.26 41.46
C VAL G 215 43.51 45.03 40.00
N LEU G 216 44.38 45.48 39.08
CA LEU G 216 44.02 45.46 37.67
C LEU G 216 44.07 44.06 37.08
N LEU G 217 45.07 43.26 37.45
CA LEU G 217 45.26 41.96 36.79
C LEU G 217 44.08 41.01 36.96
N PRO G 218 43.50 40.82 38.15
CA PRO G 218 42.34 39.92 38.25
C PRO G 218 41.18 40.34 37.37
N GLN G 219 40.94 41.65 37.24
CA GLN G 219 39.87 42.13 36.36
C GLN G 219 40.18 41.78 34.91
N TYR G 220 41.44 41.89 34.51
CA TYR G 220 41.83 41.51 33.15
C TYR G 220 41.56 40.03 32.90
N ALA G 221 41.93 39.18 33.86
CA ALA G 221 41.68 37.75 33.70
C ALA G 221 40.19 37.44 33.62
N GLU G 222 39.39 38.09 34.47
CA GLU G 222 37.95 37.87 34.46
C GLU G 222 37.34 38.33 33.13
N SER G 223 37.81 39.47 32.60
CA SER G 223 37.31 39.93 31.32
C SER G 223 37.66 38.96 30.21
N LEU G 224 38.87 38.41 30.23
CA LEU G 224 39.24 37.41 29.22
C LEU G 224 38.34 36.18 29.31
N ILE G 225 38.07 35.72 30.53
CA ILE G 225 37.18 34.57 30.71
C ILE G 225 35.79 34.87 30.16
N TYR G 226 35.27 36.06 30.45
CA TYR G 226 33.94 36.43 29.98
C TYR G 226 33.88 36.49 28.46
N GLY G 227 34.92 37.05 27.84
CA GLY G 227 34.95 37.08 26.37
C GLY G 227 34.97 35.70 25.76
N ALA G 228 35.78 34.79 26.33
CA ALA G 228 35.80 33.42 25.85
C ALA G 228 34.43 32.77 26.01
N LEU G 229 33.75 33.03 27.13
CA LEU G 229 32.42 32.47 27.35
C LEU G 229 31.44 32.97 26.29
N LEU G 230 31.48 34.26 25.98
CA LEU G 230 30.58 34.80 24.95
C LEU G 230 30.85 34.16 23.60
N ASP G 231 32.12 34.01 23.24
CA ASP G 231 32.45 33.37 21.97
C ASP G 231 31.94 31.93 21.94
N ALA G 232 32.09 31.21 23.05
CA ALA G 232 31.62 29.83 23.12
C ALA G 232 30.12 29.75 22.96
N LYS G 233 29.37 30.67 23.58
CA LYS G 233 27.92 30.66 23.43
C LYS G 233 27.51 30.90 21.99
N ALA G 234 28.17 31.86 21.32
CA ALA G 234 27.85 32.13 19.92
C ALA G 234 28.14 30.90 19.06
N SER G 235 29.28 30.26 19.29
CA SER G 235 29.62 29.06 18.52
C SER G 235 28.60 27.94 18.75
N GLU G 236 28.16 27.77 20.00
CA GLU G 236 27.18 26.74 20.30
C GLU G 236 25.88 26.99 19.55
N HIS G 237 25.41 28.24 19.55
CA HIS G 237 24.16 28.54 18.85
C HIS G 237 24.30 28.30 17.34
N ALA G 238 25.41 28.72 16.75
CA ALA G 238 25.61 28.51 15.31
C ALA G 238 25.65 27.02 14.99
N ALA G 239 26.35 26.23 15.80
CA ALA G 239 26.45 24.80 15.57
C ALA G 239 25.09 24.14 15.65
N ARG G 240 24.28 24.52 16.65
CA ARG G 240 22.94 23.95 16.76
C ARG G 240 22.09 24.29 15.54
N MET G 241 22.19 25.53 15.06
CA MET G 241 21.45 25.92 13.86
C MET G 241 21.83 25.07 12.67
N THR G 242 23.14 24.89 12.45
CA THR G 242 23.59 24.10 11.31
C THR G 242 23.14 22.65 11.42
N ALA G 243 23.25 22.06 12.61
CA ALA G 243 22.82 20.69 12.81
C ALA G 243 21.34 20.53 12.52
N MET G 244 20.52 21.48 12.98
CA MET G 244 19.08 21.37 12.73
C MET G 244 18.76 21.48 11.24
N LYS G 245 19.46 22.37 10.52
CA LYS G 245 19.22 22.48 9.08
C LYS G 245 19.56 21.17 8.37
N ASN G 246 20.69 20.55 8.74
CA ASN G 246 21.06 19.28 8.13
C ASN G 246 20.03 18.20 8.45
N ALA G 247 19.53 18.19 9.68
CA ALA G 247 18.50 17.22 10.06
C ALA G 247 17.24 17.39 9.23
N THR G 248 16.82 18.65 9.00
CA THR G 248 15.64 18.88 8.18
C THR G 248 15.84 18.39 6.75
N ASP G 249 17.02 18.64 6.18
CA ASP G 249 17.27 18.15 4.82
C ASP G 249 17.20 16.62 4.76
N ASN G 250 17.82 15.95 5.73
CA ASN G 250 17.78 14.49 5.75
C ASN G 250 16.35 13.98 5.89
N ALA G 251 15.56 14.63 6.75
CA ALA G 251 14.17 14.22 6.92
C ALA G 251 13.38 14.37 5.63
N ASN G 252 13.60 15.45 4.89
CA ASN G 252 12.88 15.64 3.63
C ASN G 252 13.25 14.56 2.62
N GLU G 253 14.54 14.22 2.52
CA GLU G 253 14.95 13.15 1.61
C GLU G 253 14.31 11.83 2.00
N LEU G 254 14.29 11.51 3.30
CA LEU G 254 13.63 10.29 3.75
C LEU G 254 12.15 10.31 3.40
N ILE G 255 11.51 11.47 3.51
CA ILE G 255 10.08 11.59 3.22
C ILE G 255 9.81 11.23 1.77
N ARG G 256 10.60 11.79 0.85
CA ARG G 256 10.34 11.50 -0.57
C ARG G 256 10.63 10.03 -0.89
N THR G 257 11.71 9.48 -0.34
CA THR G 257 12.01 8.07 -0.58
C THR G 257 10.91 7.17 -0.04
N LEU G 258 10.23 7.59 1.03
CA LEU G 258 9.11 6.81 1.55
C LEU G 258 7.86 6.99 0.69
N THR G 259 7.65 8.19 0.14
CA THR G 259 6.47 8.39 -0.70
C THR G 259 6.52 7.54 -1.95
N LEU G 260 7.71 7.30 -2.50
CA LEU G 260 7.81 6.39 -3.64
C LEU G 260 7.26 5.01 -3.30
N SER G 261 7.70 4.45 -2.17
CA SER G 261 7.22 3.14 -1.76
C SER G 261 5.73 3.17 -1.43
N TYR G 262 5.25 4.28 -0.88
CA TYR G 262 3.81 4.39 -0.62
C TYR G 262 3.01 4.29 -1.91
N ASN G 263 3.47 4.97 -2.97
CA ASN G 263 2.77 4.89 -4.25
C ASN G 263 2.78 3.46 -4.78
N ARG G 264 3.93 2.80 -4.70
CA ARG G 264 4.01 1.41 -5.19
C ARG G 264 3.04 0.51 -4.44
N ALA G 265 3.01 0.63 -3.11
CA ALA G 265 2.11 -0.21 -2.31
C ALA G 265 0.66 0.10 -2.60
N ARG G 266 0.33 1.38 -2.83
CA ARG G 266 -1.04 1.74 -3.17
C ARG G 266 -1.48 1.08 -4.46
N GLN G 267 -0.62 1.13 -5.49
CA GLN G 267 -0.96 0.48 -6.75
C GLN G 267 -1.15 -1.02 -6.56
N ALA G 268 -0.25 -1.65 -5.79
CA ALA G 268 -0.36 -3.10 -5.57
C ALA G 268 -1.67 -3.44 -4.85
N ALA G 269 -2.04 -2.66 -3.85
CA ALA G 269 -3.27 -2.93 -3.11
C ALA G 269 -4.50 -2.78 -4.00
N ILE G 270 -4.53 -1.73 -4.82
CA ILE G 270 -5.68 -1.55 -5.71
C ILE G 270 -5.79 -2.73 -6.69
N THR G 271 -4.66 -3.14 -7.26
CA THR G 271 -4.68 -4.27 -8.19
C THR G 271 -5.19 -5.53 -7.52
N GLN G 272 -4.69 -5.82 -6.31
CA GLN G 272 -5.12 -7.03 -5.62
C GLN G 272 -6.62 -6.99 -5.31
N GLU G 273 -7.12 -5.85 -4.84
CA GLU G 273 -8.53 -5.75 -4.49
C GLU G 273 -9.41 -5.95 -5.71
N ILE G 274 -9.08 -5.28 -6.83
CA ILE G 274 -9.93 -5.42 -8.01
C ILE G 274 -9.87 -6.84 -8.56
N THR G 275 -8.69 -7.47 -8.51
CA THR G 275 -8.57 -8.84 -8.97
C THR G 275 -9.43 -9.79 -8.12
N GLU G 276 -9.40 -9.60 -6.80
CA GLU G 276 -10.22 -10.45 -5.93
C GLU G 276 -11.71 -10.25 -6.21
N ILE G 277 -12.14 -9.01 -6.38
CA ILE G 277 -13.56 -8.75 -6.64
C ILE G 277 -13.98 -9.40 -7.96
N VAL G 278 -13.17 -9.26 -9.01
CA VAL G 278 -13.54 -9.82 -10.31
C VAL G 278 -13.54 -11.35 -10.24
N ALA G 279 -12.58 -11.94 -9.54
CA ALA G 279 -12.57 -13.39 -9.41
C ALA G 279 -13.79 -13.89 -8.66
N GLY G 280 -14.17 -13.21 -7.58
CA GLY G 280 -15.38 -13.58 -6.86
C GLY G 280 -16.62 -13.47 -7.72
N ALA G 281 -16.70 -12.42 -8.55
CA ALA G 281 -17.83 -12.29 -9.46
C ALA G 281 -17.85 -13.41 -10.49
N ASN G 282 -16.68 -13.76 -11.04
CA ASN G 282 -16.62 -14.82 -12.04
C ASN G 282 -16.94 -16.19 -11.45
N ALA G 283 -16.70 -16.37 -10.14
CA ALA G 283 -16.92 -17.67 -9.53
C ALA G 283 -18.39 -18.10 -9.62
N LEU G 284 -19.30 -17.15 -9.64
CA LEU G 284 -20.72 -17.47 -9.72
C LEU G 284 -21.09 -17.98 -11.11
MG MG H . 20.49 -19.21 -10.17
PB ADP I . 20.83 -16.06 -8.98
O1B ADP I . 21.17 -17.26 -9.82
O2B ADP I . 19.61 -15.31 -9.44
O3B ADP I . 20.90 -16.29 -7.50
PA ADP I . 23.53 -15.60 -9.51
O1A ADP I . 23.61 -16.06 -10.95
O2A ADP I . 23.87 -16.56 -8.40
O3A ADP I . 22.04 -15.05 -9.26
O5' ADP I . 24.42 -14.28 -9.34
C5' ADP I . 25.70 -14.19 -9.95
C4' ADP I . 26.26 -12.79 -9.69
O4' ADP I . 26.45 -12.59 -8.29
C3' ADP I . 27.61 -12.60 -10.38
O3' ADP I . 27.50 -11.57 -11.35
C2' ADP I . 28.57 -12.19 -9.29
O2' ADP I . 29.18 -10.95 -9.63
C1' ADP I . 27.74 -12.04 -8.02
N9 ADP I . 28.37 -12.78 -6.92
C8 ADP I . 27.78 -13.77 -6.21
N7 ADP I . 28.61 -14.26 -5.26
C5 ADP I . 29.76 -13.58 -5.34
C6 ADP I . 31.07 -13.60 -4.63
N6 ADP I . 31.30 -14.46 -3.62
N1 ADP I . 32.01 -12.72 -5.04
C2 ADP I . 31.79 -11.86 -6.05
N3 ADP I . 30.64 -11.79 -6.73
C4 ADP I . 29.61 -12.61 -6.43
#